data_5VN0
#
_entry.id   5VN0
#
_cell.length_a   96.525
_cell.length_b   107.511
_cell.length_c   119.298
_cell.angle_alpha   63.370
_cell.angle_beta   90.040
_cell.angle_gamma   89.950
#
_symmetry.space_group_name_H-M   'P 1'
#
loop_
_entity.id
_entity.type
_entity.pdbx_description
1 polymer 'NAD(FAD)-dependent dehydrogenase'
2 non-polymer 'FLAVIN-ADENINE DINUCLEOTIDE'
3 non-polymer 'OXYGEN MOLECULE'
4 non-polymer '1,4-DIHYDRONICOTINAMIDE ADENINE DINUCLEOTIDE'
5 non-polymer 1,2-ETHANEDIOL
6 water water
#
_entity_poly.entity_id   1
_entity_poly.type   'polypeptide(L)'
_entity_poly.pdbx_seq_one_letter_code
;MHHHHHHSSGLVPRGSGMKETAAAKFERQHMDSPDLGTDDDDKAMADIGSMKVTVVGCTHAGTFAIKQILAEHPDAEVTV
YERNDVISFLSCGIALYLGGKVADPQGLFYSSPEELQKLGANVQMNHNVLAIDPDQKTVTVEDLTNHAQTTESYDKLVMT
SGSWPIVPKIPGIDSDRVKLCKNWAHAQALIEDAKEAKRITVIGAGYIGAELAEAYSTTGHDVTLIDAMARVMPKYFDAD
FTDVIEQDYRDHGVQLALGETVESFTDSATGLTIKTDKNSYETDLAILCIGFRPNTDLLKGKVDMAPNGAIITDDYMRSS
NPDIFAAGDSAAVHYNPTHQNAYIPLATNAVRQGILVGKNLVKPTVKYMGTQSSSGLALYDRTIVSTGLTLAAAKQQGLN
AEQVIVEDNYRPEFMPSTEPVLMSLVFDPDTHRILGGALMSKYDVSQSANTLSVCIQNENTIDDLAMVDMLFQPNFDRPF
NYLNILAQAAQAKVAQSVNAGGSGGSGGSMDYKDDDDK
;
_entity_poly.pdbx_strand_id   A,B,C,D,E,F,G,H
#
# COMPACT_ATOMS: atom_id res chain seq x y z
N SER A 50 52.45 -14.54 -30.42
CA SER A 50 51.48 -15.12 -29.50
C SER A 50 50.04 -14.72 -29.86
N MET A 51 49.07 -15.37 -29.23
CA MET A 51 47.67 -15.22 -29.58
C MET A 51 47.11 -13.90 -29.07
N LYS A 52 46.44 -13.15 -29.94
CA LYS A 52 45.87 -11.85 -29.60
C LYS A 52 44.36 -12.01 -29.40
N VAL A 53 43.87 -11.63 -28.22
CA VAL A 53 42.46 -11.78 -27.90
C VAL A 53 41.86 -10.42 -27.59
N THR A 54 40.82 -10.06 -28.33
CA THR A 54 40.05 -8.86 -28.04
C THR A 54 38.74 -9.25 -27.39
N VAL A 55 38.44 -8.62 -26.25
CA VAL A 55 37.19 -8.87 -25.54
C VAL A 55 36.36 -7.59 -25.58
N VAL A 56 35.17 -7.68 -26.15
CA VAL A 56 34.26 -6.54 -26.32
C VAL A 56 33.24 -6.59 -25.18
N GLY A 57 33.37 -5.67 -24.21
CA GLY A 57 32.41 -5.58 -23.12
C GLY A 57 32.87 -6.33 -21.89
N CYS A 58 32.71 -5.74 -20.70
CA CYS A 58 33.21 -6.42 -19.50
C CYS A 58 32.35 -6.02 -18.29
N THR A 59 31.25 -6.73 -18.07
CA THR A 59 30.57 -6.71 -16.78
C THR A 59 30.74 -8.06 -16.09
N HIS A 60 30.07 -9.12 -16.55
CA HIS A 60 30.23 -10.43 -15.93
C HIS A 60 30.83 -11.46 -16.87
N ALA A 61 30.25 -11.66 -18.05
CA ALA A 61 30.79 -12.64 -18.98
C ALA A 61 32.24 -12.30 -19.35
N GLY A 62 32.50 -11.03 -19.69
CA GLY A 62 33.85 -10.64 -20.03
C GLY A 62 34.81 -10.90 -18.88
N THR A 63 34.38 -10.58 -17.65
CA THR A 63 35.24 -10.74 -16.49
C THR A 63 35.66 -12.21 -16.32
N PHE A 64 34.69 -13.12 -16.36
CA PHE A 64 35.00 -14.54 -16.20
C PHE A 64 35.78 -15.08 -17.40
N ALA A 65 35.42 -14.66 -18.60
CA ALA A 65 36.21 -15.06 -19.78
C ALA A 65 37.67 -14.63 -19.64
N ILE A 66 37.90 -13.38 -19.24
CA ILE A 66 39.25 -12.86 -19.17
C ILE A 66 40.08 -13.62 -18.14
N LYS A 67 39.54 -13.77 -16.93
CA LYS A 67 40.27 -14.53 -15.90
C LYS A 67 40.53 -15.97 -16.35
N GLN A 68 39.58 -16.57 -17.04
CA GLN A 68 39.78 -17.95 -17.48
C GLN A 68 40.83 -18.01 -18.58
N ILE A 69 40.81 -17.07 -19.50
CA ILE A 69 41.80 -17.05 -20.58
C ILE A 69 43.21 -16.89 -20.02
N LEU A 70 43.38 -15.93 -19.10
CA LEU A 70 44.70 -15.70 -18.54
C LEU A 70 45.20 -16.88 -17.72
N ALA A 71 44.30 -17.60 -17.05
CA ALA A 71 44.72 -18.75 -16.26
C ALA A 71 45.18 -19.91 -17.14
N GLU A 72 44.49 -20.13 -18.26
CA GLU A 72 44.74 -21.31 -19.09
C GLU A 72 45.62 -21.04 -20.30
N HIS A 73 45.80 -19.78 -20.69
CA HIS A 73 46.67 -19.42 -21.82
C HIS A 73 47.41 -18.16 -21.43
N PRO A 74 48.29 -18.26 -20.43
CA PRO A 74 48.89 -17.04 -19.83
C PRO A 74 49.83 -16.30 -20.75
N ASP A 75 50.18 -16.84 -21.91
CA ASP A 75 50.96 -16.09 -22.88
C ASP A 75 50.10 -15.20 -23.74
N ALA A 76 48.81 -15.47 -23.84
CA ALA A 76 47.96 -14.71 -24.74
C ALA A 76 47.94 -13.23 -24.35
N GLU A 77 47.76 -12.38 -25.34
CA GLU A 77 47.69 -10.94 -25.15
C GLU A 77 46.22 -10.56 -25.17
N VAL A 78 45.65 -10.31 -23.98
CA VAL A 78 44.24 -10.04 -23.86
C VAL A 78 44.05 -8.53 -23.77
N THR A 79 43.29 -7.96 -24.71
CA THR A 79 42.83 -6.60 -24.64
C THR A 79 41.32 -6.59 -24.42
N VAL A 80 40.85 -5.78 -23.48
CA VAL A 80 39.41 -5.66 -23.23
C VAL A 80 38.99 -4.21 -23.32
N TYR A 81 37.88 -3.98 -24.02
CA TYR A 81 37.24 -2.67 -24.12
C TYR A 81 35.92 -2.68 -23.38
N GLU A 82 35.67 -1.62 -22.61
CA GLU A 82 34.41 -1.44 -21.90
C GLU A 82 34.06 0.04 -21.88
N ARG A 83 32.85 0.37 -22.33
CA ARG A 83 32.37 1.74 -22.33
C ARG A 83 32.36 2.35 -20.94
N ASN A 84 31.93 1.58 -19.94
CA ASN A 84 31.81 2.09 -18.59
C ASN A 84 33.19 2.29 -17.99
N ASP A 85 33.21 2.81 -16.76
CA ASP A 85 34.43 2.95 -15.98
C ASP A 85 34.51 1.93 -14.85
N VAL A 86 33.56 0.99 -14.78
CA VAL A 86 33.58 -0.09 -13.80
C VAL A 86 33.34 -1.41 -14.51
N ILE A 87 33.63 -2.50 -13.79
CA ILE A 87 33.25 -3.85 -14.23
C ILE A 87 32.65 -4.59 -13.03
N SER A 88 31.94 -5.68 -13.33
CA SER A 88 31.43 -6.65 -12.36
C SER A 88 30.33 -6.10 -11.45
N PHE A 89 29.68 -4.99 -11.82
CA PHE A 89 28.57 -4.51 -11.01
C PHE A 89 27.41 -5.52 -11.02
N LEU A 90 26.93 -5.88 -9.84
CA LEU A 90 25.83 -6.84 -9.72
C LEU A 90 24.52 -6.06 -9.70
N SER A 91 23.83 -6.05 -10.85
CA SER A 91 22.59 -5.27 -10.95
C SER A 91 21.49 -5.77 -10.03
N CYS A 92 21.56 -7.04 -9.58
CA CYS A 92 20.61 -7.51 -8.57
C CYS A 92 20.61 -6.62 -7.34
N GLY A 93 21.70 -5.90 -7.10
CA GLY A 93 21.78 -5.05 -5.93
C GLY A 93 20.98 -3.78 -5.99
N ILE A 94 20.52 -3.36 -7.18
CA ILE A 94 19.78 -2.10 -7.28
C ILE A 94 18.52 -2.15 -6.42
N ALA A 95 17.66 -3.16 -6.66
CA ALA A 95 16.43 -3.25 -5.88
C ALA A 95 16.73 -3.45 -4.41
N LEU A 96 17.78 -4.24 -4.11
CA LEU A 96 18.18 -4.45 -2.72
C LEU A 96 18.60 -3.14 -2.06
N TYR A 97 19.37 -2.31 -2.78
CA TYR A 97 19.71 -1.02 -2.20
C TYR A 97 18.44 -0.19 -1.99
N LEU A 98 17.60 -0.08 -3.01
CA LEU A 98 16.41 0.75 -2.88
C LEU A 98 15.48 0.26 -1.77
N GLY A 99 15.49 -1.04 -1.49
CA GLY A 99 14.68 -1.58 -0.41
C GLY A 99 15.30 -1.44 0.97
N GLY A 100 16.41 -0.71 1.07
CA GLY A 100 17.08 -0.52 2.35
C GLY A 100 17.92 -1.68 2.83
N LYS A 101 18.34 -2.58 1.94
CA LYS A 101 18.99 -3.81 2.34
C LYS A 101 20.48 -3.85 2.06
N VAL A 102 21.05 -2.83 1.43
CA VAL A 102 22.47 -2.82 1.11
C VAL A 102 23.08 -1.61 1.81
N ALA A 103 23.91 -1.88 2.81
CA ALA A 103 24.57 -0.79 3.53
C ALA A 103 25.56 -0.06 2.64
N ASP A 104 26.50 -0.80 2.05
CA ASP A 104 27.60 -0.22 1.28
C ASP A 104 27.54 -0.64 -0.18
N PRO A 105 27.19 0.25 -1.12
CA PRO A 105 27.00 -0.19 -2.51
C PRO A 105 28.30 -0.60 -3.20
N GLN A 106 29.47 -0.29 -2.63
CA GLN A 106 30.71 -0.77 -3.21
C GLN A 106 30.85 -2.28 -3.07
N GLY A 107 30.16 -2.89 -2.10
CA GLY A 107 30.13 -4.33 -2.00
C GLY A 107 29.45 -5.03 -3.16
N LEU A 108 28.77 -4.30 -4.03
CA LEU A 108 28.10 -4.86 -5.19
C LEU A 108 29.04 -5.11 -6.35
N PHE A 109 30.33 -4.86 -6.20
CA PHE A 109 31.34 -5.16 -7.22
C PHE A 109 32.22 -6.27 -6.68
N TYR A 110 32.51 -7.29 -7.50
CA TYR A 110 33.40 -8.35 -7.05
C TYR A 110 34.77 -8.34 -7.72
N SER A 111 34.97 -7.52 -8.75
CA SER A 111 36.30 -7.39 -9.38
C SER A 111 36.53 -5.91 -9.69
N SER A 112 37.50 -5.62 -10.57
CA SER A 112 37.81 -4.25 -10.94
C SER A 112 38.74 -4.26 -12.15
N PRO A 113 38.86 -3.12 -12.84
CA PRO A 113 39.87 -3.00 -13.89
C PRO A 113 41.28 -3.26 -13.38
N GLU A 114 41.61 -2.69 -12.21
CA GLU A 114 42.93 -2.90 -11.63
C GLU A 114 43.22 -4.39 -11.46
N GLU A 115 42.25 -5.14 -10.93
CA GLU A 115 42.48 -6.57 -10.76
C GLU A 115 42.78 -7.25 -12.09
N LEU A 116 41.98 -6.94 -13.12
CA LEU A 116 42.23 -7.60 -14.40
C LEU A 116 43.56 -7.19 -14.98
N GLN A 117 43.88 -5.89 -14.92
CA GLN A 117 45.19 -5.41 -15.34
C GLN A 117 46.30 -6.17 -14.64
N LYS A 118 46.20 -6.27 -13.31
CA LYS A 118 47.24 -6.96 -12.54
C LYS A 118 47.39 -8.41 -12.96
N LEU A 119 46.30 -9.04 -13.42
CA LEU A 119 46.35 -10.43 -13.86
C LEU A 119 47.01 -10.61 -15.21
N GLY A 120 47.28 -9.52 -15.93
CA GLY A 120 47.93 -9.58 -17.23
C GLY A 120 47.10 -9.07 -18.39
N ALA A 121 45.90 -8.56 -18.17
CA ALA A 121 45.07 -8.05 -19.24
C ALA A 121 45.41 -6.59 -19.51
N ASN A 122 45.31 -6.19 -20.78
CA ASN A 122 45.43 -4.79 -21.18
C ASN A 122 44.03 -4.19 -21.15
N VAL A 123 43.74 -3.41 -20.13
CA VAL A 123 42.38 -3.02 -19.77
C VAL A 123 42.11 -1.61 -20.27
N GLN A 124 41.12 -1.48 -21.16
CA GLN A 124 40.78 -0.18 -21.77
C GLN A 124 39.35 0.18 -21.41
N MET A 125 39.19 0.75 -20.21
CA MET A 125 37.92 1.31 -19.77
C MET A 125 37.62 2.62 -20.51
N ASN A 126 36.37 3.05 -20.43
CA ASN A 126 35.93 4.26 -21.15
C ASN A 126 36.28 4.18 -22.63
N HIS A 127 36.19 2.98 -23.21
CA HIS A 127 36.37 2.80 -24.65
C HIS A 127 35.12 2.18 -25.26
N ASN A 128 34.73 2.69 -26.42
CA ASN A 128 33.58 2.22 -27.17
C ASN A 128 34.06 1.57 -28.46
N VAL A 129 33.80 0.27 -28.60
CA VAL A 129 34.10 -0.39 -29.86
C VAL A 129 33.09 0.09 -30.89
N LEU A 130 33.60 0.59 -32.03
CA LEU A 130 32.78 1.18 -33.08
C LEU A 130 32.55 0.24 -34.25
N ALA A 131 33.45 -0.70 -34.49
CA ALA A 131 33.30 -1.59 -35.63
C ALA A 131 34.14 -2.83 -35.39
N ILE A 132 33.69 -3.95 -35.94
CA ILE A 132 34.42 -5.21 -35.94
C ILE A 132 34.42 -5.72 -37.36
N ASP A 133 35.59 -6.02 -37.89
CA ASP A 133 35.75 -6.44 -39.29
C ASP A 133 36.26 -7.88 -39.27
N PRO A 134 35.35 -8.87 -39.29
CA PRO A 134 35.80 -10.26 -39.16
C PRO A 134 36.63 -10.74 -40.34
N ASP A 135 36.48 -10.15 -41.53
CA ASP A 135 37.27 -10.56 -42.68
C ASP A 135 38.75 -10.18 -42.50
N GLN A 136 39.00 -8.94 -42.14
CA GLN A 136 40.35 -8.46 -41.84
C GLN A 136 40.77 -8.73 -40.41
N LYS A 137 39.86 -9.23 -39.58
CA LYS A 137 40.11 -9.52 -38.16
C LYS A 137 40.70 -8.31 -37.45
N THR A 138 39.94 -7.20 -37.49
CA THR A 138 40.29 -5.99 -36.76
C THR A 138 39.07 -5.48 -36.03
N VAL A 139 39.33 -4.67 -35.01
CA VAL A 139 38.31 -3.89 -34.33
C VAL A 139 38.72 -2.43 -34.39
N THR A 140 37.74 -1.54 -34.45
CA THR A 140 37.99 -0.12 -34.41
C THR A 140 37.32 0.46 -33.17
N VAL A 141 38.12 1.18 -32.38
CA VAL A 141 37.73 1.57 -31.03
C VAL A 141 37.93 3.07 -30.85
N GLU A 142 37.09 3.63 -29.98
CA GLU A 142 37.07 5.05 -29.65
C GLU A 142 37.35 5.19 -28.16
N ASP A 143 38.37 5.97 -27.83
CA ASP A 143 38.58 6.43 -26.47
C ASP A 143 37.56 7.53 -26.17
N LEU A 144 36.71 7.29 -25.17
CA LEU A 144 35.61 8.21 -24.86
C LEU A 144 36.08 9.48 -24.18
N THR A 145 37.28 9.47 -23.60
CA THR A 145 37.79 10.65 -22.91
C THR A 145 38.25 11.72 -23.88
N ASN A 146 38.87 11.34 -25.01
CA ASN A 146 39.41 12.30 -25.96
C ASN A 146 38.98 12.07 -27.39
N HIS A 147 38.10 11.11 -27.66
CA HIS A 147 37.55 10.79 -28.98
C HIS A 147 38.52 10.06 -29.90
N ALA A 148 39.75 9.78 -29.47
CA ALA A 148 40.72 9.17 -30.37
C ALA A 148 40.28 7.78 -30.80
N GLN A 149 40.38 7.50 -32.10
CA GLN A 149 40.07 6.20 -32.65
C GLN A 149 41.36 5.47 -33.01
N THR A 150 41.35 4.15 -32.78
CA THR A 150 42.42 3.26 -33.21
C THR A 150 41.81 2.02 -33.84
N THR A 151 42.62 1.31 -34.63
CA THR A 151 42.23 0.04 -35.21
C THR A 151 43.27 -0.99 -34.80
N GLU A 152 42.80 -2.14 -34.28
CA GLU A 152 43.67 -3.18 -33.74
C GLU A 152 43.35 -4.52 -34.38
N SER A 153 44.35 -5.38 -34.43
CA SER A 153 44.19 -6.74 -34.93
C SER A 153 43.87 -7.69 -33.78
N TYR A 154 43.21 -8.79 -34.13
CA TYR A 154 42.91 -9.82 -33.16
C TYR A 154 43.02 -11.17 -33.85
N ASP A 155 43.39 -12.19 -33.06
CA ASP A 155 43.31 -13.57 -33.50
C ASP A 155 42.01 -14.23 -33.07
N LYS A 156 41.54 -13.90 -31.86
CA LYS A 156 40.28 -14.37 -31.31
C LYS A 156 39.54 -13.18 -30.72
N LEU A 157 38.25 -13.09 -31.00
CA LEU A 157 37.41 -12.04 -30.46
C LEU A 157 36.33 -12.65 -29.57
N VAL A 158 36.10 -12.02 -28.43
CA VAL A 158 35.14 -12.52 -27.44
C VAL A 158 34.05 -11.47 -27.31
N MET A 159 32.84 -11.84 -27.71
CA MET A 159 31.74 -10.89 -27.77
C MET A 159 30.94 -11.01 -26.48
N THR A 160 31.31 -10.18 -25.50
CA THR A 160 30.61 -10.18 -24.23
C THR A 160 29.99 -8.80 -24.03
N SER A 161 29.30 -8.34 -25.07
CA SER A 161 28.73 -7.00 -25.12
C SER A 161 27.37 -6.92 -24.48
N GLY A 162 26.81 -8.04 -24.06
CA GLY A 162 25.67 -8.02 -23.17
C GLY A 162 24.41 -7.52 -23.85
N SER A 163 23.59 -6.82 -23.08
CA SER A 163 22.25 -6.42 -23.49
C SER A 163 22.01 -4.97 -23.10
N TRP A 164 20.92 -4.43 -23.62
CA TRP A 164 20.49 -3.11 -23.22
C TRP A 164 18.98 -3.15 -23.08
N PRO A 165 18.42 -2.39 -22.13
CA PRO A 165 16.96 -2.41 -21.96
C PRO A 165 16.23 -2.09 -23.27
N ILE A 166 15.05 -2.69 -23.43
CA ILE A 166 14.18 -2.35 -24.54
C ILE A 166 13.57 -0.97 -24.28
N VAL A 167 13.71 -0.08 -25.26
CA VAL A 167 13.22 1.29 -25.16
C VAL A 167 12.30 1.53 -26.35
N PRO A 168 11.00 1.47 -26.16
CA PRO A 168 10.09 1.60 -27.30
C PRO A 168 10.06 3.04 -27.80
N LYS A 169 9.65 3.20 -29.06
CA LYS A 169 9.54 4.53 -29.65
C LYS A 169 8.16 5.07 -29.30
N ILE A 170 8.11 5.82 -28.21
CA ILE A 170 6.86 6.28 -27.62
C ILE A 170 7.03 7.79 -27.43
N PRO A 171 5.99 8.60 -27.65
CA PRO A 171 6.14 10.05 -27.44
C PRO A 171 6.37 10.37 -25.97
N GLY A 172 7.40 11.17 -25.72
CA GLY A 172 7.74 11.59 -24.38
C GLY A 172 8.78 10.75 -23.68
N ILE A 173 9.28 9.69 -24.31
CA ILE A 173 10.16 8.76 -23.61
C ILE A 173 11.50 9.38 -23.23
N ASP A 174 11.82 10.57 -23.77
CA ASP A 174 13.03 11.29 -23.39
C ASP A 174 12.88 12.08 -22.09
N SER A 175 11.72 12.04 -21.44
CA SER A 175 11.52 12.82 -20.23
C SER A 175 12.56 12.46 -19.17
N ASP A 176 13.00 13.49 -18.42
CA ASP A 176 13.92 13.26 -17.30
C ASP A 176 13.32 12.37 -16.23
N ARG A 177 12.00 12.18 -16.26
CA ARG A 177 11.32 11.40 -15.24
C ARG A 177 11.12 9.95 -15.65
N VAL A 178 11.64 9.55 -16.80
CA VAL A 178 11.65 8.16 -17.24
C VAL A 178 13.09 7.69 -17.15
N LYS A 179 13.35 6.64 -16.36
CA LYS A 179 14.71 6.17 -16.10
C LYS A 179 14.86 4.70 -16.44
N LEU A 180 16.07 4.30 -16.80
CA LEU A 180 16.43 2.90 -16.98
C LEU A 180 16.91 2.31 -15.66
N CYS A 181 16.94 0.96 -15.60
CA CYS A 181 17.41 0.26 -14.40
C CYS A 181 18.25 -0.94 -14.86
N LYS A 182 19.47 -0.67 -15.30
CA LYS A 182 20.36 -1.75 -15.68
C LYS A 182 21.72 -1.67 -15.00
N ASN A 183 22.46 -0.56 -15.15
CA ASN A 183 23.85 -0.57 -14.75
C ASN A 183 24.11 0.34 -13.55
N TRP A 184 25.39 0.51 -13.22
CA TRP A 184 25.78 1.28 -12.03
C TRP A 184 25.45 2.76 -12.20
N ALA A 185 25.62 3.30 -13.42
CA ALA A 185 25.16 4.67 -13.67
C ALA A 185 23.68 4.81 -13.35
N HIS A 186 22.85 3.90 -13.89
CA HIS A 186 21.42 3.94 -13.62
C HIS A 186 21.13 3.84 -12.13
N ALA A 187 21.82 2.94 -11.43
CA ALA A 187 21.55 2.73 -10.01
C ALA A 187 21.76 4.01 -9.22
N GLN A 188 22.89 4.69 -9.49
CA GLN A 188 23.18 5.94 -8.79
C GLN A 188 22.07 6.98 -9.02
N ALA A 189 21.56 7.08 -10.24
CA ALA A 189 20.48 8.03 -10.47
C ALA A 189 19.22 7.65 -9.68
N LEU A 190 18.89 6.35 -9.62
CA LEU A 190 17.72 5.92 -8.86
C LEU A 190 17.94 6.13 -7.36
N ILE A 191 19.15 5.89 -6.88
CA ILE A 191 19.44 6.13 -5.47
C ILE A 191 19.17 7.60 -5.12
N GLU A 192 19.56 8.53 -6.01
CA GLU A 192 19.35 9.95 -5.75
C GLU A 192 17.88 10.36 -5.91
N ASP A 193 17.25 9.92 -6.99
CA ASP A 193 15.86 10.31 -7.23
C ASP A 193 14.90 9.78 -6.18
N ALA A 194 15.18 8.60 -5.60
CA ALA A 194 14.18 7.95 -4.74
C ALA A 194 13.75 8.83 -3.59
N LYS A 195 14.63 9.73 -3.13
CA LYS A 195 14.32 10.55 -1.97
C LYS A 195 13.20 11.53 -2.27
N GLU A 196 13.19 12.10 -3.47
CA GLU A 196 12.23 13.12 -3.85
C GLU A 196 11.02 12.55 -4.59
N ALA A 197 11.00 11.26 -4.87
CA ALA A 197 9.97 10.66 -5.73
C ALA A 197 9.05 9.80 -4.88
N LYS A 198 7.97 10.41 -4.38
CA LYS A 198 7.00 9.66 -3.59
C LYS A 198 6.23 8.68 -4.47
N ARG A 199 5.84 9.09 -5.67
CA ARG A 199 5.00 8.32 -6.57
C ARG A 199 5.88 7.72 -7.67
N ILE A 200 5.85 6.40 -7.80
CA ILE A 200 6.74 5.70 -8.72
C ILE A 200 5.93 4.74 -9.57
N THR A 201 6.07 4.85 -10.89
CA THR A 201 5.44 3.90 -11.81
C THR A 201 6.50 2.99 -12.38
N VAL A 202 6.32 1.69 -12.22
CA VAL A 202 7.22 0.68 -12.72
C VAL A 202 6.61 0.12 -14.00
N ILE A 203 7.28 0.28 -15.13
CA ILE A 203 6.75 -0.18 -16.42
C ILE A 203 7.43 -1.49 -16.78
N GLY A 204 6.64 -2.57 -16.73
CA GLY A 204 7.12 -3.92 -16.98
C GLY A 204 7.11 -4.70 -15.68
N ALA A 205 6.37 -5.81 -15.63
CA ALA A 205 6.29 -6.63 -14.43
C ALA A 205 6.98 -7.98 -14.60
N GLY A 206 8.14 -7.96 -15.26
CA GLY A 206 9.09 -9.05 -15.19
C GLY A 206 9.80 -9.07 -13.86
N TYR A 207 10.94 -9.76 -13.83
CA TYR A 207 11.71 -9.85 -12.58
C TYR A 207 12.17 -8.47 -12.10
N ILE A 208 12.69 -7.63 -13.00
CA ILE A 208 13.17 -6.32 -12.54
C ILE A 208 12.04 -5.52 -11.93
N GLY A 209 10.95 -5.34 -12.70
CA GLY A 209 9.83 -4.55 -12.20
C GLY A 209 9.23 -5.11 -10.93
N ALA A 210 9.06 -6.44 -10.86
CA ALA A 210 8.54 -7.05 -9.65
C ALA A 210 9.41 -6.70 -8.44
N GLU A 211 10.72 -6.83 -8.58
CA GLU A 211 11.60 -6.55 -7.44
C GLU A 211 11.61 -5.08 -7.08
N LEU A 212 11.57 -4.20 -8.09
CA LEU A 212 11.53 -2.77 -7.82
C LEU A 212 10.24 -2.38 -7.13
N ALA A 213 9.11 -2.87 -7.65
CA ALA A 213 7.82 -2.53 -7.06
C ALA A 213 7.75 -2.96 -5.60
N GLU A 214 8.19 -4.18 -5.32
CA GLU A 214 8.28 -4.63 -3.92
C GLU A 214 9.20 -3.72 -3.11
N ALA A 215 10.40 -3.41 -3.64
CA ALA A 215 11.35 -2.62 -2.86
C ALA A 215 10.80 -1.22 -2.57
N TYR A 216 10.20 -0.58 -3.56
CA TYR A 216 9.66 0.75 -3.33
C TYR A 216 8.43 0.73 -2.44
N SER A 217 7.62 -0.34 -2.54
CA SER A 217 6.39 -0.37 -1.76
C SER A 217 6.69 -0.56 -0.28
N THR A 218 7.71 -1.35 0.04
CA THR A 218 8.02 -1.55 1.45
C THR A 218 8.79 -0.37 2.05
N THR A 219 9.22 0.60 1.24
CA THR A 219 9.94 1.76 1.76
C THR A 219 9.09 3.03 1.68
N GLY A 220 7.77 2.89 1.66
CA GLY A 220 6.89 4.04 1.83
C GLY A 220 6.56 4.82 0.57
N HIS A 221 6.84 4.29 -0.61
CA HIS A 221 6.46 4.94 -1.86
C HIS A 221 5.06 4.50 -2.32
N ASP A 222 4.46 5.32 -3.17
CA ASP A 222 3.17 4.99 -3.78
C ASP A 222 3.45 4.41 -5.16
N VAL A 223 3.26 3.10 -5.31
CA VAL A 223 3.76 2.36 -6.46
C VAL A 223 2.61 1.94 -7.36
N THR A 224 2.82 2.07 -8.65
CA THR A 224 1.95 1.51 -9.69
C THR A 224 2.80 0.60 -10.56
N LEU A 225 2.30 -0.61 -10.83
CA LEU A 225 3.04 -1.62 -11.60
C LEU A 225 2.26 -1.94 -12.87
N ILE A 226 2.84 -1.58 -14.02
CA ILE A 226 2.22 -1.79 -15.33
C ILE A 226 2.86 -2.99 -16.01
N ASP A 227 2.03 -3.84 -16.61
CA ASP A 227 2.56 -4.81 -17.57
C ASP A 227 1.60 -4.96 -18.75
N ALA A 228 2.19 -5.22 -19.91
CA ALA A 228 1.39 -5.46 -21.11
C ALA A 228 0.62 -6.77 -21.01
N MET A 229 1.19 -7.77 -20.33
CA MET A 229 0.51 -9.04 -20.15
C MET A 229 -0.48 -8.96 -19.00
N ALA A 230 -1.29 -10.01 -18.87
CA ALA A 230 -2.42 -10.02 -17.96
C ALA A 230 -2.04 -10.40 -16.54
N ARG A 231 -0.83 -10.89 -16.33
CA ARG A 231 -0.33 -11.31 -15.02
C ARG A 231 1.04 -10.68 -14.80
N VAL A 232 1.47 -10.66 -13.54
CA VAL A 232 2.87 -10.33 -13.26
C VAL A 232 3.73 -11.55 -13.52
N MET A 233 5.00 -11.32 -13.86
CA MET A 233 5.99 -12.36 -14.12
C MET A 233 5.38 -13.51 -14.92
N PRO A 234 4.65 -13.22 -15.99
CA PRO A 234 3.99 -14.29 -16.74
C PRO A 234 4.95 -15.30 -17.35
N LYS A 235 6.19 -14.91 -17.64
CA LYS A 235 7.16 -15.84 -18.22
C LYS A 235 7.66 -16.89 -17.22
N TYR A 236 7.57 -16.61 -15.92
CA TYR A 236 8.31 -17.42 -14.96
C TYR A 236 7.43 -18.33 -14.11
N PHE A 237 6.17 -17.96 -13.89
CA PHE A 237 5.28 -18.76 -13.05
C PHE A 237 3.91 -18.86 -13.69
N ASP A 238 3.21 -19.95 -13.37
CA ASP A 238 1.84 -20.13 -13.80
C ASP A 238 0.89 -19.32 -12.92
N ALA A 239 -0.39 -19.32 -13.29
CA ALA A 239 -1.35 -18.40 -12.68
C ALA A 239 -1.58 -18.69 -11.21
N ASP A 240 -1.53 -19.96 -10.80
CA ASP A 240 -1.72 -20.27 -9.39
C ASP A 240 -0.69 -19.54 -8.52
N PHE A 241 0.53 -19.38 -9.02
CA PHE A 241 1.55 -18.62 -8.31
C PHE A 241 1.31 -17.11 -8.42
N THR A 242 1.12 -16.61 -9.64
CA THR A 242 1.06 -15.16 -9.82
C THR A 242 -0.22 -14.57 -9.23
N ASP A 243 -1.30 -15.36 -9.16
CA ASP A 243 -2.46 -14.89 -8.41
C ASP A 243 -2.08 -14.55 -6.97
N VAL A 244 -1.28 -15.41 -6.33
CA VAL A 244 -0.89 -15.17 -4.94
C VAL A 244 -0.01 -13.92 -4.86
N ILE A 245 0.91 -13.75 -5.81
CA ILE A 245 1.82 -12.62 -5.77
C ILE A 245 1.05 -11.32 -5.99
N GLU A 246 0.15 -11.30 -6.97
CA GLU A 246 -0.65 -10.10 -7.21
C GLU A 246 -1.43 -9.72 -5.96
N GLN A 247 -2.02 -10.71 -5.28
CA GLN A 247 -2.74 -10.39 -4.05
C GLN A 247 -1.80 -9.78 -3.01
N ASP A 248 -0.59 -10.33 -2.88
CA ASP A 248 0.44 -9.70 -2.05
C ASP A 248 0.64 -8.24 -2.43
N TYR A 249 0.82 -7.97 -3.73
CA TYR A 249 1.01 -6.60 -4.16
C TYR A 249 -0.17 -5.75 -3.73
N ARG A 250 -1.38 -6.23 -3.96
CA ARG A 250 -2.56 -5.45 -3.57
C ARG A 250 -2.60 -5.24 -2.07
N ASP A 251 -2.26 -6.28 -1.29
CA ASP A 251 -2.28 -6.14 0.15
C ASP A 251 -1.29 -5.09 0.64
N HIS A 252 -0.18 -4.90 -0.07
CA HIS A 252 0.84 -3.94 0.31
C HIS A 252 0.64 -2.59 -0.36
N GLY A 253 -0.51 -2.36 -0.97
CA GLY A 253 -0.86 -1.06 -1.49
C GLY A 253 -0.34 -0.76 -2.86
N VAL A 254 0.20 -1.73 -3.58
CA VAL A 254 0.68 -1.47 -4.93
C VAL A 254 -0.51 -1.48 -5.87
N GLN A 255 -0.56 -0.49 -6.76
CA GLN A 255 -1.59 -0.42 -7.79
C GLN A 255 -1.15 -1.26 -8.98
N LEU A 256 -1.92 -2.30 -9.30
CA LEU A 256 -1.65 -3.12 -10.48
C LEU A 256 -2.37 -2.53 -11.68
N ALA A 257 -1.65 -2.45 -12.79
CA ALA A 257 -2.20 -2.00 -14.06
C ALA A 257 -1.78 -3.01 -15.13
N LEU A 258 -2.35 -4.21 -15.05
CA LEU A 258 -1.98 -5.31 -15.92
C LEU A 258 -2.82 -5.31 -17.19
N GLY A 259 -2.23 -5.80 -18.27
CA GLY A 259 -2.84 -5.71 -19.58
C GLY A 259 -2.89 -4.29 -20.13
N GLU A 260 -1.83 -3.51 -19.92
CA GLU A 260 -1.82 -2.11 -20.34
C GLU A 260 -0.48 -1.79 -20.98
N THR A 261 -0.51 -0.96 -22.01
CA THR A 261 0.70 -0.50 -22.68
C THR A 261 0.71 1.02 -22.70
N VAL A 262 1.89 1.58 -22.41
CA VAL A 262 2.03 3.03 -22.38
C VAL A 262 1.97 3.58 -23.79
N GLU A 263 1.12 4.58 -24.01
CA GLU A 263 1.05 5.27 -25.29
C GLU A 263 1.89 6.54 -25.32
N SER A 264 1.97 7.25 -24.20
CA SER A 264 2.69 8.50 -24.19
C SER A 264 3.08 8.86 -22.77
N PHE A 265 4.18 9.59 -22.66
CA PHE A 265 4.61 10.27 -21.45
C PHE A 265 4.46 11.77 -21.68
N THR A 266 3.80 12.47 -20.75
CA THR A 266 3.61 13.91 -20.86
C THR A 266 3.98 14.55 -19.53
N ASP A 267 4.89 15.49 -19.57
CA ASP A 267 5.25 16.24 -18.37
C ASP A 267 4.16 17.26 -18.07
N SER A 268 3.92 17.46 -16.78
CA SER A 268 2.94 18.45 -16.30
C SER A 268 3.56 19.19 -15.14
N ALA A 269 2.81 20.16 -14.61
CA ALA A 269 3.32 20.98 -13.52
C ALA A 269 3.53 20.16 -12.25
N THR A 270 2.76 19.10 -12.07
CA THR A 270 2.79 18.33 -10.85
C THR A 270 3.49 16.98 -11.00
N GLY A 271 3.95 16.63 -12.21
CA GLY A 271 4.74 15.42 -12.40
C GLY A 271 4.63 14.92 -13.84
N LEU A 272 4.74 13.61 -13.99
CA LEU A 272 4.74 12.98 -15.30
C LEU A 272 3.42 12.25 -15.49
N THR A 273 2.77 12.49 -16.62
CA THR A 273 1.51 11.83 -16.96
C THR A 273 1.77 10.66 -17.89
N ILE A 274 1.39 9.46 -17.46
CA ILE A 274 1.58 8.23 -18.23
C ILE A 274 0.21 7.83 -18.77
N LYS A 275 0.04 7.88 -20.08
CA LYS A 275 -1.20 7.45 -20.71
C LYS A 275 -1.02 6.04 -21.25
N THR A 276 -1.84 5.11 -20.78
CA THR A 276 -1.88 3.78 -21.36
C THR A 276 -3.08 3.70 -22.31
N ASP A 277 -3.26 2.53 -22.93
CA ASP A 277 -4.45 2.35 -23.74
C ASP A 277 -5.72 2.22 -22.89
N LYS A 278 -5.59 2.14 -21.57
CA LYS A 278 -6.76 1.93 -20.73
C LYS A 278 -6.90 2.90 -19.56
N ASN A 279 -5.94 3.80 -19.35
CA ASN A 279 -5.98 4.64 -18.16
C ASN A 279 -4.85 5.67 -18.29
N SER A 280 -4.81 6.58 -17.32
CA SER A 280 -3.76 7.58 -17.19
C SER A 280 -3.29 7.62 -15.74
N TYR A 281 -1.98 7.69 -15.56
CA TYR A 281 -1.39 7.70 -14.23
C TYR A 281 -0.46 8.90 -14.10
N GLU A 282 -0.46 9.48 -12.90
CA GLU A 282 0.42 10.58 -12.55
C GLU A 282 1.54 10.05 -11.66
N THR A 283 2.77 10.40 -11.97
CA THR A 283 3.89 9.84 -11.21
C THR A 283 5.01 10.88 -11.10
N ASP A 284 5.88 10.68 -10.12
CA ASP A 284 7.12 11.45 -10.00
C ASP A 284 8.28 10.79 -10.73
N LEU A 285 8.23 9.47 -10.90
CA LEU A 285 9.31 8.75 -11.54
C LEU A 285 8.76 7.49 -12.20
N ALA A 286 9.07 7.33 -13.48
CA ALA A 286 8.74 6.13 -14.25
C ALA A 286 10.02 5.37 -14.52
N ILE A 287 10.03 4.07 -14.20
CA ILE A 287 11.16 3.20 -14.48
C ILE A 287 10.77 2.23 -15.58
N LEU A 288 11.56 2.20 -16.65
CA LEU A 288 11.30 1.36 -17.82
C LEU A 288 12.08 0.06 -17.68
N CYS A 289 11.38 -1.06 -17.47
CA CYS A 289 12.04 -2.36 -17.40
C CYS A 289 11.14 -3.40 -18.10
N ILE A 290 11.14 -3.35 -19.43
CA ILE A 290 10.29 -4.24 -20.23
C ILE A 290 11.15 -5.23 -21.01
N GLY A 291 12.28 -5.64 -20.44
CA GLY A 291 13.08 -6.68 -21.05
C GLY A 291 14.39 -6.17 -21.62
N PHE A 292 15.17 -7.12 -22.12
CA PHE A 292 16.52 -6.91 -22.63
C PHE A 292 16.54 -7.15 -24.14
N ARG A 293 17.38 -6.40 -24.83
CA ARG A 293 17.71 -6.65 -26.22
C ARG A 293 19.20 -6.94 -26.32
N PRO A 294 19.62 -8.03 -26.95
CA PRO A 294 21.06 -8.28 -27.09
C PRO A 294 21.75 -7.12 -27.79
N ASN A 295 22.90 -6.73 -27.25
CA ASN A 295 23.65 -5.57 -27.73
C ASN A 295 24.71 -6.04 -28.73
N THR A 296 24.23 -6.43 -29.92
CA THR A 296 25.08 -7.16 -30.84
C THR A 296 25.17 -6.52 -32.22
N ASP A 297 24.77 -5.26 -32.35
CA ASP A 297 24.72 -4.66 -33.68
C ASP A 297 26.09 -4.65 -34.35
N LEU A 298 27.17 -4.65 -33.58
CA LEU A 298 28.50 -4.65 -34.17
C LEU A 298 28.71 -5.84 -35.09
N LEU A 299 27.98 -6.94 -34.86
CA LEU A 299 28.13 -8.17 -35.67
C LEU A 299 26.87 -8.50 -36.47
N LYS A 300 25.89 -7.61 -36.51
CA LYS A 300 24.68 -7.91 -37.27
C LYS A 300 25.04 -8.14 -38.73
N GLY A 301 24.51 -9.22 -39.31
CA GLY A 301 24.86 -9.61 -40.66
C GLY A 301 26.20 -10.30 -40.81
N LYS A 302 26.97 -10.45 -39.74
CA LYS A 302 28.28 -11.09 -39.81
C LYS A 302 28.37 -12.43 -39.09
N VAL A 303 27.45 -12.72 -38.16
CA VAL A 303 27.36 -14.05 -37.55
C VAL A 303 25.90 -14.42 -37.39
N ASP A 304 25.63 -15.73 -37.34
CA ASP A 304 24.26 -16.21 -37.19
C ASP A 304 23.66 -15.69 -35.89
N MET A 305 22.43 -15.18 -35.99
CA MET A 305 21.71 -14.63 -34.85
C MET A 305 20.27 -15.11 -34.83
N ALA A 306 19.71 -15.19 -33.64
CA ALA A 306 18.27 -15.37 -33.47
C ALA A 306 17.56 -14.13 -33.99
N PRO A 307 16.23 -14.21 -34.17
CA PRO A 307 15.50 -13.04 -34.66
C PRO A 307 15.77 -11.75 -33.89
N ASN A 308 15.97 -11.83 -32.58
CA ASN A 308 16.18 -10.65 -31.74
C ASN A 308 17.64 -10.21 -31.66
N GLY A 309 18.52 -10.85 -32.42
CA GLY A 309 19.92 -10.47 -32.42
C GLY A 309 20.83 -11.28 -31.51
N ALA A 310 20.30 -12.24 -30.76
CA ALA A 310 21.16 -13.06 -29.91
C ALA A 310 22.11 -13.87 -30.77
N ILE A 311 23.38 -13.91 -30.39
CA ILE A 311 24.36 -14.67 -31.15
C ILE A 311 24.15 -16.16 -30.89
N ILE A 312 24.03 -16.94 -31.96
CA ILE A 312 23.93 -18.40 -31.89
C ILE A 312 25.33 -18.99 -31.75
N THR A 313 25.50 -19.93 -30.83
CA THR A 313 26.80 -20.57 -30.65
C THR A 313 26.64 -22.09 -30.72
N ASP A 314 27.76 -22.76 -30.96
CA ASP A 314 27.82 -24.21 -30.86
C ASP A 314 27.99 -24.57 -29.37
N ASP A 315 28.32 -25.82 -29.09
CA ASP A 315 28.45 -26.24 -27.70
C ASP A 315 29.72 -25.74 -27.05
N TYR A 316 30.53 -24.95 -27.74
CA TYR A 316 31.78 -24.44 -27.17
C TYR A 316 31.76 -22.91 -27.10
N MET A 317 30.61 -22.31 -27.34
CA MET A 317 30.40 -20.88 -27.27
C MET A 317 30.99 -20.17 -28.48
N ARG A 318 31.29 -20.90 -29.56
CA ARG A 318 31.76 -20.31 -30.81
C ARG A 318 30.59 -19.90 -31.69
N SER A 319 30.67 -18.68 -32.25
CA SER A 319 29.67 -18.25 -33.21
C SER A 319 29.89 -18.95 -34.55
N SER A 320 29.02 -18.64 -35.52
CA SER A 320 29.22 -19.11 -36.88
C SER A 320 30.57 -18.72 -37.45
N ASN A 321 31.20 -17.65 -36.94
CA ASN A 321 32.58 -17.34 -37.30
C ASN A 321 33.49 -17.99 -36.29
N PRO A 322 34.33 -18.95 -36.68
CA PRO A 322 35.04 -19.77 -35.69
C PRO A 322 36.05 -19.01 -34.84
N ASP A 323 36.41 -17.76 -35.18
CA ASP A 323 37.31 -16.99 -34.35
C ASP A 323 36.58 -16.03 -33.42
N ILE A 324 35.25 -16.04 -33.41
CA ILE A 324 34.46 -15.11 -32.61
C ILE A 324 33.60 -15.92 -31.64
N PHE A 325 33.86 -15.75 -30.35
CA PHE A 325 33.08 -16.38 -29.29
C PHE A 325 32.06 -15.40 -28.74
N ALA A 326 31.03 -15.94 -28.08
CA ALA A 326 30.02 -15.12 -27.42
C ALA A 326 29.66 -15.75 -26.09
N ALA A 327 29.42 -14.90 -25.09
CA ALA A 327 29.08 -15.35 -23.75
C ALA A 327 28.24 -14.27 -23.10
N GLY A 328 27.27 -14.69 -22.29
CA GLY A 328 26.45 -13.75 -21.57
C GLY A 328 25.27 -13.26 -22.38
N ASP A 329 24.78 -12.08 -22.01
CA ASP A 329 23.56 -11.55 -22.61
C ASP A 329 23.69 -11.23 -24.09
N SER A 330 24.88 -11.33 -24.68
CA SER A 330 24.98 -11.21 -26.12
C SER A 330 24.59 -12.50 -26.85
N ALA A 331 24.46 -13.61 -26.12
CA ALA A 331 24.36 -14.93 -26.72
C ALA A 331 23.02 -15.58 -26.37
N ALA A 332 22.56 -16.44 -27.27
CA ALA A 332 21.43 -17.29 -26.95
C ALA A 332 21.90 -18.38 -26.00
N VAL A 333 20.96 -18.97 -25.28
CA VAL A 333 21.27 -20.13 -24.47
C VAL A 333 20.78 -21.36 -25.22
N HIS A 334 21.34 -22.51 -24.86
CA HIS A 334 20.81 -23.80 -25.27
C HIS A 334 19.82 -24.24 -24.19
N TYR A 335 18.54 -24.19 -24.51
CA TYR A 335 17.48 -24.42 -23.53
C TYR A 335 17.11 -25.90 -23.54
N ASN A 336 17.53 -26.64 -22.50
CA ASN A 336 17.35 -28.09 -22.49
C ASN A 336 15.91 -28.57 -22.55
N PRO A 337 14.94 -27.94 -21.87
CA PRO A 337 13.57 -28.53 -21.89
C PRO A 337 12.99 -28.64 -23.29
N THR A 338 13.33 -27.73 -24.22
CA THR A 338 12.86 -27.82 -25.59
C THR A 338 13.96 -28.22 -26.57
N HIS A 339 15.22 -28.24 -26.14
CA HIS A 339 16.37 -28.46 -27.03
C HIS A 339 16.35 -27.45 -28.18
N GLN A 340 16.06 -26.20 -27.85
CA GLN A 340 16.06 -25.10 -28.79
C GLN A 340 16.97 -24.00 -28.27
N ASN A 341 17.38 -23.11 -29.16
CA ASN A 341 17.96 -21.87 -28.72
C ASN A 341 16.88 -20.98 -28.13
N ALA A 342 17.25 -20.20 -27.12
CA ALA A 342 16.32 -19.27 -26.51
C ALA A 342 17.13 -18.08 -26.00
N TYR A 343 16.41 -17.03 -25.63
CA TYR A 343 17.04 -15.83 -25.08
C TYR A 343 16.39 -15.56 -23.73
N ILE A 344 17.10 -15.93 -22.66
CA ILE A 344 16.60 -15.80 -21.30
C ILE A 344 17.77 -15.27 -20.48
N PRO A 345 18.09 -13.98 -20.57
CA PRO A 345 19.35 -13.47 -20.01
C PRO A 345 19.35 -13.51 -18.49
N LEU A 346 20.38 -14.14 -17.94
CA LEU A 346 20.55 -14.30 -16.50
C LEU A 346 22.05 -14.30 -16.20
N ALA A 347 22.42 -13.72 -15.06
CA ALA A 347 23.83 -13.71 -14.68
C ALA A 347 24.42 -15.11 -14.68
N THR A 348 23.62 -16.12 -14.34
CA THR A 348 24.15 -17.48 -14.32
C THR A 348 24.70 -17.90 -15.68
N ASN A 349 24.12 -17.41 -16.77
CA ASN A 349 24.65 -17.75 -18.09
C ASN A 349 26.00 -17.10 -18.33
N ALA A 350 26.15 -15.86 -17.85
CA ALA A 350 27.35 -15.09 -18.11
C ALA A 350 28.56 -15.72 -17.46
N VAL A 351 28.42 -16.12 -16.19
CA VAL A 351 29.57 -16.65 -15.47
C VAL A 351 29.97 -18.01 -16.05
N ARG A 352 28.98 -18.82 -16.44
CA ARG A 352 29.28 -20.13 -17.00
C ARG A 352 29.85 -20.02 -18.42
N GLN A 353 29.18 -19.25 -19.28
CA GLN A 353 29.65 -19.15 -20.66
C GLN A 353 31.00 -18.45 -20.74
N GLY A 354 31.23 -17.47 -19.87
CA GLY A 354 32.55 -16.84 -19.83
C GLY A 354 33.65 -17.84 -19.55
N ILE A 355 33.44 -18.71 -18.55
CA ILE A 355 34.42 -19.75 -18.26
C ILE A 355 34.63 -20.64 -19.48
N LEU A 356 33.55 -20.99 -20.17
CA LEU A 356 33.66 -21.90 -21.30
C LEU A 356 34.43 -21.27 -22.46
N VAL A 357 34.21 -19.98 -22.72
CA VAL A 357 35.00 -19.30 -23.75
C VAL A 357 36.49 -19.49 -23.45
N GLY A 358 36.87 -19.26 -22.19
CA GLY A 358 38.28 -19.43 -21.83
C GLY A 358 38.77 -20.85 -21.98
N LYS A 359 37.92 -21.83 -21.67
CA LYS A 359 38.35 -23.20 -21.80
C LYS A 359 38.42 -23.64 -23.25
N ASN A 360 37.64 -23.02 -24.13
CA ASN A 360 37.52 -23.45 -25.52
C ASN A 360 38.21 -22.49 -26.49
N LEU A 361 38.99 -21.54 -26.00
CA LEU A 361 39.50 -20.47 -26.85
C LEU A 361 40.35 -21.02 -27.99
N VAL A 362 41.16 -22.03 -27.71
CA VAL A 362 42.10 -22.56 -28.69
C VAL A 362 41.53 -23.77 -29.42
N LYS A 363 40.91 -24.69 -28.71
CA LYS A 363 40.24 -25.82 -29.34
C LYS A 363 39.11 -26.28 -28.44
N PRO A 364 38.12 -26.99 -29.00
CA PRO A 364 36.99 -27.43 -28.18
C PRO A 364 37.46 -28.31 -27.03
N THR A 365 37.08 -27.95 -25.80
CA THR A 365 37.58 -28.69 -24.65
C THR A 365 36.46 -29.08 -23.69
N VAL A 366 35.54 -28.16 -23.38
CA VAL A 366 34.46 -28.43 -22.44
C VAL A 366 33.15 -28.04 -23.10
N LYS A 367 32.21 -28.98 -23.16
CA LYS A 367 30.91 -28.72 -23.77
C LYS A 367 30.01 -27.92 -22.83
N TYR A 368 29.27 -26.99 -23.43
CA TYR A 368 28.19 -26.28 -22.76
C TYR A 368 27.06 -27.26 -22.39
N MET A 369 26.62 -27.22 -21.15
CA MET A 369 25.61 -28.16 -20.67
C MET A 369 24.19 -27.70 -20.95
N GLY A 370 24.00 -26.54 -21.59
CA GLY A 370 22.68 -25.97 -21.72
C GLY A 370 22.21 -25.39 -20.39
N THR A 371 20.94 -25.01 -20.36
CA THR A 371 20.36 -24.48 -19.14
C THR A 371 18.89 -24.86 -19.04
N GLN A 372 18.39 -24.82 -17.82
CA GLN A 372 16.97 -24.87 -17.50
C GLN A 372 16.40 -23.49 -17.23
N SER A 373 17.25 -22.44 -17.27
CA SER A 373 16.84 -21.09 -16.92
C SER A 373 16.22 -21.03 -15.53
N SER A 374 16.83 -21.73 -14.58
CA SER A 374 16.38 -21.68 -13.20
C SER A 374 16.47 -20.26 -12.67
N SER A 375 15.44 -19.84 -11.96
CA SER A 375 15.45 -18.45 -11.50
C SER A 375 14.49 -18.30 -10.34
N GLY A 376 14.66 -17.22 -9.61
CA GLY A 376 13.74 -16.98 -8.52
C GLY A 376 14.03 -15.66 -7.85
N LEU A 377 13.20 -15.36 -6.86
CA LEU A 377 13.35 -14.10 -6.14
C LEU A 377 12.67 -14.25 -4.79
N ALA A 378 12.81 -13.20 -3.99
CA ALA A 378 12.12 -13.07 -2.72
C ALA A 378 11.20 -11.86 -2.82
N LEU A 379 9.91 -12.04 -2.52
CA LEU A 379 8.95 -10.94 -2.52
C LEU A 379 8.13 -11.00 -1.23
N TYR A 380 8.16 -9.92 -0.46
CA TYR A 380 7.33 -9.83 0.75
C TYR A 380 7.43 -11.08 1.62
N ASP A 381 8.65 -11.51 1.92
CA ASP A 381 8.89 -12.67 2.77
C ASP A 381 8.59 -14.02 2.08
N ARG A 382 8.02 -14.06 0.89
CA ARG A 382 7.90 -15.34 0.18
C ARG A 382 9.12 -15.57 -0.71
N THR A 383 9.60 -16.81 -0.67
CA THR A 383 10.56 -17.33 -1.65
C THR A 383 9.80 -17.95 -2.82
N ILE A 384 10.14 -17.55 -4.05
CA ILE A 384 9.43 -18.03 -5.24
C ILE A 384 10.48 -18.40 -6.28
N VAL A 385 10.54 -19.70 -6.63
CA VAL A 385 11.58 -20.19 -7.51
C VAL A 385 10.95 -21.10 -8.56
N SER A 386 11.60 -21.17 -9.72
CA SER A 386 11.14 -22.05 -10.77
C SER A 386 12.32 -22.46 -11.66
N THR A 387 12.09 -23.52 -12.44
CA THR A 387 13.06 -23.99 -13.43
C THR A 387 12.26 -24.60 -14.58
N GLY A 388 12.83 -24.53 -15.79
CA GLY A 388 12.19 -25.15 -16.93
C GLY A 388 10.90 -24.46 -17.33
N LEU A 389 9.99 -25.22 -17.93
CA LEU A 389 8.80 -24.65 -18.54
C LEU A 389 7.64 -24.53 -17.56
N THR A 390 6.93 -23.40 -17.64
CA THR A 390 5.60 -23.33 -17.07
C THR A 390 4.64 -24.12 -17.95
N LEU A 391 3.48 -24.48 -17.38
CA LEU A 391 2.45 -25.11 -18.20
C LEU A 391 1.99 -24.16 -19.29
N ALA A 392 1.74 -22.90 -18.94
CA ALA A 392 1.33 -21.89 -19.92
C ALA A 392 2.28 -21.85 -21.11
N ALA A 393 3.58 -21.82 -20.85
CA ALA A 393 4.55 -21.73 -21.95
C ALA A 393 4.62 -23.01 -22.76
N ALA A 394 4.61 -24.17 -22.09
CA ALA A 394 4.63 -25.43 -22.82
C ALA A 394 3.46 -25.51 -23.78
N LYS A 395 2.25 -25.18 -23.29
CA LYS A 395 1.06 -25.22 -24.13
C LYS A 395 1.14 -24.20 -25.26
N GLN A 396 1.62 -22.99 -24.95
CA GLN A 396 1.76 -21.95 -25.96
C GLN A 396 2.69 -22.38 -27.09
N GLN A 397 3.68 -23.24 -26.79
CA GLN A 397 4.63 -23.73 -27.76
C GLN A 397 4.23 -25.06 -28.38
N GLY A 398 3.02 -25.53 -28.12
CA GLY A 398 2.53 -26.74 -28.74
C GLY A 398 3.03 -28.04 -28.15
N LEU A 399 3.63 -28.01 -26.96
CA LEU A 399 4.19 -29.22 -26.38
C LEU A 399 3.11 -30.03 -25.69
N ASN A 400 3.35 -31.33 -25.62
CA ASN A 400 2.51 -32.25 -24.87
C ASN A 400 2.89 -32.10 -23.39
N ALA A 401 2.03 -31.48 -22.60
CA ALA A 401 2.39 -31.13 -21.23
C ALA A 401 1.16 -31.15 -20.33
N GLU A 402 1.35 -31.61 -19.10
CA GLU A 402 0.36 -31.51 -18.05
C GLU A 402 1.06 -31.00 -16.78
N GLN A 403 0.26 -30.71 -15.76
CA GLN A 403 0.75 -30.08 -14.55
C GLN A 403 -0.02 -30.59 -13.34
N VAL A 404 0.67 -30.72 -12.21
CA VAL A 404 -0.01 -30.83 -10.91
C VAL A 404 0.41 -29.64 -10.06
N ILE A 405 -0.53 -29.15 -9.27
CA ILE A 405 -0.29 -28.15 -8.24
C ILE A 405 -0.51 -28.82 -6.89
N VAL A 406 0.44 -28.68 -5.97
CA VAL A 406 0.36 -29.30 -4.66
C VAL A 406 0.71 -28.27 -3.60
N GLU A 407 -0.12 -28.17 -2.57
CA GLU A 407 0.18 -27.34 -1.41
C GLU A 407 0.26 -28.23 -0.19
N ASP A 408 1.42 -28.25 0.46
CA ASP A 408 1.64 -29.04 1.66
C ASP A 408 2.51 -28.23 2.60
N ASN A 409 2.39 -28.52 3.89
CA ASN A 409 3.37 -28.00 4.84
C ASN A 409 4.70 -28.66 4.57
N TYR A 410 5.78 -27.87 4.62
CA TYR A 410 7.05 -28.43 4.20
C TYR A 410 7.59 -29.43 5.22
N ARG A 411 7.19 -29.31 6.49
CA ARG A 411 7.60 -30.27 7.51
C ARG A 411 6.43 -30.56 8.46
N PRO A 412 6.53 -31.58 9.31
CA PRO A 412 5.34 -32.05 10.05
C PRO A 412 4.76 -30.99 10.98
N GLU A 413 3.43 -31.04 11.12
CA GLU A 413 2.71 -30.11 11.99
C GLU A 413 3.08 -30.29 13.47
N PHE A 414 3.60 -31.45 13.88
CA PHE A 414 4.00 -31.57 15.28
C PHE A 414 5.24 -30.73 15.63
N MET A 415 5.96 -30.19 14.64
CA MET A 415 7.09 -29.33 14.95
C MET A 415 6.60 -28.02 15.56
N PRO A 416 7.50 -27.26 16.19
CA PRO A 416 7.08 -25.95 16.73
C PRO A 416 6.47 -25.02 15.70
N SER A 417 6.85 -25.16 14.42
CA SER A 417 6.26 -24.32 13.38
C SER A 417 6.39 -25.06 12.07
N THR A 418 5.61 -24.61 11.09
CA THR A 418 5.74 -25.11 9.73
C THR A 418 5.17 -24.05 8.80
N GLU A 419 5.34 -24.28 7.50
CA GLU A 419 4.92 -23.32 6.50
C GLU A 419 4.36 -24.07 5.29
N PRO A 420 3.25 -23.65 4.74
CA PRO A 420 2.81 -24.25 3.47
C PRO A 420 3.85 -23.95 2.40
N VAL A 421 4.05 -24.91 1.51
CA VAL A 421 4.78 -24.67 0.27
C VAL A 421 3.85 -25.00 -0.89
N LEU A 422 3.70 -24.05 -1.81
CA LEU A 422 2.92 -24.25 -3.02
C LEU A 422 3.87 -24.70 -4.13
N MET A 423 3.49 -25.76 -4.83
CA MET A 423 4.41 -26.48 -5.70
C MET A 423 3.71 -26.80 -7.01
N SER A 424 4.50 -26.75 -8.09
CA SER A 424 4.04 -27.03 -9.44
C SER A 424 5.04 -27.95 -10.11
N LEU A 425 4.55 -28.99 -10.79
CA LEU A 425 5.40 -29.85 -11.59
C LEU A 425 4.78 -29.96 -12.97
N VAL A 426 5.55 -29.67 -14.00
CA VAL A 426 5.08 -29.71 -15.38
C VAL A 426 5.82 -30.85 -16.06
N PHE A 427 5.07 -31.71 -16.75
CA PHE A 427 5.66 -32.93 -17.27
C PHE A 427 4.98 -33.34 -18.57
N ASP A 428 5.67 -34.20 -19.32
CA ASP A 428 5.09 -34.87 -20.48
C ASP A 428 4.22 -36.03 -20.01
N PRO A 429 2.91 -36.01 -20.25
CA PRO A 429 2.04 -37.05 -19.66
C PRO A 429 2.27 -38.43 -20.25
N ASP A 430 3.02 -38.53 -21.34
CA ASP A 430 3.23 -39.80 -22.02
C ASP A 430 4.60 -40.38 -21.73
N THR A 431 5.67 -39.61 -21.96
CA THR A 431 7.01 -40.05 -21.57
C THR A 431 7.29 -39.86 -20.08
N HIS A 432 6.46 -39.12 -19.37
CA HIS A 432 6.63 -38.78 -17.96
C HIS A 432 7.85 -37.91 -17.71
N ARG A 433 8.48 -37.37 -18.75
CA ARG A 433 9.64 -36.51 -18.58
C ARG A 433 9.25 -35.21 -17.85
N ILE A 434 10.08 -34.81 -16.89
CA ILE A 434 9.85 -33.54 -16.21
C ILE A 434 10.23 -32.41 -17.16
N LEU A 435 9.33 -31.43 -17.30
CA LEU A 435 9.59 -30.26 -18.14
C LEU A 435 9.90 -28.98 -17.37
N GLY A 436 9.45 -28.90 -16.12
CA GLY A 436 9.67 -27.72 -15.31
C GLY A 436 8.96 -27.88 -13.98
N GLY A 437 9.18 -26.90 -13.11
CA GLY A 437 8.58 -26.94 -11.79
C GLY A 437 8.82 -25.63 -11.09
N ALA A 438 8.05 -25.41 -10.02
CA ALA A 438 8.15 -24.17 -9.28
C ALA A 438 7.81 -24.44 -7.82
N LEU A 439 8.36 -23.63 -6.92
CA LEU A 439 8.00 -23.74 -5.51
C LEU A 439 7.87 -22.34 -4.93
N MET A 440 6.94 -22.18 -4.00
CA MET A 440 6.70 -20.89 -3.34
C MET A 440 6.38 -21.13 -1.87
N SER A 441 7.09 -20.45 -0.98
CA SER A 441 6.88 -20.64 0.46
C SER A 441 7.50 -19.48 1.23
N LYS A 442 6.99 -19.26 2.45
CA LYS A 442 7.71 -18.41 3.40
C LYS A 442 8.96 -19.09 3.93
N TYR A 443 8.99 -20.43 3.93
CA TYR A 443 10.23 -21.14 4.18
C TYR A 443 11.08 -21.09 2.92
N ASP A 444 12.40 -20.97 3.11
CA ASP A 444 13.31 -20.76 1.98
C ASP A 444 13.50 -22.07 1.22
N VAL A 445 12.70 -22.25 0.16
CA VAL A 445 12.70 -23.46 -0.66
C VAL A 445 13.55 -23.29 -1.91
N SER A 446 14.41 -22.27 -1.96
CA SER A 446 15.08 -21.95 -3.21
C SER A 446 15.96 -23.10 -3.69
N GLN A 447 16.62 -23.80 -2.75
CA GLN A 447 17.51 -24.89 -3.15
C GLN A 447 16.77 -26.00 -3.88
N SER A 448 15.47 -26.17 -3.63
CA SER A 448 14.72 -27.21 -4.32
C SER A 448 14.56 -26.92 -5.82
N ALA A 449 14.60 -25.65 -6.24
CA ALA A 449 14.57 -25.42 -7.67
C ALA A 449 15.83 -25.95 -8.35
N ASN A 450 16.96 -25.93 -7.64
CA ASN A 450 18.18 -26.51 -8.21
C ASN A 450 18.14 -28.02 -8.24
N THR A 451 17.48 -28.65 -7.27
CA THR A 451 17.26 -30.08 -7.37
C THR A 451 16.47 -30.41 -8.63
N LEU A 452 15.39 -29.66 -8.88
CA LEU A 452 14.61 -29.88 -10.09
C LEU A 452 15.46 -29.62 -11.33
N SER A 453 16.31 -28.60 -11.29
CA SER A 453 17.20 -28.34 -12.44
C SER A 453 18.04 -29.56 -12.75
N VAL A 454 18.65 -30.17 -11.72
CA VAL A 454 19.48 -31.35 -11.95
C VAL A 454 18.64 -32.49 -12.50
N CYS A 455 17.41 -32.66 -11.98
CA CYS A 455 16.49 -33.64 -12.55
C CYS A 455 16.29 -33.41 -14.04
N ILE A 456 16.03 -32.16 -14.42
CA ILE A 456 15.80 -31.88 -15.83
C ILE A 456 17.07 -32.08 -16.64
N GLN A 457 18.21 -31.61 -16.12
CA GLN A 457 19.47 -31.82 -16.81
C GLN A 457 19.69 -33.29 -17.17
N ASN A 458 19.26 -34.20 -16.30
CA ASN A 458 19.46 -35.62 -16.51
C ASN A 458 18.27 -36.31 -17.16
N GLU A 459 17.30 -35.54 -17.65
CA GLU A 459 16.11 -36.08 -18.32
C GLU A 459 15.30 -37.02 -17.42
N ASN A 460 15.31 -36.77 -16.12
CA ASN A 460 14.54 -37.58 -15.20
C ASN A 460 13.04 -37.42 -15.42
N THR A 461 12.28 -38.43 -15.00
CA THR A 461 10.83 -38.50 -15.12
C THR A 461 10.18 -38.23 -13.78
N ILE A 462 8.86 -38.06 -13.80
CA ILE A 462 8.13 -37.93 -12.54
C ILE A 462 8.30 -39.17 -11.68
N ASP A 463 8.54 -40.33 -12.31
CA ASP A 463 8.70 -41.57 -11.55
C ASP A 463 10.05 -41.61 -10.84
N ASP A 464 11.10 -41.07 -11.47
CA ASP A 464 12.37 -40.88 -10.79
C ASP A 464 12.18 -40.00 -9.55
N LEU A 465 11.60 -38.83 -9.74
CA LEU A 465 11.52 -37.87 -8.64
C LEU A 465 10.61 -38.37 -7.53
N ALA A 466 9.60 -39.14 -7.86
CA ALA A 466 8.65 -39.62 -6.85
C ALA A 466 9.31 -40.51 -5.81
N MET A 467 10.40 -41.19 -6.17
CA MET A 467 11.01 -42.17 -5.30
C MET A 467 12.50 -41.98 -5.04
N VAL A 468 13.18 -41.04 -5.72
CA VAL A 468 14.62 -40.90 -5.52
C VAL A 468 14.89 -40.60 -4.05
N ASP A 469 16.00 -41.15 -3.55
CA ASP A 469 16.40 -40.97 -2.16
C ASP A 469 16.51 -39.49 -1.82
N MET A 470 15.83 -39.08 -0.75
CA MET A 470 15.97 -37.75 -0.18
C MET A 470 15.87 -37.91 1.34
N LEU A 471 16.66 -37.13 2.08
CA LEU A 471 16.73 -37.37 3.52
C LEU A 471 15.43 -36.98 4.22
N PHE A 472 15.16 -37.65 5.35
CA PHE A 472 14.05 -37.29 6.24
C PHE A 472 14.63 -36.92 7.60
N GLN A 473 14.31 -35.71 8.07
CA GLN A 473 14.43 -35.36 9.45
C GLN A 473 13.36 -34.30 9.67
N PRO A 474 12.59 -34.41 10.75
CA PRO A 474 11.42 -33.52 10.89
C PRO A 474 11.76 -32.03 11.00
N ASN A 475 13.02 -31.67 11.27
CA ASN A 475 13.40 -30.26 11.15
C ASN A 475 13.31 -29.76 9.72
N PHE A 476 13.37 -30.67 8.75
CA PHE A 476 13.50 -30.31 7.35
C PHE A 476 12.33 -30.75 6.48
N ASP A 477 11.68 -31.87 6.78
CA ASP A 477 10.64 -32.37 5.88
C ASP A 477 9.87 -33.48 6.56
N ARG A 478 8.87 -34.00 5.84
CA ARG A 478 8.19 -35.25 6.20
C ARG A 478 9.00 -36.44 5.70
N PRO A 479 8.62 -37.66 6.09
CA PRO A 479 9.36 -38.85 5.64
C PRO A 479 9.63 -38.88 4.15
N PHE A 480 8.65 -38.54 3.32
CA PHE A 480 8.90 -38.18 1.93
C PHE A 480 9.14 -36.68 1.83
N ASN A 481 10.21 -36.29 1.15
CA ASN A 481 10.45 -34.88 0.87
C ASN A 481 9.32 -34.30 0.05
N TYR A 482 9.03 -33.01 0.25
CA TYR A 482 7.94 -32.40 -0.51
C TYR A 482 8.13 -32.54 -2.02
N LEU A 483 9.38 -32.64 -2.50
CA LEU A 483 9.59 -32.88 -3.93
C LEU A 483 9.18 -34.29 -4.33
N ASN A 484 9.43 -35.29 -3.47
CA ASN A 484 8.90 -36.62 -3.72
C ASN A 484 7.38 -36.58 -3.76
N ILE A 485 6.78 -35.87 -2.80
CA ILE A 485 5.33 -35.79 -2.72
C ILE A 485 4.75 -35.14 -3.97
N LEU A 486 5.38 -34.05 -4.41
CA LEU A 486 4.95 -33.39 -5.64
C LEU A 486 4.93 -34.37 -6.80
N ALA A 487 6.02 -35.14 -6.97
CA ALA A 487 6.09 -36.04 -8.11
C ALA A 487 5.11 -37.20 -7.95
N GLN A 488 4.84 -37.61 -6.71
CA GLN A 488 3.85 -38.67 -6.50
C GLN A 488 2.46 -38.20 -6.91
N ALA A 489 2.16 -36.90 -6.75
CA ALA A 489 0.88 -36.38 -7.19
C ALA A 489 0.78 -36.36 -8.71
N ALA A 490 1.90 -36.11 -9.39
CA ALA A 490 1.93 -36.23 -10.85
C ALA A 490 1.69 -37.67 -11.28
N GLN A 491 2.30 -38.63 -10.58
CA GLN A 491 1.99 -40.03 -10.85
C GLN A 491 0.49 -40.27 -10.72
N ALA A 492 -0.12 -39.80 -9.63
CA ALA A 492 -1.53 -40.05 -9.42
C ALA A 492 -2.38 -39.44 -10.52
N LYS A 493 -1.94 -38.33 -11.10
CA LYS A 493 -2.70 -37.73 -12.19
C LYS A 493 -2.62 -38.61 -13.44
N VAL A 494 -1.43 -39.09 -13.78
CA VAL A 494 -1.26 -39.95 -14.94
C VAL A 494 -1.99 -41.28 -14.74
N ALA A 495 -2.02 -41.79 -13.51
CA ALA A 495 -2.67 -43.07 -13.26
C ALA A 495 -4.19 -42.95 -13.39
N GLN A 496 -4.74 -41.85 -12.89
CA GLN A 496 -6.16 -41.57 -13.04
C GLN A 496 -6.55 -41.43 -14.51
N SER A 497 -5.62 -41.00 -15.35
CA SER A 497 -5.88 -40.85 -16.78
C SER A 497 -5.86 -42.18 -17.54
N VAL A 498 -5.45 -43.26 -16.90
CA VAL A 498 -5.50 -44.59 -17.53
C VAL A 498 -6.88 -45.22 -17.34
N SER B 50 -9.68 -64.48 -4.05
CA SER B 50 -8.93 -63.43 -3.38
C SER B 50 -7.54 -63.90 -2.99
N MET B 51 -6.56 -63.01 -3.12
CA MET B 51 -5.20 -63.28 -2.69
C MET B 51 -5.06 -62.95 -1.21
N LYS B 52 -4.48 -63.88 -0.45
CA LYS B 52 -4.33 -63.73 0.99
C LYS B 52 -2.92 -63.21 1.29
N VAL B 53 -2.84 -62.09 1.99
CA VAL B 53 -1.58 -61.42 2.27
C VAL B 53 -1.43 -61.28 3.77
N THR B 54 -0.31 -61.75 4.29
CA THR B 54 0.05 -61.59 5.68
C THR B 54 1.20 -60.60 5.79
N VAL B 55 1.05 -59.62 6.68
CA VAL B 55 2.07 -58.60 6.89
C VAL B 55 2.57 -58.76 8.32
N VAL B 56 3.87 -59.03 8.47
CA VAL B 56 4.50 -59.21 9.78
C VAL B 56 5.11 -57.88 10.19
N GLY B 57 4.49 -57.20 11.15
CA GLY B 57 5.04 -55.98 11.70
C GLY B 57 4.50 -54.74 11.01
N CYS B 58 4.14 -53.72 11.80
CA CYS B 58 3.48 -52.56 11.20
C CYS B 58 3.82 -51.31 12.02
N THR B 59 4.97 -50.72 11.72
CA THR B 59 5.24 -49.34 12.14
C THR B 59 5.16 -48.42 10.94
N HIS B 60 6.16 -48.43 10.06
CA HIS B 60 6.12 -47.61 8.85
C HIS B 60 6.08 -48.43 7.57
N ALA B 61 6.99 -49.38 7.39
CA ALA B 61 7.04 -50.13 6.14
C ALA B 61 5.75 -50.93 5.96
N GLY B 62 5.26 -51.57 7.02
CA GLY B 62 4.01 -52.28 6.92
C GLY B 62 2.85 -51.36 6.58
N THR B 63 2.81 -50.19 7.23
CA THR B 63 1.73 -49.24 6.99
C THR B 63 1.67 -48.84 5.51
N PHE B 64 2.81 -48.48 4.93
CA PHE B 64 2.84 -48.08 3.53
C PHE B 64 2.56 -49.26 2.59
N ALA B 65 3.09 -50.43 2.90
CA ALA B 65 2.77 -51.61 2.09
C ALA B 65 1.27 -51.89 2.10
N ILE B 66 0.64 -51.83 3.27
CA ILE B 66 -0.76 -52.18 3.38
C ILE B 66 -1.62 -51.21 2.59
N LYS B 67 -1.41 -49.91 2.78
CA LYS B 67 -2.17 -48.92 2.01
C LYS B 67 -1.97 -49.10 0.51
N GLN B 68 -0.73 -49.40 0.10
CA GLN B 68 -0.47 -49.59 -1.33
C GLN B 68 -1.12 -50.87 -1.85
N ILE B 69 -1.02 -51.96 -1.09
CA ILE B 69 -1.66 -53.21 -1.49
C ILE B 69 -3.17 -53.01 -1.63
N LEU B 70 -3.82 -52.46 -0.59
CA LEU B 70 -5.26 -52.27 -0.62
C LEU B 70 -5.70 -51.33 -1.74
N ALA B 71 -4.87 -50.32 -2.07
CA ALA B 71 -5.23 -49.41 -3.16
C ALA B 71 -5.13 -50.08 -4.52
N GLU B 72 -4.11 -50.90 -4.72
CA GLU B 72 -3.88 -51.53 -6.00
C GLU B 72 -4.61 -52.85 -6.18
N HIS B 73 -4.96 -53.54 -5.11
CA HIS B 73 -5.68 -54.82 -5.18
C HIS B 73 -6.75 -54.83 -4.12
N PRO B 74 -7.84 -54.08 -4.33
CA PRO B 74 -8.80 -53.84 -3.24
C PRO B 74 -9.44 -55.08 -2.68
N ASP B 75 -9.48 -56.18 -3.45
CA ASP B 75 -10.12 -57.41 -3.02
C ASP B 75 -9.22 -58.27 -2.14
N ALA B 76 -7.90 -58.13 -2.26
CA ALA B 76 -6.99 -58.98 -1.53
C ALA B 76 -7.29 -58.95 -0.03
N GLU B 77 -7.15 -60.10 0.60
CA GLU B 77 -7.40 -60.21 2.03
C GLU B 77 -6.08 -59.99 2.75
N VAL B 78 -5.95 -58.85 3.41
CA VAL B 78 -4.71 -58.46 4.07
C VAL B 78 -4.90 -58.62 5.55
N THR B 79 -4.07 -59.45 6.16
CA THR B 79 -3.97 -59.58 7.61
C THR B 79 -2.61 -59.04 8.06
N VAL B 80 -2.62 -58.17 9.07
CA VAL B 80 -1.38 -57.62 9.60
C VAL B 80 -1.30 -57.93 11.09
N TYR B 81 -0.14 -58.41 11.52
CA TYR B 81 0.13 -58.68 12.92
C TYR B 81 1.17 -57.69 13.42
N GLU B 82 0.92 -57.10 14.59
CA GLU B 82 1.87 -56.18 15.19
C GLU B 82 1.88 -56.38 16.70
N ARG B 83 3.08 -56.51 17.28
CA ARG B 83 3.22 -56.74 18.72
C ARG B 83 2.65 -55.60 19.54
N ASN B 84 2.91 -54.37 19.12
CA ASN B 84 2.49 -53.21 19.90
C ASN B 84 0.99 -52.98 19.71
N ASP B 85 0.47 -51.97 20.40
CA ASP B 85 -0.91 -51.58 20.25
C ASP B 85 -1.07 -50.31 19.40
N VAL B 86 0.01 -49.83 18.81
CA VAL B 86 0.00 -48.65 17.93
C VAL B 86 0.76 -48.97 16.64
N ILE B 87 0.54 -48.12 15.64
CA ILE B 87 1.34 -48.14 14.41
C ILE B 87 1.72 -46.70 14.09
N SER B 88 2.70 -46.56 13.20
CA SER B 88 3.11 -45.29 12.58
C SER B 88 3.74 -44.30 13.57
N PHE B 89 4.26 -44.76 14.71
CA PHE B 89 4.96 -43.84 15.61
C PHE B 89 6.27 -43.36 14.98
N LEU B 90 6.44 -42.05 14.92
CA LEU B 90 7.66 -41.45 14.35
C LEU B 90 8.69 -41.34 15.47
N SER B 91 9.67 -42.26 15.48
CA SER B 91 10.66 -42.28 16.55
C SER B 91 11.52 -41.03 16.57
N CYS B 92 11.60 -40.31 15.44
CA CYS B 92 12.31 -39.04 15.43
C CYS B 92 11.73 -38.07 16.45
N GLY B 93 10.47 -38.25 16.83
CA GLY B 93 9.87 -37.33 17.77
C GLY B 93 10.34 -37.49 19.21
N ILE B 94 11.08 -38.56 19.51
CA ILE B 94 11.47 -38.77 20.90
C ILE B 94 12.42 -37.67 21.35
N ALA B 95 13.52 -37.48 20.60
CA ALA B 95 14.45 -36.43 20.96
C ALA B 95 13.76 -35.08 20.95
N LEU B 96 12.91 -34.84 19.96
CA LEU B 96 12.21 -33.57 19.89
C LEU B 96 11.33 -33.37 21.12
N TYR B 97 10.56 -34.38 21.53
CA TYR B 97 9.75 -34.25 22.73
C TYR B 97 10.64 -33.93 23.94
N LEU B 98 11.65 -34.77 24.20
CA LEU B 98 12.54 -34.53 25.33
C LEU B 98 13.17 -33.15 25.24
N GLY B 99 13.40 -32.63 24.04
CA GLY B 99 13.96 -31.29 23.91
C GLY B 99 12.97 -30.16 24.10
N GLY B 100 11.72 -30.48 24.42
CA GLY B 100 10.68 -29.48 24.55
C GLY B 100 10.13 -28.94 23.25
N LYS B 101 10.24 -29.69 22.16
CA LYS B 101 9.83 -29.20 20.85
C LYS B 101 8.52 -29.79 20.37
N VAL B 102 7.92 -30.72 21.10
CA VAL B 102 6.67 -31.34 20.70
C VAL B 102 5.63 -31.04 21.76
N ALA B 103 4.53 -30.41 21.35
CA ALA B 103 3.46 -30.08 22.29
C ALA B 103 2.59 -31.29 22.59
N ASP B 104 1.94 -31.83 21.56
CA ASP B 104 1.06 -32.98 21.71
C ASP B 104 1.69 -34.21 21.07
N PRO B 105 2.08 -35.22 21.85
CA PRO B 105 2.79 -36.36 21.27
C PRO B 105 1.90 -37.27 20.43
N GLN B 106 0.59 -37.06 20.40
CA GLN B 106 -0.24 -37.81 19.47
C GLN B 106 0.00 -37.38 18.04
N GLY B 107 0.52 -36.17 17.83
CA GLY B 107 0.93 -35.73 16.52
C GLY B 107 2.06 -36.55 15.91
N LEU B 108 2.74 -37.36 16.73
CA LEU B 108 3.83 -38.22 16.26
C LEU B 108 3.33 -39.51 15.62
N PHE B 109 2.01 -39.71 15.55
CA PHE B 109 1.40 -40.81 14.82
C PHE B 109 0.68 -40.24 13.59
N TYR B 110 0.91 -40.83 12.42
CA TYR B 110 0.24 -40.38 11.22
C TYR B 110 -0.87 -41.30 10.74
N SER B 111 -0.95 -42.52 11.27
CA SER B 111 -2.01 -43.47 10.91
C SER B 111 -2.50 -44.15 12.20
N SER B 112 -3.29 -45.21 12.05
CA SER B 112 -3.82 -45.91 13.21
C SER B 112 -4.35 -47.27 12.76
N PRO B 113 -4.46 -48.22 13.70
CA PRO B 113 -5.13 -49.49 13.38
C PRO B 113 -6.53 -49.29 12.83
N GLU B 114 -7.29 -48.35 13.40
CA GLU B 114 -8.65 -48.10 12.93
C GLU B 114 -8.66 -47.65 11.49
N GLU B 115 -7.69 -46.80 11.10
CA GLU B 115 -7.65 -46.34 9.73
C GLU B 115 -7.37 -47.50 8.77
N LEU B 116 -6.40 -48.34 9.10
CA LEU B 116 -6.13 -49.47 8.23
C LEU B 116 -7.32 -50.42 8.17
N GLN B 117 -7.99 -50.63 9.31
CA GLN B 117 -9.20 -51.45 9.33
C GLN B 117 -10.27 -50.84 8.43
N LYS B 118 -10.58 -49.56 8.65
CA LYS B 118 -11.53 -48.86 7.79
C LYS B 118 -11.18 -49.04 6.32
N LEU B 119 -9.90 -49.15 5.99
CA LEU B 119 -9.47 -49.31 4.60
C LEU B 119 -9.58 -50.74 4.10
N GLY B 120 -9.94 -51.69 4.96
CA GLY B 120 -10.17 -53.07 4.54
C GLY B 120 -9.19 -54.09 5.08
N ALA B 121 -8.22 -53.68 5.91
CA ALA B 121 -7.27 -54.63 6.48
C ALA B 121 -7.87 -55.35 7.66
N ASN B 122 -7.44 -56.59 7.84
CA ASN B 122 -7.73 -57.35 9.06
C ASN B 122 -6.60 -57.06 10.03
N VAL B 123 -6.83 -56.19 11.00
CA VAL B 123 -5.76 -55.65 11.82
C VAL B 123 -5.72 -56.42 13.14
N GLN B 124 -4.61 -57.12 13.37
CA GLN B 124 -4.42 -57.90 14.60
C GLN B 124 -3.27 -57.28 15.40
N MET B 125 -3.59 -56.21 16.12
CA MET B 125 -2.69 -55.63 17.10
C MET B 125 -2.46 -56.60 18.27
N ASN B 126 -1.42 -56.32 19.05
CA ASN B 126 -1.05 -57.14 20.21
C ASN B 126 -0.96 -58.62 19.85
N HIS B 127 -0.47 -58.90 18.64
CA HIS B 127 -0.19 -60.27 18.23
C HIS B 127 1.29 -60.38 17.92
N ASN B 128 1.87 -61.53 18.25
CA ASN B 128 3.29 -61.78 18.07
C ASN B 128 3.41 -62.99 17.15
N VAL B 129 4.00 -62.77 15.97
CA VAL B 129 4.26 -63.89 15.07
C VAL B 129 5.35 -64.75 15.67
N LEU B 130 5.05 -66.04 15.88
CA LEU B 130 5.99 -67.00 16.47
C LEU B 130 6.75 -67.80 15.44
N ALA B 131 6.17 -68.07 14.27
CA ALA B 131 6.83 -68.88 13.28
C ALA B 131 6.34 -68.52 11.88
N ILE B 132 7.19 -68.81 10.90
CA ILE B 132 6.84 -68.67 9.49
C ILE B 132 7.40 -69.90 8.81
N ASP B 133 6.55 -70.65 8.12
CA ASP B 133 6.99 -71.81 7.38
C ASP B 133 6.80 -71.53 5.90
N PRO B 134 7.84 -71.12 5.18
CA PRO B 134 7.64 -70.78 3.78
C PRO B 134 7.21 -71.96 2.93
N ASP B 135 7.70 -73.17 3.24
CA ASP B 135 7.36 -74.34 2.42
C ASP B 135 5.86 -74.60 2.42
N GLN B 136 5.24 -74.50 3.58
CA GLN B 136 3.80 -74.70 3.72
C GLN B 136 3.02 -73.40 3.56
N LYS B 137 3.71 -72.25 3.51
CA LYS B 137 3.08 -70.94 3.40
C LYS B 137 2.10 -70.72 4.55
N THR B 138 2.63 -70.86 5.75
CA THR B 138 1.88 -70.68 6.98
C THR B 138 2.63 -69.73 7.91
N VAL B 139 1.86 -69.09 8.78
CA VAL B 139 2.40 -68.30 9.87
C VAL B 139 1.68 -68.71 11.14
N THR B 140 2.43 -68.85 12.23
CA THR B 140 1.88 -69.17 13.53
C THR B 140 1.98 -67.96 14.44
N VAL B 141 0.87 -67.59 15.06
CA VAL B 141 0.76 -66.31 15.75
C VAL B 141 0.16 -66.50 17.13
N GLU B 142 0.59 -65.64 18.05
CA GLU B 142 0.12 -65.60 19.43
C GLU B 142 -0.60 -64.28 19.67
N ASP B 143 -1.84 -64.38 20.17
CA ASP B 143 -2.54 -63.24 20.74
C ASP B 143 -1.96 -62.96 22.12
N LEU B 144 -1.35 -61.79 22.30
CA LEU B 144 -0.65 -61.49 23.55
C LEU B 144 -1.60 -61.21 24.70
N THR B 145 -2.87 -60.95 24.43
CA THR B 145 -3.79 -60.66 25.52
C THR B 145 -4.25 -61.93 26.23
N ASN B 146 -4.30 -63.07 25.53
CA ASN B 146 -4.77 -64.30 26.15
C ASN B 146 -3.92 -65.53 25.81
N HIS B 147 -2.77 -65.36 25.17
CA HIS B 147 -1.82 -66.40 24.78
C HIS B 147 -2.36 -67.34 23.70
N ALA B 148 -3.56 -67.08 23.17
CA ALA B 148 -4.14 -67.98 22.18
C ALA B 148 -3.31 -68.00 20.91
N GLN B 149 -2.91 -69.18 20.49
CA GLN B 149 -2.17 -69.36 19.25
C GLN B 149 -3.10 -69.82 18.14
N THR B 150 -2.78 -69.38 16.92
CA THR B 150 -3.47 -69.77 15.70
C THR B 150 -2.43 -69.93 14.60
N THR B 151 -2.77 -70.71 13.59
CA THR B 151 -1.93 -70.86 12.40
C THR B 151 -2.77 -70.48 11.19
N GLU B 152 -2.17 -69.70 10.28
CA GLU B 152 -2.88 -69.16 9.13
C GLU B 152 -2.05 -69.35 7.87
N SER B 153 -2.75 -69.51 6.76
CA SER B 153 -2.13 -69.69 5.47
C SER B 153 -2.03 -68.35 4.76
N TYR B 154 -1.03 -68.22 3.90
CA TYR B 154 -0.86 -67.00 3.14
C TYR B 154 -0.49 -67.35 1.71
N ASP B 155 -0.88 -66.47 0.79
CA ASP B 155 -0.35 -66.50 -0.57
C ASP B 155 0.91 -65.64 -0.72
N LYS B 156 0.94 -64.48 -0.07
CA LYS B 156 2.11 -63.62 -0.04
C LYS B 156 2.35 -63.17 1.39
N LEU B 157 3.62 -63.08 1.77
CA LEU B 157 3.99 -62.60 3.10
C LEU B 157 4.88 -61.37 2.97
N VAL B 158 4.59 -60.35 3.76
CA VAL B 158 5.32 -59.08 3.72
C VAL B 158 6.09 -58.98 5.02
N MET B 159 7.41 -59.10 4.96
CA MET B 159 8.25 -59.10 6.15
C MET B 159 8.64 -57.66 6.48
N THR B 160 7.80 -56.98 7.26
CA THR B 160 8.10 -55.61 7.67
C THR B 160 8.28 -55.56 9.17
N SER B 161 9.13 -56.45 9.68
CA SER B 161 9.37 -56.66 11.10
C SER B 161 10.45 -55.76 11.65
N GLY B 162 11.12 -55.00 10.78
CA GLY B 162 11.92 -53.90 11.27
C GLY B 162 13.15 -54.36 12.00
N SER B 163 13.45 -53.66 13.08
CA SER B 163 14.72 -53.87 13.76
C SER B 163 14.52 -53.70 15.24
N TRP B 164 15.56 -54.04 15.99
CA TRP B 164 15.58 -53.87 17.43
C TRP B 164 16.94 -53.31 17.82
N PRO B 165 16.99 -52.46 18.85
CA PRO B 165 18.29 -51.94 19.28
C PRO B 165 19.26 -53.06 19.64
N ILE B 166 20.54 -52.84 19.32
CA ILE B 166 21.59 -53.78 19.72
C ILE B 166 21.76 -53.70 21.22
N VAL B 167 21.71 -54.85 21.88
CA VAL B 167 21.93 -54.92 23.32
C VAL B 167 23.05 -55.94 23.57
N PRO B 168 24.23 -55.50 23.96
CA PRO B 168 25.35 -56.42 24.16
C PRO B 168 25.26 -57.14 25.50
N LYS B 169 25.95 -58.27 25.58
CA LYS B 169 26.00 -59.13 26.77
C LYS B 169 27.00 -58.52 27.76
N ILE B 170 26.50 -57.63 28.61
CA ILE B 170 27.37 -56.90 29.53
C ILE B 170 26.83 -57.07 30.95
N PRO B 171 27.69 -57.26 31.95
CA PRO B 171 27.22 -57.34 33.34
C PRO B 171 26.45 -56.09 33.75
N GLY B 172 25.23 -56.30 34.22
CA GLY B 172 24.43 -55.22 34.77
C GLY B 172 23.55 -54.50 33.78
N ILE B 173 23.50 -54.94 32.53
CA ILE B 173 22.76 -54.20 31.51
C ILE B 173 21.25 -54.34 31.70
N ASP B 174 20.81 -55.25 32.56
CA ASP B 174 19.40 -55.41 32.89
C ASP B 174 18.91 -54.38 33.90
N SER B 175 19.77 -53.49 34.36
CA SER B 175 19.35 -52.50 35.35
C SER B 175 18.15 -51.71 34.85
N ASP B 176 17.27 -51.34 35.79
CA ASP B 176 16.16 -50.45 35.47
C ASP B 176 16.63 -49.08 35.01
N ARG B 177 17.90 -48.74 35.24
CA ARG B 177 18.45 -47.46 34.86
C ARG B 177 19.13 -47.47 33.50
N VAL B 178 19.08 -48.59 32.78
CA VAL B 178 19.52 -48.68 31.39
C VAL B 178 18.26 -48.82 30.53
N LYS B 179 18.04 -47.84 29.65
CA LYS B 179 16.80 -47.76 28.86
C LYS B 179 17.08 -47.79 27.36
N LEU B 180 16.14 -48.36 26.62
CA LEU B 180 16.18 -48.31 25.17
C LEU B 180 15.50 -47.05 24.66
N CYS B 181 15.73 -46.73 23.38
CA CYS B 181 15.14 -45.53 22.80
C CYS B 181 14.76 -45.86 21.37
N LYS B 182 13.71 -46.66 21.22
CA LYS B 182 13.21 -46.97 19.89
C LYS B 182 11.75 -46.61 19.71
N ASN B 183 10.84 -47.25 20.47
CA ASN B 183 9.42 -47.19 20.13
C ASN B 183 8.63 -46.32 21.10
N TRP B 184 7.29 -46.34 20.94
CA TRP B 184 6.44 -45.47 21.75
C TRP B 184 6.46 -45.86 23.22
N ALA B 185 6.55 -47.17 23.51
CA ALA B 185 6.73 -47.58 24.90
C ALA B 185 7.99 -46.95 25.50
N HIS B 186 9.12 -47.07 24.78
CA HIS B 186 10.37 -46.50 25.26
C HIS B 186 10.24 -45.00 25.47
N ALA B 187 9.57 -44.32 24.54
CA ALA B 187 9.46 -42.86 24.62
C ALA B 187 8.75 -42.45 25.90
N GLN B 188 7.59 -43.05 26.16
CA GLN B 188 6.84 -42.73 27.37
C GLN B 188 7.68 -42.98 28.63
N ALA B 189 8.43 -44.08 28.68
CA ALA B 189 9.29 -44.30 29.84
C ALA B 189 10.32 -43.18 29.97
N LEU B 190 10.94 -42.77 28.87
CA LEU B 190 11.92 -41.68 28.94
C LEU B 190 11.26 -40.37 29.36
N ILE B 191 10.06 -40.09 28.86
CA ILE B 191 9.39 -38.84 29.20
C ILE B 191 9.20 -38.72 30.71
N GLU B 192 8.81 -39.83 31.36
CA GLU B 192 8.66 -39.81 32.82
C GLU B 192 10.00 -39.63 33.51
N ASP B 193 10.97 -40.48 33.20
CA ASP B 193 12.23 -40.51 33.95
C ASP B 193 13.06 -39.25 33.76
N ALA B 194 12.90 -38.52 32.66
CA ALA B 194 13.71 -37.32 32.45
C ALA B 194 13.45 -36.25 33.49
N LYS B 195 12.29 -36.32 34.17
CA LYS B 195 11.93 -35.27 35.11
C LYS B 195 12.91 -35.23 36.28
N GLU B 196 13.32 -36.40 36.77
CA GLU B 196 14.14 -36.48 37.97
C GLU B 196 15.61 -36.70 37.69
N ALA B 197 15.96 -37.38 36.59
CA ALA B 197 17.33 -37.78 36.34
C ALA B 197 18.14 -36.58 35.86
N LYS B 198 18.98 -36.03 36.74
CA LYS B 198 19.83 -34.90 36.35
C LYS B 198 21.04 -35.33 35.53
N ARG B 199 21.56 -36.53 35.77
CA ARG B 199 22.74 -37.02 35.09
C ARG B 199 22.34 -38.11 34.11
N ILE B 200 22.60 -37.86 32.82
CA ILE B 200 22.22 -38.75 31.73
C ILE B 200 23.48 -39.19 31.01
N THR B 201 23.65 -40.49 30.82
CA THR B 201 24.74 -40.98 29.99
C THR B 201 24.13 -41.62 28.75
N VAL B 202 24.51 -41.11 27.58
CA VAL B 202 24.05 -41.63 26.31
C VAL B 202 25.13 -42.56 25.79
N ILE B 203 24.79 -43.83 25.59
CA ILE B 203 25.77 -44.82 25.14
C ILE B 203 25.56 -45.03 23.64
N GLY B 204 26.48 -44.48 22.85
CA GLY B 204 26.38 -44.50 21.41
C GLY B 204 26.23 -43.09 20.87
N ALA B 205 27.16 -42.65 20.04
CA ALA B 205 27.16 -41.31 19.47
C ALA B 205 26.86 -41.34 17.97
N GLY B 206 25.95 -42.22 17.56
CA GLY B 206 25.31 -42.15 16.27
C GLY B 206 24.25 -41.05 16.26
N TYR B 207 23.33 -41.17 15.30
CA TYR B 207 22.28 -40.16 15.16
C TYR B 207 21.39 -40.11 16.39
N ILE B 208 20.92 -41.25 16.87
CA ILE B 208 20.04 -41.23 18.04
C ILE B 208 20.77 -40.59 19.21
N GLY B 209 21.96 -41.11 19.53
CA GLY B 209 22.70 -40.59 20.65
C GLY B 209 23.02 -39.13 20.50
N ALA B 210 23.48 -38.73 19.31
CA ALA B 210 23.77 -37.32 19.09
C ALA B 210 22.56 -36.45 19.37
N GLU B 211 21.37 -36.85 18.88
CA GLU B 211 20.18 -36.03 19.08
C GLU B 211 19.73 -36.04 20.54
N LEU B 212 19.81 -37.21 21.20
CA LEU B 212 19.45 -37.27 22.61
C LEU B 212 20.35 -36.36 23.43
N ALA B 213 21.65 -36.46 23.22
CA ALA B 213 22.60 -35.67 23.99
C ALA B 213 22.30 -34.19 23.86
N GLU B 214 22.02 -33.74 22.63
CA GLU B 214 21.67 -32.34 22.43
C GLU B 214 20.35 -31.99 23.12
N ALA B 215 19.34 -32.86 23.00
CA ALA B 215 18.05 -32.57 23.62
C ALA B 215 18.18 -32.49 25.14
N TYR B 216 18.94 -33.41 25.76
CA TYR B 216 19.09 -33.36 27.20
C TYR B 216 19.97 -32.20 27.62
N SER B 217 21.01 -31.88 26.84
CA SER B 217 21.88 -30.79 27.23
C SER B 217 21.16 -29.45 27.19
N THR B 218 20.20 -29.26 26.28
CA THR B 218 19.54 -27.98 26.20
C THR B 218 18.39 -27.85 27.19
N THR B 219 18.04 -28.91 27.90
CA THR B 219 16.98 -28.84 28.90
C THR B 219 17.52 -29.01 30.30
N GLY B 220 18.81 -28.75 30.51
CA GLY B 220 19.37 -28.62 31.85
C GLY B 220 19.90 -29.88 32.50
N HIS B 221 20.27 -30.90 31.73
CA HIS B 221 20.83 -32.11 32.29
C HIS B 221 22.36 -32.12 32.17
N ASP B 222 22.99 -32.94 32.99
CA ASP B 222 24.42 -33.23 32.90
C ASP B 222 24.59 -34.45 32.00
N VAL B 223 25.04 -34.23 30.77
CA VAL B 223 25.08 -35.26 29.75
C VAL B 223 26.52 -35.73 29.56
N THR B 224 26.70 -37.04 29.54
CA THR B 224 27.93 -37.67 29.08
C THR B 224 27.60 -38.51 27.86
N LEU B 225 28.36 -38.33 26.78
CA LEU B 225 28.12 -39.02 25.53
C LEU B 225 29.30 -39.95 25.24
N ILE B 226 29.02 -41.26 25.18
CA ILE B 226 30.02 -42.30 24.99
C ILE B 226 29.90 -42.88 23.59
N ASP B 227 31.03 -43.11 22.94
CA ASP B 227 31.03 -43.92 21.73
C ASP B 227 32.28 -44.78 21.73
N ALA B 228 32.14 -45.98 21.16
CA ALA B 228 33.30 -46.84 21.01
C ALA B 228 34.30 -46.26 20.01
N MET B 229 33.82 -45.46 19.07
CA MET B 229 34.69 -44.87 18.06
C MET B 229 35.24 -43.55 18.55
N ALA B 230 36.30 -43.11 17.90
CA ALA B 230 37.05 -41.94 18.32
C ALA B 230 36.34 -40.63 18.02
N ARG B 231 35.24 -40.66 17.27
CA ARG B 231 34.53 -39.46 16.85
C ARG B 231 33.03 -39.67 17.05
N VAL B 232 32.29 -38.57 17.21
CA VAL B 232 30.84 -38.67 17.16
C VAL B 232 30.41 -38.84 15.70
N MET B 233 29.28 -39.54 15.52
CA MET B 233 28.66 -39.77 14.22
C MET B 233 29.71 -40.13 13.16
N PRO B 234 30.60 -41.09 13.44
CA PRO B 234 31.67 -41.38 12.48
C PRO B 234 31.17 -41.94 11.16
N LYS B 235 30.05 -42.65 11.16
CA LYS B 235 29.52 -43.22 9.90
C LYS B 235 29.08 -42.15 8.90
N TYR B 236 28.73 -40.96 9.38
CA TYR B 236 27.95 -40.05 8.55
C TYR B 236 28.75 -38.86 8.04
N PHE B 237 29.76 -38.40 8.76
CA PHE B 237 30.52 -37.22 8.37
C PHE B 237 32.01 -37.47 8.59
N ASP B 238 32.83 -36.76 7.81
CA ASP B 238 34.27 -36.80 7.99
C ASP B 238 34.69 -35.91 9.16
N ALA B 239 35.96 -36.01 9.53
CA ALA B 239 36.44 -35.40 10.78
C ALA B 239 36.35 -33.88 10.77
N ASP B 240 36.49 -33.23 9.60
CA ASP B 240 36.33 -31.77 9.60
C ASP B 240 34.96 -31.35 10.10
N PHE B 241 33.92 -32.16 9.82
CA PHE B 241 32.61 -31.84 10.35
C PHE B 241 32.49 -32.20 11.83
N THR B 242 32.88 -33.43 12.20
CA THR B 242 32.65 -33.88 13.57
C THR B 242 33.54 -33.16 14.57
N ASP B 243 34.72 -32.67 14.13
CA ASP B 243 35.50 -31.80 15.02
C ASP B 243 34.68 -30.60 15.45
N VAL B 244 33.92 -30.04 14.52
CA VAL B 244 33.10 -28.88 14.84
C VAL B 244 31.95 -29.26 15.75
N ILE B 245 31.29 -30.39 15.47
CA ILE B 245 30.17 -30.82 16.31
C ILE B 245 30.65 -31.13 17.72
N GLU B 246 31.77 -31.85 17.83
CA GLU B 246 32.31 -32.18 19.16
C GLU B 246 32.63 -30.92 19.95
N GLN B 247 33.21 -29.91 19.30
CA GLN B 247 33.44 -28.65 20.01
C GLN B 247 32.13 -28.02 20.45
N ASP B 248 31.10 -28.09 19.59
CA ASP B 248 29.76 -27.65 19.98
C ASP B 248 29.29 -28.35 21.24
N TYR B 249 29.46 -29.68 21.32
CA TYR B 249 29.02 -30.39 22.51
C TYR B 249 29.77 -29.90 23.75
N ARG B 250 31.08 -29.74 23.63
CA ARG B 250 31.86 -29.23 24.76
C ARG B 250 31.39 -27.85 25.19
N ASP B 251 31.26 -26.94 24.23
CA ASP B 251 30.80 -25.58 24.54
C ASP B 251 29.48 -25.57 25.30
N HIS B 252 28.65 -26.59 25.11
CA HIS B 252 27.36 -26.71 25.78
C HIS B 252 27.43 -27.60 27.01
N GLY B 253 28.63 -27.89 27.51
CA GLY B 253 28.77 -28.64 28.75
C GLY B 253 28.51 -30.12 28.65
N VAL B 254 28.49 -30.69 27.47
CA VAL B 254 28.36 -32.14 27.33
C VAL B 254 29.74 -32.76 27.50
N GLN B 255 29.82 -33.83 28.29
CA GLN B 255 31.09 -34.51 28.50
C GLN B 255 31.24 -35.62 27.47
N LEU B 256 32.30 -35.56 26.67
CA LEU B 256 32.54 -36.56 25.64
C LEU B 256 33.43 -37.67 26.17
N ALA B 257 33.04 -38.91 25.87
CA ALA B 257 33.79 -40.10 26.27
C ALA B 257 33.96 -40.97 25.03
N LEU B 258 34.73 -40.48 24.08
CA LEU B 258 34.90 -41.12 22.79
C LEU B 258 36.03 -42.15 22.86
N GLY B 259 35.89 -43.21 22.07
CA GLY B 259 36.87 -44.28 22.13
C GLY B 259 36.75 -45.13 23.39
N GLU B 260 35.56 -45.30 23.93
CA GLU B 260 35.37 -46.05 25.16
C GLU B 260 34.21 -47.03 24.98
N THR B 261 34.35 -48.21 25.58
CA THR B 261 33.30 -49.22 25.57
C THR B 261 32.93 -49.60 27.00
N VAL B 262 31.63 -49.71 27.26
CA VAL B 262 31.16 -50.01 28.60
C VAL B 262 31.51 -51.46 28.94
N GLU B 263 32.13 -51.66 30.10
CA GLU B 263 32.43 -53.00 30.59
C GLU B 263 31.37 -53.53 31.55
N SER B 264 30.76 -52.67 32.35
CA SER B 264 29.80 -53.12 33.34
C SER B 264 28.94 -51.94 33.78
N PHE B 265 27.69 -52.25 34.14
CA PHE B 265 26.81 -51.35 34.86
C PHE B 265 26.67 -51.87 36.27
N THR B 266 26.90 -51.01 37.27
CA THR B 266 26.82 -51.42 38.67
C THR B 266 26.00 -50.41 39.44
N ASP B 267 24.86 -50.84 39.97
CA ASP B 267 24.08 -49.94 40.80
C ASP B 267 24.89 -49.57 42.05
N SER B 268 24.88 -48.29 42.39
CA SER B 268 25.64 -47.77 43.51
C SER B 268 24.72 -46.92 44.38
N ALA B 269 25.26 -46.45 45.51
CA ALA B 269 24.41 -45.85 46.53
C ALA B 269 23.63 -44.66 45.99
N THR B 270 24.25 -43.89 45.09
CA THR B 270 23.70 -42.61 44.66
C THR B 270 23.48 -42.54 43.15
N GLY B 271 23.37 -43.68 42.49
CA GLY B 271 23.16 -43.71 41.06
C GLY B 271 23.71 -44.99 40.48
N LEU B 272 23.95 -44.96 39.16
CA LEU B 272 24.46 -46.10 38.43
C LEU B 272 25.88 -45.81 37.96
N THR B 273 26.76 -46.79 38.14
CA THR B 273 28.16 -46.65 37.80
C THR B 273 28.41 -47.37 36.48
N ILE B 274 28.76 -46.57 35.46
CA ILE B 274 29.16 -47.08 34.16
C ILE B 274 30.67 -47.20 34.14
N LYS B 275 31.17 -48.42 33.99
CA LYS B 275 32.60 -48.69 33.92
C LYS B 275 32.99 -48.90 32.46
N THR B 276 33.92 -48.10 31.97
CA THR B 276 34.49 -48.30 30.64
C THR B 276 35.95 -48.72 30.80
N ASP B 277 36.57 -49.05 29.66
CA ASP B 277 37.97 -49.45 29.69
C ASP B 277 38.92 -48.31 29.99
N LYS B 278 38.42 -47.08 30.09
CA LYS B 278 39.27 -45.93 30.33
C LYS B 278 38.75 -45.00 31.42
N ASN B 279 37.63 -45.32 32.07
CA ASN B 279 37.08 -44.37 33.02
C ASN B 279 35.84 -44.93 33.71
N SER B 280 35.27 -44.15 34.63
CA SER B 280 34.02 -44.51 35.27
C SER B 280 33.15 -43.28 35.45
N TYR B 281 31.85 -43.47 35.26
CA TYR B 281 30.89 -42.38 35.25
C TYR B 281 29.71 -42.74 36.13
N GLU B 282 29.25 -41.76 36.90
CA GLU B 282 28.07 -41.92 37.74
C GLU B 282 26.90 -41.22 37.08
N THR B 283 25.82 -41.96 36.86
CA THR B 283 24.67 -41.39 36.16
C THR B 283 23.38 -41.83 36.82
N ASP B 284 22.32 -41.04 36.58
CA ASP B 284 20.97 -41.39 36.99
C ASP B 284 20.21 -42.14 35.92
N LEU B 285 20.64 -42.07 34.66
CA LEU B 285 19.99 -42.79 33.59
C LEU B 285 20.98 -43.02 32.46
N ALA B 286 21.08 -44.26 31.99
CA ALA B 286 21.85 -44.62 30.82
C ALA B 286 20.88 -44.97 29.70
N ILE B 287 21.15 -44.45 28.50
CA ILE B 287 20.37 -44.77 27.32
C ILE B 287 21.28 -45.52 26.36
N LEU B 288 20.84 -46.69 25.93
CA LEU B 288 21.62 -47.59 25.07
C LEU B 288 21.15 -47.38 23.64
N CYS B 289 21.97 -46.71 22.83
CA CYS B 289 21.62 -46.48 21.44
C CYS B 289 22.88 -46.69 20.60
N ILE B 290 23.27 -47.96 20.46
CA ILE B 290 24.49 -48.32 19.74
C ILE B 290 24.17 -49.06 18.46
N GLY B 291 23.05 -48.74 17.82
CA GLY B 291 22.73 -49.28 16.51
C GLY B 291 21.52 -50.19 16.52
N PHE B 292 21.15 -50.62 15.32
CA PHE B 292 19.99 -51.46 15.07
C PHE B 292 20.43 -52.84 14.59
N ARG B 293 19.65 -53.84 14.97
CA ARG B 293 19.79 -55.19 14.48
C ARG B 293 18.51 -55.57 13.73
N PRO B 294 18.60 -56.11 12.51
CA PRO B 294 17.37 -56.52 11.80
C PRO B 294 16.63 -57.58 12.62
N ASN B 295 15.33 -57.37 12.81
CA ASN B 295 14.53 -58.28 13.63
C ASN B 295 13.93 -59.37 12.73
N THR B 296 14.82 -60.25 12.28
CA THR B 296 14.50 -61.18 11.21
C THR B 296 14.66 -62.65 11.60
N ASP B 297 14.71 -62.97 12.89
CA ASP B 297 15.00 -64.36 13.25
C ASP B 297 13.92 -65.33 12.77
N LEU B 298 12.69 -64.86 12.61
CA LEU B 298 11.64 -65.74 12.09
C LEU B 298 12.02 -66.38 10.77
N LEU B 299 12.86 -65.73 9.96
CA LEU B 299 13.24 -66.26 8.66
C LEU B 299 14.70 -66.64 8.55
N LYS B 300 15.43 -66.66 9.66
CA LYS B 300 16.83 -67.06 9.60
C LYS B 300 16.92 -68.49 9.11
N GLY B 301 17.84 -68.76 8.18
CA GLY B 301 17.91 -70.03 7.51
C GLY B 301 16.95 -70.21 6.35
N LYS B 302 15.92 -69.37 6.24
CA LYS B 302 14.87 -69.59 5.25
C LYS B 302 14.92 -68.65 4.05
N VAL B 303 15.66 -67.54 4.13
CA VAL B 303 15.86 -66.66 2.97
C VAL B 303 17.26 -66.07 3.07
N ASP B 304 17.83 -65.76 1.92
CA ASP B 304 19.17 -65.18 1.89
C ASP B 304 19.22 -63.93 2.76
N MET B 305 20.28 -63.81 3.56
CA MET B 305 20.46 -62.69 4.46
C MET B 305 21.90 -62.19 4.40
N ALA B 306 22.06 -60.89 4.67
CA ALA B 306 23.38 -60.34 4.92
C ALA B 306 23.92 -60.93 6.22
N PRO B 307 25.20 -60.70 6.52
CA PRO B 307 25.77 -61.30 7.73
C PRO B 307 25.07 -60.89 9.02
N ASN B 308 24.45 -59.71 9.05
CA ASN B 308 23.75 -59.25 10.24
C ASN B 308 22.28 -59.64 10.25
N GLY B 309 21.81 -60.35 9.24
CA GLY B 309 20.43 -60.80 9.23
C GLY B 309 19.49 -59.97 8.38
N ALA B 310 20.00 -58.90 7.75
CA ALA B 310 19.15 -58.13 6.85
C ALA B 310 18.76 -58.98 5.66
N ILE B 311 17.47 -58.97 5.33
CA ILE B 311 16.97 -59.75 4.21
C ILE B 311 17.42 -59.14 2.90
N ILE B 312 18.06 -59.95 2.05
CA ILE B 312 18.44 -59.52 0.71
C ILE B 312 17.22 -59.58 -0.21
N THR B 313 17.04 -58.54 -1.04
CA THR B 313 15.92 -58.51 -1.96
C THR B 313 16.44 -58.26 -3.37
N ASP B 314 15.60 -58.59 -4.35
CA ASP B 314 15.86 -58.20 -5.72
C ASP B 314 15.37 -56.76 -5.91
N ASP B 315 15.42 -56.26 -7.14
CA ASP B 315 14.95 -54.90 -7.40
C ASP B 315 13.46 -54.73 -7.21
N TYR B 316 12.72 -55.78 -6.88
CA TYR B 316 11.30 -55.63 -6.65
C TYR B 316 10.93 -55.84 -5.19
N MET B 317 11.94 -55.91 -4.31
CA MET B 317 11.77 -56.11 -2.88
C MET B 317 11.35 -57.55 -2.55
N ARG B 318 11.57 -58.48 -3.47
CA ARG B 318 11.32 -59.90 -3.23
C ARG B 318 12.55 -60.55 -2.62
N SER B 319 12.36 -61.28 -1.52
CA SER B 319 13.42 -62.10 -0.96
C SER B 319 13.73 -63.28 -1.87
N SER B 320 14.73 -64.08 -1.48
CA SER B 320 15.03 -65.29 -2.25
C SER B 320 13.85 -66.26 -2.29
N ASN B 321 12.85 -66.10 -1.42
CA ASN B 321 11.60 -66.84 -1.53
C ASN B 321 10.57 -65.99 -2.27
N PRO B 322 10.16 -66.38 -3.48
CA PRO B 322 9.39 -65.48 -4.33
C PRO B 322 8.01 -65.10 -3.81
N ASP B 323 7.56 -65.63 -2.68
CA ASP B 323 6.30 -65.21 -2.09
C ASP B 323 6.49 -64.40 -0.83
N ILE B 324 7.74 -64.10 -0.45
CA ILE B 324 8.03 -63.33 0.75
C ILE B 324 8.73 -62.05 0.33
N PHE B 325 8.09 -60.92 0.60
CA PHE B 325 8.66 -59.60 0.38
C PHE B 325 9.18 -59.04 1.70
N ALA B 326 10.15 -58.14 1.59
CA ALA B 326 10.70 -57.43 2.74
C ALA B 326 10.82 -55.94 2.42
N ALA B 327 10.52 -55.10 3.39
CA ALA B 327 10.63 -53.65 3.25
C ALA B 327 10.98 -53.09 4.62
N GLY B 328 11.79 -52.04 4.64
CA GLY B 328 12.10 -51.36 5.88
C GLY B 328 13.31 -51.93 6.58
N ASP B 329 13.38 -51.73 7.90
CA ASP B 329 14.59 -52.09 8.63
C ASP B 329 14.83 -53.60 8.70
N SER B 330 13.93 -54.42 8.18
CA SER B 330 14.20 -55.85 8.07
C SER B 330 15.04 -56.17 6.84
N ALA B 331 15.15 -55.22 5.91
CA ALA B 331 15.75 -55.45 4.61
C ALA B 331 17.06 -54.67 4.47
N ALA B 332 17.97 -55.24 3.68
CA ALA B 332 19.12 -54.49 3.21
C ALA B 332 18.67 -53.49 2.15
N VAL B 333 19.45 -52.43 1.99
CA VAL B 333 19.24 -51.49 0.90
C VAL B 333 20.21 -51.82 -0.22
N HIS B 334 19.88 -51.39 -1.44
CA HIS B 334 20.84 -51.36 -2.54
C HIS B 334 21.52 -50.00 -2.51
N TYR B 335 22.80 -49.99 -2.12
CA TYR B 335 23.53 -48.75 -1.88
C TYR B 335 24.22 -48.32 -3.17
N ASN B 336 23.70 -47.28 -3.82
CA ASN B 336 24.16 -46.93 -5.17
C ASN B 336 25.63 -46.56 -5.24
N PRO B 337 26.23 -45.83 -4.29
CA PRO B 337 27.64 -45.45 -4.48
C PRO B 337 28.59 -46.63 -4.59
N THR B 338 28.29 -47.76 -3.96
CA THR B 338 29.13 -48.95 -4.11
C THR B 338 28.47 -50.04 -4.94
N HIS B 339 27.19 -49.90 -5.27
CA HIS B 339 26.43 -50.93 -5.97
C HIS B 339 26.48 -52.26 -5.22
N GLN B 340 26.28 -52.19 -3.90
CA GLN B 340 26.28 -53.35 -3.05
C GLN B 340 25.16 -53.23 -2.02
N ASN B 341 24.73 -54.38 -1.50
CA ASN B 341 23.81 -54.39 -0.38
C ASN B 341 24.46 -53.80 0.85
N ALA B 342 23.68 -53.07 1.64
CA ALA B 342 24.16 -52.54 2.91
C ALA B 342 22.99 -52.45 3.88
N TYR B 343 23.31 -52.16 5.13
CA TYR B 343 22.30 -51.98 6.18
C TYR B 343 22.47 -50.59 6.77
N ILE B 344 21.62 -49.67 6.33
CA ILE B 344 21.62 -48.30 6.81
C ILE B 344 20.16 -47.96 7.06
N PRO B 345 19.58 -48.39 8.19
CA PRO B 345 18.13 -48.25 8.40
C PRO B 345 17.73 -46.79 8.60
N LEU B 346 16.81 -46.34 7.74
CA LEU B 346 16.29 -44.99 7.77
C LEU B 346 14.81 -45.07 7.43
N ALA B 347 14.00 -44.20 8.02
CA ALA B 347 12.58 -44.23 7.69
C ALA B 347 12.36 -44.04 6.19
N THR B 348 13.24 -43.33 5.51
CA THR B 348 13.07 -43.08 4.08
C THR B 348 12.99 -44.39 3.31
N ASN B 349 13.76 -45.39 3.73
CA ASN B 349 13.71 -46.71 3.09
C ASN B 349 12.38 -47.40 3.33
N ALA B 350 11.84 -47.26 4.53
CA ALA B 350 10.62 -47.97 4.88
C ALA B 350 9.46 -47.47 4.03
N VAL B 351 9.30 -46.15 3.94
CA VAL B 351 8.17 -45.62 3.19
C VAL B 351 8.29 -46.00 1.72
N ARG B 352 9.52 -45.98 1.19
CA ARG B 352 9.69 -46.28 -0.23
C ARG B 352 9.50 -47.76 -0.52
N GLN B 353 10.17 -48.62 0.23
CA GLN B 353 10.10 -50.05 -0.01
C GLN B 353 8.70 -50.60 0.27
N GLY B 354 8.03 -50.04 1.29
CA GLY B 354 6.64 -50.41 1.51
C GLY B 354 5.79 -50.18 0.28
N ILE B 355 5.90 -48.99 -0.31
CA ILE B 355 5.18 -48.70 -1.55
C ILE B 355 5.54 -49.73 -2.61
N LEU B 356 6.83 -50.01 -2.77
CA LEU B 356 7.25 -50.89 -3.85
C LEU B 356 6.70 -52.30 -3.66
N VAL B 357 6.70 -52.80 -2.42
CA VAL B 357 6.05 -54.08 -2.12
C VAL B 357 4.64 -54.07 -2.67
N GLY B 358 3.87 -53.04 -2.35
CA GLY B 358 2.50 -52.94 -2.83
C GLY B 358 2.41 -52.98 -4.35
N LYS B 359 3.35 -52.33 -5.03
CA LYS B 359 3.27 -52.27 -6.48
C LYS B 359 3.75 -53.56 -7.14
N ASN B 360 4.58 -54.35 -6.46
CA ASN B 360 5.19 -55.53 -7.03
C ASN B 360 4.62 -56.82 -6.48
N LEU B 361 3.55 -56.76 -5.69
CA LEU B 361 3.07 -57.94 -4.99
C LEU B 361 2.70 -59.06 -5.96
N VAL B 362 2.05 -58.71 -7.06
CA VAL B 362 1.57 -59.69 -8.05
C VAL B 362 2.59 -59.94 -9.15
N LYS B 363 3.08 -58.88 -9.79
CA LYS B 363 4.11 -59.03 -10.82
C LYS B 363 5.06 -57.84 -10.75
N PRO B 364 6.30 -58.01 -11.20
CA PRO B 364 7.28 -56.92 -11.14
C PRO B 364 6.82 -55.71 -11.91
N THR B 365 6.57 -54.61 -11.22
CA THR B 365 6.02 -53.41 -11.84
C THR B 365 6.94 -52.21 -11.76
N VAL B 366 7.49 -51.92 -10.57
CA VAL B 366 8.33 -50.74 -10.38
C VAL B 366 9.64 -51.20 -9.76
N LYS B 367 10.75 -50.91 -10.42
CA LYS B 367 12.06 -51.26 -9.87
C LYS B 367 12.47 -50.31 -8.76
N TYR B 368 13.17 -50.87 -7.78
CA TYR B 368 13.77 -50.10 -6.70
C TYR B 368 14.97 -49.32 -7.24
N MET B 369 15.03 -48.02 -6.97
CA MET B 369 16.10 -47.16 -7.47
C MET B 369 17.35 -47.18 -6.60
N GLY B 370 17.38 -47.99 -5.53
CA GLY B 370 18.50 -47.92 -4.60
C GLY B 370 18.47 -46.65 -3.76
N THR B 371 19.58 -46.37 -3.08
CA THR B 371 19.62 -45.22 -2.21
C THR B 371 21.06 -44.73 -2.06
N GLN B 372 21.17 -43.46 -1.71
CA GLN B 372 22.41 -42.81 -1.33
C GLN B 372 22.55 -42.71 0.18
N SER B 373 21.55 -43.21 0.93
CA SER B 373 21.46 -43.04 2.36
C SER B 373 21.62 -41.58 2.77
N SER B 374 20.96 -40.68 2.04
CA SER B 374 20.96 -39.28 2.44
C SER B 374 20.43 -39.15 3.85
N SER B 375 21.10 -38.36 4.69
CA SER B 375 20.65 -38.24 6.06
C SER B 375 21.19 -36.94 6.66
N GLY B 376 20.55 -36.51 7.74
CA GLY B 376 21.04 -35.31 8.40
C GLY B 376 20.22 -34.96 9.62
N LEU B 377 20.64 -33.91 10.29
CA LEU B 377 19.97 -33.53 11.53
C LEU B 377 20.29 -32.08 11.84
N ALA B 378 19.64 -31.58 12.89
CA ALA B 378 19.92 -30.26 13.41
C ALA B 378 20.47 -30.42 14.82
N LEU B 379 21.59 -29.76 15.09
CA LEU B 379 22.23 -29.78 16.40
C LEU B 379 22.64 -28.36 16.73
N TYR B 380 22.15 -27.84 17.85
CA TYR B 380 22.54 -26.50 18.33
C TYR B 380 22.53 -25.46 17.22
N ASP B 381 21.44 -25.35 16.48
CA ASP B 381 21.25 -24.33 15.45
C ASP B 381 22.04 -24.61 14.17
N ARG B 382 22.86 -25.66 14.11
CA ARG B 382 23.51 -26.05 12.88
C ARG B 382 22.69 -27.10 12.14
N THR B 383 22.52 -26.90 10.85
CA THR B 383 22.00 -27.91 9.93
C THR B 383 23.18 -28.71 9.40
N ILE B 384 23.12 -30.03 9.51
CA ILE B 384 24.22 -30.89 9.09
C ILE B 384 23.64 -32.06 8.30
N VAL B 385 24.01 -32.17 7.02
CA VAL B 385 23.42 -33.15 6.12
C VAL B 385 24.52 -33.79 5.29
N SER B 386 24.27 -35.02 4.85
CA SER B 386 25.21 -35.71 3.97
C SER B 386 24.46 -36.71 3.08
N THR B 387 25.16 -37.15 2.04
CA THR B 387 24.66 -38.21 1.19
C THR B 387 25.85 -38.99 0.68
N GLY B 388 25.63 -40.29 0.44
CA GLY B 388 26.67 -41.11 -0.13
C GLY B 388 27.83 -41.33 0.83
N LEU B 389 29.01 -41.54 0.26
CA LEU B 389 30.18 -41.99 1.02
C LEU B 389 30.96 -40.82 1.63
N THR B 390 31.40 -41.00 2.87
CA THR B 390 32.45 -40.15 3.40
C THR B 390 33.77 -40.54 2.74
N LEU B 391 34.75 -39.64 2.82
CA LEU B 391 36.10 -40.01 2.41
C LEU B 391 36.59 -41.19 3.24
N ALA B 392 36.42 -41.12 4.56
CA ALA B 392 36.89 -42.19 5.44
C ALA B 392 36.28 -43.53 5.04
N ALA B 393 34.97 -43.55 4.78
CA ALA B 393 34.34 -44.80 4.40
C ALA B 393 34.84 -45.28 3.05
N ALA B 394 34.98 -44.37 2.08
CA ALA B 394 35.43 -44.77 0.76
C ALA B 394 36.80 -45.44 0.83
N LYS B 395 37.73 -44.85 1.58
CA LYS B 395 39.07 -45.42 1.66
C LYS B 395 39.10 -46.68 2.53
N GLN B 396 38.28 -46.73 3.59
CA GLN B 396 38.16 -47.95 4.37
C GLN B 396 37.70 -49.13 3.51
N GLN B 397 36.96 -48.87 2.43
CA GLN B 397 36.49 -49.90 1.52
C GLN B 397 37.35 -50.03 0.28
N GLY B 398 38.54 -49.43 0.29
CA GLY B 398 39.46 -49.58 -0.82
C GLY B 398 39.03 -48.92 -2.10
N LEU B 399 38.12 -47.94 -2.04
CA LEU B 399 37.74 -47.23 -3.24
C LEU B 399 38.77 -46.15 -3.56
N ASN B 400 38.88 -45.85 -4.84
CA ASN B 400 39.70 -44.74 -5.32
C ASN B 400 38.91 -43.47 -5.09
N ALA B 401 39.37 -42.63 -4.16
CA ALA B 401 38.52 -41.53 -3.72
C ALA B 401 39.38 -40.40 -3.17
N GLU B 402 38.96 -39.18 -3.48
CA GLU B 402 39.56 -37.98 -2.93
C GLU B 402 38.45 -37.05 -2.48
N GLN B 403 38.85 -35.98 -1.81
CA GLN B 403 37.89 -35.09 -1.17
C GLN B 403 38.38 -33.66 -1.28
N VAL B 404 37.42 -32.75 -1.34
CA VAL B 404 37.69 -31.34 -1.20
C VAL B 404 36.78 -30.80 -0.10
N ILE B 405 37.32 -29.96 0.75
CA ILE B 405 36.57 -29.26 1.80
C ILE B 405 36.57 -27.79 1.43
N VAL B 406 35.39 -27.17 1.43
CA VAL B 406 35.23 -25.76 1.06
C VAL B 406 34.36 -25.07 2.11
N GLU B 407 34.80 -23.92 2.58
CA GLU B 407 33.97 -23.09 3.46
C GLU B 407 33.74 -21.75 2.79
N ASP B 408 32.47 -21.42 2.56
CA ASP B 408 32.12 -20.16 1.92
C ASP B 408 30.84 -19.66 2.57
N ASN B 409 30.65 -18.35 2.56
CA ASN B 409 29.35 -17.83 2.93
C ASN B 409 28.34 -18.22 1.85
N TYR B 410 27.15 -18.61 2.28
CA TYR B 410 26.22 -19.19 1.31
C TYR B 410 25.63 -18.14 0.39
N ARG B 411 25.61 -16.85 0.82
CA ARG B 411 25.16 -15.77 -0.05
C ARG B 411 26.06 -14.55 0.14
N PRO B 412 25.97 -13.54 -0.70
CA PRO B 412 26.98 -12.47 -0.69
C PRO B 412 26.99 -11.66 0.61
N GLU B 413 28.19 -11.19 0.96
CA GLU B 413 28.40 -10.41 2.16
C GLU B 413 27.68 -9.06 2.15
N PHE B 414 27.33 -8.53 0.96
CA PHE B 414 26.62 -7.26 0.96
C PHE B 414 25.18 -7.39 1.44
N MET B 415 24.66 -8.60 1.58
CA MET B 415 23.31 -8.78 2.11
C MET B 415 23.29 -8.40 3.58
N PRO B 416 22.10 -8.23 4.17
CA PRO B 416 22.02 -7.83 5.59
C PRO B 416 22.60 -8.87 6.53
N SER B 417 22.64 -10.14 6.14
CA SER B 417 23.29 -11.20 6.90
C SER B 417 23.76 -12.27 5.93
N THR B 418 24.67 -13.10 6.41
CA THR B 418 25.05 -14.30 5.70
C THR B 418 25.62 -15.28 6.73
N GLU B 419 25.89 -16.51 6.27
CA GLU B 419 26.37 -17.59 7.13
C GLU B 419 27.38 -18.43 6.38
N PRO B 420 28.48 -18.80 7.01
CA PRO B 420 29.38 -19.78 6.39
C PRO B 420 28.68 -21.12 6.24
N VAL B 421 29.01 -21.81 5.16
CA VAL B 421 28.62 -23.21 4.98
C VAL B 421 29.90 -24.00 4.75
N LEU B 422 30.11 -25.03 5.55
CA LEU B 422 31.22 -25.94 5.40
C LEU B 422 30.77 -27.11 4.54
N MET B 423 31.49 -27.36 3.46
CA MET B 423 31.07 -28.31 2.45
C MET B 423 32.19 -29.31 2.20
N SER B 424 31.79 -30.52 1.88
CA SER B 424 32.69 -31.61 1.54
C SER B 424 32.16 -32.26 0.28
N LEU B 425 33.06 -32.56 -0.66
CA LEU B 425 32.69 -33.37 -1.81
C LEU B 425 33.68 -34.51 -1.96
N VAL B 426 33.17 -35.73 -2.07
CA VAL B 426 33.97 -36.93 -2.16
C VAL B 426 33.77 -37.50 -3.55
N PHE B 427 34.88 -37.81 -4.23
CA PHE B 427 34.76 -38.14 -5.64
C PHE B 427 35.89 -39.07 -6.05
N ASP B 428 35.63 -39.83 -7.10
CA ASP B 428 36.67 -40.64 -7.73
C ASP B 428 37.57 -39.76 -8.58
N PRO B 429 38.87 -39.63 -8.25
CA PRO B 429 39.72 -38.66 -8.96
C PRO B 429 39.99 -39.05 -10.41
N ASP B 430 39.75 -40.30 -10.81
CA ASP B 430 39.99 -40.72 -12.19
C ASP B 430 38.74 -40.53 -13.05
N THR B 431 37.64 -41.19 -12.66
CA THR B 431 36.39 -41.05 -13.41
C THR B 431 35.69 -39.72 -13.17
N HIS B 432 36.05 -39.01 -12.10
CA HIS B 432 35.38 -37.77 -11.68
C HIS B 432 33.99 -38.01 -11.11
N ARG B 433 33.58 -39.26 -10.94
CA ARG B 433 32.25 -39.52 -10.41
C ARG B 433 32.10 -39.04 -8.97
N ILE B 434 30.97 -38.39 -8.67
CA ILE B 434 30.67 -37.97 -7.31
C ILE B 434 30.33 -39.19 -6.47
N LEU B 435 31.05 -39.38 -5.35
CA LEU B 435 30.78 -40.49 -4.45
C LEU B 435 29.98 -40.11 -3.21
N GLY B 436 29.95 -38.84 -2.83
CA GLY B 436 29.29 -38.40 -1.62
C GLY B 436 29.56 -36.93 -1.39
N GLY B 437 28.82 -36.37 -0.44
CA GLY B 437 29.01 -34.96 -0.11
C GLY B 437 28.30 -34.65 1.19
N ALA B 438 28.65 -33.49 1.76
CA ALA B 438 28.03 -33.09 3.02
C ALA B 438 28.05 -31.57 3.10
N LEU B 439 27.10 -31.01 3.84
CA LEU B 439 27.05 -29.57 4.08
C LEU B 439 26.66 -29.31 5.52
N MET B 440 27.24 -28.26 6.10
CA MET B 440 26.97 -27.86 7.47
C MET B 440 26.92 -26.34 7.55
N SER B 441 25.84 -25.81 8.14
CA SER B 441 25.67 -24.37 8.19
C SER B 441 24.61 -24.03 9.24
N LYS B 442 24.71 -22.84 9.81
CA LYS B 442 23.57 -22.30 10.54
C LYS B 442 22.40 -21.92 9.63
N TYR B 443 22.66 -21.67 8.35
CA TYR B 443 21.59 -21.57 7.37
C TYR B 443 21.11 -22.97 7.00
N ASP B 444 19.80 -23.11 6.81
CA ASP B 444 19.23 -24.43 6.51
C ASP B 444 19.60 -24.89 5.11
N VAL B 445 20.69 -25.64 4.98
CA VAL B 445 21.19 -26.15 3.70
C VAL B 445 20.70 -27.56 3.43
N SER B 446 19.70 -28.04 4.17
CA SER B 446 19.36 -29.45 4.09
C SER B 446 18.98 -29.86 2.67
N GLN B 447 18.26 -29.01 1.95
CA GLN B 447 17.79 -29.41 0.61
C GLN B 447 18.96 -29.69 -0.33
N SER B 448 20.12 -29.06 -0.09
CA SER B 448 21.27 -29.29 -0.96
C SER B 448 21.77 -30.74 -0.88
N ALA B 449 21.52 -31.44 0.23
CA ALA B 449 21.89 -32.84 0.28
C ALA B 449 21.03 -33.66 -0.67
N ASN B 450 19.78 -33.24 -0.89
CA ASN B 450 18.94 -33.91 -1.87
C ASN B 450 19.38 -33.62 -3.29
N THR B 451 19.85 -32.40 -3.56
CA THR B 451 20.46 -32.14 -4.86
C THR B 451 21.62 -33.10 -5.13
N LEU B 452 22.54 -33.20 -4.18
CA LEU B 452 23.65 -34.14 -4.34
C LEU B 452 23.16 -35.57 -4.51
N SER B 453 22.10 -35.94 -3.77
CA SER B 453 21.58 -37.29 -3.92
C SER B 453 21.15 -37.55 -5.35
N VAL B 454 20.44 -36.59 -5.97
CA VAL B 454 20.03 -36.78 -7.36
C VAL B 454 21.24 -36.82 -8.29
N CYS B 455 22.26 -36.01 -8.02
CA CYS B 455 23.51 -36.09 -8.79
C CYS B 455 24.08 -37.51 -8.76
N ILE B 456 24.20 -38.08 -7.56
CA ILE B 456 24.73 -39.43 -7.44
C ILE B 456 23.79 -40.45 -8.08
N GLN B 457 22.49 -40.29 -7.89
CA GLN B 457 21.54 -41.21 -8.52
C GLN B 457 21.76 -41.28 -10.03
N ASN B 458 22.09 -40.15 -10.65
CA ASN B 458 22.30 -40.09 -12.09
C ASN B 458 23.76 -40.29 -12.48
N GLU B 459 24.62 -40.71 -11.56
CA GLU B 459 26.04 -40.98 -11.83
C GLU B 459 26.76 -39.74 -12.37
N ASN B 460 26.40 -38.57 -11.85
CA ASN B 460 27.01 -37.33 -12.30
C ASN B 460 28.43 -37.18 -11.76
N THR B 461 29.21 -36.35 -12.45
CA THR B 461 30.61 -36.10 -12.13
C THR B 461 30.77 -34.73 -11.49
N ILE B 462 31.96 -34.48 -10.96
CA ILE B 462 32.27 -33.15 -10.44
C ILE B 462 32.16 -32.11 -11.54
N ASP B 463 32.45 -32.50 -12.79
CA ASP B 463 32.35 -31.56 -13.89
C ASP B 463 30.90 -31.18 -14.19
N ASP B 464 29.99 -32.16 -14.14
CA ASP B 464 28.56 -31.89 -14.23
C ASP B 464 28.14 -30.85 -13.19
N LEU B 465 28.48 -31.11 -11.93
CA LEU B 465 28.00 -30.27 -10.85
C LEU B 465 28.67 -28.90 -10.87
N ALA B 466 29.89 -28.82 -11.40
CA ALA B 466 30.59 -27.55 -11.44
C ALA B 466 29.87 -26.54 -12.30
N MET B 467 29.10 -27.00 -13.27
CA MET B 467 28.52 -26.10 -14.26
C MET B 467 27.01 -26.23 -14.44
N VAL B 468 26.35 -27.24 -13.86
CA VAL B 468 24.92 -27.39 -14.11
C VAL B 468 24.19 -26.13 -13.66
N ASP B 469 23.16 -25.76 -14.42
CA ASP B 469 22.34 -24.59 -14.14
C ASP B 469 21.78 -24.65 -12.73
N MET B 470 22.04 -23.59 -11.96
CA MET B 470 21.41 -23.35 -10.67
C MET B 470 21.11 -21.87 -10.58
N LEU B 471 19.98 -21.52 -9.97
CA LEU B 471 19.55 -20.13 -10.00
C LEU B 471 20.49 -19.26 -9.18
N PHE B 472 20.55 -17.98 -9.54
CA PHE B 472 21.22 -16.96 -8.77
C PHE B 472 20.22 -15.87 -8.36
N GLN B 473 20.15 -15.62 -7.08
CA GLN B 473 19.55 -14.39 -6.57
C GLN B 473 20.21 -14.15 -5.21
N PRO B 474 20.66 -12.92 -4.94
CA PRO B 474 21.47 -12.69 -3.73
C PRO B 474 20.76 -13.02 -2.43
N ASN B 475 19.42 -13.08 -2.42
CA ASN B 475 18.75 -13.62 -1.23
C ASN B 475 19.14 -15.07 -0.96
N PHE B 476 19.63 -15.78 -1.97
CA PHE B 476 19.80 -17.23 -1.87
C PHE B 476 21.23 -17.72 -2.03
N ASP B 477 22.06 -17.07 -2.84
CA ASP B 477 23.38 -17.60 -3.17
C ASP B 477 24.16 -16.53 -3.90
N ARG B 478 25.42 -16.85 -4.22
CA ARG B 478 26.24 -16.05 -5.13
C ARG B 478 25.91 -16.41 -6.58
N PRO B 479 26.45 -15.67 -7.56
CA PRO B 479 26.18 -16.01 -8.95
C PRO B 479 26.33 -17.49 -9.26
N PHE B 480 27.40 -18.13 -8.82
CA PHE B 480 27.48 -19.58 -8.79
C PHE B 480 26.93 -20.08 -7.46
N ASN B 481 26.05 -21.08 -7.50
CA ASN B 481 25.55 -21.68 -6.26
C ASN B 481 26.71 -22.33 -5.49
N TYR B 482 26.60 -22.35 -4.17
CA TYR B 482 27.70 -22.93 -3.39
C TYR B 482 27.98 -24.39 -3.78
N LEU B 483 26.99 -25.13 -4.30
CA LEU B 483 27.28 -26.49 -4.80
C LEU B 483 28.11 -26.45 -6.08
N ASN B 484 27.86 -25.48 -6.96
CA ASN B 484 28.74 -25.30 -8.12
C ASN B 484 30.15 -25.01 -7.65
N ILE B 485 30.27 -24.10 -6.69
CA ILE B 485 31.56 -23.69 -6.16
C ILE B 485 32.31 -24.90 -5.59
N LEU B 486 31.58 -25.73 -4.83
CA LEU B 486 32.19 -26.93 -4.26
C LEU B 486 32.80 -27.82 -5.35
N ALA B 487 32.04 -28.10 -6.40
CA ALA B 487 32.54 -28.95 -7.47
C ALA B 487 33.66 -28.27 -8.25
N GLN B 488 33.65 -26.94 -8.35
CA GLN B 488 34.76 -26.28 -9.04
C GLN B 488 36.06 -26.44 -8.26
N ALA B 489 35.98 -26.45 -6.92
CA ALA B 489 37.16 -26.73 -6.11
C ALA B 489 37.64 -28.16 -6.29
N ALA B 490 36.72 -29.11 -6.47
CA ALA B 490 37.13 -30.46 -6.80
C ALA B 490 37.84 -30.49 -8.15
N GLN B 491 37.31 -29.74 -9.12
CA GLN B 491 38.00 -29.62 -10.41
C GLN B 491 39.41 -29.09 -10.23
N ALA B 492 39.57 -28.04 -9.43
CA ALA B 492 40.91 -27.48 -9.23
C ALA B 492 41.84 -28.51 -8.59
N LYS B 493 41.34 -29.32 -7.66
CA LYS B 493 42.20 -30.31 -7.05
C LYS B 493 42.66 -31.36 -8.06
N VAL B 494 41.76 -31.80 -8.94
CA VAL B 494 42.13 -32.80 -9.92
C VAL B 494 43.12 -32.21 -10.92
N ALA B 495 42.97 -30.93 -11.25
CA ALA B 495 43.88 -30.30 -12.20
C ALA B 495 45.29 -30.17 -11.62
N GLN B 496 45.40 -29.82 -10.34
CA GLN B 496 46.72 -29.66 -9.73
C GLN B 496 47.47 -30.98 -9.69
N SER B 497 46.76 -32.11 -9.61
CA SER B 497 47.38 -33.42 -9.50
C SER B 497 47.81 -33.99 -10.86
N VAL B 498 47.58 -33.28 -11.96
CA VAL B 498 47.94 -33.78 -13.28
C VAL B 498 49.26 -33.21 -13.79
N ASN B 499 49.77 -32.14 -13.17
CA ASN B 499 51.07 -31.60 -13.54
C ASN B 499 51.86 -31.20 -12.29
N SER C 50 16.08 42.68 -23.00
CA SER C 50 15.06 42.41 -21.98
C SER C 50 13.70 42.93 -22.43
N MET C 51 12.64 42.33 -21.88
CA MET C 51 11.29 42.57 -22.35
C MET C 51 10.77 43.93 -21.87
N LYS C 52 10.20 44.70 -22.81
CA LYS C 52 9.61 46.01 -22.50
C LYS C 52 8.11 45.84 -22.34
N VAL C 53 7.59 46.26 -21.19
CA VAL C 53 6.18 46.07 -20.84
C VAL C 53 5.58 47.43 -20.54
N THR C 54 4.50 47.76 -21.25
CA THR C 54 3.73 48.95 -20.97
C THR C 54 2.39 48.56 -20.35
N VAL C 55 2.05 49.21 -19.24
CA VAL C 55 0.81 48.97 -18.53
C VAL C 55 -0.02 50.25 -18.59
N VAL C 56 -1.21 50.17 -19.17
CA VAL C 56 -2.11 51.31 -19.33
C VAL C 56 -3.12 51.28 -18.19
N GLY C 57 -2.96 52.19 -17.23
CA GLY C 57 -3.94 52.31 -16.17
C GLY C 57 -3.54 51.51 -14.95
N CYS C 58 -3.66 52.11 -13.77
CA CYS C 58 -3.16 51.43 -12.57
C CYS C 58 -4.01 51.82 -11.36
N THR C 59 -5.11 51.10 -11.15
CA THR C 59 -5.79 51.14 -9.87
C THR C 59 -5.57 49.81 -9.15
N HIS C 60 -6.27 48.76 -9.56
CA HIS C 60 -6.08 47.44 -8.96
C HIS C 60 -5.49 46.43 -9.92
N ALA C 61 -6.09 46.26 -11.10
CA ALA C 61 -5.58 45.24 -12.01
C ALA C 61 -4.16 45.56 -12.46
N GLY C 62 -3.88 46.84 -12.75
CA GLY C 62 -2.52 47.19 -13.10
C GLY C 62 -1.56 46.94 -11.96
N THR C 63 -1.98 47.28 -10.73
CA THR C 63 -1.12 47.10 -9.57
C THR C 63 -0.73 45.63 -9.40
N PHE C 64 -1.71 44.73 -9.42
CA PHE C 64 -1.43 43.30 -9.28
C PHE C 64 -0.63 42.76 -10.45
N ALA C 65 -0.92 43.20 -11.68
CA ALA C 65 -0.12 42.76 -12.82
C ALA C 65 1.34 43.20 -12.68
N ILE C 66 1.56 44.45 -12.28
CA ILE C 66 2.92 44.98 -12.18
C ILE C 66 3.71 44.17 -11.15
N LYS C 67 3.18 44.03 -9.94
CA LYS C 67 3.88 43.28 -8.90
C LYS C 67 4.18 41.86 -9.35
N GLN C 68 3.22 41.23 -10.02
CA GLN C 68 3.44 39.86 -10.48
C GLN C 68 4.50 39.81 -11.57
N ILE C 69 4.41 40.72 -12.55
CA ILE C 69 5.41 40.76 -13.62
C ILE C 69 6.81 40.97 -13.04
N LEU C 70 6.97 41.96 -12.15
CA LEU C 70 8.29 42.21 -11.57
C LEU C 70 8.79 41.04 -10.73
N ALA C 71 7.89 40.30 -10.06
CA ALA C 71 8.32 39.15 -9.26
C ALA C 71 8.78 38.00 -10.14
N GLU C 72 8.06 37.75 -11.23
CA GLU C 72 8.31 36.60 -12.08
C GLU C 72 9.37 36.84 -13.14
N HIS C 73 9.47 38.07 -13.64
CA HIS C 73 10.43 38.43 -14.69
C HIS C 73 11.14 39.68 -14.24
N PRO C 74 12.01 39.58 -13.23
CA PRO C 74 12.58 40.77 -12.59
C PRO C 74 13.41 41.65 -13.51
N ASP C 75 13.84 41.12 -14.65
CA ASP C 75 14.63 41.88 -15.61
C ASP C 75 13.78 42.81 -16.46
N ALA C 76 12.49 42.54 -16.58
CA ALA C 76 11.65 43.26 -17.53
C ALA C 76 11.58 44.73 -17.17
N GLU C 77 11.46 45.56 -18.21
CA GLU C 77 11.33 47.00 -18.07
C GLU C 77 9.85 47.33 -18.14
N VAL C 78 9.26 47.65 -16.98
CA VAL C 78 7.83 47.91 -16.89
C VAL C 78 7.63 49.40 -16.76
N THR C 79 6.90 49.96 -17.73
CA THR C 79 6.43 51.33 -17.67
C THR C 79 4.92 51.31 -17.48
N VAL C 80 4.42 52.05 -16.51
CA VAL C 80 2.99 52.16 -16.28
C VAL C 80 2.59 53.62 -16.37
N TYR C 81 1.50 53.89 -17.08
CA TYR C 81 0.91 55.21 -17.17
C TYR C 81 -0.43 55.22 -16.46
N GLU C 82 -0.65 56.24 -15.62
CA GLU C 82 -1.92 56.37 -14.92
C GLU C 82 -2.33 57.83 -14.91
N ARG C 83 -3.56 58.12 -15.34
CA ARG C 83 -4.07 59.49 -15.37
C ARG C 83 -4.05 60.16 -14.01
N ASN C 84 -4.46 59.44 -12.97
CA ASN C 84 -4.57 60.05 -11.65
C ASN C 84 -3.19 60.18 -11.03
N ASP C 85 -3.16 60.74 -9.81
CA ASP C 85 -1.93 60.84 -9.05
C ASP C 85 -1.83 59.78 -7.96
N VAL C 86 -2.81 58.88 -7.86
CA VAL C 86 -2.78 57.79 -6.88
C VAL C 86 -3.04 56.48 -7.59
N ILE C 87 -2.74 55.38 -6.88
CA ILE C 87 -3.12 54.04 -7.33
C ILE C 87 -3.72 53.31 -6.13
N SER C 88 -4.43 52.21 -6.42
CA SER C 88 -4.93 51.25 -5.45
C SER C 88 -5.99 51.82 -4.52
N PHE C 89 -6.69 52.89 -4.90
CA PHE C 89 -7.80 53.36 -4.08
C PHE C 89 -8.95 52.35 -4.10
N LEU C 90 -9.43 51.96 -2.92
CA LEU C 90 -10.56 51.02 -2.82
C LEU C 90 -11.87 51.82 -2.82
N SER C 91 -12.57 51.81 -3.96
CA SER C 91 -13.82 52.56 -4.09
C SER C 91 -14.88 52.09 -3.11
N CYS C 92 -14.80 50.83 -2.65
CA CYS C 92 -15.74 50.35 -1.66
C CYS C 92 -15.73 51.23 -0.42
N GLY C 93 -14.62 51.94 -0.18
CA GLY C 93 -14.54 52.78 0.99
C GLY C 93 -15.39 54.04 0.92
N ILE C 94 -15.88 54.41 -0.27
CA ILE C 94 -16.59 55.68 -0.37
C ILE C 94 -17.85 55.65 0.46
N ALA C 95 -18.69 54.62 0.26
CA ALA C 95 -19.92 54.55 1.04
C ALA C 95 -19.58 54.40 2.51
N LEU C 96 -18.53 53.66 2.82
CA LEU C 96 -18.15 53.48 4.22
C LEU C 96 -17.73 54.80 4.85
N TYR C 97 -16.90 55.58 4.15
CA TYR C 97 -16.54 56.90 4.69
C TYR C 97 -17.80 57.75 4.89
N LEU C 98 -18.63 57.87 3.85
CA LEU C 98 -19.85 58.67 3.96
C LEU C 98 -20.72 58.20 5.12
N GLY C 99 -20.74 56.89 5.38
CA GLY C 99 -21.54 56.37 6.48
C GLY C 99 -20.92 56.50 7.85
N GLY C 100 -19.78 57.18 7.96
CA GLY C 100 -19.07 57.32 9.22
C GLY C 100 -18.37 56.07 9.71
N LYS C 101 -17.91 55.21 8.80
CA LYS C 101 -17.32 53.95 9.20
C LYS C 101 -15.82 53.88 8.91
N VAL C 102 -15.23 54.93 8.37
CA VAL C 102 -13.81 54.96 8.08
C VAL C 102 -13.21 56.16 8.80
N ALA C 103 -12.31 55.90 9.74
CA ALA C 103 -11.71 56.98 10.50
C ALA C 103 -10.67 57.73 9.67
N ASP C 104 -9.81 57.01 8.98
CA ASP C 104 -8.71 57.60 8.21
C ASP C 104 -8.77 57.19 6.75
N PRO C 105 -9.10 58.10 5.82
CA PRO C 105 -9.26 57.70 4.42
C PRO C 105 -7.97 57.22 3.78
N GLN C 106 -6.84 57.44 4.43
CA GLN C 106 -5.57 56.98 3.88
C GLN C 106 -5.50 55.46 3.87
N GLY C 107 -6.19 54.81 4.82
CA GLY C 107 -6.23 53.36 4.86
C GLY C 107 -6.96 52.71 3.70
N LEU C 108 -7.64 53.50 2.87
CA LEU C 108 -8.31 52.99 1.68
C LEU C 108 -7.35 52.78 0.51
N PHE C 109 -6.06 52.99 0.72
CA PHE C 109 -5.03 52.72 -0.28
C PHE C 109 -4.12 51.61 0.26
N TYR C 110 -3.87 50.58 -0.55
CA TYR C 110 -2.99 49.51 -0.11
C TYR C 110 -1.62 49.54 -0.77
N SER C 111 -1.41 50.36 -1.80
CA SER C 111 -0.12 50.48 -2.47
C SER C 111 0.14 51.96 -2.74
N SER C 112 1.12 52.26 -3.58
CA SER C 112 1.47 53.64 -3.89
C SER C 112 2.39 53.65 -5.12
N PRO C 113 2.46 54.77 -5.82
CA PRO C 113 3.48 54.88 -6.90
C PRO C 113 4.89 54.61 -6.40
N GLU C 114 5.25 55.13 -5.22
CA GLU C 114 6.60 54.91 -4.73
C GLU C 114 6.89 53.43 -4.55
N GLU C 115 5.92 52.68 -4.02
CA GLU C 115 6.14 51.26 -3.80
C GLU C 115 6.40 50.52 -5.11
N LEU C 116 5.63 50.85 -6.15
CA LEU C 116 5.90 50.21 -7.42
C LEU C 116 7.25 50.65 -7.98
N GLN C 117 7.60 51.93 -7.80
CA GLN C 117 8.91 52.41 -8.23
C GLN C 117 10.02 51.67 -7.49
N LYS C 118 9.90 51.59 -6.16
CA LYS C 118 10.88 50.85 -5.36
C LYS C 118 11.04 49.43 -5.87
N LEU C 119 9.97 48.82 -6.40
CA LEU C 119 10.03 47.46 -6.90
C LEU C 119 10.65 47.34 -8.27
N GLY C 120 10.93 48.47 -8.94
CA GLY C 120 11.56 48.45 -10.25
C GLY C 120 10.69 48.94 -11.39
N ALA C 121 9.45 49.34 -11.13
CA ALA C 121 8.60 49.87 -12.18
C ALA C 121 9.03 51.30 -12.53
N ASN C 122 8.88 51.64 -13.80
CA ASN C 122 9.01 53.03 -14.25
C ASN C 122 7.61 53.63 -14.18
N VAL C 123 7.34 54.41 -13.15
CA VAL C 123 5.99 54.83 -12.81
C VAL C 123 5.76 56.23 -13.34
N GLN C 124 4.81 56.37 -14.26
CA GLN C 124 4.47 57.65 -14.86
C GLN C 124 3.03 58.00 -14.49
N MET C 125 2.85 58.50 -13.27
CA MET C 125 1.60 59.10 -12.84
C MET C 125 1.30 60.36 -13.64
N ASN C 126 0.04 60.80 -13.54
CA ASN C 126 -0.44 61.99 -14.25
C ASN C 126 -0.06 61.96 -15.72
N HIS C 127 -0.09 60.77 -16.32
CA HIS C 127 0.07 60.61 -17.76
C HIS C 127 -1.19 60.00 -18.34
N ASN C 128 -1.54 60.46 -19.54
CA ASN C 128 -2.73 60.00 -20.25
C ASN C 128 -2.30 59.35 -21.56
N VAL C 129 -2.59 58.05 -21.69
CA VAL C 129 -2.31 57.35 -22.93
C VAL C 129 -3.31 57.82 -23.99
N LEU C 130 -2.78 58.41 -25.08
CA LEU C 130 -3.60 58.97 -26.16
C LEU C 130 -3.82 57.99 -27.30
N ALA C 131 -2.88 57.10 -27.58
CA ALA C 131 -3.05 56.17 -28.68
C ALA C 131 -2.25 54.90 -28.42
N ILE C 132 -2.68 53.83 -29.08
CA ILE C 132 -1.99 52.55 -29.04
C ILE C 132 -2.03 51.99 -30.45
N ASP C 133 -0.87 51.71 -31.03
CA ASP C 133 -0.81 51.15 -32.37
C ASP C 133 -0.28 49.74 -32.26
N PRO C 134 -1.14 48.73 -32.25
CA PRO C 134 -0.65 47.36 -32.09
C PRO C 134 0.23 46.89 -33.24
N ASP C 135 0.04 47.42 -34.45
CA ASP C 135 0.85 46.98 -35.58
C ASP C 135 2.30 47.42 -35.43
N GLN C 136 2.52 48.65 -34.99
CA GLN C 136 3.86 49.18 -34.73
C GLN C 136 4.31 48.91 -33.31
N LYS C 137 3.41 48.43 -32.45
CA LYS C 137 3.70 48.16 -31.05
C LYS C 137 4.28 49.39 -30.36
N THR C 138 3.52 50.48 -30.45
CA THR C 138 3.87 51.73 -29.79
C THR C 138 2.65 52.27 -29.05
N VAL C 139 2.94 53.15 -28.12
CA VAL C 139 1.92 53.88 -27.38
C VAL C 139 2.33 55.35 -27.40
N THR C 140 1.35 56.23 -27.50
CA THR C 140 1.58 57.66 -27.46
C THR C 140 0.95 58.24 -26.21
N VAL C 141 1.73 58.97 -25.42
CA VAL C 141 1.35 59.37 -24.09
C VAL C 141 1.52 60.88 -23.93
N GLU C 142 0.66 61.46 -23.10
CA GLU C 142 0.68 62.86 -22.72
C GLU C 142 1.00 62.98 -21.24
N ASP C 143 2.02 63.77 -20.93
CA ASP C 143 2.27 64.22 -19.56
C ASP C 143 1.26 65.31 -19.25
N LEU C 144 0.32 65.01 -18.36
CA LEU C 144 -0.76 65.97 -18.06
C LEU C 144 -0.25 67.21 -17.34
N THR C 145 0.97 67.19 -16.81
CA THR C 145 1.45 68.36 -16.10
C THR C 145 1.92 69.46 -17.04
N ASN C 146 2.46 69.09 -18.21
CA ASN C 146 2.96 70.10 -19.14
C ASN C 146 2.55 69.84 -20.59
N HIS C 147 1.62 68.92 -20.84
CA HIS C 147 1.10 68.57 -22.16
C HIS C 147 2.12 67.88 -23.05
N ALA C 148 3.31 67.56 -22.55
CA ALA C 148 4.34 66.98 -23.41
C ALA C 148 3.96 65.58 -23.86
N GLN C 149 4.10 65.32 -25.15
CA GLN C 149 3.78 64.02 -25.71
C GLN C 149 5.07 63.28 -26.08
N THR C 150 5.00 61.95 -25.93
CA THR C 150 6.08 61.04 -26.27
C THR C 150 5.48 59.78 -26.87
N THR C 151 6.28 59.07 -27.65
CA THR C 151 5.88 57.80 -28.22
C THR C 151 6.91 56.75 -27.80
N GLU C 152 6.43 55.59 -27.32
CA GLU C 152 7.29 54.55 -26.80
C GLU C 152 6.91 53.22 -27.41
N SER C 153 7.92 52.35 -27.56
CA SER C 153 7.74 51.00 -28.05
C SER C 153 7.48 50.07 -26.88
N TYR C 154 6.82 48.95 -27.18
CA TYR C 154 6.57 47.92 -26.19
C TYR C 154 6.69 46.57 -26.84
N ASP C 155 7.08 45.57 -26.06
CA ASP C 155 6.99 44.17 -26.48
C ASP C 155 5.64 43.55 -26.07
N LYS C 156 5.16 43.90 -24.89
CA LYS C 156 3.86 43.46 -24.40
C LYS C 156 3.13 44.67 -23.83
N LEU C 157 1.82 44.73 -24.07
CA LEU C 157 0.99 45.79 -23.49
C LEU C 157 -0.08 45.19 -22.59
N VAL C 158 -0.25 45.77 -21.41
CA VAL C 158 -1.20 45.30 -20.41
C VAL C 158 -2.29 46.35 -20.31
N MET C 159 -3.50 46.01 -20.76
CA MET C 159 -4.61 46.96 -20.84
C MET C 159 -5.41 46.90 -19.55
N THR C 160 -5.00 47.66 -18.55
CA THR C 160 -5.75 47.67 -17.29
C THR C 160 -6.38 49.05 -17.10
N SER C 161 -7.10 49.49 -18.12
CA SER C 161 -7.68 50.83 -18.18
C SER C 161 -9.05 50.91 -17.52
N GLY C 162 -9.57 49.79 -17.05
CA GLY C 162 -10.72 49.84 -16.18
C GLY C 162 -11.98 50.31 -16.88
N SER C 163 -12.72 51.15 -16.19
CA SER C 163 -14.04 51.52 -16.66
C SER C 163 -14.35 52.93 -16.18
N TRP C 164 -15.46 53.45 -16.67
CA TRP C 164 -15.91 54.76 -16.32
C TRP C 164 -17.42 54.68 -16.13
N PRO C 165 -17.98 55.41 -15.18
CA PRO C 165 -19.43 55.42 -15.01
C PRO C 165 -20.15 55.77 -16.31
N ILE C 166 -21.33 55.18 -16.49
CA ILE C 166 -22.17 55.52 -17.64
C ILE C 166 -22.79 56.89 -17.41
N VAL C 167 -22.63 57.77 -18.38
CA VAL C 167 -23.17 59.13 -18.31
C VAL C 167 -24.04 59.36 -19.53
N PRO C 168 -25.35 59.23 -19.42
CA PRO C 168 -26.21 59.33 -20.59
C PRO C 168 -26.42 60.78 -20.99
N LYS C 169 -26.72 60.97 -22.28
CA LYS C 169 -26.93 62.29 -22.87
C LYS C 169 -28.35 62.75 -22.53
N ILE C 170 -28.48 63.53 -21.46
CA ILE C 170 -29.77 64.15 -21.14
C ILE C 170 -29.53 65.61 -20.74
N PRO C 171 -30.56 66.43 -20.92
CA PRO C 171 -30.40 67.86 -20.62
C PRO C 171 -30.08 68.12 -19.15
N GLY C 172 -29.06 68.94 -18.92
CA GLY C 172 -28.73 69.39 -17.58
C GLY C 172 -27.80 68.50 -16.79
N ILE C 173 -27.22 67.49 -17.40
CA ILE C 173 -26.42 66.53 -16.64
C ILE C 173 -25.05 67.07 -16.29
N ASP C 174 -24.59 68.13 -16.96
CA ASP C 174 -23.35 68.81 -16.62
C ASP C 174 -23.47 69.65 -15.35
N SER C 175 -24.61 69.64 -14.68
CA SER C 175 -24.77 70.46 -13.49
C SER C 175 -23.72 70.10 -12.44
N ASP C 176 -23.24 71.13 -11.73
CA ASP C 176 -22.34 70.91 -10.61
C ASP C 176 -22.98 70.08 -9.51
N ARG C 177 -24.30 69.99 -9.48
CA ARG C 177 -25.01 69.22 -8.46
C ARG C 177 -25.22 67.76 -8.85
N VAL C 178 -24.68 67.32 -9.99
CA VAL C 178 -24.73 65.93 -10.41
C VAL C 178 -23.30 65.40 -10.34
N LYS C 179 -23.06 64.41 -9.46
CA LYS C 179 -21.72 63.93 -9.13
C LYS C 179 -21.55 62.47 -9.51
N LEU C 180 -20.33 62.12 -9.96
CA LEU C 180 -19.97 60.73 -10.13
C LEU C 180 -19.48 60.14 -8.81
N CYS C 181 -19.40 58.81 -8.76
CA CYS C 181 -18.97 58.12 -7.55
C CYS C 181 -18.13 56.91 -7.95
N LYS C 182 -16.91 57.18 -8.41
CA LYS C 182 -16.00 56.10 -8.76
C LYS C 182 -14.66 56.19 -8.03
N ASN C 183 -13.90 57.27 -8.25
CA ASN C 183 -12.49 57.28 -7.85
C ASN C 183 -12.23 58.19 -6.66
N TRP C 184 -10.95 58.37 -6.33
CA TRP C 184 -10.57 59.13 -5.14
C TRP C 184 -10.91 60.61 -5.29
N ALA C 185 -10.80 61.16 -6.51
CA ALA C 185 -11.25 62.52 -6.73
C ALA C 185 -12.74 62.66 -6.42
N HIS C 186 -13.56 61.75 -6.98
CA HIS C 186 -14.99 61.76 -6.71
C HIS C 186 -15.27 61.66 -5.21
N ALA C 187 -14.55 60.77 -4.52
CA ALA C 187 -14.82 60.56 -3.10
C ALA C 187 -14.61 61.85 -2.31
N GLN C 188 -13.49 62.53 -2.55
CA GLN C 188 -13.23 63.78 -1.83
C GLN C 188 -14.30 64.83 -2.10
N ALA C 189 -14.76 64.94 -3.33
CA ALA C 189 -15.84 65.88 -3.61
C ALA C 189 -17.12 65.51 -2.85
N LEU C 190 -17.41 64.22 -2.72
CA LEU C 190 -18.61 63.81 -1.97
C LEU C 190 -18.43 64.03 -0.47
N ILE C 191 -17.24 63.75 0.06
CA ILE C 191 -16.99 63.97 1.48
C ILE C 191 -17.27 65.43 1.84
N GLU C 192 -16.86 66.36 0.99
CA GLU C 192 -17.07 67.78 1.27
C GLU C 192 -18.54 68.17 1.14
N ASP C 193 -19.11 67.99 -0.05
CA ASP C 193 -20.48 68.41 -0.32
C ASP C 193 -21.52 67.62 0.43
N ALA C 194 -21.16 66.71 1.34
CA ALA C 194 -22.15 65.96 2.10
C ALA C 194 -22.59 66.65 3.37
N LYS C 195 -21.79 67.59 3.88
CA LYS C 195 -22.16 68.26 5.12
C LYS C 195 -23.37 69.17 4.90
N GLU C 196 -23.45 69.81 3.73
CA GLU C 196 -24.50 70.79 3.48
C GLU C 196 -25.73 70.21 2.81
N ALA C 197 -25.57 69.20 1.96
CA ALA C 197 -26.68 68.67 1.17
C ALA C 197 -27.55 67.79 2.07
N LYS C 198 -28.71 68.31 2.48
CA LYS C 198 -29.62 67.51 3.28
C LYS C 198 -30.45 66.56 2.41
N ARG C 199 -30.69 66.91 1.15
CA ARG C 199 -31.50 66.13 0.23
C ARG C 199 -30.60 65.51 -0.83
N ILE C 200 -30.53 64.18 -0.86
CA ILE C 200 -29.67 63.43 -1.77
C ILE C 200 -30.54 62.54 -2.62
N THR C 201 -30.36 62.60 -3.94
CA THR C 201 -31.04 61.69 -4.85
C THR C 201 -29.98 60.80 -5.48
N VAL C 202 -30.10 59.50 -5.27
CA VAL C 202 -29.19 58.50 -5.81
C VAL C 202 -29.83 57.95 -7.08
N ILE C 203 -29.16 58.09 -8.21
CA ILE C 203 -29.70 57.68 -9.51
C ILE C 203 -29.02 56.37 -9.87
N GLY C 204 -29.79 55.27 -9.78
CA GLY C 204 -29.26 53.94 -9.96
C GLY C 204 -29.27 53.16 -8.66
N ALA C 205 -30.01 52.05 -8.62
CA ALA C 205 -30.14 51.22 -7.43
C ALA C 205 -29.40 49.90 -7.58
N GLY C 206 -28.23 49.94 -8.22
CA GLY C 206 -27.31 48.82 -8.18
C GLY C 206 -26.56 48.79 -6.86
N TYR C 207 -25.42 48.10 -6.83
CA TYR C 207 -24.65 48.02 -5.58
C TYR C 207 -24.19 49.41 -5.11
N ILE C 208 -23.63 50.22 -6.00
CA ILE C 208 -23.16 51.53 -5.56
C ILE C 208 -24.32 52.32 -4.97
N GLY C 209 -25.42 52.41 -5.72
CA GLY C 209 -26.55 53.21 -5.26
C GLY C 209 -27.17 52.67 -4.00
N ALA C 210 -27.34 51.35 -3.91
CA ALA C 210 -27.87 50.77 -2.68
C ALA C 210 -27.00 51.14 -1.49
N GLU C 211 -25.68 51.01 -1.64
CA GLU C 211 -24.81 51.30 -0.52
C GLU C 211 -24.79 52.79 -0.20
N LEU C 212 -24.83 53.64 -1.22
CA LEU C 212 -24.86 55.08 -0.96
C LEU C 212 -26.15 55.46 -0.23
N ALA C 213 -27.28 54.96 -0.72
CA ALA C 213 -28.56 55.31 -0.13
C ALA C 213 -28.60 54.93 1.34
N GLU C 214 -28.09 53.75 1.68
CA GLU C 214 -28.05 53.32 3.07
C GLU C 214 -27.14 54.20 3.90
N ALA C 215 -25.94 54.51 3.38
CA ALA C 215 -24.99 55.32 4.13
C ALA C 215 -25.52 56.73 4.39
N TYR C 216 -26.15 57.33 3.38
CA TYR C 216 -26.71 58.67 3.59
C TYR C 216 -27.92 58.62 4.51
N SER C 217 -28.75 57.59 4.39
CA SER C 217 -29.94 57.53 5.21
C SER C 217 -29.57 57.37 6.68
N THR C 218 -28.50 56.67 6.98
CA THR C 218 -28.14 56.46 8.38
C THR C 218 -27.38 57.62 8.98
N THR C 219 -27.00 58.60 8.17
CA THR C 219 -26.34 59.80 8.69
C THR C 219 -27.22 61.03 8.54
N GLY C 220 -28.54 60.83 8.57
CA GLY C 220 -29.48 61.93 8.69
C GLY C 220 -29.80 62.72 7.44
N HIS C 221 -29.59 62.16 6.25
CA HIS C 221 -30.01 62.85 5.03
C HIS C 221 -31.40 62.38 4.59
N ASP C 222 -32.01 63.16 3.70
CA ASP C 222 -33.27 62.80 3.05
C ASP C 222 -32.92 62.19 1.70
N VAL C 223 -33.10 60.88 1.59
CA VAL C 223 -32.60 60.12 0.45
C VAL C 223 -33.76 59.72 -0.44
N THR C 224 -33.58 59.90 -1.74
CA THR C 224 -34.45 59.34 -2.75
C THR C 224 -33.61 58.44 -3.64
N LEU C 225 -34.10 57.24 -3.90
CA LEU C 225 -33.35 56.24 -4.65
C LEU C 225 -34.14 55.89 -5.91
N ILE C 226 -33.58 56.23 -7.06
CA ILE C 226 -34.22 56.04 -8.36
C ILE C 226 -33.55 54.86 -9.05
N ASP C 227 -34.35 54.00 -9.69
CA ASP C 227 -33.82 53.05 -10.65
C ASP C 227 -34.77 52.93 -11.83
N ALA C 228 -34.20 52.63 -12.99
CA ALA C 228 -35.03 52.39 -14.16
C ALA C 228 -35.80 51.09 -14.05
N MET C 229 -35.28 50.14 -13.30
CA MET C 229 -35.91 48.87 -13.13
C MET C 229 -36.86 48.94 -11.98
N ALA C 230 -37.76 47.99 -11.95
CA ALA C 230 -38.81 47.88 -10.99
C ALA C 230 -38.44 47.54 -9.58
N ARG C 231 -37.25 47.02 -9.39
CA ARG C 231 -36.74 46.64 -8.10
C ARG C 231 -35.31 47.14 -7.89
N VAL C 232 -34.90 47.20 -6.64
CA VAL C 232 -33.55 47.56 -6.32
C VAL C 232 -32.65 46.33 -6.57
N MET C 233 -31.41 46.58 -6.91
CA MET C 233 -30.43 45.54 -7.16
C MET C 233 -31.00 44.39 -7.98
N PRO C 234 -31.70 44.68 -9.08
CA PRO C 234 -32.38 43.61 -9.82
C PRO C 234 -31.42 42.58 -10.41
N LYS C 235 -30.19 42.98 -10.73
CA LYS C 235 -29.22 42.04 -11.30
C LYS C 235 -28.78 40.97 -10.32
N TYR C 236 -28.84 41.24 -9.01
CA TYR C 236 -28.09 40.42 -8.08
C TYR C 236 -28.95 39.49 -7.22
N PHE C 237 -30.21 39.83 -7.00
CA PHE C 237 -31.09 39.02 -6.14
C PHE C 237 -32.47 38.92 -6.78
N ASP C 238 -33.20 37.87 -6.40
CA ASP C 238 -34.57 37.72 -6.84
C ASP C 238 -35.51 38.53 -5.95
N ALA C 239 -36.78 38.61 -6.35
CA ALA C 239 -37.69 39.55 -5.73
C ALA C 239 -37.98 39.22 -4.27
N ASP C 240 -37.90 37.94 -3.87
CA ASP C 240 -38.09 37.62 -2.46
C ASP C 240 -37.06 38.33 -1.59
N PHE C 241 -35.82 38.45 -2.08
CA PHE C 241 -34.81 39.21 -1.35
C PHE C 241 -35.07 40.71 -1.45
N THR C 242 -35.24 41.23 -2.67
CA THR C 242 -35.30 42.68 -2.82
C THR C 242 -36.58 43.26 -2.23
N ASP C 243 -37.65 42.45 -2.12
CA ASP C 243 -38.83 42.93 -1.40
C ASP C 243 -38.48 43.26 0.04
N VAL C 244 -37.65 42.43 0.65
CA VAL C 244 -37.25 42.66 2.04
C VAL C 244 -36.37 43.89 2.14
N ILE C 245 -35.42 44.02 1.21
CA ILE C 245 -34.53 45.18 1.20
C ILE C 245 -35.34 46.47 1.00
N GLU C 246 -36.24 46.47 0.01
CA GLU C 246 -37.03 47.68 -0.26
C GLU C 246 -37.83 48.09 0.97
N GLN C 247 -38.42 47.12 1.68
CA GLN C 247 -39.14 47.45 2.90
C GLN C 247 -38.19 48.02 3.96
N ASP C 248 -36.95 47.51 4.02
CA ASP C 248 -35.94 48.12 4.86
C ASP C 248 -35.72 49.58 4.50
N TYR C 249 -35.56 49.89 3.21
CA TYR C 249 -35.33 51.26 2.80
C TYR C 249 -36.49 52.15 3.25
N ARG C 250 -37.73 51.69 3.06
CA ARG C 250 -38.88 52.49 3.46
C ARG C 250 -38.91 52.68 4.97
N ASP C 251 -38.69 51.59 5.72
CA ASP C 251 -38.69 51.68 7.18
C ASP C 251 -37.69 52.70 7.70
N HIS C 252 -36.61 52.94 6.95
CA HIS C 252 -35.58 53.90 7.30
C HIS C 252 -35.77 55.24 6.60
N GLY C 253 -36.95 55.47 6.02
CA GLY C 253 -37.28 56.77 5.49
C GLY C 253 -36.65 57.11 4.15
N VAL C 254 -36.19 56.12 3.39
CA VAL C 254 -35.69 56.36 2.05
C VAL C 254 -36.88 56.33 1.09
N GLN C 255 -36.94 57.31 0.20
CA GLN C 255 -38.00 57.36 -0.81
C GLN C 255 -37.54 56.56 -2.02
N LEU C 256 -38.33 55.55 -2.39
CA LEU C 256 -38.04 54.72 -3.55
C LEU C 256 -38.75 55.27 -4.78
N ALA C 257 -38.00 55.41 -5.87
CA ALA C 257 -38.54 55.85 -7.15
C ALA C 257 -38.14 54.80 -8.20
N LEU C 258 -38.69 53.61 -8.06
CA LEU C 258 -38.35 52.47 -8.91
C LEU C 258 -39.17 52.50 -10.19
N GLY C 259 -38.54 52.06 -11.28
CA GLY C 259 -39.19 52.10 -12.58
C GLY C 259 -39.29 53.49 -13.16
N GLU C 260 -38.27 54.32 -12.94
CA GLU C 260 -38.30 55.72 -13.41
C GLU C 260 -36.95 56.07 -14.01
N THR C 261 -36.97 56.81 -15.11
CA THR C 261 -35.77 57.27 -15.79
C THR C 261 -35.75 58.79 -15.81
N VAL C 262 -34.58 59.36 -15.51
CA VAL C 262 -34.46 60.82 -15.45
C VAL C 262 -34.52 61.38 -16.86
N GLU C 263 -35.37 62.38 -17.05
CA GLU C 263 -35.47 63.08 -18.34
C GLU C 263 -34.63 64.34 -18.40
N SER C 264 -34.55 65.09 -17.31
CA SER C 264 -33.84 66.35 -17.30
C SER C 264 -33.38 66.67 -15.90
N PHE C 265 -32.25 67.38 -15.82
CA PHE C 265 -31.81 68.05 -14.60
C PHE C 265 -31.95 69.55 -14.81
N THR C 266 -32.63 70.23 -13.90
CA THR C 266 -32.91 71.66 -14.04
C THR C 266 -32.58 72.36 -12.73
N ASP C 267 -31.60 73.24 -12.76
CA ASP C 267 -31.28 74.01 -11.57
C ASP C 267 -32.44 74.94 -11.23
N SER C 268 -32.80 74.98 -9.94
CA SER C 268 -33.98 75.68 -9.47
C SER C 268 -33.59 76.63 -8.35
N ALA C 269 -34.55 77.45 -7.94
CA ALA C 269 -34.27 78.49 -6.96
C ALA C 269 -33.69 77.91 -5.69
N THR C 270 -34.23 76.77 -5.25
CA THR C 270 -33.89 76.18 -3.95
C THR C 270 -33.23 74.82 -4.07
N GLY C 271 -32.73 74.46 -5.25
CA GLY C 271 -32.05 73.20 -5.42
C GLY C 271 -32.08 72.76 -6.87
N LEU C 272 -31.93 71.46 -7.07
CA LEU C 272 -31.93 70.86 -8.39
C LEU C 272 -33.18 70.02 -8.57
N THR C 273 -33.83 70.18 -9.73
CA THR C 273 -35.08 69.50 -10.03
C THR C 273 -34.80 68.35 -10.99
N ILE C 274 -35.06 67.14 -10.51
CA ILE C 274 -34.91 65.93 -11.30
C ILE C 274 -36.28 65.57 -11.85
N LYS C 275 -36.42 65.58 -13.17
CA LYS C 275 -37.66 65.20 -13.82
C LYS C 275 -37.51 63.79 -14.37
N THR C 276 -38.37 62.88 -13.91
CA THR C 276 -38.46 61.55 -14.47
C THR C 276 -39.74 61.45 -15.30
N ASP C 277 -39.87 60.34 -16.01
CA ASP C 277 -41.08 60.13 -16.79
C ASP C 277 -42.32 59.96 -15.92
N LYS C 278 -42.17 59.90 -14.59
CA LYS C 278 -43.31 59.67 -13.72
C LYS C 278 -43.42 60.65 -12.56
N ASN C 279 -42.45 61.53 -12.36
CA ASN C 279 -42.49 62.37 -11.15
C ASN C 279 -41.39 63.42 -11.26
N SER C 280 -41.34 64.29 -10.25
CA SER C 280 -40.30 65.29 -10.12
C SER C 280 -39.82 65.34 -8.68
N TYR C 281 -38.52 65.50 -8.51
CA TYR C 281 -37.88 65.48 -7.20
C TYR C 281 -36.96 66.68 -7.06
N GLU C 282 -36.96 67.29 -5.88
CA GLU C 282 -36.09 68.40 -5.56
C GLU C 282 -34.98 67.92 -4.64
N THR C 283 -33.73 68.09 -5.07
CA THR C 283 -32.60 67.58 -4.31
C THR C 283 -31.48 68.61 -4.25
N ASP C 284 -30.62 68.44 -3.25
CA ASP C 284 -29.41 69.24 -3.10
C ASP C 284 -28.21 68.59 -3.77
N LEU C 285 -28.26 67.28 -4.00
CA LEU C 285 -27.17 66.59 -4.68
C LEU C 285 -27.72 65.34 -5.34
N ALA C 286 -27.37 65.14 -6.60
CA ALA C 286 -27.69 63.94 -7.34
C ALA C 286 -26.41 63.16 -7.59
N ILE C 287 -26.46 61.85 -7.38
CA ILE C 287 -25.32 60.98 -7.62
C ILE C 287 -25.69 60.02 -8.73
N LEU C 288 -24.87 59.98 -9.77
CA LEU C 288 -25.13 59.17 -10.97
C LEU C 288 -24.35 57.88 -10.82
N CYS C 289 -25.03 56.78 -10.50
CA CYS C 289 -24.39 55.47 -10.43
C CYS C 289 -25.29 54.45 -11.14
N ILE C 290 -25.27 54.49 -12.47
CA ILE C 290 -26.13 53.61 -13.26
C ILE C 290 -25.30 52.59 -14.04
N GLY C 291 -24.16 52.20 -13.48
CA GLY C 291 -23.34 51.15 -14.06
C GLY C 291 -22.06 51.68 -14.67
N PHE C 292 -21.26 50.73 -15.17
CA PHE C 292 -19.91 50.95 -15.67
C PHE C 292 -19.86 50.70 -17.16
N ARG C 293 -19.01 51.46 -17.84
CA ARG C 293 -18.68 51.24 -19.23
C ARG C 293 -17.19 50.93 -19.34
N PRO C 294 -16.78 49.86 -20.03
CA PRO C 294 -15.34 49.60 -20.19
C PRO C 294 -14.66 50.77 -20.88
N ASN C 295 -13.53 51.20 -20.32
CA ASN C 295 -12.76 52.35 -20.82
C ASN C 295 -11.70 51.83 -21.80
N THR C 296 -12.18 51.38 -22.95
CA THR C 296 -11.34 50.65 -23.89
C THR C 296 -11.26 51.33 -25.26
N ASP C 297 -11.56 52.62 -25.34
CA ASP C 297 -11.63 53.25 -26.66
C ASP C 297 -10.27 53.26 -27.36
N LEU C 298 -9.17 53.23 -26.61
CA LEU C 298 -7.85 53.18 -27.23
C LEU C 298 -7.72 51.98 -28.16
N LEU C 299 -8.46 50.89 -27.92
CA LEU C 299 -8.33 49.70 -28.74
C LEU C 299 -9.59 49.36 -29.53
N LYS C 300 -10.59 50.24 -29.52
CA LYS C 300 -11.77 50.00 -30.32
C LYS C 300 -11.36 49.80 -31.77
N GLY C 301 -11.87 48.74 -32.39
CA GLY C 301 -11.46 48.37 -33.72
C GLY C 301 -10.18 47.57 -33.81
N LYS C 302 -9.41 47.46 -32.73
CA LYS C 302 -8.10 46.84 -32.78
C LYS C 302 -7.99 45.49 -32.09
N VAL C 303 -8.92 45.15 -31.20
CA VAL C 303 -8.97 43.83 -30.58
C VAL C 303 -10.44 43.45 -30.42
N ASP C 304 -10.73 42.15 -30.51
CA ASP C 304 -12.10 41.69 -30.36
C ASP C 304 -12.70 42.22 -29.06
N MET C 305 -13.93 42.72 -29.14
CA MET C 305 -14.62 43.27 -27.99
C MET C 305 -16.06 42.76 -27.93
N ALA C 306 -16.61 42.75 -26.71
CA ALA C 306 -18.04 42.56 -26.54
C ALA C 306 -18.78 43.79 -27.05
N PRO C 307 -20.09 43.72 -27.19
CA PRO C 307 -20.84 44.86 -27.74
C PRO C 307 -20.64 46.14 -26.95
N ASN C 308 -20.37 46.06 -25.65
CA ASN C 308 -20.16 47.25 -24.82
C ASN C 308 -18.70 47.68 -24.77
N GLY C 309 -17.81 47.03 -25.49
CA GLY C 309 -16.41 47.42 -25.49
C GLY C 309 -15.51 46.62 -24.57
N ALA C 310 -16.05 45.65 -23.83
CA ALA C 310 -15.21 44.84 -22.97
C ALA C 310 -14.27 43.98 -23.83
N ILE C 311 -12.99 43.96 -23.46
CA ILE C 311 -12.01 43.21 -24.23
C ILE C 311 -12.20 41.72 -23.96
N ILE C 312 -12.37 40.95 -25.03
CA ILE C 312 -12.46 39.50 -24.94
C ILE C 312 -11.05 38.92 -24.79
N THR C 313 -10.89 37.97 -23.87
CA THR C 313 -9.60 37.32 -23.67
C THR C 313 -9.73 35.82 -23.79
N ASP C 314 -8.59 35.16 -23.99
CA ASP C 314 -8.52 33.72 -23.89
C ASP C 314 -8.33 33.34 -22.41
N ASP C 315 -8.15 32.05 -22.14
CA ASP C 315 -7.96 31.63 -20.75
C ASP C 315 -6.66 32.13 -20.15
N TYR C 316 -5.83 32.85 -20.90
CA TYR C 316 -4.60 33.38 -20.34
C TYR C 316 -4.64 34.89 -20.21
N MET C 317 -5.81 35.49 -20.39
CA MET C 317 -6.02 36.93 -20.34
C MET C 317 -5.39 37.65 -21.52
N ARG C 318 -5.12 36.93 -22.61
CA ARG C 318 -4.61 37.51 -23.86
C ARG C 318 -5.77 37.97 -24.74
N SER C 319 -5.72 39.21 -25.22
CA SER C 319 -6.68 39.67 -26.20
C SER C 319 -6.43 39.00 -27.55
N SER C 320 -7.28 39.32 -28.52
CA SER C 320 -7.09 38.78 -29.86
C SER C 320 -5.73 39.18 -30.46
N ASN C 321 -5.08 40.21 -29.92
CA ASN C 321 -3.72 40.53 -30.30
C ASN C 321 -2.77 39.93 -29.28
N PRO C 322 -1.95 38.94 -29.65
CA PRO C 322 -1.20 38.16 -28.65
C PRO C 322 -0.14 38.94 -27.88
N ASP C 323 0.07 40.23 -28.15
CA ASP C 323 0.98 41.02 -27.32
C ASP C 323 0.24 41.99 -26.42
N ILE C 324 -1.09 41.96 -26.42
CA ILE C 324 -1.90 42.83 -25.58
C ILE C 324 -2.72 41.95 -24.64
N PHE C 325 -2.46 42.08 -23.35
CA PHE C 325 -3.24 41.44 -22.30
C PHE C 325 -4.23 42.45 -21.73
N ALA C 326 -5.34 41.93 -21.19
CA ALA C 326 -6.33 42.75 -20.51
C ALA C 326 -6.68 42.09 -19.17
N ALA C 327 -6.90 42.92 -18.15
CA ALA C 327 -7.30 42.43 -16.83
C ALA C 327 -8.13 43.51 -16.17
N GLY C 328 -9.11 43.09 -15.38
CA GLY C 328 -9.92 44.05 -14.65
C GLY C 328 -11.10 44.55 -15.46
N ASP C 329 -11.60 45.72 -15.07
CA ASP C 329 -12.83 46.27 -15.67
C ASP C 329 -12.68 46.65 -17.14
N SER C 330 -11.49 46.54 -17.72
CA SER C 330 -11.37 46.68 -19.17
C SER C 330 -11.77 45.40 -19.90
N ALA C 331 -11.88 44.30 -19.16
CA ALA C 331 -11.99 42.98 -19.75
C ALA C 331 -13.34 42.35 -19.41
N ALA C 332 -13.79 41.46 -20.29
CA ALA C 332 -14.91 40.60 -19.98
C ALA C 332 -14.45 39.50 -19.05
N VAL C 333 -15.40 38.90 -18.34
CA VAL C 333 -15.13 37.71 -17.55
C VAL C 333 -15.61 36.51 -18.33
N HIS C 334 -15.06 35.33 -18.01
CA HIS C 334 -15.65 34.06 -18.41
C HIS C 334 -16.63 33.66 -17.32
N TYR C 335 -17.91 33.67 -17.61
CA TYR C 335 -18.95 33.48 -16.60
C TYR C 335 -19.32 32.00 -16.57
N ASN C 336 -18.87 31.29 -15.54
CA ASN C 336 -19.01 29.83 -15.53
C ASN C 336 -20.45 29.33 -15.60
N PRO C 337 -21.43 29.93 -14.91
CA PRO C 337 -22.79 29.36 -14.98
C PRO C 337 -23.36 29.25 -16.39
N THR C 338 -23.01 30.17 -17.29
CA THR C 338 -23.49 30.08 -18.67
C THR C 338 -22.40 29.71 -19.66
N HIS C 339 -21.14 29.66 -19.23
CA HIS C 339 -20.00 29.40 -20.11
C HIS C 339 -19.98 30.38 -21.28
N GLN C 340 -20.14 31.66 -20.96
CA GLN C 340 -20.06 32.71 -21.95
C GLN C 340 -19.35 33.92 -21.35
N ASN C 341 -18.86 34.78 -22.23
CA ASN C 341 -18.31 36.05 -21.79
C ASN C 341 -19.42 36.93 -21.24
N ALA C 342 -19.09 37.71 -20.22
CA ALA C 342 -20.03 38.65 -19.65
C ALA C 342 -19.24 39.83 -19.10
N TYR C 343 -19.97 40.88 -18.70
CA TYR C 343 -19.34 42.06 -18.11
C TYR C 343 -19.97 42.29 -16.74
N ILE C 344 -19.30 41.86 -15.69
CA ILE C 344 -19.75 42.01 -14.31
C ILE C 344 -18.57 42.56 -13.52
N PRO C 345 -18.29 43.86 -13.62
CA PRO C 345 -17.04 44.39 -13.05
C PRO C 345 -17.03 44.36 -11.53
N LEU C 346 -16.05 43.65 -10.98
CA LEU C 346 -15.86 43.53 -9.54
C LEU C 346 -14.36 43.56 -9.28
N ALA C 347 -13.98 44.12 -8.14
CA ALA C 347 -12.56 44.13 -7.78
C ALA C 347 -11.96 42.72 -7.79
N THR C 348 -12.77 41.71 -7.46
CA THR C 348 -12.25 40.34 -7.41
C THR C 348 -11.67 39.90 -8.75
N ASN C 349 -12.25 40.37 -9.86
CA ASN C 349 -11.70 40.04 -11.18
C ASN C 349 -10.37 40.74 -11.41
N ALA C 350 -10.25 41.98 -10.95
CA ALA C 350 -9.05 42.75 -11.21
C ALA C 350 -7.85 42.14 -10.53
N VAL C 351 -7.99 41.78 -9.25
CA VAL C 351 -6.86 41.25 -8.52
C VAL C 351 -6.47 39.88 -9.10
N ARG C 352 -7.46 39.08 -9.53
CA ARG C 352 -7.15 37.76 -10.06
C ARG C 352 -6.55 37.87 -11.47
N GLN C 353 -7.21 38.62 -12.35
CA GLN C 353 -6.74 38.71 -13.73
C GLN C 353 -5.40 39.43 -13.80
N GLY C 354 -5.17 40.42 -12.94
CA GLY C 354 -3.86 41.03 -12.88
C GLY C 354 -2.76 40.01 -12.60
N ILE C 355 -3.00 39.12 -11.63
CA ILE C 355 -2.02 38.08 -11.34
C ILE C 355 -1.80 37.19 -12.54
N LEU C 356 -2.89 36.81 -13.22
CA LEU C 356 -2.78 35.92 -14.36
C LEU C 356 -1.98 36.56 -15.49
N VAL C 357 -2.17 37.86 -15.71
CA VAL C 357 -1.37 38.55 -16.71
C VAL C 357 0.11 38.35 -16.41
N GLY C 358 0.51 38.62 -15.17
CA GLY C 358 1.91 38.45 -14.79
C GLY C 358 2.39 37.01 -15.00
N LYS C 359 1.53 36.03 -14.71
CA LYS C 359 1.95 34.65 -14.85
C LYS C 359 2.08 34.25 -16.31
N ASN C 360 1.29 34.86 -17.19
CA ASN C 360 1.17 34.42 -18.58
C ASN C 360 1.82 35.40 -19.57
N LEU C 361 2.58 36.38 -19.07
CA LEU C 361 3.10 37.43 -19.94
C LEU C 361 3.99 36.87 -21.04
N VAL C 362 4.79 35.86 -20.72
CA VAL C 362 5.76 35.28 -21.65
C VAL C 362 5.21 34.05 -22.34
N LYS C 363 4.65 33.11 -21.57
CA LYS C 363 4.06 31.92 -22.17
C LYS C 363 2.89 31.48 -21.30
N PRO C 364 1.93 30.75 -21.88
CA PRO C 364 0.75 30.32 -21.12
C PRO C 364 1.11 29.44 -19.94
N THR C 365 0.92 29.93 -18.72
CA THR C 365 1.33 29.20 -17.53
C THR C 365 0.16 28.79 -16.64
N VAL C 366 -0.79 29.68 -16.37
CA VAL C 366 -1.89 29.42 -15.45
C VAL C 366 -3.20 29.80 -16.14
N LYS C 367 -4.11 28.86 -16.25
CA LYS C 367 -5.41 29.11 -16.86
C LYS C 367 -6.31 29.92 -15.93
N TYR C 368 -7.13 30.76 -16.55
CA TYR C 368 -8.18 31.51 -15.85
C TYR C 368 -9.33 30.56 -15.52
N MET C 369 -9.75 30.54 -14.25
CA MET C 369 -10.80 29.63 -13.79
C MET C 369 -12.21 30.15 -14.06
N GLY C 370 -12.36 31.34 -14.64
CA GLY C 370 -13.68 31.93 -14.77
C GLY C 370 -14.18 32.46 -13.43
N THR C 371 -15.47 32.80 -13.41
CA THR C 371 -16.04 33.34 -12.19
C THR C 371 -17.52 33.04 -12.11
N GLN C 372 -18.02 33.08 -10.89
CA GLN C 372 -19.44 33.02 -10.57
C GLN C 372 -20.02 34.38 -10.29
N SER C 373 -19.19 35.43 -10.34
CA SER C 373 -19.60 36.78 -9.99
C SER C 373 -20.22 36.81 -8.59
N SER C 374 -19.58 36.12 -7.65
CA SER C 374 -20.05 36.15 -6.29
C SER C 374 -19.98 37.56 -5.74
N SER C 375 -21.02 37.98 -5.03
CA SER C 375 -21.01 39.36 -4.57
C SER C 375 -22.00 39.53 -3.42
N GLY C 376 -21.87 40.65 -2.74
CA GLY C 376 -22.80 40.96 -1.67
C GLY C 376 -22.42 42.22 -0.94
N LEU C 377 -23.20 42.49 0.09
CA LEU C 377 -23.02 43.73 0.83
C LEU C 377 -23.74 43.61 2.16
N ALA C 378 -23.59 44.64 2.98
CA ALA C 378 -24.27 44.77 4.25
C ALA C 378 -25.16 45.99 4.16
N LEU C 379 -26.44 45.83 4.50
CA LEU C 379 -27.40 46.92 4.47
C LEU C 379 -28.23 46.85 5.73
N TYR C 380 -28.26 47.93 6.49
CA TYR C 380 -29.07 48.00 7.72
C TYR C 380 -28.98 46.71 8.54
N ASP C 381 -27.76 46.30 8.88
CA ASP C 381 -27.64 45.14 9.77
C ASP C 381 -27.85 43.80 9.09
N ARG C 382 -28.28 43.79 7.82
CA ARG C 382 -28.46 42.55 7.09
C ARG C 382 -27.24 42.28 6.20
N THR C 383 -26.75 41.05 6.27
CA THR C 383 -25.80 40.50 5.31
C THR C 383 -26.59 39.87 4.15
N ILE C 384 -26.29 40.30 2.92
CA ILE C 384 -26.98 39.81 1.74
C ILE C 384 -25.93 39.45 0.68
N VAL C 385 -25.87 38.17 0.30
CA VAL C 385 -24.83 37.69 -0.60
C VAL C 385 -25.45 36.77 -1.65
N SER C 386 -24.81 36.70 -2.82
CA SER C 386 -25.28 35.82 -3.87
C SER C 386 -24.11 35.37 -4.74
N THR C 387 -24.35 34.30 -5.49
CA THR C 387 -23.39 33.84 -6.47
C THR C 387 -24.16 33.22 -7.63
N GLY C 388 -23.57 33.28 -8.82
CA GLY C 388 -24.18 32.67 -9.97
C GLY C 388 -25.47 33.37 -10.39
N LEU C 389 -26.37 32.60 -10.99
CA LEU C 389 -27.56 33.17 -11.62
C LEU C 389 -28.73 33.31 -10.65
N THR C 390 -29.44 34.43 -10.75
CA THR C 390 -30.77 34.49 -10.18
C THR C 390 -31.71 33.64 -11.04
N LEU C 391 -32.88 33.32 -10.49
CA LEU C 391 -33.90 32.69 -11.32
C LEU C 391 -34.32 33.63 -12.45
N ALA C 392 -34.61 34.90 -12.12
CA ALA C 392 -35.00 35.86 -13.15
C ALA C 392 -33.99 35.90 -14.30
N ALA C 393 -32.70 35.98 -13.97
CA ALA C 393 -31.70 36.05 -15.03
C ALA C 393 -31.66 34.74 -15.81
N ALA C 394 -31.72 33.60 -15.11
CA ALA C 394 -31.68 32.32 -15.81
C ALA C 394 -32.82 32.22 -16.82
N LYS C 395 -34.04 32.60 -16.41
CA LYS C 395 -35.18 32.49 -17.31
C LYS C 395 -35.14 33.54 -18.41
N GLN C 396 -34.68 34.75 -18.09
CA GLN C 396 -34.53 35.78 -19.12
C GLN C 396 -33.60 35.31 -20.23
N GLN C 397 -32.65 34.42 -19.91
CA GLN C 397 -31.69 33.91 -20.89
C GLN C 397 -32.11 32.59 -21.49
N GLY C 398 -33.33 32.13 -21.21
CA GLY C 398 -33.81 30.90 -21.78
C GLY C 398 -33.27 29.63 -21.16
N LEU C 399 -32.65 29.69 -19.98
CA LEU C 399 -32.15 28.48 -19.36
C LEU C 399 -33.27 27.71 -18.69
N ASN C 400 -33.12 26.39 -18.68
CA ASN C 400 -33.99 25.53 -17.89
C ASN C 400 -33.61 25.70 -16.42
N ALA C 401 -34.49 26.29 -15.62
CA ALA C 401 -34.10 26.66 -14.26
C ALA C 401 -35.31 26.74 -13.36
N GLU C 402 -35.12 26.28 -12.12
CA GLU C 402 -36.11 26.38 -11.06
C GLU C 402 -35.41 26.86 -9.81
N GLN C 403 -36.20 27.15 -8.78
CA GLN C 403 -35.71 27.79 -7.58
C GLN C 403 -36.47 27.30 -6.37
N VAL C 404 -35.78 27.18 -5.23
CA VAL C 404 -36.45 27.03 -3.94
C VAL C 404 -36.02 28.20 -3.07
N ILE C 405 -36.97 28.73 -2.32
CA ILE C 405 -36.71 29.72 -1.28
C ILE C 405 -36.94 29.03 0.05
N VAL C 406 -35.99 29.16 0.98
CA VAL C 406 -36.09 28.54 2.29
C VAL C 406 -35.71 29.56 3.35
N GLU C 407 -36.52 29.66 4.40
CA GLU C 407 -36.20 30.48 5.55
C GLU C 407 -36.11 29.59 6.78
N ASP C 408 -34.97 29.62 7.45
CA ASP C 408 -34.75 28.82 8.64
C ASP C 408 -33.86 29.61 9.57
N ASN C 409 -33.99 29.37 10.87
CA ASN C 409 -32.99 29.89 11.80
C ASN C 409 -31.67 29.20 11.53
N TYR C 410 -30.59 29.97 11.57
CA TYR C 410 -29.31 29.41 11.14
C TYR C 410 -28.76 28.43 12.17
N ARG C 411 -29.14 28.57 13.46
CA ARG C 411 -28.75 27.60 14.47
C ARG C 411 -29.93 27.31 15.38
N PRO C 412 -29.83 26.33 16.28
CA PRO C 412 -31.04 25.88 17.00
C PRO C 412 -31.59 26.93 17.96
N GLU C 413 -32.92 26.87 18.11
CA GLU C 413 -33.66 27.80 18.97
C GLU C 413 -33.28 27.67 20.45
N PHE C 414 -32.72 26.53 20.87
CA PHE C 414 -32.37 26.40 22.27
C PHE C 414 -31.12 27.20 22.64
N MET C 415 -30.39 27.71 21.65
CA MET C 415 -29.27 28.57 21.93
C MET C 415 -29.75 29.88 22.52
N PRO C 416 -28.85 30.68 23.12
CA PRO C 416 -29.28 31.95 23.72
C PRO C 416 -29.83 32.95 22.72
N SER C 417 -29.49 32.81 21.44
CA SER C 417 -30.05 33.65 20.38
C SER C 417 -29.96 32.86 19.08
N THR C 418 -30.74 33.29 18.10
CA THR C 418 -30.62 32.78 16.75
C THR C 418 -31.22 33.82 15.81
N GLU C 419 -31.03 33.60 14.50
CA GLU C 419 -31.49 34.54 13.47
C GLU C 419 -32.01 33.77 12.27
N PRO C 420 -33.12 34.20 11.69
CA PRO C 420 -33.54 33.60 10.41
C PRO C 420 -32.54 33.90 9.32
N VAL C 421 -32.34 32.94 8.42
CA VAL C 421 -31.62 33.16 7.18
C VAL C 421 -32.56 32.81 6.03
N LEU C 422 -32.75 33.77 5.13
CA LEU C 422 -33.52 33.57 3.91
C LEU C 422 -32.57 33.11 2.81
N MET C 423 -32.88 31.98 2.19
CA MET C 423 -31.97 31.36 1.25
C MET C 423 -32.68 31.08 -0.05
N SER C 424 -31.92 31.15 -1.15
CA SER C 424 -32.39 30.87 -2.48
C SER C 424 -31.40 29.92 -3.13
N LEU C 425 -31.90 28.87 -3.77
CA LEU C 425 -31.04 28.02 -4.59
C LEU C 425 -31.67 27.89 -5.98
N VAL C 426 -30.89 28.20 -7.01
CA VAL C 426 -31.34 28.18 -8.38
C VAL C 426 -30.62 27.04 -9.09
N PHE C 427 -31.39 26.20 -9.77
CA PHE C 427 -30.84 24.94 -10.27
C PHE C 427 -31.55 24.50 -11.54
N ASP C 428 -30.83 23.72 -12.33
CA ASP C 428 -31.42 23.05 -13.49
C ASP C 428 -32.22 21.84 -13.04
N PRO C 429 -33.54 21.81 -13.23
CA PRO C 429 -34.34 20.71 -12.68
C PRO C 429 -34.09 19.38 -13.37
N ASP C 430 -33.51 19.37 -14.56
CA ASP C 430 -33.21 18.13 -15.26
C ASP C 430 -31.86 17.56 -14.83
N THR C 431 -30.78 18.32 -15.04
CA THR C 431 -29.46 17.85 -14.67
C THR C 431 -29.19 17.97 -13.17
N HIS C 432 -29.97 18.76 -12.45
CA HIS C 432 -29.74 19.07 -11.03
C HIS C 432 -28.53 19.96 -10.80
N ARG C 433 -27.91 20.49 -11.84
CA ARG C 433 -26.75 21.36 -11.66
C ARG C 433 -27.17 22.64 -10.91
N ILE C 434 -26.35 23.04 -9.94
CA ILE C 434 -26.55 24.31 -9.26
C ILE C 434 -26.19 25.45 -10.21
N LEU C 435 -27.11 26.39 -10.38
CA LEU C 435 -26.89 27.56 -11.22
C LEU C 435 -26.56 28.83 -10.45
N GLY C 436 -26.99 28.91 -9.19
CA GLY C 436 -26.80 30.13 -8.40
C GLY C 436 -27.48 29.96 -7.06
N GLY C 437 -27.17 30.89 -6.17
CA GLY C 437 -27.81 30.91 -4.86
C GLY C 437 -27.55 32.22 -4.16
N ALA C 438 -28.30 32.45 -3.08
CA ALA C 438 -28.17 33.69 -2.32
C ALA C 438 -28.57 33.42 -0.88
N LEU C 439 -28.00 34.18 0.04
CA LEU C 439 -28.40 34.11 1.45
C LEU C 439 -28.51 35.51 2.02
N MET C 440 -29.44 35.66 2.96
CA MET C 440 -29.68 36.94 3.61
C MET C 440 -30.00 36.71 5.08
N SER C 441 -29.28 37.40 5.97
CA SER C 441 -29.50 37.20 7.40
C SER C 441 -28.89 38.37 8.17
N LYS C 442 -29.44 38.61 9.36
CA LYS C 442 -28.73 39.45 10.32
C LYS C 442 -27.48 38.77 10.88
N TYR C 443 -27.41 37.44 10.84
CA TYR C 443 -26.16 36.75 11.10
C TYR C 443 -25.30 36.81 9.85
N ASP C 444 -23.99 37.00 10.04
CA ASP C 444 -23.09 37.14 8.90
C ASP C 444 -22.90 35.83 8.16
N VAL C 445 -23.73 35.59 7.13
CA VAL C 445 -23.70 34.38 6.32
C VAL C 445 -22.82 34.53 5.09
N SER C 446 -22.00 35.57 5.02
CA SER C 446 -21.34 35.87 3.76
C SER C 446 -20.47 34.72 3.28
N GLN C 447 -19.78 34.03 4.19
CA GLN C 447 -18.87 32.96 3.74
C GLN C 447 -19.61 31.84 3.02
N SER C 448 -20.91 31.66 3.29
CA SER C 448 -21.68 30.63 2.61
C SER C 448 -21.85 30.90 1.13
N ALA C 449 -21.77 32.16 0.69
CA ALA C 449 -21.81 32.41 -0.73
C ALA C 449 -20.56 31.88 -1.41
N ASN C 450 -19.43 31.92 -0.72
CA ASN C 450 -18.20 31.34 -1.27
C ASN C 450 -18.26 29.83 -1.29
N THR C 451 -18.91 29.21 -0.31
CA THR C 451 -19.16 27.76 -0.42
C THR C 451 -19.93 27.46 -1.69
N LEU C 452 -21.04 28.18 -1.91
CA LEU C 452 -21.80 27.97 -3.13
C LEU C 452 -20.94 28.21 -4.37
N SER C 453 -20.10 29.25 -4.34
CA SER C 453 -19.27 29.52 -5.51
C SER C 453 -18.38 28.33 -5.82
N VAL C 454 -17.77 27.71 -4.80
CA VAL C 454 -16.94 26.53 -5.05
C VAL C 454 -17.78 25.38 -5.59
N CYS C 455 -19.01 25.20 -5.08
CA CYS C 455 -19.90 24.19 -5.62
C CYS C 455 -20.11 24.39 -7.12
N ILE C 456 -20.45 25.62 -7.52
CA ILE C 456 -20.67 25.92 -8.93
C ILE C 456 -19.39 25.75 -9.73
N GLN C 457 -18.26 26.20 -9.18
CA GLN C 457 -16.99 26.03 -9.88
C GLN C 457 -16.75 24.57 -10.23
N ASN C 458 -17.17 23.65 -9.36
CA ASN C 458 -16.95 22.23 -9.54
C ASN C 458 -18.15 21.53 -10.20
N GLU C 459 -19.10 22.29 -10.75
CA GLU C 459 -20.30 21.75 -11.42
C GLU C 459 -21.11 20.81 -10.52
N ASN C 460 -21.18 21.12 -9.23
CA ASN C 460 -21.91 20.28 -8.30
C ASN C 460 -23.42 20.43 -8.49
N THR C 461 -24.15 19.40 -8.07
CA THR C 461 -25.60 19.32 -8.18
C THR C 461 -26.25 19.59 -6.83
N ILE C 462 -27.58 19.74 -6.86
CA ILE C 462 -28.29 19.90 -5.59
C ILE C 462 -28.16 18.65 -4.73
N ASP C 463 -27.89 17.50 -5.35
CA ASP C 463 -27.72 16.26 -4.60
C ASP C 463 -26.37 16.23 -3.88
N ASP C 464 -25.32 16.75 -4.52
CA ASP C 464 -24.04 16.94 -3.83
C ASP C 464 -24.22 17.81 -2.60
N LEU C 465 -24.83 18.97 -2.78
CA LEU C 465 -24.93 19.93 -1.68
C LEU C 465 -25.85 19.44 -0.58
N ALA C 466 -26.87 18.67 -0.93
CA ALA C 466 -27.81 18.17 0.07
C ALA C 466 -27.10 17.28 1.11
N MET C 467 -26.02 16.61 0.72
CA MET C 467 -25.40 15.63 1.60
C MET C 467 -23.93 15.86 1.90
N VAL C 468 -23.24 16.79 1.22
CA VAL C 468 -21.80 16.93 1.44
C VAL C 468 -21.52 17.23 2.89
N ASP C 469 -20.43 16.68 3.41
CA ASP C 469 -20.01 16.89 4.79
C ASP C 469 -19.91 18.37 5.11
N MET C 470 -20.59 18.79 6.18
CA MET C 470 -20.43 20.11 6.77
C MET C 470 -20.54 19.94 8.29
N LEU C 471 -19.76 20.73 9.03
CA LEU C 471 -19.66 20.49 10.46
C LEU C 471 -20.97 20.84 11.16
N PHE C 472 -21.19 20.20 12.32
CA PHE C 472 -22.31 20.54 13.20
C PHE C 472 -21.77 20.93 14.57
N GLN C 473 -22.13 22.12 15.01
CA GLN C 473 -21.99 22.48 16.40
C GLN C 473 -23.05 23.54 16.65
N PRO C 474 -23.84 23.42 17.72
CA PRO C 474 -25.00 24.33 17.88
C PRO C 474 -24.61 25.80 17.94
N ASN C 475 -23.36 26.13 18.24
CA ASN C 475 -22.95 27.53 18.12
C ASN C 475 -23.05 28.04 16.69
N PHE C 476 -23.03 27.14 15.71
CA PHE C 476 -22.90 27.53 14.31
C PHE C 476 -24.08 27.11 13.43
N ASP C 477 -24.75 26.00 13.72
CA ASP C 477 -25.76 25.50 12.80
C ASP C 477 -26.52 24.38 13.50
N ARG C 478 -27.53 23.86 12.81
CA ARG C 478 -28.19 22.61 13.19
C ARG C 478 -27.40 21.42 12.68
N PRO C 479 -27.79 20.20 13.05
CA PRO C 479 -27.05 19.01 12.60
C PRO C 479 -26.78 18.97 11.10
N PHE C 480 -27.76 19.30 10.27
CA PHE C 480 -27.51 19.65 8.87
C PHE C 480 -27.27 21.15 8.77
N ASN C 481 -26.19 21.54 8.09
CA ASN C 481 -25.94 22.96 7.84
C ASN C 481 -27.07 23.54 7.00
N TYR C 482 -27.38 24.83 7.22
CA TYR C 482 -28.48 25.43 6.46
C TYR C 482 -28.27 25.32 4.94
N LEU C 483 -27.02 25.23 4.47
CA LEU C 483 -26.81 24.97 3.03
C LEU C 483 -27.24 23.54 2.65
N ASN C 484 -26.97 22.55 3.50
CA ASN C 484 -27.49 21.22 3.25
C ASN C 484 -29.02 21.25 3.18
N ILE C 485 -29.63 21.95 4.14
CA ILE C 485 -31.08 22.05 4.22
C ILE C 485 -31.64 22.68 2.96
N LEU C 486 -31.03 23.78 2.53
CA LEU C 486 -31.44 24.45 1.30
C LEU C 486 -31.49 23.48 0.12
N ALA C 487 -30.42 22.72 -0.10
CA ALA C 487 -30.39 21.80 -1.22
C ALA C 487 -31.34 20.63 -1.00
N GLN C 488 -31.61 20.24 0.25
CA GLN C 488 -32.59 19.19 0.47
C GLN C 488 -33.98 19.65 0.07
N ALA C 489 -34.30 20.93 0.28
CA ALA C 489 -35.58 21.45 -0.19
C ALA C 489 -35.66 21.48 -1.71
N ALA C 490 -34.54 21.73 -2.36
CA ALA C 490 -34.50 21.62 -3.82
C ALA C 490 -34.74 20.18 -4.26
N GLN C 491 -34.13 19.23 -3.57
CA GLN C 491 -34.42 17.84 -3.88
C GLN C 491 -35.91 17.57 -3.74
N ALA C 492 -36.55 18.09 -2.69
CA ALA C 492 -37.97 17.81 -2.49
C ALA C 492 -38.81 18.40 -3.61
N LYS C 493 -38.44 19.58 -4.10
CA LYS C 493 -39.21 20.18 -5.19
C LYS C 493 -39.09 19.36 -6.47
N VAL C 494 -37.90 18.83 -6.74
CA VAL C 494 -37.70 18.00 -7.92
C VAL C 494 -38.47 16.69 -7.80
N ALA C 495 -38.41 16.04 -6.64
CA ALA C 495 -39.13 14.79 -6.42
C ALA C 495 -40.63 14.98 -6.59
N GLN C 496 -41.14 16.12 -6.10
CA GLN C 496 -42.57 16.39 -6.17
C GLN C 496 -43.06 16.51 -7.60
N SER C 497 -42.19 16.99 -8.50
CA SER C 497 -42.59 17.15 -9.90
C SER C 497 -42.66 15.82 -10.63
N VAL C 498 -41.76 14.88 -10.28
CA VAL C 498 -41.72 13.59 -10.96
C VAL C 498 -43.05 12.84 -10.85
N ASN C 499 -43.86 13.14 -9.84
CA ASN C 499 -45.15 12.45 -9.67
C ASN C 499 -46.29 13.44 -9.47
N SER D 50 -45.80 -7.80 3.46
CA SER D 50 -44.96 -6.62 3.20
C SER D 50 -43.60 -6.74 3.89
N MET D 51 -42.76 -5.73 3.70
CA MET D 51 -41.38 -5.79 4.18
C MET D 51 -41.30 -5.41 5.66
N LYS D 52 -40.60 -6.22 6.43
CA LYS D 52 -40.49 -6.01 7.87
C LYS D 52 -39.11 -5.49 8.21
N VAL D 53 -39.07 -4.35 8.91
CA VAL D 53 -37.81 -3.68 9.21
C VAL D 53 -37.66 -3.54 10.71
N THR D 54 -36.58 -4.07 11.25
CA THR D 54 -36.21 -3.88 12.63
C THR D 54 -35.09 -2.85 12.73
N VAL D 55 -35.27 -1.85 13.58
CA VAL D 55 -34.28 -0.81 13.81
C VAL D 55 -33.79 -0.95 15.25
N VAL D 56 -32.48 -1.16 15.40
CA VAL D 56 -31.86 -1.38 16.71
C VAL D 56 -31.20 -0.07 17.13
N GLY D 57 -31.84 0.65 18.05
CA GLY D 57 -31.29 1.87 18.60
C GLY D 57 -31.87 3.11 17.95
N CYS D 58 -32.18 4.14 18.74
CA CYS D 58 -32.85 5.30 18.13
C CYS D 58 -32.52 6.55 18.94
N THR D 59 -31.39 7.19 18.60
CA THR D 59 -31.15 8.57 19.03
C THR D 59 -31.19 9.49 17.81
N HIS D 60 -30.21 9.41 16.92
CA HIS D 60 -30.21 10.25 15.71
C HIS D 60 -30.26 9.44 14.43
N ALA D 61 -29.35 8.48 14.24
CA ALA D 61 -29.35 7.72 13.00
C ALA D 61 -30.64 6.92 12.87
N GLY D 62 -31.08 6.26 13.93
CA GLY D 62 -32.34 5.54 13.87
C GLY D 62 -33.50 6.47 13.55
N THR D 63 -33.50 7.66 14.16
CA THR D 63 -34.60 8.60 13.93
C THR D 63 -34.69 8.98 12.45
N PHE D 64 -33.57 9.39 11.86
CA PHE D 64 -33.57 9.77 10.45
C PHE D 64 -33.83 8.56 9.55
N ALA D 65 -33.28 7.39 9.88
CA ALA D 65 -33.57 6.21 9.07
C ALA D 65 -35.07 5.89 9.08
N ILE D 66 -35.69 5.94 10.25
CA ILE D 66 -37.10 5.59 10.38
C ILE D 66 -37.97 6.57 9.59
N LYS D 67 -37.72 7.87 9.76
CA LYS D 67 -38.49 8.86 9.01
C LYS D 67 -38.31 8.68 7.50
N GLN D 68 -37.09 8.35 7.07
CA GLN D 68 -36.85 8.16 5.65
C GLN D 68 -37.50 6.89 5.14
N ILE D 69 -37.41 5.80 5.91
CA ILE D 69 -38.05 4.54 5.50
C ILE D 69 -39.55 4.74 5.34
N LEU D 70 -40.19 5.35 6.34
CA LEU D 70 -41.65 5.50 6.29
C LEU D 70 -42.09 6.44 5.17
N ALA D 71 -41.24 7.40 4.80
CA ALA D 71 -41.58 8.33 3.72
C ALA D 71 -41.48 7.66 2.35
N GLU D 72 -40.45 6.83 2.14
CA GLU D 72 -40.21 6.26 0.83
C GLU D 72 -40.83 4.88 0.64
N HIS D 73 -41.02 4.11 1.70
CA HIS D 73 -41.64 2.79 1.61
C HIS D 73 -42.73 2.72 2.66
N PRO D 74 -43.81 3.48 2.45
CA PRO D 74 -44.80 3.66 3.53
C PRO D 74 -45.59 2.41 3.88
N ASP D 75 -45.46 1.33 3.13
CA ASP D 75 -46.12 0.10 3.50
C ASP D 75 -45.26 -0.79 4.38
N ALA D 76 -43.95 -0.53 4.44
CA ALA D 76 -43.09 -1.34 5.27
C ALA D 76 -43.56 -1.27 6.73
N GLU D 77 -43.37 -2.37 7.44
CA GLU D 77 -43.71 -2.46 8.85
C GLU D 77 -42.43 -2.25 9.64
N VAL D 78 -42.31 -1.08 10.27
CA VAL D 78 -41.08 -0.68 10.94
C VAL D 78 -41.28 -0.88 12.43
N THR D 79 -40.38 -1.66 13.03
CA THR D 79 -40.30 -1.81 14.47
C THR D 79 -38.96 -1.24 14.95
N VAL D 80 -38.99 -0.40 15.98
CA VAL D 80 -37.75 0.13 16.52
C VAL D 80 -37.65 -0.20 18.00
N TYR D 81 -36.47 -0.65 18.42
CA TYR D 81 -36.18 -0.90 19.82
C TYR D 81 -35.16 0.12 20.31
N GLU D 82 -35.44 0.73 21.46
CA GLU D 82 -34.51 1.66 22.09
C GLU D 82 -34.50 1.42 23.60
N ARG D 83 -33.31 1.21 24.15
CA ARG D 83 -33.14 1.01 25.60
C ARG D 83 -33.70 2.18 26.39
N ASN D 84 -33.35 3.40 26.01
CA ASN D 84 -33.76 4.58 26.75
C ASN D 84 -35.26 4.79 26.62
N ASP D 85 -35.77 5.80 27.31
CA ASP D 85 -37.15 6.21 27.19
C ASP D 85 -37.33 7.48 26.37
N VAL D 86 -36.26 8.00 25.77
CA VAL D 86 -36.32 9.17 24.90
C VAL D 86 -35.58 8.86 23.61
N ILE D 87 -35.81 9.71 22.60
CA ILE D 87 -35.04 9.69 21.36
C ILE D 87 -34.65 11.13 21.02
N SER D 88 -33.66 11.27 20.14
CA SER D 88 -33.24 12.53 19.53
C SER D 88 -32.59 13.51 20.50
N PHE D 89 -32.13 13.06 21.66
CA PHE D 89 -31.43 13.97 22.56
C PHE D 89 -30.12 14.45 21.90
N LEU D 90 -29.92 15.77 21.90
CA LEU D 90 -28.70 16.35 21.32
C LEU D 90 -27.67 16.51 22.43
N SER D 91 -26.68 15.61 22.45
CA SER D 91 -25.71 15.63 23.55
C SER D 91 -24.86 16.88 23.56
N CYS D 92 -24.76 17.58 22.43
CA CYS D 92 -24.03 18.84 22.41
C CYS D 92 -24.60 19.83 23.42
N GLY D 93 -25.86 19.66 23.80
CA GLY D 93 -26.47 20.58 24.74
C GLY D 93 -26.03 20.40 26.17
N ILE D 94 -25.35 19.30 26.50
CA ILE D 94 -24.91 19.11 27.88
C ILE D 94 -23.97 20.22 28.29
N ALA D 95 -22.85 20.36 27.58
CA ALA D 95 -21.89 21.40 27.93
C ALA D 95 -22.55 22.77 27.89
N LEU D 96 -23.45 22.99 26.93
CA LEU D 96 -24.14 24.27 26.82
C LEU D 96 -25.02 24.52 28.05
N TYR D 97 -25.79 23.52 28.47
CA TYR D 97 -26.57 23.70 29.68
C TYR D 97 -25.66 24.02 30.86
N LEU D 98 -24.64 23.20 31.08
CA LEU D 98 -23.75 23.42 32.22
C LEU D 98 -23.07 24.79 32.15
N GLY D 99 -22.77 25.30 30.97
CA GLY D 99 -22.23 26.63 30.82
C GLY D 99 -23.23 27.75 31.00
N GLY D 100 -24.47 27.42 31.37
CA GLY D 100 -25.51 28.41 31.53
C GLY D 100 -26.13 28.93 30.26
N LYS D 101 -26.06 28.19 29.15
CA LYS D 101 -26.51 28.71 27.87
C LYS D 101 -27.83 28.13 27.40
N VAL D 102 -28.40 27.14 28.08
CA VAL D 102 -29.64 26.52 27.65
C VAL D 102 -30.69 26.81 28.71
N ALA D 103 -31.68 27.62 28.35
CA ALA D 103 -32.74 27.94 29.29
C ALA D 103 -33.64 26.72 29.54
N ASP D 104 -34.06 26.04 28.48
CA ASP D 104 -35.03 24.95 28.57
C ASP D 104 -34.46 23.65 28.00
N PRO D 105 -34.03 22.71 28.83
CA PRO D 105 -33.40 21.49 28.29
C PRO D 105 -34.33 20.61 27.46
N GLN D 106 -35.65 20.84 27.52
CA GLN D 106 -36.54 20.12 26.61
C GLN D 106 -36.33 20.55 25.16
N GLY D 107 -35.76 21.73 24.92
CA GLY D 107 -35.45 22.14 23.56
C GLY D 107 -34.34 21.32 22.92
N LEU D 108 -33.60 20.55 23.72
CA LEU D 108 -32.55 19.67 23.23
C LEU D 108 -33.06 18.41 22.56
N PHE D 109 -34.37 18.22 22.46
CA PHE D 109 -34.94 17.08 21.74
C PHE D 109 -35.65 17.62 20.50
N TYR D 110 -35.42 17.00 19.34
CA TYR D 110 -36.11 17.46 18.13
C TYR D 110 -37.19 16.52 17.65
N SER D 111 -37.32 15.32 18.22
CA SER D 111 -38.39 14.39 17.87
C SER D 111 -38.86 13.70 19.15
N SER D 112 -39.63 12.61 18.99
CA SER D 112 -40.12 11.88 20.16
C SER D 112 -40.61 10.50 19.71
N PRO D 113 -40.78 9.57 20.66
CA PRO D 113 -41.44 8.31 20.32
C PRO D 113 -42.85 8.49 19.78
N GLU D 114 -43.64 9.38 20.40
CA GLU D 114 -45.00 9.61 19.92
C GLU D 114 -44.99 10.07 18.48
N GLU D 115 -44.06 10.97 18.13
CA GLU D 115 -44.00 11.43 16.76
C GLU D 115 -43.72 10.27 15.81
N LEU D 116 -42.78 9.38 16.15
CA LEU D 116 -42.48 8.29 15.24
C LEU D 116 -43.64 7.30 15.16
N GLN D 117 -44.32 7.08 16.28
CA GLN D 117 -45.51 6.23 16.28
C GLN D 117 -46.56 6.80 15.35
N LYS D 118 -46.79 8.11 15.44
CA LYS D 118 -47.82 8.72 14.62
C LYS D 118 -47.47 8.64 13.13
N LEU D 119 -46.18 8.57 12.79
CA LEU D 119 -45.78 8.45 11.40
C LEU D 119 -45.90 7.04 10.86
N GLY D 120 -46.19 6.07 11.72
CA GLY D 120 -46.43 4.70 11.31
C GLY D 120 -45.48 3.67 11.89
N ALA D 121 -44.54 4.06 12.75
CA ALA D 121 -43.56 3.13 13.29
C ALA D 121 -44.12 2.43 14.51
N ASN D 122 -43.76 1.18 14.68
CA ASN D 122 -44.07 0.44 15.91
C ASN D 122 -42.93 0.69 16.89
N VAL D 123 -43.17 1.54 17.88
CA VAL D 123 -42.11 2.12 18.71
C VAL D 123 -42.03 1.40 20.05
N GLN D 124 -40.89 0.75 20.31
CA GLN D 124 -40.71 -0.03 21.54
C GLN D 124 -39.58 0.58 22.37
N MET D 125 -39.92 1.61 23.15
CA MET D 125 -39.01 2.21 24.09
C MET D 125 -38.80 1.30 25.31
N ASN D 126 -37.75 1.57 26.08
CA ASN D 126 -37.42 0.74 27.23
C ASN D 126 -37.28 -0.74 26.86
N HIS D 127 -36.79 -1.01 25.65
CA HIS D 127 -36.50 -2.37 25.22
C HIS D 127 -35.03 -2.53 24.91
N ASN D 128 -34.46 -3.65 25.32
CA ASN D 128 -33.05 -3.98 25.08
C ASN D 128 -33.00 -5.19 24.15
N VAL D 129 -32.45 -4.99 22.97
CA VAL D 129 -32.18 -6.10 22.07
C VAL D 129 -31.06 -6.95 22.66
N LEU D 130 -31.34 -8.23 22.88
CA LEU D 130 -30.39 -9.17 23.46
C LEU D 130 -29.65 -10.00 22.43
N ALA D 131 -30.24 -10.23 21.26
CA ALA D 131 -29.58 -11.09 20.28
C ALA D 131 -30.10 -10.74 18.90
N ILE D 132 -29.24 -10.95 17.91
CA ILE D 132 -29.59 -10.82 16.50
C ILE D 132 -29.04 -12.06 15.82
N ASP D 133 -29.93 -12.80 15.13
CA ASP D 133 -29.54 -14.01 14.44
C ASP D 133 -29.69 -13.79 12.95
N PRO D 134 -28.63 -13.39 12.24
CA PRO D 134 -28.78 -13.10 10.80
C PRO D 134 -29.12 -14.33 9.98
N ASP D 135 -28.80 -15.53 10.45
CA ASP D 135 -29.10 -16.74 9.67
C ASP D 135 -30.60 -17.01 9.63
N GLN D 136 -31.25 -16.98 10.79
CA GLN D 136 -32.69 -17.11 10.87
C GLN D 136 -33.42 -15.78 10.66
N LYS D 137 -32.67 -14.68 10.51
CA LYS D 137 -33.23 -13.35 10.36
C LYS D 137 -34.23 -13.07 11.48
N THR D 138 -33.73 -13.19 12.71
CA THR D 138 -34.54 -12.97 13.89
C THR D 138 -33.80 -12.02 14.84
N VAL D 139 -34.56 -11.47 15.76
CA VAL D 139 -34.05 -10.60 16.81
C VAL D 139 -34.73 -10.98 18.12
N THR D 140 -33.97 -11.04 19.20
CA THR D 140 -34.51 -11.35 20.52
C THR D 140 -34.40 -10.15 21.44
N VAL D 141 -35.54 -9.77 22.03
CA VAL D 141 -35.66 -8.49 22.72
C VAL D 141 -36.27 -8.68 24.10
N GLU D 142 -35.87 -7.80 25.02
CA GLU D 142 -36.34 -7.77 26.39
C GLU D 142 -37.01 -6.44 26.68
N ASP D 143 -38.25 -6.51 27.15
CA ASP D 143 -38.91 -5.35 27.74
C ASP D 143 -38.29 -5.08 29.12
N LEU D 144 -37.73 -3.89 29.29
CA LEU D 144 -37.03 -3.56 30.53
C LEU D 144 -37.97 -3.31 31.68
N THR D 145 -39.25 -3.03 31.41
CA THR D 145 -40.18 -2.77 32.50
C THR D 145 -40.57 -4.04 33.24
N ASN D 146 -40.65 -5.18 32.56
CA ASN D 146 -41.11 -6.40 33.20
C ASN D 146 -40.27 -7.63 32.87
N HIS D 147 -39.15 -7.46 32.16
CA HIS D 147 -38.19 -8.51 31.80
C HIS D 147 -38.68 -9.46 30.72
N ALA D 148 -39.87 -9.24 30.16
CA ALA D 148 -40.41 -10.19 29.17
C ALA D 148 -39.55 -10.20 27.91
N GLN D 149 -39.25 -11.40 27.41
CA GLN D 149 -38.48 -11.56 26.18
C GLN D 149 -39.38 -12.02 25.05
N THR D 150 -39.12 -11.51 23.85
CA THR D 150 -39.79 -11.94 22.64
C THR D 150 -38.74 -12.15 21.55
N THR D 151 -39.12 -12.91 20.53
CA THR D 151 -38.29 -13.13 19.36
C THR D 151 -39.11 -12.75 18.14
N GLU D 152 -38.57 -11.86 17.30
CA GLU D 152 -39.27 -11.34 16.14
C GLU D 152 -38.46 -11.57 14.87
N SER D 153 -39.17 -11.72 13.76
CA SER D 153 -38.57 -11.87 12.46
C SER D 153 -38.39 -10.51 11.80
N TYR D 154 -37.45 -10.45 10.87
CA TYR D 154 -37.23 -9.23 10.12
C TYR D 154 -36.81 -9.60 8.71
N ASP D 155 -37.15 -8.72 7.77
CA ASP D 155 -36.62 -8.80 6.42
C ASP D 155 -35.37 -7.93 6.26
N LYS D 156 -35.36 -6.75 6.87
CA LYS D 156 -34.21 -5.85 6.88
C LYS D 156 -33.96 -5.38 8.31
N LEU D 157 -32.70 -5.35 8.71
CA LEU D 157 -32.34 -4.85 10.04
C LEU D 157 -31.44 -3.63 9.90
N VAL D 158 -31.72 -2.62 10.72
CA VAL D 158 -30.98 -1.36 10.66
C VAL D 158 -30.25 -1.22 11.98
N MET D 159 -28.92 -1.28 11.93
CA MET D 159 -28.08 -1.26 13.12
C MET D 159 -27.71 0.18 13.44
N THR D 160 -28.56 0.85 14.22
CA THR D 160 -28.27 2.22 14.63
C THR D 160 -28.08 2.26 16.15
N SER D 161 -27.23 1.35 16.63
CA SER D 161 -26.99 1.15 18.06
C SER D 161 -25.91 2.05 18.61
N GLY D 162 -25.27 2.86 17.75
CA GLY D 162 -24.44 3.94 18.22
C GLY D 162 -23.21 3.48 18.96
N SER D 163 -22.85 4.24 19.99
CA SER D 163 -21.59 4.06 20.69
C SER D 163 -21.80 4.18 22.19
N TRP D 164 -20.76 3.84 22.93
CA TRP D 164 -20.79 4.01 24.36
C TRP D 164 -19.42 4.50 24.78
N PRO D 165 -19.34 5.38 25.78
CA PRO D 165 -18.04 5.89 26.22
C PRO D 165 -17.07 4.75 26.53
N ILE D 166 -15.79 4.99 26.25
CA ILE D 166 -14.74 4.08 26.66
C ILE D 166 -14.55 4.18 28.18
N VAL D 167 -14.58 3.04 28.84
CA VAL D 167 -14.49 2.96 30.30
C VAL D 167 -13.35 2.00 30.63
N PRO D 168 -12.17 2.50 30.98
CA PRO D 168 -11.04 1.60 31.18
C PRO D 168 -11.18 0.83 32.48
N LYS D 169 -10.42 -0.26 32.57
CA LYS D 169 -10.45 -1.16 33.72
C LYS D 169 -9.44 -0.64 34.74
N ILE D 170 -9.93 0.20 35.64
CA ILE D 170 -9.06 0.98 36.53
C ILE D 170 -9.62 0.85 37.94
N PRO D 171 -8.79 0.68 38.96
CA PRO D 171 -9.32 0.51 40.32
C PRO D 171 -10.07 1.75 40.78
N GLY D 172 -11.25 1.53 41.34
CA GLY D 172 -12.08 2.59 41.87
C GLY D 172 -12.97 3.28 40.86
N ILE D 173 -13.01 2.80 39.61
CA ILE D 173 -13.77 3.52 38.59
C ILE D 173 -15.27 3.44 38.81
N ASP D 174 -15.73 2.62 39.75
CA ASP D 174 -17.13 2.55 40.12
C ASP D 174 -17.55 3.59 41.16
N SER D 175 -16.65 4.49 41.56
CA SER D 175 -17.03 5.51 42.53
C SER D 175 -18.22 6.33 42.03
N ASP D 176 -19.14 6.66 42.94
CA ASP D 176 -20.23 7.56 42.62
C ASP D 176 -19.75 8.91 42.12
N ARG D 177 -18.50 9.26 42.37
CA ARG D 177 -17.97 10.55 41.95
C ARG D 177 -17.32 10.50 40.58
N VAL D 178 -17.38 9.36 39.88
CA VAL D 178 -16.92 9.26 38.49
C VAL D 178 -18.17 9.13 37.64
N LYS D 179 -18.35 10.05 36.70
CA LYS D 179 -19.56 10.13 35.89
C LYS D 179 -19.24 10.09 34.40
N LEU D 180 -20.18 9.54 33.64
CA LEU D 180 -20.13 9.55 32.18
C LEU D 180 -20.84 10.80 31.65
N CYS D 181 -20.64 11.09 30.37
CA CYS D 181 -21.22 12.28 29.77
C CYS D 181 -21.58 11.95 28.32
N LYS D 182 -22.63 11.15 28.15
CA LYS D 182 -23.12 10.81 26.82
C LYS D 182 -24.58 11.17 26.61
N ASN D 183 -25.50 10.67 27.44
CA ASN D 183 -26.92 10.72 27.09
C ASN D 183 -27.73 11.57 28.07
N TRP D 184 -29.05 11.58 27.87
CA TRP D 184 -29.94 12.39 28.69
C TRP D 184 -29.88 11.99 30.16
N ALA D 185 -29.80 10.69 30.45
CA ALA D 185 -29.64 10.26 31.83
C ALA D 185 -28.39 10.87 32.44
N HIS D 186 -27.25 10.74 31.75
CA HIS D 186 -26.00 11.34 32.23
C HIS D 186 -26.15 12.84 32.43
N ALA D 187 -26.84 13.52 31.52
CA ALA D 187 -26.91 14.98 31.59
C ALA D 187 -27.68 15.42 32.83
N GLN D 188 -28.80 14.75 33.12
CA GLN D 188 -29.56 15.08 34.32
C GLN D 188 -28.71 14.87 35.57
N ALA D 189 -27.90 13.82 35.62
CA ALA D 189 -27.06 13.62 36.79
C ALA D 189 -26.02 14.72 36.92
N LEU D 190 -25.45 15.18 35.79
CA LEU D 190 -24.46 16.25 35.86
C LEU D 190 -25.10 17.59 36.18
N ILE D 191 -26.31 17.83 35.68
CA ILE D 191 -27.03 19.05 36.03
C ILE D 191 -27.23 19.15 37.55
N GLU D 192 -27.61 18.03 38.19
CA GLU D 192 -27.87 18.08 39.63
C GLU D 192 -26.57 18.06 40.45
N ASP D 193 -25.56 17.33 39.98
CA ASP D 193 -24.29 17.26 40.72
C ASP D 193 -23.50 18.57 40.66
N ALA D 194 -23.65 19.35 39.60
CA ALA D 194 -22.77 20.51 39.43
C ALA D 194 -22.92 21.51 40.56
N LYS D 195 -24.10 21.55 41.20
CA LYS D 195 -24.33 22.50 42.27
C LYS D 195 -23.45 22.20 43.47
N GLU D 196 -23.22 20.93 43.76
CA GLU D 196 -22.48 20.51 44.94
C GLU D 196 -21.00 20.32 44.68
N ALA D 197 -20.54 20.46 43.44
CA ALA D 197 -19.19 20.03 43.07
C ALA D 197 -18.35 21.24 42.64
N LYS D 198 -17.61 21.81 43.57
CA LYS D 198 -16.75 22.94 43.23
C LYS D 198 -15.55 22.50 42.40
N ARG D 199 -14.95 21.38 42.74
CA ARG D 199 -13.75 20.87 42.08
C ARG D 199 -14.15 19.77 41.10
N ILE D 200 -13.77 19.95 39.84
CA ILE D 200 -14.20 19.07 38.76
C ILE D 200 -12.98 18.66 37.94
N THR D 201 -12.76 17.36 37.80
CA THR D 201 -11.69 16.84 36.95
C THR D 201 -12.32 16.23 35.71
N VAL D 202 -11.92 16.72 34.55
CA VAL D 202 -12.38 16.25 33.26
C VAL D 202 -11.29 15.32 32.71
N ILE D 203 -11.64 14.05 32.51
CA ILE D 203 -10.66 13.05 32.07
C ILE D 203 -10.85 12.84 30.58
N GLY D 204 -9.89 13.32 29.79
CA GLY D 204 -9.94 13.27 28.34
C GLY D 204 -10.14 14.66 27.79
N ALA D 205 -9.20 15.15 26.96
CA ALA D 205 -9.27 16.50 26.41
C ALA D 205 -9.54 16.47 24.91
N GLY D 206 -10.42 15.55 24.50
CA GLY D 206 -11.05 15.60 23.20
C GLY D 206 -12.11 16.68 23.17
N TYR D 207 -12.99 16.60 22.18
CA TYR D 207 -14.03 17.61 22.04
C TYR D 207 -14.92 17.67 23.28
N ILE D 208 -15.36 16.52 23.82
CA ILE D 208 -16.25 16.56 24.96
C ILE D 208 -15.58 17.23 26.15
N GLY D 209 -14.39 16.72 26.50
CA GLY D 209 -13.69 17.27 27.65
C GLY D 209 -13.35 18.74 27.49
N ALA D 210 -12.93 19.12 26.29
CA ALA D 210 -12.62 20.53 26.03
C ALA D 210 -13.83 21.41 26.28
N GLU D 211 -15.00 21.02 25.75
CA GLU D 211 -16.19 21.82 25.95
C GLU D 211 -16.61 21.84 27.41
N LEU D 212 -16.51 20.70 28.09
CA LEU D 212 -16.89 20.64 29.49
C LEU D 212 -15.98 21.49 30.35
N ALA D 213 -14.67 21.36 30.14
CA ALA D 213 -13.72 22.14 30.92
C ALA D 213 -13.99 23.63 30.77
N GLU D 214 -14.25 24.07 29.53
CA GLU D 214 -14.59 25.47 29.30
C GLU D 214 -15.90 25.85 30.00
N ALA D 215 -16.93 25.01 29.88
CA ALA D 215 -18.22 25.31 30.48
C ALA D 215 -18.11 25.43 32.01
N TYR D 216 -17.41 24.49 32.64
CA TYR D 216 -17.27 24.54 34.09
C TYR D 216 -16.36 25.67 34.54
N SER D 217 -15.33 25.99 33.74
CA SER D 217 -14.41 27.03 34.17
C SER D 217 -15.05 28.41 34.11
N THR D 218 -15.96 28.64 33.15
CA THR D 218 -16.59 29.96 33.09
C THR D 218 -17.76 30.09 34.08
N THR D 219 -18.14 29.02 34.75
CA THR D 219 -19.23 29.07 35.71
C THR D 219 -18.72 28.93 37.14
N GLY D 220 -17.45 29.26 37.37
CA GLY D 220 -16.92 29.36 38.73
C GLY D 220 -16.50 28.06 39.38
N HIS D 221 -16.19 27.02 38.61
CA HIS D 221 -15.63 25.80 39.15
C HIS D 221 -14.11 25.79 39.03
N ASP D 222 -13.47 24.96 39.87
CA ASP D 222 -12.04 24.71 39.79
C ASP D 222 -11.82 23.45 38.97
N VAL D 223 -11.28 23.62 37.75
CA VAL D 223 -11.28 22.56 36.75
C VAL D 223 -9.85 22.07 36.53
N THR D 224 -9.70 20.75 36.47
CA THR D 224 -8.47 20.11 36.02
C THR D 224 -8.81 19.31 34.77
N LEU D 225 -8.00 19.47 33.71
CA LEU D 225 -8.23 18.80 32.44
C LEU D 225 -7.07 17.86 32.15
N ILE D 226 -7.36 16.55 32.16
CA ILE D 226 -6.36 15.50 31.97
C ILE D 226 -6.46 14.95 30.56
N ASP D 227 -5.32 14.76 29.90
CA ASP D 227 -5.30 13.96 28.68
C ASP D 227 -4.07 13.09 28.64
N ALA D 228 -4.24 11.88 28.10
CA ALA D 228 -3.11 10.98 27.91
C ALA D 228 -2.11 11.55 26.92
N MET D 229 -2.58 12.30 25.92
CA MET D 229 -1.69 12.90 24.94
C MET D 229 -1.11 14.20 25.47
N ALA D 230 -0.13 14.73 24.73
CA ALA D 230 0.66 15.87 25.15
C ALA D 230 0.00 17.21 24.88
N ARG D 231 -1.11 17.23 24.14
CA ARG D 231 -1.83 18.44 23.75
C ARG D 231 -3.33 18.22 23.95
N VAL D 232 -4.08 19.31 24.09
CA VAL D 232 -5.53 19.19 24.05
C VAL D 232 -5.97 19.00 22.60
N MET D 233 -7.12 18.33 22.42
CA MET D 233 -7.73 18.06 21.13
C MET D 233 -6.70 17.70 20.06
N PRO D 234 -5.75 16.79 20.37
CA PRO D 234 -4.67 16.51 19.42
C PRO D 234 -5.14 15.92 18.10
N LYS D 235 -6.28 15.24 18.08
CA LYS D 235 -6.83 14.68 16.84
C LYS D 235 -7.32 15.73 15.87
N TYR D 236 -7.67 16.92 16.34
CA TYR D 236 -8.44 17.84 15.51
C TYR D 236 -7.65 19.04 15.01
N PHE D 237 -6.62 19.47 15.73
CA PHE D 237 -5.84 20.65 15.36
C PHE D 237 -4.36 20.40 15.57
N ASP D 238 -3.55 21.12 14.79
CA ASP D 238 -2.10 21.08 14.93
C ASP D 238 -1.67 21.96 16.11
N ALA D 239 -0.38 21.87 16.44
CA ALA D 239 0.11 22.48 17.67
C ALA D 239 -0.05 23.99 17.68
N ASP D 240 0.07 24.63 16.51
CA ASP D 240 -0.08 26.08 16.48
C ASP D 240 -1.44 26.50 17.00
N PHE D 241 -2.48 25.70 16.76
CA PHE D 241 -3.80 25.99 17.29
C PHE D 241 -3.90 25.61 18.77
N THR D 242 -3.47 24.39 19.10
CA THR D 242 -3.70 23.90 20.46
C THR D 242 -2.82 24.63 21.47
N ASP D 243 -1.65 25.13 21.05
CA ASP D 243 -0.89 26.02 21.93
C ASP D 243 -1.74 27.20 22.37
N VAL D 244 -2.48 27.81 21.43
CA VAL D 244 -3.27 28.97 21.76
C VAL D 244 -4.40 28.59 22.72
N ILE D 245 -5.04 27.45 22.47
CA ILE D 245 -6.17 27.03 23.28
C ILE D 245 -5.70 26.69 24.69
N GLU D 246 -4.58 25.99 24.80
CA GLU D 246 -4.04 25.68 26.12
C GLU D 246 -3.75 26.96 26.90
N GLN D 247 -3.13 27.95 26.25
CA GLN D 247 -2.94 29.23 26.92
C GLN D 247 -4.26 29.82 27.39
N ASP D 248 -5.30 29.77 26.54
CA ASP D 248 -6.63 30.19 26.95
C ASP D 248 -7.07 29.48 28.22
N TYR D 249 -6.91 28.16 28.27
CA TYR D 249 -7.30 27.42 29.46
C TYR D 249 -6.55 27.93 30.68
N ARG D 250 -5.23 28.09 30.54
CA ARG D 250 -4.44 28.57 31.68
C ARG D 250 -4.88 29.97 32.09
N ASP D 251 -5.12 30.85 31.12
CA ASP D 251 -5.55 32.20 31.46
C ASP D 251 -6.86 32.18 32.25
N HIS D 252 -7.70 31.17 32.04
CA HIS D 252 -8.98 31.09 32.72
C HIS D 252 -8.92 30.22 33.97
N GLY D 253 -7.73 29.83 34.40
CA GLY D 253 -7.57 29.13 35.65
C GLY D 253 -7.76 27.64 35.58
N VAL D 254 -7.85 27.05 34.40
CA VAL D 254 -7.96 25.61 34.31
C VAL D 254 -6.57 25.01 34.50
N GLN D 255 -6.48 23.96 35.32
CA GLN D 255 -5.22 23.24 35.49
C GLN D 255 -5.12 22.19 34.40
N LEU D 256 -4.07 22.27 33.58
CA LEU D 256 -3.85 21.28 32.53
C LEU D 256 -2.98 20.17 33.09
N ALA D 257 -3.39 18.93 32.84
CA ALA D 257 -2.63 17.76 33.24
C ALA D 257 -2.45 16.88 32.01
N LEU D 258 -1.67 17.37 31.06
CA LEU D 258 -1.48 16.70 29.78
C LEU D 258 -0.34 15.70 29.85
N GLY D 259 -0.43 14.67 29.02
CA GLY D 259 0.51 13.57 29.07
C GLY D 259 0.38 12.73 30.34
N GLU D 260 -0.83 12.49 30.81
CA GLU D 260 -1.04 11.76 32.06
C GLU D 260 -2.18 10.77 31.89
N THR D 261 -2.06 9.65 32.57
CA THR D 261 -3.10 8.62 32.54
C THR D 261 -3.50 8.28 33.96
N VAL D 262 -4.80 8.09 34.17
CA VAL D 262 -5.31 7.83 35.52
C VAL D 262 -4.98 6.40 35.88
N GLU D 263 -4.36 6.21 37.05
CA GLU D 263 -4.03 4.88 37.56
C GLU D 263 -5.09 4.32 38.50
N SER D 264 -5.78 5.18 39.25
CA SER D 264 -6.76 4.70 40.20
C SER D 264 -7.60 5.88 40.67
N PHE D 265 -8.82 5.56 41.11
CA PHE D 265 -9.69 6.46 41.83
C PHE D 265 -9.85 5.95 43.26
N THR D 266 -9.59 6.81 44.24
CA THR D 266 -9.74 6.44 45.64
C THR D 266 -10.62 7.46 46.34
N ASP D 267 -11.70 7.00 46.96
CA ASP D 267 -12.53 7.91 47.72
C ASP D 267 -11.86 8.28 49.04
N SER D 268 -12.27 9.41 49.60
CA SER D 268 -11.80 9.86 50.90
C SER D 268 -12.86 10.76 51.51
N ALA D 269 -12.59 11.21 52.74
CA ALA D 269 -13.56 12.04 53.45
C ALA D 269 -13.81 13.36 52.74
N THR D 270 -12.77 13.93 52.14
CA THR D 270 -12.90 15.24 51.54
C THR D 270 -13.17 15.20 50.04
N GLY D 271 -13.22 14.03 49.44
CA GLY D 271 -13.59 13.91 48.05
C GLY D 271 -12.93 12.69 47.40
N LEU D 272 -12.58 12.83 46.12
CA LEU D 272 -12.08 11.72 45.34
C LEU D 272 -10.63 12.00 44.96
N THR D 273 -9.77 11.01 45.18
CA THR D 273 -8.37 11.13 44.82
C THR D 273 -8.11 10.42 43.49
N ILE D 274 -7.70 11.20 42.49
CA ILE D 274 -7.35 10.70 41.17
C ILE D 274 -5.83 10.59 41.14
N LYS D 275 -5.29 9.38 41.03
CA LYS D 275 -3.86 9.20 40.89
C LYS D 275 -3.53 8.95 39.43
N THR D 276 -2.60 9.74 38.89
CA THR D 276 -2.06 9.48 37.56
C THR D 276 -0.66 8.92 37.69
N ASP D 277 -0.01 8.67 36.55
CA ASP D 277 1.39 8.25 36.61
C ASP D 277 2.34 9.38 36.94
N LYS D 278 1.90 10.63 36.92
CA LYS D 278 2.78 11.76 37.19
C LYS D 278 2.30 12.67 38.31
N ASN D 279 1.18 12.36 38.97
CA ASN D 279 0.65 13.29 39.96
C ASN D 279 -0.63 12.74 40.59
N SER D 280 -1.18 13.46 41.56
CA SER D 280 -2.42 13.11 42.23
C SER D 280 -3.30 14.35 42.36
N TYR D 281 -4.60 14.17 42.16
CA TYR D 281 -5.55 15.28 42.16
C TYR D 281 -6.72 14.96 43.07
N GLU D 282 -7.17 15.97 43.81
CA GLU D 282 -8.35 15.86 44.66
C GLU D 282 -9.52 16.55 43.96
N THR D 283 -10.66 15.89 43.90
CA THR D 283 -11.77 16.44 43.15
C THR D 283 -13.09 16.06 43.82
N ASP D 284 -14.13 16.83 43.53
CA ASP D 284 -15.49 16.49 43.94
C ASP D 284 -16.22 15.67 42.88
N LEU D 285 -15.80 15.77 41.63
CA LEU D 285 -16.47 15.06 40.54
C LEU D 285 -15.49 14.87 39.40
N ALA D 286 -15.37 13.62 38.94
CA ALA D 286 -14.58 13.26 37.77
C ALA D 286 -15.53 12.88 36.64
N ILE D 287 -15.32 13.43 35.46
CA ILE D 287 -16.09 13.10 34.26
C ILE D 287 -15.19 12.37 33.29
N LEU D 288 -15.60 11.17 32.89
CA LEU D 288 -14.81 10.29 32.02
C LEU D 288 -15.27 10.49 30.58
N CYS D 289 -14.42 11.11 29.76
CA CYS D 289 -14.75 11.32 28.37
C CYS D 289 -13.48 11.12 27.53
N ILE D 290 -13.09 9.86 27.38
CA ILE D 290 -11.87 9.51 26.65
C ILE D 290 -12.19 8.78 25.35
N GLY D 291 -13.32 9.09 24.74
CA GLY D 291 -13.65 8.57 23.43
C GLY D 291 -14.85 7.62 23.45
N PHE D 292 -15.21 7.18 22.24
CA PHE D 292 -16.37 6.35 21.97
C PHE D 292 -15.91 4.97 21.49
N ARG D 293 -16.68 3.95 21.85
CA ARG D 293 -16.52 2.61 21.33
C ARG D 293 -17.81 2.21 20.63
N PRO D 294 -17.77 1.76 19.38
CA PRO D 294 -19.01 1.34 18.72
C PRO D 294 -19.70 0.25 19.53
N ASN D 295 -21.01 0.38 19.66
CA ASN D 295 -21.81 -0.50 20.50
C ASN D 295 -22.41 -1.60 19.61
N THR D 296 -21.54 -2.49 19.16
CA THR D 296 -21.88 -3.41 18.08
C THR D 296 -21.73 -4.87 18.45
N ASP D 297 -21.63 -5.21 19.74
CA ASP D 297 -21.34 -6.59 20.12
C ASP D 297 -22.44 -7.56 19.69
N LEU D 298 -23.67 -7.08 19.48
CA LEU D 298 -24.71 -7.96 18.98
C LEU D 298 -24.35 -8.59 17.66
N LEU D 299 -23.56 -7.90 16.82
CA LEU D 299 -23.17 -8.43 15.52
C LEU D 299 -21.71 -8.84 15.46
N LYS D 300 -20.99 -8.85 16.58
CA LYS D 300 -19.60 -9.24 16.53
C LYS D 300 -19.47 -10.66 15.99
N GLY D 301 -18.54 -10.86 15.07
CA GLY D 301 -18.39 -12.15 14.42
C GLY D 301 -19.39 -12.43 13.33
N LYS D 302 -20.35 -11.55 13.09
CA LYS D 302 -21.39 -11.79 12.09
C LYS D 302 -21.36 -10.85 10.89
N VAL D 303 -20.75 -9.66 11.00
CA VAL D 303 -20.54 -8.80 9.85
C VAL D 303 -19.14 -8.21 9.95
N ASP D 304 -18.61 -7.78 8.81
CA ASP D 304 -17.25 -7.25 8.80
C ASP D 304 -17.18 -5.99 9.66
N MET D 305 -16.12 -5.91 10.47
CA MET D 305 -15.90 -4.78 11.36
C MET D 305 -14.46 -4.28 11.27
N ALA D 306 -14.28 -3.00 11.59
CA ALA D 306 -12.95 -2.46 11.86
C ALA D 306 -12.42 -3.04 13.17
N PRO D 307 -11.13 -2.87 13.45
CA PRO D 307 -10.57 -3.45 14.69
C PRO D 307 -11.31 -3.06 15.96
N ASN D 308 -11.89 -1.86 16.04
CA ASN D 308 -12.61 -1.40 17.23
C ASN D 308 -14.08 -1.77 17.22
N GLY D 309 -14.55 -2.49 16.20
CA GLY D 309 -15.92 -2.91 16.17
C GLY D 309 -16.85 -2.08 15.31
N ALA D 310 -16.36 -1.01 14.70
CA ALA D 310 -17.19 -0.25 13.76
C ALA D 310 -17.57 -1.14 12.59
N ILE D 311 -18.85 -1.12 12.23
CA ILE D 311 -19.34 -1.91 11.12
C ILE D 311 -18.87 -1.29 9.81
N ILE D 312 -18.30 -2.12 8.92
CA ILE D 312 -17.89 -1.70 7.58
C ILE D 312 -19.10 -1.74 6.65
N THR D 313 -19.27 -0.70 5.83
CA THR D 313 -20.37 -0.67 4.89
C THR D 313 -19.86 -0.37 3.48
N ASP D 314 -20.70 -0.70 2.51
CA ASP D 314 -20.45 -0.30 1.14
C ASP D 314 -20.99 1.13 0.97
N ASP D 315 -21.03 1.60 -0.26
CA ASP D 315 -21.45 2.98 -0.50
C ASP D 315 -22.94 3.20 -0.30
N TYR D 316 -23.71 2.17 0.05
CA TYR D 316 -25.13 2.31 0.31
C TYR D 316 -25.48 2.05 1.76
N MET D 317 -24.46 1.92 2.62
CA MET D 317 -24.62 1.73 4.05
C MET D 317 -25.03 0.29 4.38
N ARG D 318 -24.78 -0.64 3.48
CA ARG D 318 -25.02 -2.06 3.74
C ARG D 318 -23.78 -2.71 4.35
N SER D 319 -23.99 -3.52 5.39
CA SER D 319 -22.90 -4.29 5.96
C SER D 319 -22.53 -5.43 5.02
N SER D 320 -21.52 -6.21 5.41
CA SER D 320 -21.20 -7.43 4.69
C SER D 320 -22.38 -8.39 4.60
N ASN D 321 -23.36 -8.28 5.50
CA ASN D 321 -24.63 -8.99 5.35
C ASN D 321 -25.61 -8.10 4.60
N PRO D 322 -26.06 -8.49 3.40
CA PRO D 322 -26.82 -7.56 2.56
C PRO D 322 -28.18 -7.15 3.12
N ASP D 323 -28.69 -7.84 4.14
CA ASP D 323 -29.96 -7.43 4.75
C ASP D 323 -29.77 -6.57 5.98
N ILE D 324 -28.53 -6.28 6.38
CA ILE D 324 -28.25 -5.53 7.60
C ILE D 324 -27.55 -4.23 7.23
N PHE D 325 -28.18 -3.11 7.54
CA PHE D 325 -27.64 -1.79 7.31
C PHE D 325 -27.08 -1.22 8.61
N ALA D 326 -26.17 -0.24 8.47
CA ALA D 326 -25.61 0.45 9.64
C ALA D 326 -25.51 1.93 9.32
N ALA D 327 -25.84 2.76 10.32
CA ALA D 327 -25.73 4.20 10.18
C ALA D 327 -25.39 4.76 11.55
N GLY D 328 -24.56 5.79 11.58
CA GLY D 328 -24.25 6.48 12.81
C GLY D 328 -23.03 5.91 13.51
N ASP D 329 -23.00 6.10 14.82
CA ASP D 329 -21.82 5.72 15.59
C ASP D 329 -21.59 4.21 15.65
N SER D 330 -22.51 3.40 15.13
CA SER D 330 -22.19 1.97 14.98
C SER D 330 -21.34 1.69 13.75
N ALA D 331 -21.22 2.64 12.84
CA ALA D 331 -20.62 2.41 11.53
C ALA D 331 -19.32 3.19 11.36
N ALA D 332 -18.41 2.64 10.58
CA ALA D 332 -17.27 3.40 10.12
C ALA D 332 -17.73 4.42 9.09
N VAL D 333 -16.91 5.44 8.88
CA VAL D 333 -17.16 6.36 7.80
C VAL D 333 -16.18 6.05 6.68
N HIS D 334 -16.54 6.47 5.46
CA HIS D 334 -15.60 6.51 4.35
C HIS D 334 -14.92 7.87 4.40
N TYR D 335 -13.64 7.88 4.73
CA TYR D 335 -12.91 9.12 4.99
C TYR D 335 -12.19 9.54 3.70
N ASN D 336 -12.70 10.58 3.05
CA ASN D 336 -12.19 10.93 1.71
C ASN D 336 -10.72 11.33 1.68
N PRO D 337 -10.17 12.07 2.66
CA PRO D 337 -8.77 12.49 2.51
C PRO D 337 -7.81 11.32 2.34
N THR D 338 -8.08 10.16 2.92
CA THR D 338 -7.22 8.99 2.73
C THR D 338 -7.87 7.90 1.92
N HIS D 339 -9.17 8.00 1.64
CA HIS D 339 -9.92 6.97 0.95
C HIS D 339 -9.86 5.64 1.70
N GLN D 340 -10.09 5.71 3.00
CA GLN D 340 -10.12 4.51 3.84
C GLN D 340 -11.25 4.62 4.86
N ASN D 341 -11.61 3.48 5.44
CA ASN D 341 -12.55 3.48 6.54
C ASN D 341 -11.88 4.08 7.77
N ALA D 342 -12.67 4.82 8.55
CA ALA D 342 -12.18 5.40 9.79
C ALA D 342 -13.34 5.45 10.76
N TYR D 343 -13.03 5.70 12.02
CA TYR D 343 -14.05 5.82 13.06
C TYR D 343 -13.91 7.20 13.68
N ILE D 344 -14.75 8.13 13.23
CA ILE D 344 -14.72 9.51 13.72
C ILE D 344 -16.18 9.89 13.99
N PRO D 345 -16.73 9.48 15.13
CA PRO D 345 -18.18 9.59 15.35
C PRO D 345 -18.61 11.04 15.55
N LEU D 346 -19.59 11.46 14.76
CA LEU D 346 -20.13 12.82 14.75
C LEU D 346 -21.60 12.73 14.38
N ALA D 347 -22.42 13.60 14.97
CA ALA D 347 -23.83 13.61 14.62
C ALA D 347 -24.05 13.80 13.13
N THR D 348 -23.18 14.57 12.48
CA THR D 348 -23.32 14.77 11.04
C THR D 348 -23.37 13.46 10.29
N ASN D 349 -22.62 12.45 10.75
CA ASN D 349 -22.67 11.15 10.09
C ASN D 349 -23.99 10.46 10.32
N ALA D 350 -24.54 10.58 11.53
CA ALA D 350 -25.78 9.89 11.88
C ALA D 350 -26.93 10.36 11.01
N VAL D 351 -27.05 11.68 10.83
CA VAL D 351 -28.19 12.20 10.09
C VAL D 351 -28.09 11.83 8.62
N ARG D 352 -26.87 11.83 8.07
CA ARG D 352 -26.70 11.52 6.65
C ARG D 352 -26.87 10.03 6.39
N GLN D 353 -26.18 9.19 7.16
CA GLN D 353 -26.23 7.76 6.91
C GLN D 353 -27.62 7.21 7.19
N GLY D 354 -28.31 7.76 8.19
CA GLY D 354 -29.68 7.36 8.44
C GLY D 354 -30.58 7.61 7.23
N ILE D 355 -30.42 8.78 6.60
CA ILE D 355 -31.19 9.06 5.39
C ILE D 355 -30.83 8.06 4.29
N LEU D 356 -29.54 7.76 4.14
CA LEU D 356 -29.14 6.86 3.07
C LEU D 356 -29.67 5.44 3.28
N VAL D 357 -29.69 4.98 4.53
CA VAL D 357 -30.32 3.67 4.81
C VAL D 357 -31.75 3.66 4.28
N GLY D 358 -32.51 4.71 4.58
CA GLY D 358 -33.88 4.76 4.10
C GLY D 358 -33.97 4.81 2.58
N LYS D 359 -33.02 5.47 1.93
CA LYS D 359 -33.07 5.55 0.48
C LYS D 359 -32.61 4.27 -0.18
N ASN D 360 -31.78 3.48 0.50
CA ASN D 360 -31.16 2.31 -0.09
C ASN D 360 -31.73 1.00 0.47
N LEU D 361 -32.82 1.07 1.24
CA LEU D 361 -33.29 -0.10 1.96
C LEU D 361 -33.62 -1.24 1.01
N VAL D 362 -34.29 -0.93 -0.10
CA VAL D 362 -34.76 -1.97 -1.03
C VAL D 362 -33.74 -2.24 -2.12
N LYS D 363 -33.11 -1.21 -2.68
CA LYS D 363 -32.08 -1.42 -3.68
C LYS D 363 -31.16 -0.21 -3.68
N PRO D 364 -29.92 -0.36 -4.14
CA PRO D 364 -28.99 0.77 -4.12
C PRO D 364 -29.54 1.94 -4.91
N THR D 365 -29.58 3.11 -4.27
CA THR D 365 -30.23 4.25 -4.92
C THR D 365 -29.38 5.51 -4.82
N VAL D 366 -28.83 5.81 -3.65
CA VAL D 366 -28.01 7.01 -3.46
C VAL D 366 -26.70 6.59 -2.83
N LYS D 367 -25.60 6.98 -3.46
CA LYS D 367 -24.28 6.66 -2.94
C LYS D 367 -23.91 7.58 -1.78
N TYR D 368 -23.30 6.98 -0.77
CA TYR D 368 -22.62 7.71 0.30
C TYR D 368 -21.45 8.51 -0.26
N MET D 369 -21.38 9.81 0.06
CA MET D 369 -20.33 10.70 -0.46
C MET D 369 -19.06 10.68 0.37
N GLY D 370 -19.01 9.87 1.44
CA GLY D 370 -17.87 9.92 2.34
C GLY D 370 -17.92 11.17 3.19
N THR D 371 -16.84 11.41 3.92
CA THR D 371 -16.79 12.58 4.78
C THR D 371 -15.36 13.11 4.84
N GLN D 372 -15.25 14.39 5.19
CA GLN D 372 -14.00 15.03 5.58
C GLN D 372 -13.87 15.12 7.09
N SER D 373 -14.88 14.65 7.84
CA SER D 373 -14.95 14.78 9.29
C SER D 373 -14.78 16.24 9.73
N SER D 374 -15.43 17.15 9.00
CA SER D 374 -15.42 18.55 9.38
C SER D 374 -15.99 18.72 10.77
N SER D 375 -15.34 19.54 11.59
CA SER D 375 -15.80 19.67 12.97
C SER D 375 -15.26 20.96 13.56
N GLY D 376 -15.89 21.38 14.65
CA GLY D 376 -15.44 22.61 15.26
C GLY D 376 -16.20 22.91 16.53
N LEU D 377 -15.79 23.98 17.19
CA LEU D 377 -16.43 24.31 18.45
C LEU D 377 -16.12 25.77 18.76
N ALA D 378 -16.73 26.25 19.84
CA ALA D 378 -16.49 27.58 20.37
C ALA D 378 -15.90 27.41 21.76
N LEU D 379 -14.75 28.04 22.00
CA LEU D 379 -14.10 28.03 23.31
C LEU D 379 -13.71 29.46 23.65
N TYR D 380 -14.21 29.96 24.79
CA TYR D 380 -13.80 31.28 25.29
C TYR D 380 -13.86 32.34 24.19
N ASP D 381 -14.97 32.39 23.46
CA ASP D 381 -15.15 33.40 22.41
C ASP D 381 -14.33 33.18 21.15
N ARG D 382 -13.52 32.15 21.05
CA ARG D 382 -12.88 31.80 19.79
C ARG D 382 -13.69 30.73 19.09
N THR D 383 -13.88 30.91 17.80
CA THR D 383 -14.36 29.87 16.89
C THR D 383 -13.15 29.09 16.37
N ILE D 384 -13.21 27.77 16.45
CA ILE D 384 -12.10 26.91 16.05
C ILE D 384 -12.69 25.77 15.24
N VAL D 385 -12.35 25.70 13.94
CA VAL D 385 -12.96 24.73 13.04
C VAL D 385 -11.87 24.08 12.20
N SER D 386 -12.12 22.84 11.77
CA SER D 386 -11.17 22.14 10.92
C SER D 386 -11.91 21.14 10.05
N THR D 387 -11.21 20.69 9.00
CA THR D 387 -11.73 19.64 8.14
C THR D 387 -10.53 18.85 7.60
N GLY D 388 -10.74 17.56 7.36
CA GLY D 388 -9.69 16.74 6.76
C GLY D 388 -8.53 16.51 7.72
N LEU D 389 -7.35 16.32 7.15
CA LEU D 389 -6.19 15.90 7.93
C LEU D 389 -5.43 17.08 8.53
N THR D 390 -5.01 16.92 9.78
CA THR D 390 -3.95 17.74 10.33
C THR D 390 -2.61 17.32 9.72
N LEU D 391 -1.63 18.22 9.80
CA LEU D 391 -0.28 17.83 9.39
C LEU D 391 0.24 16.69 10.27
N ALA D 392 0.03 16.80 11.59
CA ALA D 392 0.48 15.74 12.49
C ALA D 392 -0.08 14.39 12.07
N ALA D 393 -1.38 14.32 11.78
CA ALA D 393 -1.97 13.02 11.42
C ALA D 393 -1.49 12.53 10.06
N ALA D 394 -1.36 13.43 9.09
CA ALA D 394 -0.88 13.01 7.78
C ALA D 394 0.51 12.41 7.87
N LYS D 395 1.42 13.10 8.57
CA LYS D 395 2.77 12.56 8.78
C LYS D 395 2.74 11.24 9.54
N GLN D 396 1.97 11.18 10.62
CA GLN D 396 1.85 9.96 11.41
C GLN D 396 1.40 8.78 10.57
N GLN D 397 0.62 9.04 9.52
CA GLN D 397 0.14 8.00 8.60
C GLN D 397 1.02 7.82 7.37
N GLY D 398 2.20 8.44 7.35
CA GLY D 398 3.13 8.23 6.25
C GLY D 398 2.76 8.93 4.96
N LEU D 399 1.85 9.90 5.00
CA LEU D 399 1.43 10.59 3.80
C LEU D 399 2.42 11.66 3.42
N ASN D 400 2.48 11.96 2.13
CA ASN D 400 3.26 13.07 1.60
C ASN D 400 2.47 14.35 1.86
N ALA D 401 2.93 15.18 2.80
CA ALA D 401 2.11 16.30 3.25
C ALA D 401 2.98 17.44 3.74
N GLU D 402 2.57 18.66 3.39
CA GLU D 402 3.13 19.87 3.94
C GLU D 402 2.00 20.77 4.40
N GLN D 403 2.37 21.88 5.05
CA GLN D 403 1.42 22.77 5.69
C GLN D 403 1.93 24.20 5.61
N VAL D 404 1.01 25.15 5.48
CA VAL D 404 1.28 26.55 5.75
C VAL D 404 0.38 26.99 6.89
N ILE D 405 0.92 27.86 7.74
CA ILE D 405 0.16 28.55 8.78
C ILE D 405 0.17 30.02 8.42
N VAL D 406 -1.01 30.64 8.39
CA VAL D 406 -1.18 32.04 7.99
C VAL D 406 -2.05 32.73 9.03
N GLU D 407 -1.62 33.91 9.46
CA GLU D 407 -2.42 34.74 10.37
C GLU D 407 -2.63 36.09 9.72
N ASP D 408 -3.89 36.42 9.45
CA ASP D 408 -4.26 37.68 8.82
C ASP D 408 -5.53 38.19 9.47
N ASN D 409 -5.71 39.51 9.44
CA ASN D 409 -7.01 40.06 9.80
C ASN D 409 -8.02 39.65 8.73
N TYR D 410 -9.21 39.23 9.17
CA TYR D 410 -10.15 38.67 8.21
C TYR D 410 -10.72 39.74 7.28
N ARG D 411 -10.74 41.02 7.70
CA ARG D 411 -11.18 42.09 6.83
C ARG D 411 -10.29 43.33 7.03
N PRO D 412 -10.36 44.31 6.15
CA PRO D 412 -9.35 45.40 6.16
C PRO D 412 -9.33 46.18 7.47
N GLU D 413 -8.14 46.66 7.82
CA GLU D 413 -7.94 47.44 9.03
C GLU D 413 -8.68 48.79 8.99
N PHE D 414 -8.99 49.33 7.81
CA PHE D 414 -9.72 50.58 7.79
C PHE D 414 -11.17 50.44 8.28
N MET D 415 -11.68 49.22 8.45
CA MET D 415 -13.02 49.06 8.98
C MET D 415 -13.06 49.46 10.45
N PRO D 416 -14.25 49.67 11.01
CA PRO D 416 -14.35 50.01 12.45
C PRO D 416 -13.73 48.98 13.35
N SER D 417 -13.67 47.72 12.93
CA SER D 417 -13.04 46.68 13.73
C SER D 417 -12.60 45.57 12.80
N THR D 418 -11.70 44.73 13.30
CA THR D 418 -11.30 43.52 12.58
C THR D 418 -10.75 42.55 13.61
N GLU D 419 -10.44 41.34 13.15
CA GLU D 419 -10.01 40.25 14.03
C GLU D 419 -8.96 39.41 13.29
N PRO D 420 -7.86 39.06 13.93
CA PRO D 420 -6.96 38.07 13.32
C PRO D 420 -7.69 36.75 13.16
N VAL D 421 -7.42 36.06 12.06
CA VAL D 421 -7.80 34.67 11.89
C VAL D 421 -6.52 33.88 11.65
N LEU D 422 -6.32 32.84 12.45
CA LEU D 422 -5.19 31.93 12.28
C LEU D 422 -5.65 30.77 11.43
N MET D 423 -4.88 30.46 10.40
CA MET D 423 -5.30 29.52 9.38
C MET D 423 -4.20 28.51 9.09
N SER D 424 -4.64 27.29 8.79
CA SER D 424 -3.80 26.16 8.44
C SER D 424 -4.32 25.53 7.16
N LEU D 425 -3.42 25.22 6.25
CA LEU D 425 -3.76 24.46 5.05
C LEU D 425 -2.75 23.33 4.92
N VAL D 426 -3.25 22.10 4.85
CA VAL D 426 -2.43 20.91 4.72
C VAL D 426 -2.64 20.36 3.33
N PHE D 427 -1.54 20.03 2.65
CA PHE D 427 -1.66 19.68 1.24
C PHE D 427 -0.56 18.72 0.85
N ASP D 428 -0.79 18.00 -0.24
CA ASP D 428 0.24 17.19 -0.88
C ASP D 428 1.19 18.08 -1.69
N PRO D 429 2.48 18.16 -1.35
CA PRO D 429 3.36 19.16 -2.00
C PRO D 429 3.61 18.87 -3.46
N ASP D 430 3.26 17.69 -3.95
CA ASP D 430 3.54 17.30 -5.32
C ASP D 430 2.32 17.37 -6.22
N THR D 431 1.22 16.70 -5.84
CA THR D 431 -0.04 16.85 -6.56
C THR D 431 -0.76 18.15 -6.24
N HIS D 432 -0.37 18.83 -5.16
CA HIS D 432 -1.02 20.05 -4.71
C HIS D 432 -2.44 19.82 -4.20
N ARG D 433 -2.84 18.57 -4.00
CA ARG D 433 -4.17 18.28 -3.50
C ARG D 433 -4.32 18.76 -2.05
N ILE D 434 -5.46 19.40 -1.76
CA ILE D 434 -5.73 19.82 -0.39
C ILE D 434 -6.09 18.60 0.44
N LEU D 435 -5.45 18.45 1.60
CA LEU D 435 -5.69 17.32 2.50
C LEU D 435 -6.48 17.68 3.74
N GLY D 436 -6.43 18.95 4.15
CA GLY D 436 -7.14 19.40 5.34
C GLY D 436 -6.86 20.88 5.55
N GLY D 437 -7.54 21.45 6.54
CA GLY D 437 -7.37 22.85 6.85
C GLY D 437 -8.10 23.17 8.13
N ALA D 438 -7.78 24.34 8.69
CA ALA D 438 -8.38 24.74 9.96
C ALA D 438 -8.36 26.27 10.03
N LEU D 439 -9.30 26.83 10.78
CA LEU D 439 -9.32 28.28 11.00
C LEU D 439 -9.73 28.54 12.43
N MET D 440 -9.18 29.62 13.00
CA MET D 440 -9.45 30.00 14.38
C MET D 440 -9.49 31.51 14.49
N SER D 441 -10.58 32.04 15.06
CA SER D 441 -10.77 33.48 15.11
C SER D 441 -11.83 33.81 16.15
N LYS D 442 -11.76 35.02 16.70
CA LYS D 442 -12.90 35.54 17.45
C LYS D 442 -14.04 35.92 16.54
N TYR D 443 -13.76 36.20 15.25
CA TYR D 443 -14.81 36.29 14.25
C TYR D 443 -15.27 34.90 13.87
N ASP D 444 -16.58 34.73 13.68
CA ASP D 444 -17.14 33.42 13.39
C ASP D 444 -16.79 32.95 11.98
N VAL D 445 -15.69 32.19 11.85
CA VAL D 445 -15.18 31.68 10.58
C VAL D 445 -15.66 30.24 10.33
N SER D 446 -16.65 29.78 11.08
CA SER D 446 -17.01 28.37 11.01
C SER D 446 -17.43 27.96 9.59
N GLN D 447 -18.15 28.83 8.87
CA GLN D 447 -18.59 28.46 7.54
C GLN D 447 -17.42 28.20 6.59
N SER D 448 -16.26 28.80 6.86
CA SER D 448 -15.11 28.57 5.96
C SER D 448 -14.62 27.13 6.04
N ALA D 449 -14.84 26.43 7.16
CA ALA D 449 -14.46 25.03 7.19
C ALA D 449 -15.33 24.20 6.26
N ASN D 450 -16.59 24.61 6.04
CA ASN D 450 -17.44 23.92 5.07
C ASN D 450 -17.03 24.22 3.64
N THR D 451 -16.52 25.42 3.38
CA THR D 451 -15.94 25.67 2.06
C THR D 451 -14.78 24.72 1.80
N LEU D 452 -13.87 24.60 2.77
CA LEU D 452 -12.76 23.67 2.61
C LEU D 452 -13.25 22.25 2.43
N SER D 453 -14.30 21.85 3.16
CA SER D 453 -14.85 20.51 2.98
C SER D 453 -15.27 20.29 1.53
N VAL D 454 -15.98 21.25 0.94
CA VAL D 454 -16.40 21.12 -0.45
C VAL D 454 -15.19 21.05 -1.38
N CYS D 455 -14.16 21.86 -1.10
CA CYS D 455 -12.92 21.77 -1.86
C CYS D 455 -12.35 20.36 -1.82
N ILE D 456 -12.30 19.78 -0.63
CA ILE D 456 -11.75 18.43 -0.50
C ILE D 456 -12.65 17.41 -1.16
N GLN D 457 -13.96 17.54 -0.95
CA GLN D 457 -14.91 16.63 -1.61
C GLN D 457 -14.64 16.55 -3.09
N ASN D 458 -14.29 17.67 -3.72
CA ASN D 458 -14.08 17.73 -5.16
C ASN D 458 -12.62 17.56 -5.56
N GLU D 459 -11.77 17.14 -4.62
CA GLU D 459 -10.34 16.89 -4.87
C GLU D 459 -9.62 18.12 -5.43
N ASN D 460 -10.04 19.29 -4.98
CA ASN D 460 -9.41 20.53 -5.40
C ASN D 460 -7.99 20.66 -4.84
N THR D 461 -7.17 21.43 -5.56
CA THR D 461 -5.78 21.69 -5.20
C THR D 461 -5.65 23.05 -4.56
N ILE D 462 -4.44 23.33 -4.06
CA ILE D 462 -4.17 24.66 -3.53
C ILE D 462 -4.26 25.71 -4.62
N ASP D 463 -4.02 25.31 -5.88
CA ASP D 463 -4.09 26.28 -6.98
C ASP D 463 -5.54 26.65 -7.31
N ASP D 464 -6.46 25.68 -7.21
CA ASP D 464 -7.88 25.97 -7.28
C ASP D 464 -8.30 26.98 -6.22
N LEU D 465 -7.99 26.68 -4.96
CA LEU D 465 -8.43 27.54 -3.85
C LEU D 465 -7.76 28.92 -3.92
N ALA D 466 -6.53 28.99 -4.45
CA ALA D 466 -5.83 30.26 -4.48
C ALA D 466 -6.56 31.29 -5.34
N MET D 467 -7.32 30.83 -6.34
CA MET D 467 -7.89 31.73 -7.33
C MET D 467 -9.39 31.60 -7.51
N VAL D 468 -10.04 30.60 -6.92
CA VAL D 468 -11.48 30.42 -7.17
C VAL D 468 -12.22 31.67 -6.73
N ASP D 469 -13.25 32.03 -7.52
CA ASP D 469 -14.07 33.21 -7.24
C ASP D 469 -14.62 33.17 -5.83
N MET D 470 -14.38 34.24 -5.08
CA MET D 470 -14.98 34.47 -3.77
C MET D 470 -15.27 35.96 -3.68
N LEU D 471 -16.40 36.32 -3.07
CA LEU D 471 -16.81 37.71 -3.08
C LEU D 471 -15.89 38.58 -2.22
N PHE D 472 -15.82 39.87 -2.59
CA PHE D 472 -15.15 40.89 -1.79
C PHE D 472 -16.17 41.95 -1.41
N GLN D 473 -16.28 42.21 -0.11
CA GLN D 473 -16.87 43.43 0.35
C GLN D 473 -16.21 43.66 1.71
N PRO D 474 -15.72 44.87 1.99
CA PRO D 474 -14.88 45.06 3.19
C PRO D 474 -15.59 44.78 4.51
N ASN D 475 -16.93 44.65 4.53
CA ASN D 475 -17.58 44.15 5.74
C ASN D 475 -17.21 42.70 6.02
N PHE D 476 -16.75 41.98 5.00
CA PHE D 476 -16.56 40.53 5.11
C PHE D 476 -15.13 40.07 4.90
N ASP D 477 -14.35 40.73 4.04
CA ASP D 477 -13.03 40.22 3.72
C ASP D 477 -12.23 41.29 3.00
N ARG D 478 -10.98 40.97 2.68
CA ARG D 478 -10.16 41.76 1.76
C ARG D 478 -10.51 41.39 0.33
N PRO D 479 -9.98 42.12 -0.64
CA PRO D 479 -10.27 41.80 -2.05
C PRO D 479 -10.08 40.33 -2.39
N PHE D 480 -9.00 39.71 -1.92
CA PHE D 480 -8.91 38.25 -1.87
C PHE D 480 -9.46 37.76 -0.54
N ASN D 481 -10.36 36.78 -0.58
CA ASN D 481 -10.83 36.17 0.65
C ASN D 481 -9.67 35.52 1.40
N TYR D 482 -9.77 35.50 2.74
CA TYR D 482 -8.70 34.90 3.51
C TYR D 482 -8.42 33.44 3.13
N LEU D 483 -9.41 32.71 2.59
CA LEU D 483 -9.13 31.37 2.09
C LEU D 483 -8.29 31.39 0.82
N ASN D 484 -8.53 32.38 -0.07
CA ASN D 484 -7.65 32.55 -1.21
C ASN D 484 -6.24 32.85 -0.72
N ILE D 485 -6.12 33.75 0.26
CA ILE D 485 -4.83 34.16 0.77
C ILE D 485 -4.09 32.96 1.35
N LEU D 486 -4.79 32.14 2.14
CA LEU D 486 -4.21 30.92 2.69
C LEU D 486 -3.63 30.04 1.59
N ALA D 487 -4.41 29.80 0.54
CA ALA D 487 -3.96 28.93 -0.54
C ALA D 487 -2.83 29.57 -1.33
N GLN D 488 -2.81 30.91 -1.42
CA GLN D 488 -1.71 31.56 -2.10
C GLN D 488 -0.41 31.39 -1.33
N ALA D 489 -0.47 31.36 -0.01
CA ALA D 489 0.73 31.11 0.78
C ALA D 489 1.22 29.68 0.60
N ALA D 490 0.28 28.72 0.43
CA ALA D 490 0.68 27.35 0.10
C ALA D 490 1.38 27.29 -1.25
N GLN D 491 0.87 28.01 -2.25
CA GLN D 491 1.56 28.12 -3.52
C GLN D 491 2.97 28.65 -3.33
N ALA D 492 3.12 29.72 -2.54
CA ALA D 492 4.43 30.32 -2.35
C ALA D 492 5.40 29.34 -1.70
N LYS D 493 4.91 28.50 -0.77
CA LYS D 493 5.79 27.54 -0.15
C LYS D 493 6.28 26.51 -1.15
N VAL D 494 5.38 26.03 -2.02
CA VAL D 494 5.76 25.09 -3.07
C VAL D 494 6.69 25.74 -4.08
N ALA D 495 6.55 27.04 -4.30
CA ALA D 495 7.33 27.70 -5.34
C ALA D 495 8.80 27.83 -4.94
N GLN D 496 9.06 28.07 -3.65
CA GLN D 496 10.44 28.21 -3.20
C GLN D 496 11.16 26.86 -3.15
N SER D 497 10.43 25.75 -3.21
CA SER D 497 11.05 24.43 -3.32
C SER D 497 11.38 24.06 -4.76
N VAL D 498 10.78 24.74 -5.74
CA VAL D 498 11.08 24.48 -7.16
C VAL D 498 12.36 25.15 -7.60
N ASN D 499 12.99 25.95 -6.75
CA ASN D 499 14.29 26.54 -7.06
C ASN D 499 15.03 26.87 -5.76
N SER E 50 -40.14 22.48 -36.35
CA SER E 50 -39.98 21.07 -35.99
C SER E 50 -38.51 20.74 -35.68
N MET E 51 -38.27 19.52 -35.21
CA MET E 51 -36.97 19.14 -34.67
C MET E 51 -36.03 18.67 -35.78
N LYS E 52 -34.83 19.24 -35.82
CA LYS E 52 -33.82 18.88 -36.80
C LYS E 52 -32.86 17.89 -36.16
N VAL E 53 -32.71 16.73 -36.77
CA VAL E 53 -31.83 15.69 -36.26
C VAL E 53 -30.81 15.35 -37.34
N THR E 54 -29.54 15.39 -36.95
CA THR E 54 -28.43 14.96 -37.80
C THR E 54 -27.85 13.66 -37.25
N VAL E 55 -27.65 12.68 -38.12
CA VAL E 55 -27.10 11.39 -37.73
C VAL E 55 -25.79 11.19 -38.49
N VAL E 56 -24.72 10.98 -37.74
CA VAL E 56 -23.36 10.85 -38.28
C VAL E 56 -23.01 9.36 -38.31
N GLY E 57 -22.97 8.79 -39.52
CA GLY E 57 -22.63 7.37 -39.64
C GLY E 57 -23.87 6.50 -39.68
N CYS E 58 -23.89 5.50 -40.58
CA CYS E 58 -25.08 4.68 -40.69
C CYS E 58 -24.66 3.29 -41.20
N THR E 59 -24.22 2.44 -40.28
CA THR E 59 -24.18 1.01 -40.59
C THR E 59 -25.31 0.32 -39.84
N HIS E 60 -25.17 0.10 -38.52
CA HIS E 60 -26.24 -0.52 -37.73
C HIS E 60 -26.86 0.41 -36.70
N ALA E 61 -26.07 1.06 -35.85
CA ALA E 61 -26.64 1.92 -34.83
C ALA E 61 -27.41 3.08 -35.44
N GLY E 62 -26.84 3.71 -36.48
CA GLY E 62 -27.57 4.76 -37.17
C GLY E 62 -28.84 4.25 -37.81
N THR E 63 -28.77 3.09 -38.47
CA THR E 63 -29.96 2.51 -39.09
C THR E 63 -31.08 2.33 -38.07
N PHE E 64 -30.79 1.70 -36.95
CA PHE E 64 -31.83 1.46 -35.96
C PHE E 64 -32.31 2.77 -35.34
N ALA E 65 -31.39 3.70 -35.07
CA ALA E 65 -31.80 4.99 -34.52
C ALA E 65 -32.71 5.74 -35.48
N ILE E 66 -32.36 5.74 -36.77
CA ILE E 66 -33.17 6.46 -37.74
C ILE E 66 -34.59 5.90 -37.79
N LYS E 67 -34.70 4.56 -37.91
CA LYS E 67 -36.04 3.96 -37.98
C LYS E 67 -36.84 4.23 -36.71
N GLN E 68 -36.20 4.16 -35.54
CA GLN E 68 -36.91 4.44 -34.31
C GLN E 68 -37.36 5.90 -34.25
N ILE E 69 -36.46 6.82 -34.63
CA ILE E 69 -36.80 8.25 -34.59
C ILE E 69 -37.99 8.53 -35.51
N LEU E 70 -37.93 8.03 -36.75
CA LEU E 70 -39.02 8.29 -37.67
C LEU E 70 -40.34 7.67 -37.21
N ALA E 71 -40.28 6.53 -36.53
CA ALA E 71 -41.51 5.91 -36.04
C ALA E 71 -42.13 6.68 -34.88
N GLU E 72 -41.29 7.22 -34.00
CA GLU E 72 -41.79 7.88 -32.79
C GLU E 72 -41.93 9.40 -32.93
N HIS E 73 -41.25 10.01 -33.89
CA HIS E 73 -41.33 11.46 -34.09
C HIS E 73 -41.37 11.73 -35.58
N PRO E 74 -42.46 11.33 -36.25
CA PRO E 74 -42.51 11.46 -37.71
C PRO E 74 -42.45 12.91 -38.18
N ASP E 75 -42.65 13.88 -37.28
CA ASP E 75 -42.51 15.28 -37.61
C ASP E 75 -41.07 15.76 -37.53
N ALA E 76 -40.12 14.84 -37.40
CA ALA E 76 -38.72 15.20 -37.29
C ALA E 76 -38.07 15.22 -38.67
N GLU E 77 -37.13 16.14 -38.84
CA GLU E 77 -36.37 16.26 -40.08
C GLU E 77 -35.01 15.61 -39.83
N VAL E 78 -34.86 14.38 -40.33
CA VAL E 78 -33.69 13.57 -40.06
C VAL E 78 -32.79 13.62 -41.27
N THR E 79 -31.57 14.10 -41.06
CA THR E 79 -30.52 14.01 -42.06
C THR E 79 -29.47 13.02 -41.58
N VAL E 80 -29.07 12.10 -42.45
CA VAL E 80 -28.03 11.12 -42.13
C VAL E 80 -26.92 11.24 -43.16
N TYR E 81 -25.69 11.33 -42.69
CA TYR E 81 -24.51 11.31 -43.54
C TYR E 81 -23.77 10.00 -43.33
N GLU E 82 -23.29 9.42 -44.42
CA GLU E 82 -22.51 8.18 -44.37
C GLU E 82 -21.44 8.25 -45.44
N ARG E 83 -20.19 8.01 -45.05
CA ARG E 83 -19.08 7.98 -45.99
C ARG E 83 -19.28 6.96 -47.10
N ASN E 84 -19.70 5.75 -46.75
CA ASN E 84 -19.82 4.69 -47.73
C ASN E 84 -21.02 4.93 -48.63
N ASP E 85 -21.22 4.04 -49.59
CA ASP E 85 -22.43 4.06 -50.40
C ASP E 85 -23.41 2.95 -50.03
N VAL E 86 -23.21 2.29 -48.88
CA VAL E 86 -24.13 1.27 -48.40
C VAL E 86 -24.39 1.50 -46.92
N ILE E 87 -25.42 0.82 -46.41
CA ILE E 87 -25.70 0.76 -44.98
C ILE E 87 -26.08 -0.68 -44.64
N SER E 88 -26.11 -0.97 -43.34
CA SER E 88 -26.57 -2.24 -42.75
C SER E 88 -25.75 -3.46 -43.19
N PHE E 89 -24.50 -3.29 -43.64
CA PHE E 89 -23.70 -4.47 -43.98
C PHE E 89 -23.29 -5.22 -42.71
N LEU E 90 -23.59 -6.52 -42.66
CA LEU E 90 -23.25 -7.36 -41.50
C LEU E 90 -21.85 -7.93 -41.70
N SER E 91 -20.86 -7.36 -41.00
CA SER E 91 -19.49 -7.82 -41.13
C SER E 91 -19.32 -9.28 -40.73
N CYS E 92 -20.20 -9.83 -39.88
CA CYS E 92 -20.10 -11.25 -39.55
C CYS E 92 -20.17 -12.11 -40.80
N GLY E 93 -20.71 -11.59 -41.89
CA GLY E 93 -20.77 -12.36 -43.11
C GLY E 93 -19.46 -12.47 -43.86
N ILE E 94 -18.43 -11.72 -43.46
CA ILE E 94 -17.17 -11.78 -44.19
C ILE E 94 -16.55 -13.17 -44.05
N ALA E 95 -16.33 -13.62 -42.81
CA ALA E 95 -15.71 -14.92 -42.63
C ALA E 95 -16.59 -16.02 -43.22
N LEU E 96 -17.91 -15.85 -43.12
CA LEU E 96 -18.83 -16.84 -43.67
C LEU E 96 -18.70 -16.92 -45.19
N TYR E 97 -18.62 -15.78 -45.86
CA TYR E 97 -18.41 -15.81 -47.30
C TYR E 97 -17.09 -16.49 -47.63
N LEU E 98 -15.99 -15.97 -47.07
CA LEU E 98 -14.70 -16.62 -47.29
C LEU E 98 -14.73 -18.09 -46.92
N GLY E 99 -15.55 -18.47 -45.95
CA GLY E 99 -15.61 -19.87 -45.61
C GLY E 99 -16.47 -20.73 -46.52
N GLY E 100 -17.01 -20.13 -47.59
CA GLY E 100 -17.88 -20.85 -48.49
C GLY E 100 -19.30 -21.06 -48.01
N LYS E 101 -19.80 -20.23 -47.10
CA LYS E 101 -21.10 -20.47 -46.49
C LYS E 101 -22.16 -19.44 -46.89
N VAL E 102 -21.81 -18.46 -47.70
CA VAL E 102 -22.75 -17.43 -48.13
C VAL E 102 -22.87 -17.50 -49.64
N ALA E 103 -24.05 -17.87 -50.12
CA ALA E 103 -24.29 -17.93 -51.56
C ALA E 103 -24.37 -16.54 -52.16
N ASP E 104 -25.22 -15.68 -51.61
CA ASP E 104 -25.51 -14.38 -52.17
C ASP E 104 -25.10 -13.28 -51.21
N PRO E 105 -24.01 -12.53 -51.49
CA PRO E 105 -23.56 -11.52 -50.53
C PRO E 105 -24.55 -10.38 -50.31
N GLN E 106 -25.52 -10.20 -51.20
CA GLN E 106 -26.52 -9.16 -50.96
C GLN E 106 -27.42 -9.53 -49.78
N GLY E 107 -27.53 -10.81 -49.45
CA GLY E 107 -28.24 -11.20 -48.25
C GLY E 107 -27.62 -10.66 -46.98
N LEU E 108 -26.36 -10.19 -47.04
CA LEU E 108 -25.67 -9.63 -45.88
C LEU E 108 -26.08 -8.19 -45.58
N PHE E 109 -27.00 -7.62 -46.34
CA PHE E 109 -27.54 -6.29 -46.07
C PHE E 109 -29.02 -6.46 -45.69
N TYR E 110 -29.44 -5.82 -44.60
CA TYR E 110 -30.85 -5.92 -44.21
C TYR E 110 -31.64 -4.63 -44.45
N SER E 111 -30.99 -3.54 -44.84
CA SER E 111 -31.69 -2.29 -45.18
C SER E 111 -30.96 -1.66 -46.36
N SER E 112 -31.24 -0.38 -46.61
CA SER E 112 -30.64 0.32 -47.75
C SER E 112 -30.88 1.82 -47.59
N PRO E 113 -30.06 2.65 -48.24
CA PRO E 113 -30.38 4.09 -48.31
C PRO E 113 -31.78 4.35 -48.83
N GLU E 114 -32.19 3.64 -49.87
CA GLU E 114 -33.51 3.80 -50.45
C GLU E 114 -34.60 3.57 -49.42
N GLU E 115 -34.42 2.55 -48.56
CA GLU E 115 -35.46 2.25 -47.59
C GLU E 115 -35.60 3.37 -46.56
N LEU E 116 -34.48 3.95 -46.13
CA LEU E 116 -34.57 5.01 -45.14
C LEU E 116 -35.14 6.28 -45.76
N GLN E 117 -34.78 6.56 -47.02
CA GLN E 117 -35.38 7.68 -47.73
C GLN E 117 -36.90 7.51 -47.79
N LYS E 118 -37.35 6.36 -48.28
CA LYS E 118 -38.77 6.05 -48.35
C LYS E 118 -39.46 6.22 -47.01
N LEU E 119 -38.75 5.97 -45.90
CA LEU E 119 -39.33 6.20 -44.58
C LEU E 119 -39.30 7.67 -44.16
N GLY E 120 -38.67 8.54 -44.94
CA GLY E 120 -38.71 9.96 -44.68
C GLY E 120 -37.42 10.60 -44.25
N ALA E 121 -36.31 9.87 -44.23
CA ALA E 121 -35.02 10.46 -43.89
C ALA E 121 -34.39 11.11 -45.11
N ASN E 122 -33.60 12.14 -44.87
CA ASN E 122 -32.79 12.77 -45.92
C ASN E 122 -31.43 12.07 -45.92
N VAL E 123 -31.22 11.18 -46.88
CA VAL E 123 -30.10 10.25 -46.85
C VAL E 123 -28.97 10.79 -47.70
N GLN E 124 -27.83 11.07 -47.07
CA GLN E 124 -26.69 11.64 -47.77
C GLN E 124 -25.52 10.66 -47.72
N MET E 125 -25.59 9.66 -48.60
CA MET E 125 -24.51 8.72 -48.81
C MET E 125 -23.33 9.39 -49.51
N ASN E 126 -22.16 8.77 -49.38
CA ASN E 126 -20.93 9.31 -49.96
C ASN E 126 -20.66 10.72 -49.44
N HIS E 127 -20.98 10.97 -48.18
CA HIS E 127 -20.67 12.23 -47.51
C HIS E 127 -19.82 11.96 -46.28
N ASN E 128 -18.85 12.85 -46.05
CA ASN E 128 -17.93 12.75 -44.92
C ASN E 128 -18.17 13.95 -44.01
N VAL E 129 -18.67 13.72 -42.80
CA VAL E 129 -18.74 14.82 -41.85
C VAL E 129 -17.33 15.23 -41.48
N LEU E 130 -17.02 16.52 -41.66
CA LEU E 130 -15.68 17.05 -41.43
C LEU E 130 -15.54 17.73 -40.08
N ALA E 131 -16.60 18.34 -39.55
CA ALA E 131 -16.51 18.95 -38.24
C ALA E 131 -17.90 18.97 -37.61
N ILE E 132 -17.91 19.08 -36.29
CA ILE E 132 -19.12 19.24 -35.51
C ILE E 132 -18.85 20.37 -34.53
N ASP E 133 -19.74 21.36 -34.49
CA ASP E 133 -19.62 22.47 -33.56
C ASP E 133 -20.77 22.44 -32.58
N PRO E 134 -20.59 21.88 -31.37
CA PRO E 134 -21.71 21.77 -30.44
C PRO E 134 -22.19 23.11 -29.91
N ASP E 135 -21.32 24.11 -29.85
CA ASP E 135 -21.73 25.45 -29.43
C ASP E 135 -22.68 26.07 -30.46
N GLN E 136 -22.27 26.07 -31.72
CA GLN E 136 -23.12 26.59 -32.79
C GLN E 136 -24.21 25.62 -33.20
N LYS E 137 -24.12 24.36 -32.75
CA LYS E 137 -25.05 23.31 -33.14
C LYS E 137 -25.11 23.19 -34.67
N THR E 138 -23.93 22.94 -35.24
CA THR E 138 -23.78 22.78 -36.67
C THR E 138 -22.83 21.63 -36.93
N VAL E 139 -22.95 21.08 -38.13
CA VAL E 139 -21.98 20.15 -38.68
C VAL E 139 -21.56 20.66 -40.04
N THR E 140 -20.35 20.31 -40.44
CA THR E 140 -19.83 20.65 -41.76
C THR E 140 -19.49 19.37 -42.47
N VAL E 141 -19.98 19.23 -43.69
CA VAL E 141 -19.96 17.96 -44.41
C VAL E 141 -19.43 18.17 -45.81
N GLU E 142 -18.70 17.17 -46.29
CA GLU E 142 -18.17 17.11 -47.65
C GLU E 142 -18.90 16.05 -48.45
N ASP E 143 -19.35 16.42 -49.64
CA ASP E 143 -19.86 15.48 -50.63
C ASP E 143 -18.66 14.86 -51.33
N LEU E 144 -18.44 13.57 -51.11
CA LEU E 144 -17.22 12.93 -51.61
C LEU E 144 -17.21 12.82 -53.12
N THR E 145 -18.35 12.99 -53.78
CA THR E 145 -18.36 12.88 -55.23
C THR E 145 -17.80 14.13 -55.90
N ASN E 146 -18.04 15.32 -55.34
CA ASN E 146 -17.61 16.56 -55.99
C ASN E 146 -16.84 17.50 -55.06
N HIS E 147 -16.55 17.08 -53.83
CA HIS E 147 -15.84 17.85 -52.81
C HIS E 147 -16.66 18.99 -52.23
N ALA E 148 -17.91 19.17 -52.67
CA ALA E 148 -18.69 20.31 -52.19
C ALA E 148 -18.87 20.25 -50.68
N GLN E 149 -18.56 21.36 -50.00
CA GLN E 149 -18.79 21.44 -48.57
C GLN E 149 -20.04 22.26 -48.29
N THR E 150 -20.75 21.87 -47.23
CA THR E 150 -21.90 22.59 -46.74
C THR E 150 -21.84 22.59 -45.21
N THR E 151 -22.53 23.55 -44.61
CA THR E 151 -22.67 23.63 -43.17
C THR E 151 -24.15 23.64 -42.84
N GLU E 152 -24.54 22.86 -41.83
CA GLU E 152 -25.94 22.60 -41.55
C GLU E 152 -26.19 22.65 -40.05
N SER E 153 -27.37 23.13 -39.69
CA SER E 153 -27.77 23.24 -38.29
C SER E 153 -28.51 21.97 -37.87
N TYR E 154 -28.50 21.72 -36.57
CA TYR E 154 -29.22 20.60 -35.99
C TYR E 154 -29.73 21.01 -34.62
N ASP E 155 -30.82 20.38 -34.21
CA ASP E 155 -31.29 20.47 -32.83
C ASP E 155 -30.75 19.34 -31.97
N LYS E 156 -30.64 18.14 -32.55
CA LYS E 156 -30.07 16.96 -31.92
C LYS E 156 -29.14 16.29 -32.90
N LEU E 157 -27.97 15.86 -32.43
CA LEU E 157 -27.03 15.08 -33.23
C LEU E 157 -26.91 13.66 -32.66
N VAL E 158 -26.89 12.68 -33.57
CA VAL E 158 -26.76 11.27 -33.18
C VAL E 158 -25.40 10.80 -33.69
N MET E 159 -24.54 10.41 -32.76
CA MET E 159 -23.17 10.02 -33.08
C MET E 159 -23.11 8.50 -33.23
N THR E 160 -23.38 8.03 -34.43
CA THR E 160 -23.31 6.59 -34.71
C THR E 160 -22.19 6.33 -35.69
N SER E 161 -21.01 6.87 -35.39
CA SER E 161 -19.87 6.83 -36.30
C SER E 161 -19.01 5.61 -36.10
N GLY E 162 -19.34 4.78 -35.10
CA GLY E 162 -18.76 3.46 -35.04
C GLY E 162 -17.29 3.47 -34.71
N SER E 163 -16.57 2.58 -35.37
CA SER E 163 -15.18 2.31 -35.03
C SER E 163 -14.39 2.06 -36.30
N TRP E 164 -13.08 2.00 -36.15
CA TRP E 164 -12.19 1.65 -37.24
C TRP E 164 -11.15 0.70 -36.70
N PRO E 165 -10.64 -0.22 -37.52
CA PRO E 165 -9.63 -1.16 -37.01
C PRO E 165 -8.39 -0.43 -36.48
N ILE E 166 -7.79 -1.01 -35.45
CA ILE E 166 -6.55 -0.46 -34.89
C ILE E 166 -5.39 -0.78 -35.85
N VAL E 167 -4.67 0.26 -36.27
CA VAL E 167 -3.56 0.14 -37.22
C VAL E 167 -2.29 0.68 -36.58
N PRO E 168 -1.36 -0.17 -36.17
CA PRO E 168 -0.17 0.32 -35.46
C PRO E 168 0.85 0.93 -36.41
N LYS E 169 1.71 1.77 -35.83
CA LYS E 169 2.82 2.40 -36.55
C LYS E 169 3.93 1.38 -36.72
N ILE E 170 3.99 0.74 -37.87
CA ILE E 170 4.91 -0.39 -38.08
C ILE E 170 5.47 -0.34 -39.49
N PRO E 171 6.78 -0.49 -39.66
CA PRO E 171 7.39 -0.35 -41.00
C PRO E 171 6.76 -1.31 -42.02
N GLY E 172 6.27 -0.72 -43.11
CA GLY E 172 5.71 -1.49 -44.21
C GLY E 172 4.24 -1.81 -44.11
N ILE E 173 3.54 -1.27 -43.10
CA ILE E 173 2.14 -1.63 -42.93
C ILE E 173 1.28 -1.13 -44.09
N ASP E 174 1.80 -0.19 -44.88
CA ASP E 174 1.09 0.31 -46.06
C ASP E 174 1.16 -0.65 -47.24
N SER E 175 1.86 -1.77 -47.11
CA SER E 175 1.91 -2.74 -48.18
C SER E 175 0.50 -3.10 -48.66
N ASP E 176 0.38 -3.40 -49.96
CA ASP E 176 -0.87 -3.89 -50.53
C ASP E 176 -1.19 -5.31 -50.09
N ARG E 177 -0.24 -6.01 -49.48
CA ARG E 177 -0.46 -7.35 -48.97
C ARG E 177 -0.95 -7.35 -47.53
N VAL E 178 -1.05 -6.18 -46.91
CA VAL E 178 -1.69 -6.03 -45.60
C VAL E 178 -3.08 -5.47 -45.84
N LYS E 179 -4.11 -6.18 -45.37
CA LYS E 179 -5.50 -5.83 -45.63
C LYS E 179 -6.29 -5.74 -44.33
N LEU E 180 -7.20 -4.77 -44.27
CA LEU E 180 -8.18 -4.67 -43.21
C LEU E 180 -9.37 -5.59 -43.48
N CYS E 181 -10.21 -5.78 -42.45
CA CYS E 181 -11.34 -6.68 -42.55
C CYS E 181 -12.45 -6.14 -41.65
N LYS E 182 -13.12 -5.09 -42.12
CA LYS E 182 -14.20 -4.47 -41.36
C LYS E 182 -15.49 -4.31 -42.18
N ASN E 183 -15.42 -3.64 -43.32
CA ASN E 183 -16.64 -3.21 -43.99
C ASN E 183 -16.80 -3.89 -45.36
N TRP E 184 -17.82 -3.45 -46.09
CA TRP E 184 -18.16 -4.06 -47.38
C TRP E 184 -17.03 -3.88 -48.39
N ALA E 185 -16.40 -2.70 -48.42
CA ALA E 185 -15.24 -2.54 -49.30
C ALA E 185 -14.17 -3.56 -48.97
N HIS E 186 -13.83 -3.68 -47.67
CA HIS E 186 -12.83 -4.65 -47.25
C HIS E 186 -13.21 -6.07 -47.66
N ALA E 187 -14.49 -6.42 -47.53
CA ALA E 187 -14.93 -7.78 -47.85
C ALA E 187 -14.68 -8.09 -49.31
N GLN E 188 -15.04 -7.15 -50.20
CA GLN E 188 -14.85 -7.39 -51.62
C GLN E 188 -13.37 -7.57 -51.97
N ALA E 189 -12.48 -6.79 -51.37
CA ALA E 189 -11.06 -6.96 -51.62
C ALA E 189 -10.56 -8.32 -51.12
N LEU E 190 -11.02 -8.75 -49.94
CA LEU E 190 -10.59 -10.06 -49.46
C LEU E 190 -11.10 -11.18 -50.36
N ILE E 191 -12.34 -11.04 -50.84
CA ILE E 191 -12.91 -12.08 -51.70
C ILE E 191 -12.07 -12.27 -52.96
N GLU E 192 -11.52 -11.17 -53.50
CA GLU E 192 -10.72 -11.26 -54.72
C GLU E 192 -9.31 -11.76 -54.43
N ASP E 193 -8.67 -11.25 -53.36
CA ASP E 193 -7.33 -11.70 -53.04
C ASP E 193 -7.27 -13.17 -52.67
N ALA E 194 -8.40 -13.77 -52.27
CA ALA E 194 -8.39 -15.16 -51.83
C ALA E 194 -7.86 -16.09 -52.92
N LYS E 195 -8.27 -15.85 -54.17
CA LYS E 195 -7.92 -16.75 -55.26
C LYS E 195 -6.43 -17.01 -55.32
N GLU E 196 -5.64 -15.94 -55.32
CA GLU E 196 -4.20 -16.04 -55.57
C GLU E 196 -3.38 -16.25 -54.30
N ALA E 197 -3.97 -16.09 -53.13
CA ALA E 197 -3.21 -16.12 -51.88
C ALA E 197 -3.35 -17.50 -51.26
N LYS E 198 -2.32 -18.33 -51.43
CA LYS E 198 -2.34 -19.65 -50.80
C LYS E 198 -1.98 -19.56 -49.33
N ARG E 199 -1.07 -18.66 -48.98
CA ARG E 199 -0.60 -18.50 -47.61
C ARG E 199 -1.20 -17.24 -47.03
N ILE E 200 -1.92 -17.39 -45.91
CA ILE E 200 -2.63 -16.30 -45.25
C ILE E 200 -2.10 -16.19 -43.82
N THR E 201 -1.71 -15.00 -43.42
CA THR E 201 -1.35 -14.75 -42.04
C THR E 201 -2.42 -13.84 -41.44
N VAL E 202 -3.04 -14.30 -40.37
CA VAL E 202 -4.05 -13.52 -39.65
C VAL E 202 -3.36 -12.92 -38.43
N ILE E 203 -3.36 -11.59 -38.34
CA ILE E 203 -2.68 -10.91 -37.26
C ILE E 203 -3.73 -10.45 -36.26
N GLY E 204 -3.75 -11.11 -35.09
CA GLY E 204 -4.76 -10.84 -34.09
C GLY E 204 -5.68 -12.03 -33.96
N ALA E 205 -5.73 -12.63 -32.77
CA ALA E 205 -6.56 -13.82 -32.56
C ALA E 205 -7.69 -13.53 -31.58
N GLY E 206 -8.36 -12.40 -31.78
CA GLY E 206 -9.66 -12.18 -31.19
C GLY E 206 -10.71 -12.87 -32.04
N TYR E 207 -11.96 -12.44 -31.88
CA TYR E 207 -13.05 -13.06 -32.62
C TYR E 207 -12.82 -13.01 -34.13
N ILE E 208 -12.49 -11.83 -34.66
CA ILE E 208 -12.33 -11.71 -36.11
C ILE E 208 -11.26 -12.66 -36.60
N GLY E 209 -10.07 -12.58 -35.99
CA GLY E 209 -8.97 -13.43 -36.42
C GLY E 209 -9.28 -14.90 -36.28
N ALA E 210 -9.88 -15.30 -35.14
CA ALA E 210 -10.25 -16.71 -34.99
C ALA E 210 -11.16 -17.19 -36.10
N GLU E 211 -12.17 -16.37 -36.46
CA GLU E 211 -13.15 -16.81 -37.46
C GLU E 211 -12.52 -16.82 -38.85
N LEU E 212 -11.65 -15.86 -39.13
CA LEU E 212 -10.97 -15.84 -40.42
C LEU E 212 -10.08 -17.05 -40.57
N ALA E 213 -9.27 -17.35 -39.55
CA ALA E 213 -8.32 -18.45 -39.63
C ALA E 213 -9.04 -19.77 -39.85
N GLU E 214 -10.15 -19.98 -39.13
CA GLU E 214 -10.96 -21.17 -39.37
C GLU E 214 -11.53 -21.16 -40.78
N ALA E 215 -12.04 -20.02 -41.25
CA ALA E 215 -12.66 -20.03 -42.56
C ALA E 215 -11.63 -20.28 -43.66
N TYR E 216 -10.44 -19.67 -43.55
CA TYR E 216 -9.41 -19.91 -44.55
C TYR E 216 -8.86 -21.33 -44.47
N SER E 217 -8.74 -21.89 -43.25
CA SER E 217 -8.15 -23.20 -43.13
C SER E 217 -9.04 -24.28 -43.73
N THR E 218 -10.36 -24.07 -43.71
CA THR E 218 -11.21 -25.13 -44.24
C THR E 218 -11.41 -25.02 -45.75
N THR E 219 -10.92 -23.94 -46.38
CA THR E 219 -11.04 -23.76 -47.82
C THR E 219 -9.71 -23.95 -48.53
N GLY E 220 -8.72 -24.55 -47.87
CA GLY E 220 -7.50 -24.96 -48.55
C GLY E 220 -6.38 -23.95 -48.57
N HIS E 221 -6.29 -23.08 -47.59
CA HIS E 221 -5.17 -22.17 -47.43
C HIS E 221 -4.26 -22.64 -46.31
N ASP E 222 -3.00 -22.25 -46.40
CA ASP E 222 -2.05 -22.44 -45.30
C ASP E 222 -2.11 -21.18 -44.43
N VAL E 223 -2.61 -21.34 -43.20
CA VAL E 223 -2.94 -20.23 -42.32
C VAL E 223 -1.98 -20.20 -41.14
N THR E 224 -1.46 -19.03 -40.85
CA THR E 224 -0.74 -18.75 -39.62
C THR E 224 -1.54 -17.72 -38.84
N LEU E 225 -1.74 -17.96 -37.55
CA LEU E 225 -2.53 -17.09 -36.68
C LEU E 225 -1.64 -16.52 -35.60
N ILE E 226 -1.51 -15.19 -35.56
CA ILE E 226 -0.62 -14.48 -34.65
C ILE E 226 -1.44 -13.73 -33.61
N ASP E 227 -1.01 -13.79 -32.35
CA ASP E 227 -1.55 -12.88 -31.35
C ASP E 227 -0.43 -12.43 -30.41
N ALA E 228 -0.53 -11.17 -29.98
CA ALA E 228 0.43 -10.68 -29.00
C ALA E 228 0.30 -11.42 -27.67
N MET E 229 -0.90 -11.89 -27.32
CA MET E 229 -1.11 -12.62 -26.07
C MET E 229 -0.74 -14.08 -26.22
N ALA E 230 -0.69 -14.76 -25.07
CA ALA E 230 -0.22 -16.14 -24.98
C ALA E 230 -1.26 -17.16 -25.41
N ARG E 231 -2.50 -16.73 -25.56
CA ARG E 231 -3.57 -17.59 -25.97
C ARG E 231 -4.50 -16.98 -27.03
N VAL E 232 -5.22 -17.83 -27.72
CA VAL E 232 -6.22 -17.28 -28.64
C VAL E 232 -7.40 -16.78 -27.83
N MET E 233 -8.09 -15.79 -28.38
CA MET E 233 -9.30 -15.21 -27.80
C MET E 233 -9.16 -15.03 -26.29
N PRO E 234 -8.05 -14.45 -25.82
CA PRO E 234 -7.83 -14.38 -24.36
C PRO E 234 -8.86 -13.51 -23.66
N LYS E 235 -9.46 -12.54 -24.35
CA LYS E 235 -10.46 -11.68 -23.70
C LYS E 235 -11.73 -12.44 -23.31
N TYR E 236 -12.07 -13.52 -24.02
CA TYR E 236 -13.41 -14.06 -23.99
C TYR E 236 -13.56 -15.36 -23.23
N PHE E 237 -12.51 -16.19 -23.17
CA PHE E 237 -12.56 -17.49 -22.54
C PHE E 237 -11.34 -17.69 -21.66
N ASP E 238 -11.49 -18.53 -20.65
CA ASP E 238 -10.37 -18.92 -19.80
C ASP E 238 -9.53 -19.99 -20.50
N ALA E 239 -8.41 -20.35 -19.87
CA ALA E 239 -7.43 -21.21 -20.52
C ALA E 239 -7.97 -22.60 -20.78
N ASP E 240 -8.84 -23.13 -19.92
CA ASP E 240 -9.35 -24.47 -20.18
C ASP E 240 -10.09 -24.52 -21.51
N PHE E 241 -10.77 -23.44 -21.87
CA PHE E 241 -11.45 -23.39 -23.16
C PHE E 241 -10.46 -23.16 -24.30
N THR E 242 -9.58 -22.16 -24.17
CA THR E 242 -8.72 -21.82 -25.29
C THR E 242 -7.65 -22.88 -25.55
N ASP E 243 -7.31 -23.70 -24.54
CA ASP E 243 -6.48 -24.87 -24.80
C ASP E 243 -7.13 -25.79 -25.82
N VAL E 244 -8.42 -26.06 -25.65
CA VAL E 244 -9.11 -26.93 -26.60
C VAL E 244 -9.15 -26.29 -27.98
N ILE E 245 -9.49 -25.01 -28.02
CA ILE E 245 -9.58 -24.31 -29.29
C ILE E 245 -8.23 -24.34 -30.02
N GLU E 246 -7.15 -24.03 -29.29
CA GLU E 246 -5.83 -24.07 -29.90
C GLU E 246 -5.49 -25.47 -30.41
N GLN E 247 -5.82 -26.51 -29.65
CA GLN E 247 -5.61 -27.85 -30.16
C GLN E 247 -6.41 -28.08 -31.44
N ASP E 248 -7.61 -27.52 -31.52
CA ASP E 248 -8.42 -27.64 -32.73
C ASP E 248 -7.73 -27.01 -33.92
N TYR E 249 -7.16 -25.82 -33.74
CA TYR E 249 -6.44 -25.18 -34.84
C TYR E 249 -5.28 -26.06 -35.29
N ARG E 250 -4.44 -26.52 -34.35
CA ARG E 250 -3.33 -27.39 -34.72
C ARG E 250 -3.83 -28.64 -35.44
N ASP E 251 -4.88 -29.27 -34.92
CA ASP E 251 -5.43 -30.47 -35.55
C ASP E 251 -5.86 -30.21 -36.99
N HIS E 252 -6.14 -28.97 -37.35
CA HIS E 252 -6.58 -28.63 -38.70
C HIS E 252 -5.47 -27.99 -39.50
N GLY E 253 -4.25 -27.99 -38.99
CA GLY E 253 -3.11 -27.52 -39.74
C GLY E 253 -2.86 -26.03 -39.66
N VAL E 254 -3.55 -25.30 -38.80
CA VAL E 254 -3.24 -23.88 -38.64
C VAL E 254 -2.01 -23.76 -37.76
N GLN E 255 -1.06 -22.95 -38.21
CA GLN E 255 0.13 -22.67 -37.42
C GLN E 255 -0.20 -21.54 -36.45
N LEU E 256 0.16 -21.71 -35.19
CA LEU E 256 -0.12 -20.73 -34.15
C LEU E 256 1.16 -20.01 -33.78
N ALA E 257 1.09 -18.68 -33.72
CA ALA E 257 2.22 -17.84 -33.33
C ALA E 257 1.75 -16.91 -32.21
N LEU E 258 1.59 -17.48 -31.02
CA LEU E 258 1.07 -16.74 -29.88
C LEU E 258 2.23 -16.11 -29.10
N GLY E 259 1.95 -14.96 -28.49
CA GLY E 259 2.99 -14.26 -27.76
C GLY E 259 4.02 -13.67 -28.70
N GLU E 260 3.59 -13.11 -29.83
CA GLU E 260 4.47 -12.53 -30.82
C GLU E 260 3.84 -11.24 -31.32
N THR E 261 4.65 -10.21 -31.49
CA THR E 261 4.20 -8.96 -32.06
C THR E 261 4.98 -8.65 -33.33
N VAL E 262 4.30 -8.12 -34.32
CA VAL E 262 4.92 -7.86 -35.62
C VAL E 262 5.84 -6.64 -35.49
N GLU E 263 7.09 -6.80 -35.91
CA GLU E 263 8.01 -5.67 -35.95
C GLU E 263 8.00 -4.95 -37.29
N SER E 264 7.89 -5.68 -38.40
CA SER E 264 7.97 -5.07 -39.70
C SER E 264 7.30 -5.96 -40.73
N PHE E 265 6.75 -5.32 -41.76
CA PHE E 265 6.36 -5.98 -42.99
C PHE E 265 7.34 -5.60 -44.09
N THR E 266 7.81 -6.57 -44.86
CA THR E 266 8.77 -6.34 -45.92
C THR E 266 8.33 -7.08 -47.17
N ASP E 267 8.09 -6.34 -48.25
CA ASP E 267 7.69 -6.98 -49.50
C ASP E 267 8.86 -7.73 -50.14
N SER E 268 8.54 -8.78 -50.86
CA SER E 268 9.49 -9.58 -51.64
C SER E 268 8.85 -9.92 -52.96
N ALA E 269 9.65 -10.51 -53.85
CA ALA E 269 9.08 -11.07 -55.07
C ALA E 269 8.19 -12.26 -54.76
N THR E 270 8.51 -12.99 -53.69
CA THR E 270 7.78 -14.20 -53.33
C THR E 270 6.51 -13.89 -52.53
N GLY E 271 6.45 -12.74 -51.87
CA GLY E 271 5.26 -12.36 -51.12
C GLY E 271 5.53 -11.30 -50.06
N LEU E 272 5.09 -11.57 -48.84
CA LEU E 272 5.26 -10.63 -47.73
C LEU E 272 5.93 -11.35 -46.57
N THR E 273 7.03 -10.80 -46.09
CA THR E 273 7.75 -11.35 -44.95
C THR E 273 7.36 -10.56 -43.71
N ILE E 274 6.76 -11.26 -42.74
CA ILE E 274 6.31 -10.68 -41.48
C ILE E 274 7.35 -11.02 -40.43
N LYS E 275 7.96 -10.00 -39.83
CA LYS E 275 8.95 -10.20 -38.79
C LYS E 275 8.35 -9.89 -37.42
N THR E 276 8.41 -10.87 -36.52
CA THR E 276 8.01 -10.69 -35.13
C THR E 276 9.24 -10.70 -34.26
N ASP E 277 9.05 -10.38 -32.98
CA ASP E 277 10.16 -10.46 -32.05
C ASP E 277 10.70 -11.88 -31.88
N LYS E 278 10.02 -12.90 -32.42
CA LYS E 278 10.40 -14.28 -32.19
C LYS E 278 10.57 -15.11 -33.46
N ASN E 279 10.23 -14.60 -34.63
CA ASN E 279 10.30 -15.42 -35.83
C ASN E 279 9.99 -14.56 -37.05
N SER E 280 9.96 -15.21 -38.21
CA SER E 280 9.60 -14.57 -39.46
C SER E 280 8.76 -15.54 -40.27
N TYR E 281 7.79 -15.01 -40.99
CA TYR E 281 6.90 -15.84 -41.78
C TYR E 281 6.75 -15.25 -43.18
N GLU E 282 6.73 -16.13 -44.17
CA GLU E 282 6.48 -15.75 -45.55
C GLU E 282 5.01 -16.02 -45.86
N THR E 283 4.27 -14.97 -46.22
CA THR E 283 2.85 -15.09 -46.47
C THR E 283 2.50 -14.37 -47.76
N ASP E 284 1.41 -14.81 -48.39
CA ASP E 284 0.89 -14.13 -49.57
C ASP E 284 -0.08 -13.01 -49.23
N LEU E 285 -0.73 -13.10 -48.07
CA LEU E 285 -1.66 -12.07 -47.63
C LEU E 285 -1.69 -12.05 -46.11
N ALA E 286 -1.67 -10.85 -45.55
CA ALA E 286 -1.77 -10.64 -44.12
C ALA E 286 -3.03 -9.85 -43.84
N ILE E 287 -3.79 -10.27 -42.83
CA ILE E 287 -5.00 -9.58 -42.42
C ILE E 287 -4.79 -9.01 -41.03
N LEU E 288 -5.06 -7.73 -40.87
CA LEU E 288 -4.83 -7.00 -39.63
C LEU E 288 -6.15 -6.91 -38.87
N CYS E 289 -6.25 -7.65 -37.76
CA CYS E 289 -7.48 -7.61 -36.97
C CYS E 289 -7.10 -7.69 -35.49
N ILE E 290 -6.63 -6.56 -34.97
CA ILE E 290 -6.12 -6.50 -33.60
C ILE E 290 -6.96 -5.53 -32.78
N GLY E 291 -8.27 -5.46 -33.06
CA GLY E 291 -9.17 -4.68 -32.26
C GLY E 291 -9.71 -3.47 -33.00
N PHE E 292 -10.62 -2.78 -32.33
CA PHE E 292 -11.31 -1.61 -32.82
C PHE E 292 -10.90 -0.39 -32.01
N ARG E 293 -10.97 0.77 -32.64
CA ARG E 293 -10.80 2.05 -31.99
C ARG E 293 -12.05 2.89 -32.25
N PRO E 294 -12.67 3.47 -31.23
CA PRO E 294 -13.84 4.31 -31.48
C PRO E 294 -13.50 5.42 -32.46
N ASN E 295 -14.38 5.62 -33.44
CA ASN E 295 -14.17 6.61 -34.50
C ASN E 295 -14.86 7.92 -34.11
N THR E 296 -14.29 8.59 -33.10
CA THR E 296 -14.95 9.70 -32.44
C THR E 296 -14.14 10.99 -32.47
N ASP E 297 -13.11 11.08 -33.32
CA ASP E 297 -12.28 12.28 -33.31
C ASP E 297 -13.09 13.55 -33.53
N LEU E 298 -14.19 13.49 -34.29
CA LEU E 298 -15.00 14.68 -34.52
C LEU E 298 -15.42 15.35 -33.23
N LEU E 299 -15.52 14.61 -32.13
CA LEU E 299 -15.96 15.18 -30.86
C LEU E 299 -14.88 15.13 -29.79
N LYS E 300 -13.64 14.84 -30.16
CA LYS E 300 -12.56 14.79 -29.18
C LYS E 300 -12.44 16.14 -28.49
N GLY E 301 -12.37 16.11 -27.16
CA GLY E 301 -12.35 17.33 -26.39
C GLY E 301 -13.69 18.00 -26.20
N LYS E 302 -14.75 17.50 -26.82
CA LYS E 302 -16.05 18.15 -26.77
C LYS E 302 -17.11 17.38 -25.99
N VAL E 303 -16.90 16.10 -25.70
CA VAL E 303 -17.78 15.34 -24.83
C VAL E 303 -16.92 14.38 -24.02
N ASP E 304 -17.43 14.01 -22.85
CA ASP E 304 -16.70 13.09 -21.99
C ASP E 304 -16.46 11.77 -22.70
N MET E 305 -15.20 11.32 -22.71
CA MET E 305 -14.82 10.07 -23.34
C MET E 305 -14.02 9.20 -22.39
N ALA E 306 -14.09 7.90 -22.64
CA ALA E 306 -13.17 6.96 -22.00
C ALA E 306 -11.77 7.18 -22.54
N PRO E 307 -10.76 6.61 -21.90
CA PRO E 307 -9.38 6.85 -22.36
C PRO E 307 -9.14 6.50 -23.83
N ASN E 308 -9.87 5.54 -24.40
CA ASN E 308 -9.65 5.16 -25.78
C ASN E 308 -10.49 5.96 -26.76
N GLY E 309 -11.28 6.92 -26.26
CA GLY E 309 -12.12 7.72 -27.11
C GLY E 309 -13.58 7.31 -27.18
N ALA E 310 -13.99 6.26 -26.46
CA ALA E 310 -15.40 5.91 -26.45
C ALA E 310 -16.20 7.00 -25.76
N ILE E 311 -17.31 7.41 -26.37
CA ILE E 311 -18.17 8.41 -25.77
C ILE E 311 -18.91 7.82 -24.58
N ILE E 312 -18.86 8.51 -23.44
CA ILE E 312 -19.57 8.12 -22.24
C ILE E 312 -21.00 8.62 -22.32
N THR E 313 -21.96 7.76 -22.01
CA THR E 313 -23.36 8.17 -22.03
C THR E 313 -23.98 7.96 -20.65
N ASP E 314 -25.09 8.66 -20.42
CA ASP E 314 -25.94 8.37 -19.29
C ASP E 314 -26.81 7.16 -19.63
N ASP E 315 -27.73 6.80 -18.74
CA ASP E 315 -28.62 5.67 -18.98
C ASP E 315 -29.57 5.88 -20.14
N TYR E 316 -29.55 7.03 -20.82
CA TYR E 316 -30.44 7.26 -21.94
C TYR E 316 -29.69 7.43 -23.25
N MET E 317 -28.40 7.07 -23.27
CA MET E 317 -27.50 7.19 -24.43
C MET E 317 -27.13 8.65 -24.74
N ARG E 318 -27.31 9.56 -23.80
CA ARG E 318 -26.90 10.95 -23.98
C ARG E 318 -25.47 11.19 -23.52
N SER E 319 -24.71 11.94 -24.32
CA SER E 319 -23.35 12.28 -23.94
C SER E 319 -23.38 13.35 -22.84
N SER E 320 -22.18 13.81 -22.45
CA SER E 320 -22.09 14.95 -21.56
C SER E 320 -22.73 16.19 -22.16
N ASN E 321 -22.89 16.23 -23.48
CA ASN E 321 -23.62 17.30 -24.15
C ASN E 321 -25.06 16.85 -24.36
N PRO E 322 -26.03 17.48 -23.71
CA PRO E 322 -27.39 16.90 -23.66
C PRO E 322 -28.08 16.78 -25.01
N ASP E 323 -27.56 17.42 -26.06
CA ASP E 323 -28.19 17.33 -27.36
C ASP E 323 -27.45 16.38 -28.31
N ILE E 324 -26.41 15.70 -27.84
CA ILE E 324 -25.66 14.74 -28.64
C ILE E 324 -25.81 13.38 -27.99
N PHE E 325 -26.38 12.44 -28.73
CA PHE E 325 -26.46 11.04 -28.31
C PHE E 325 -25.37 10.24 -29.02
N ALA E 326 -25.07 9.07 -28.45
CA ALA E 326 -24.15 8.13 -29.06
C ALA E 326 -24.71 6.73 -28.95
N ALA E 327 -24.44 5.89 -29.94
CA ALA E 327 -24.91 4.53 -29.94
C ALA E 327 -24.00 3.70 -30.83
N GLY E 328 -23.80 2.44 -30.43
CA GLY E 328 -22.96 1.55 -31.20
C GLY E 328 -21.49 1.71 -30.82
N ASP E 329 -20.62 1.37 -31.78
CA ASP E 329 -19.18 1.33 -31.53
C ASP E 329 -18.56 2.70 -31.22
N SER E 330 -19.31 3.78 -31.38
CA SER E 330 -18.78 5.08 -30.97
C SER E 330 -18.84 5.26 -29.46
N ALA E 331 -19.63 4.42 -28.78
CA ALA E 331 -20.01 4.62 -27.40
C ALA E 331 -19.47 3.50 -26.52
N ALA E 332 -19.17 3.86 -25.28
CA ALA E 332 -18.91 2.86 -24.26
C ALA E 332 -20.21 2.14 -23.92
N VAL E 333 -20.07 0.97 -23.29
CA VAL E 333 -21.22 0.26 -22.73
C VAL E 333 -21.16 0.40 -21.21
N HIS E 334 -22.32 0.23 -20.58
CA HIS E 334 -22.39 0.05 -19.13
C HIS E 334 -22.30 -1.44 -18.86
N TYR E 335 -21.18 -1.86 -18.27
CA TYR E 335 -20.86 -3.28 -18.09
C TYR E 335 -21.38 -3.74 -16.74
N ASN E 336 -22.48 -4.51 -16.74
CA ASN E 336 -23.14 -4.86 -15.49
C ASN E 336 -22.27 -5.60 -14.50
N PRO E 337 -21.46 -6.59 -14.90
CA PRO E 337 -20.69 -7.34 -13.89
C PRO E 337 -19.80 -6.47 -13.02
N THR E 338 -19.33 -5.33 -13.53
CA THR E 338 -18.47 -4.46 -12.74
C THR E 338 -19.10 -3.10 -12.48
N HIS E 339 -20.27 -2.82 -13.05
CA HIS E 339 -20.90 -1.52 -12.93
C HIS E 339 -19.92 -0.40 -13.29
N GLN E 340 -19.16 -0.63 -14.36
CA GLN E 340 -18.26 0.38 -14.89
C GLN E 340 -18.48 0.51 -16.39
N ASN E 341 -17.98 1.61 -16.95
CA ASN E 341 -17.96 1.75 -18.40
C ASN E 341 -16.92 0.82 -18.97
N ALA E 342 -17.21 0.26 -20.14
CA ALA E 342 -16.26 -0.59 -20.83
C ALA E 342 -16.40 -0.34 -22.33
N TYR E 343 -15.45 -0.88 -23.10
CA TYR E 343 -15.51 -0.82 -24.55
C TYR E 343 -15.37 -2.25 -25.06
N ILE E 344 -16.49 -2.82 -25.47
CA ILE E 344 -16.55 -4.21 -25.95
C ILE E 344 -17.50 -4.16 -27.13
N PRO E 345 -17.05 -3.69 -28.29
CA PRO E 345 -17.97 -3.38 -29.39
C PRO E 345 -18.56 -4.65 -29.99
N LEU E 346 -19.88 -4.70 -30.01
CA LEU E 346 -20.63 -5.82 -30.55
C LEU E 346 -21.86 -5.25 -31.24
N ALA E 347 -22.27 -5.87 -32.34
CA ALA E 347 -23.48 -5.48 -33.03
C ALA E 347 -24.70 -5.42 -32.10
N THR E 348 -24.74 -6.30 -31.09
CA THR E 348 -25.87 -6.29 -30.16
C THR E 348 -26.02 -4.94 -29.47
N ASN E 349 -24.89 -4.28 -29.19
CA ASN E 349 -24.95 -2.95 -28.59
C ASN E 349 -25.53 -1.92 -29.55
N ALA E 350 -25.14 -2.01 -30.81
CA ALA E 350 -25.58 -1.02 -31.80
C ALA E 350 -27.08 -1.07 -32.01
N VAL E 351 -27.66 -2.28 -32.10
CA VAL E 351 -29.10 -2.37 -32.37
C VAL E 351 -29.88 -1.87 -31.17
N ARG E 352 -29.43 -2.18 -29.96
CA ARG E 352 -30.16 -1.75 -28.76
C ARG E 352 -30.02 -0.26 -28.53
N GLN E 353 -28.78 0.25 -28.57
CA GLN E 353 -28.55 1.66 -28.31
C GLN E 353 -29.19 2.53 -29.38
N GLY E 354 -29.17 2.07 -30.63
CA GLY E 354 -29.88 2.76 -31.68
C GLY E 354 -31.36 2.97 -31.33
N ILE E 355 -32.02 1.89 -30.90
CA ILE E 355 -33.41 1.98 -30.48
C ILE E 355 -33.56 2.96 -29.33
N LEU E 356 -32.66 2.91 -28.35
CA LEU E 356 -32.78 3.77 -27.18
C LEU E 356 -32.61 5.25 -27.54
N VAL E 357 -31.72 5.56 -28.48
CA VAL E 357 -31.60 6.94 -28.93
C VAL E 357 -32.96 7.45 -29.43
N GLY E 358 -33.64 6.64 -30.24
CA GLY E 358 -34.92 7.05 -30.78
C GLY E 358 -36.01 7.15 -29.73
N LYS E 359 -35.93 6.33 -28.68
CA LYS E 359 -36.90 6.41 -27.60
C LYS E 359 -36.67 7.64 -26.75
N ASN E 360 -35.43 8.13 -26.70
CA ASN E 360 -35.03 9.13 -25.73
C ASN E 360 -34.66 10.46 -26.38
N LEU E 361 -34.93 10.63 -27.67
CA LEU E 361 -34.45 11.79 -28.39
C LEU E 361 -34.95 13.08 -27.76
N VAL E 362 -36.20 13.07 -27.29
CA VAL E 362 -36.85 14.25 -26.77
C VAL E 362 -36.73 14.34 -25.25
N LYS E 363 -37.04 13.25 -24.55
CA LYS E 363 -36.93 13.25 -23.10
C LYS E 363 -36.66 11.83 -22.64
N PRO E 364 -36.00 11.66 -21.50
CA PRO E 364 -35.65 10.32 -21.03
C PRO E 364 -36.89 9.45 -20.85
N THR E 365 -36.95 8.37 -21.62
CA THR E 365 -38.12 7.50 -21.65
C THR E 365 -37.79 6.06 -21.30
N VAL E 366 -36.75 5.49 -21.89
CA VAL E 366 -36.40 4.08 -21.67
C VAL E 366 -34.96 4.02 -21.19
N LYS E 367 -34.74 3.36 -20.06
CA LYS E 367 -33.39 3.22 -19.53
C LYS E 367 -32.64 2.09 -20.22
N TYR E 368 -31.36 2.36 -20.48
CA TYR E 368 -30.40 1.35 -20.93
C TYR E 368 -30.18 0.32 -19.84
N MET E 369 -30.30 -0.97 -20.18
CA MET E 369 -30.14 -2.04 -19.20
C MET E 369 -28.69 -2.45 -18.97
N GLY E 370 -27.74 -1.83 -19.67
CA GLY E 370 -26.38 -2.32 -19.57
C GLY E 370 -26.22 -3.62 -20.36
N THR E 371 -25.04 -4.22 -20.22
CA THR E 371 -24.76 -5.45 -20.95
C THR E 371 -23.89 -6.36 -20.11
N GLN E 372 -23.95 -7.64 -20.44
CA GLN E 372 -23.01 -8.65 -19.98
C GLN E 372 -21.94 -8.94 -21.03
N SER E 373 -22.01 -8.28 -22.20
CA SER E 373 -21.18 -8.59 -23.36
C SER E 373 -21.21 -10.08 -23.70
N SER E 374 -22.41 -10.65 -23.72
CA SER E 374 -22.52 -12.04 -24.14
C SER E 374 -22.04 -12.17 -25.58
N SER E 375 -21.24 -13.20 -25.85
CA SER E 375 -20.71 -13.35 -27.19
C SER E 375 -20.33 -14.80 -27.43
N GLY E 376 -20.14 -15.14 -28.69
CA GLY E 376 -19.70 -16.50 -28.99
C GLY E 376 -19.52 -16.70 -30.47
N LEU E 377 -19.12 -17.91 -30.82
CA LEU E 377 -18.89 -18.23 -32.22
C LEU E 377 -18.92 -19.73 -32.38
N ALA E 378 -18.86 -20.16 -33.64
CA ALA E 378 -18.72 -21.57 -33.96
C ALA E 378 -17.39 -21.74 -34.68
N LEU E 379 -16.58 -22.67 -34.19
CA LEU E 379 -15.29 -23.00 -34.78
C LEU E 379 -15.20 -24.52 -34.95
N TYR E 380 -14.99 -24.97 -36.18
CA TYR E 380 -14.83 -26.41 -36.48
C TYR E 380 -15.93 -27.25 -35.82
N ASP E 381 -17.18 -26.86 -36.03
CA ASP E 381 -18.33 -27.61 -35.52
C ASP E 381 -18.51 -27.49 -34.00
N ARG E 382 -17.62 -26.78 -33.31
CA ARG E 382 -17.78 -26.52 -31.88
C ARG E 382 -18.50 -25.19 -31.66
N THR E 383 -19.50 -25.20 -30.79
CA THR E 383 -20.13 -23.98 -30.29
C THR E 383 -19.38 -23.52 -29.05
N ILE E 384 -19.00 -22.24 -29.01
CA ILE E 384 -18.26 -21.68 -27.87
C ILE E 384 -18.87 -20.33 -27.51
N VAL E 385 -19.43 -20.21 -26.30
CA VAL E 385 -20.12 -18.99 -25.89
C VAL E 385 -19.75 -18.63 -24.47
N SER E 386 -19.89 -17.33 -24.15
CA SER E 386 -19.58 -16.83 -22.83
C SER E 386 -20.36 -15.56 -22.58
N THR E 387 -20.38 -15.16 -21.32
CA THR E 387 -21.04 -13.94 -20.89
C THR E 387 -20.37 -13.51 -19.60
N GLY E 388 -20.32 -12.19 -19.38
CA GLY E 388 -19.70 -11.68 -18.17
C GLY E 388 -18.20 -11.90 -18.13
N LEU E 389 -17.66 -11.97 -16.91
CA LEU E 389 -16.23 -11.98 -16.69
C LEU E 389 -15.66 -13.40 -16.76
N THR E 390 -14.55 -13.55 -17.46
CA THR E 390 -13.70 -14.71 -17.25
C THR E 390 -13.09 -14.64 -15.85
N LEU E 391 -12.62 -15.77 -15.35
CA LEU E 391 -11.88 -15.74 -14.10
C LEU E 391 -10.64 -14.87 -14.25
N ALA E 392 -9.89 -15.06 -15.35
CA ALA E 392 -8.67 -14.28 -15.58
C ALA E 392 -8.95 -12.79 -15.53
N ALA E 393 -10.00 -12.34 -16.22
CA ALA E 393 -10.31 -10.91 -16.20
C ALA E 393 -10.74 -10.44 -14.81
N ALA E 394 -11.50 -11.26 -14.09
CA ALA E 394 -11.96 -10.84 -12.78
C ALA E 394 -10.78 -10.63 -11.83
N LYS E 395 -9.83 -11.57 -11.82
CA LYS E 395 -8.67 -11.46 -10.94
C LYS E 395 -7.70 -10.38 -11.43
N GLN E 396 -7.62 -10.17 -12.74
CA GLN E 396 -6.81 -9.09 -13.29
C GLN E 396 -7.35 -7.72 -12.87
N GLN E 397 -8.65 -7.64 -12.56
CA GLN E 397 -9.26 -6.40 -12.11
C GLN E 397 -9.42 -6.36 -10.59
N GLY E 398 -8.80 -7.29 -9.88
CA GLY E 398 -8.82 -7.28 -8.43
C GLY E 398 -10.14 -7.64 -7.80
N LEU E 399 -10.97 -8.41 -8.49
CA LEU E 399 -12.27 -8.80 -7.94
C LEU E 399 -12.15 -10.06 -7.12
N ASN E 400 -12.99 -10.17 -6.11
CA ASN E 400 -13.12 -11.39 -5.35
C ASN E 400 -13.85 -12.42 -6.21
N ALA E 401 -13.12 -13.41 -6.72
CA ALA E 401 -13.68 -14.28 -7.73
C ALA E 401 -13.08 -15.67 -7.64
N GLU E 402 -13.93 -16.67 -7.82
CA GLU E 402 -13.55 -18.06 -7.99
C GLU E 402 -14.32 -18.65 -9.15
N GLN E 403 -13.93 -19.85 -9.56
CA GLN E 403 -14.46 -20.48 -10.75
C GLN E 403 -14.55 -21.98 -10.51
N VAL E 404 -15.56 -22.61 -11.14
CA VAL E 404 -15.59 -24.05 -11.31
C VAL E 404 -15.59 -24.34 -12.80
N ILE E 405 -14.89 -25.39 -13.20
CA ILE E 405 -14.93 -25.97 -14.54
C ILE E 405 -15.60 -27.32 -14.42
N VAL E 406 -16.64 -27.57 -15.22
CA VAL E 406 -17.37 -28.83 -15.20
C VAL E 406 -17.50 -29.33 -16.63
N GLU E 407 -17.21 -30.62 -16.83
CA GLU E 407 -17.46 -31.27 -18.10
C GLU E 407 -18.46 -32.40 -17.88
N ASP E 408 -19.56 -32.37 -18.62
CA ASP E 408 -20.59 -33.40 -18.51
C ASP E 408 -21.19 -33.57 -19.89
N ASN E 409 -21.73 -34.75 -20.13
CA ASN E 409 -22.56 -34.93 -21.33
C ASN E 409 -23.83 -34.12 -21.16
N TYR E 410 -24.26 -33.46 -22.24
CA TYR E 410 -25.37 -32.53 -22.09
C TYR E 410 -26.68 -33.28 -21.85
N ARG E 411 -26.82 -34.50 -22.36
CA ARG E 411 -28.00 -35.32 -22.09
C ARG E 411 -27.62 -36.77 -21.79
N PRO E 412 -28.56 -37.60 -21.34
CA PRO E 412 -28.20 -38.94 -20.82
C PRO E 412 -27.54 -39.85 -21.85
N GLU E 413 -26.59 -40.66 -21.36
CA GLU E 413 -25.86 -41.59 -22.20
C GLU E 413 -26.74 -42.68 -22.80
N PHE E 414 -27.93 -42.91 -22.25
CA PHE E 414 -28.81 -43.92 -22.81
C PHE E 414 -29.51 -43.45 -24.08
N MET E 415 -29.43 -42.16 -24.40
CA MET E 415 -29.94 -41.67 -25.66
C MET E 415 -29.10 -42.21 -26.82
N PRO E 416 -29.64 -42.18 -28.05
CA PRO E 416 -28.85 -42.66 -29.20
C PRO E 416 -27.50 -41.98 -29.33
N SER E 417 -27.38 -40.72 -28.90
CA SER E 417 -26.10 -40.02 -28.92
C SER E 417 -26.11 -38.95 -27.84
N THR E 418 -24.91 -38.48 -27.49
CA THR E 418 -24.77 -37.37 -26.57
C THR E 418 -23.43 -36.69 -26.88
N GLU E 419 -23.18 -35.55 -26.23
CA GLU E 419 -21.97 -34.76 -26.49
C GLU E 419 -21.48 -34.17 -25.18
N PRO E 420 -20.18 -34.18 -24.94
CA PRO E 420 -19.65 -33.46 -23.78
C PRO E 420 -19.89 -31.97 -23.91
N VAL E 421 -20.17 -31.32 -22.78
CA VAL E 421 -20.21 -29.87 -22.75
C VAL E 421 -19.24 -29.42 -21.66
N LEU E 422 -18.29 -28.57 -22.04
CA LEU E 422 -17.35 -27.99 -21.08
C LEU E 422 -17.92 -26.67 -20.60
N MET E 423 -17.93 -26.47 -19.28
CA MET E 423 -18.67 -25.37 -18.67
C MET E 423 -17.80 -24.70 -17.63
N SER E 424 -17.94 -23.38 -17.56
CA SER E 424 -17.25 -22.51 -16.63
C SER E 424 -18.29 -21.63 -15.94
N LEU E 425 -18.17 -21.48 -14.63
CA LEU E 425 -18.98 -20.51 -13.90
C LEU E 425 -18.07 -19.72 -12.99
N VAL E 426 -18.11 -18.39 -13.11
CA VAL E 426 -17.24 -17.49 -12.36
C VAL E 426 -18.13 -16.72 -11.39
N PHE E 427 -17.73 -16.66 -10.13
CA PHE E 427 -18.65 -16.15 -9.11
C PHE E 427 -17.87 -15.56 -7.95
N ASP E 428 -18.55 -14.68 -7.22
CA ASP E 428 -18.00 -14.12 -5.99
C ASP E 428 -18.14 -15.14 -4.86
N PRO E 429 -17.04 -15.64 -4.29
CA PRO E 429 -17.15 -16.73 -3.32
C PRO E 429 -17.80 -16.33 -2.01
N ASP E 430 -17.95 -15.03 -1.74
CA ASP E 430 -18.54 -14.58 -0.48
C ASP E 430 -20.01 -14.20 -0.64
N THR E 431 -20.35 -13.39 -1.64
CA THR E 431 -21.74 -13.05 -1.88
C THR E 431 -22.46 -14.08 -2.74
N HIS E 432 -21.71 -14.96 -3.42
CA HIS E 432 -22.24 -15.98 -4.32
C HIS E 432 -22.80 -15.41 -5.61
N ARG E 433 -22.65 -14.12 -5.87
CA ARG E 433 -23.16 -13.57 -7.12
C ARG E 433 -22.43 -14.17 -8.32
N ILE E 434 -23.19 -14.48 -9.37
CA ILE E 434 -22.57 -14.97 -10.61
C ILE E 434 -21.90 -13.80 -11.31
N LEU E 435 -20.64 -13.98 -11.71
CA LEU E 435 -19.91 -12.92 -12.43
C LEU E 435 -19.78 -13.17 -13.92
N GLY E 436 -19.80 -14.43 -14.34
CA GLY E 436 -19.67 -14.78 -15.74
C GLY E 436 -19.73 -16.28 -15.87
N GLY E 437 -19.71 -16.73 -17.11
CA GLY E 437 -19.76 -18.17 -17.38
C GLY E 437 -19.62 -18.39 -18.86
N ALA E 438 -19.38 -19.65 -19.22
CA ALA E 438 -19.12 -20.00 -20.61
C ALA E 438 -19.46 -21.45 -20.82
N LEU E 439 -19.80 -21.81 -22.06
CA LEU E 439 -20.06 -23.20 -22.40
C LEU E 439 -19.44 -23.51 -23.76
N MET E 440 -19.06 -24.77 -23.93
CA MET E 440 -18.42 -25.19 -25.18
C MET E 440 -18.82 -26.64 -25.47
N SER E 441 -19.34 -26.88 -26.67
CA SER E 441 -19.81 -28.21 -27.02
C SER E 441 -19.97 -28.32 -28.53
N LYS E 442 -19.92 -29.57 -29.02
CA LYS E 442 -20.35 -29.83 -30.38
C LYS E 442 -21.87 -29.74 -30.52
N TYR E 443 -22.59 -29.96 -29.42
CA TYR E 443 -24.00 -29.61 -29.36
C TYR E 443 -24.13 -28.12 -29.18
N ASP E 444 -25.14 -27.53 -29.84
CA ASP E 444 -25.30 -26.07 -29.88
C ASP E 444 -25.88 -25.61 -28.54
N VAL E 445 -24.99 -25.21 -27.64
CA VAL E 445 -25.32 -24.74 -26.29
C VAL E 445 -25.43 -23.22 -26.25
N SER E 446 -25.56 -22.58 -27.41
CA SER E 446 -25.43 -21.12 -27.44
C SER E 446 -26.53 -20.43 -26.64
N GLN E 447 -27.76 -20.98 -26.65
CA GLN E 447 -28.85 -20.33 -25.91
C GLN E 447 -28.57 -20.31 -24.42
N SER E 448 -27.74 -21.24 -23.92
CA SER E 448 -27.43 -21.25 -22.50
C SER E 448 -26.60 -20.03 -22.06
N ALA E 449 -25.84 -19.43 -22.98
CA ALA E 449 -25.16 -18.20 -22.60
C ALA E 449 -26.16 -17.07 -22.36
N ASN E 450 -27.28 -17.06 -23.08
CA ASN E 450 -28.27 -16.03 -22.82
C ASN E 450 -29.01 -16.30 -21.51
N THR E 451 -29.19 -17.56 -21.14
CA THR E 451 -29.71 -17.85 -19.82
C THR E 451 -28.80 -17.28 -18.73
N LEU E 452 -27.50 -17.56 -18.82
CA LEU E 452 -26.55 -16.92 -17.90
C LEU E 452 -26.65 -15.40 -17.97
N SER E 453 -26.82 -14.84 -19.17
CA SER E 453 -26.91 -13.38 -19.24
C SER E 453 -28.09 -12.85 -18.43
N VAL E 454 -29.26 -13.51 -18.53
CA VAL E 454 -30.41 -13.07 -17.74
C VAL E 454 -30.14 -13.25 -16.25
N CYS E 455 -29.47 -14.33 -15.89
CA CYS E 455 -29.08 -14.52 -14.48
C CYS E 455 -28.27 -13.35 -13.97
N ILE E 456 -27.25 -12.95 -14.74
CA ILE E 456 -26.40 -11.83 -14.32
C ILE E 456 -27.17 -10.53 -14.32
N GLN E 457 -27.99 -10.30 -15.36
CA GLN E 457 -28.82 -9.10 -15.40
C GLN E 457 -29.61 -8.94 -14.10
N ASN E 458 -30.16 -10.04 -13.59
CA ASN E 458 -30.96 -10.03 -12.38
C ASN E 458 -30.15 -10.26 -11.12
N GLU E 459 -28.81 -10.20 -11.22
CA GLU E 459 -27.89 -10.33 -10.07
C GLU E 459 -28.11 -11.63 -9.30
N ASN E 460 -28.43 -12.71 -10.02
CA ASN E 460 -28.62 -14.00 -9.40
C ASN E 460 -27.31 -14.58 -8.88
N THR E 461 -27.42 -15.52 -7.97
CA THR E 461 -26.30 -16.19 -7.31
C THR E 461 -26.17 -17.60 -7.83
N ILE E 462 -25.07 -18.26 -7.42
CA ILE E 462 -24.89 -19.65 -7.78
C ILE E 462 -26.00 -20.51 -7.16
N ASP E 463 -26.57 -20.05 -6.04
CA ASP E 463 -27.62 -20.83 -5.36
C ASP E 463 -28.95 -20.71 -6.12
N ASP E 464 -29.25 -19.54 -6.67
CA ASP E 464 -30.36 -19.40 -7.60
C ASP E 464 -30.22 -20.37 -8.76
N LEU E 465 -29.08 -20.31 -9.45
CA LEU E 465 -28.91 -21.11 -10.66
C LEU E 465 -28.90 -22.60 -10.36
N ALA E 466 -28.43 -22.99 -9.17
CA ALA E 466 -28.37 -24.40 -8.82
C ALA E 466 -29.74 -25.05 -8.76
N MET E 467 -30.79 -24.28 -8.45
CA MET E 467 -32.10 -24.87 -8.20
C MET E 467 -33.23 -24.28 -9.03
N VAL E 468 -32.99 -23.23 -9.82
CA VAL E 468 -34.11 -22.63 -10.54
C VAL E 468 -34.73 -23.66 -11.48
N ASP E 469 -36.05 -23.60 -11.62
CA ASP E 469 -36.76 -24.53 -12.49
C ASP E 469 -36.18 -24.49 -13.89
N MET E 470 -35.85 -25.66 -14.42
CA MET E 470 -35.44 -25.85 -15.80
C MET E 470 -35.98 -27.19 -16.24
N LEU E 471 -36.48 -27.26 -17.48
CA LEU E 471 -37.20 -28.45 -17.90
C LEU E 471 -36.28 -29.65 -18.05
N PHE E 472 -36.86 -30.84 -17.86
CA PHE E 472 -36.16 -32.10 -18.13
C PHE E 472 -36.92 -32.91 -19.16
N GLN E 473 -36.21 -33.29 -20.23
CA GLN E 473 -36.65 -34.32 -21.13
C GLN E 473 -35.36 -34.88 -21.71
N PRO E 474 -35.20 -36.20 -21.76
CA PRO E 474 -33.89 -36.78 -22.13
C PRO E 474 -33.43 -36.41 -23.53
N ASN E 475 -34.30 -35.93 -24.41
CA ASN E 475 -33.84 -35.39 -25.67
C ASN E 475 -32.96 -34.15 -25.49
N PHE E 476 -33.07 -33.47 -24.35
CA PHE E 476 -32.48 -32.15 -24.15
C PHE E 476 -31.47 -32.08 -23.00
N ASP E 477 -31.63 -32.88 -21.95
CA ASP E 477 -30.77 -32.72 -20.78
C ASP E 477 -31.04 -33.89 -19.83
N ARG E 478 -30.30 -33.90 -18.72
CA ARG E 478 -30.56 -34.79 -17.60
C ARG E 478 -31.64 -34.18 -16.72
N PRO E 479 -32.09 -34.93 -15.70
CA PRO E 479 -33.09 -34.37 -14.77
C PRO E 479 -32.77 -32.97 -14.28
N PHE E 480 -31.56 -32.73 -13.79
CA PHE E 480 -31.06 -31.36 -13.63
C PHE E 480 -30.43 -30.89 -14.93
N ASN E 481 -30.77 -29.68 -15.37
CA ASN E 481 -30.12 -29.12 -16.55
C ASN E 481 -28.64 -28.89 -16.29
N TYR E 482 -27.83 -29.03 -17.35
CA TYR E 482 -26.39 -28.88 -17.17
C TYR E 482 -26.02 -27.53 -16.54
N LEU E 483 -26.83 -26.49 -16.72
CA LEU E 483 -26.57 -25.24 -16.02
C LEU E 483 -26.84 -25.36 -14.53
N ASN E 484 -27.89 -26.10 -14.14
CA ASN E 484 -28.09 -26.39 -12.72
C ASN E 484 -26.88 -27.11 -12.15
N ILE E 485 -26.40 -28.13 -12.89
CA ILE E 485 -25.28 -28.93 -12.43
C ILE E 485 -24.04 -28.07 -12.27
N LEU E 486 -23.76 -27.22 -13.27
CA LEU E 486 -22.64 -26.28 -13.17
C LEU E 486 -22.68 -25.51 -11.86
N ALA E 487 -23.82 -24.88 -11.57
CA ALA E 487 -23.91 -24.08 -10.35
C ALA E 487 -23.88 -24.94 -9.09
N GLN E 488 -24.40 -26.17 -9.15
CA GLN E 488 -24.28 -27.05 -7.99
C GLN E 488 -22.82 -27.34 -7.69
N ALA E 489 -21.96 -27.39 -8.73
CA ALA E 489 -20.54 -27.59 -8.50
C ALA E 489 -19.93 -26.37 -7.84
N ALA E 490 -20.36 -25.17 -8.24
CA ALA E 490 -19.89 -23.98 -7.54
C ALA E 490 -20.30 -24.02 -6.08
N GLN E 491 -21.51 -24.51 -5.80
CA GLN E 491 -21.94 -24.68 -4.43
C GLN E 491 -21.01 -25.61 -3.67
N ALA E 492 -20.72 -26.78 -4.24
CA ALA E 492 -19.82 -27.72 -3.57
C ALA E 492 -18.46 -27.09 -3.32
N LYS E 493 -17.94 -26.33 -4.29
CA LYS E 493 -16.64 -25.71 -4.10
C LYS E 493 -16.66 -24.75 -2.92
N VAL E 494 -17.72 -23.93 -2.83
CA VAL E 494 -17.82 -22.97 -1.74
C VAL E 494 -18.06 -23.69 -0.41
N ALA E 495 -18.68 -24.87 -0.43
CA ALA E 495 -18.96 -25.59 0.82
C ALA E 495 -17.70 -26.25 1.36
N GLN E 496 -16.84 -26.77 0.47
CA GLN E 496 -15.61 -27.42 0.93
C GLN E 496 -14.65 -26.40 1.54
N SER E 497 -14.76 -25.14 1.16
CA SER E 497 -13.92 -24.10 1.75
C SER E 497 -14.38 -23.75 3.16
N VAL E 498 -15.69 -23.65 3.38
CA VAL E 498 -16.23 -23.32 4.69
C VAL E 498 -16.88 -24.54 5.32
N SER F 50 -28.53 -40.23 17.90
CA SER F 50 -28.67 -40.15 16.45
C SER F 50 -30.14 -40.03 16.03
N MET F 51 -30.38 -39.23 15.00
CA MET F 51 -31.74 -38.97 14.53
C MET F 51 -32.24 -40.09 13.63
N LYS F 52 -33.49 -40.52 13.86
CA LYS F 52 -34.09 -41.65 13.16
C LYS F 52 -35.00 -41.13 12.05
N VAL F 53 -34.67 -41.45 10.80
CA VAL F 53 -35.38 -40.94 9.64
C VAL F 53 -35.99 -42.10 8.87
N THR F 54 -37.28 -42.01 8.60
CA THR F 54 -37.98 -42.98 7.77
C THR F 54 -38.39 -42.33 6.46
N VAL F 55 -38.02 -42.95 5.34
CA VAL F 55 -38.34 -42.46 4.01
C VAL F 55 -39.33 -43.43 3.38
N VAL F 56 -40.52 -42.93 3.04
CA VAL F 56 -41.57 -43.76 2.44
C VAL F 56 -41.54 -43.56 0.93
N GLY F 57 -41.03 -44.55 0.20
CA GLY F 57 -40.99 -44.50 -1.25
C GLY F 57 -39.65 -44.06 -1.80
N CYS F 58 -39.15 -44.73 -2.84
CA CYS F 58 -37.82 -44.39 -3.33
C CYS F 58 -37.73 -44.65 -4.84
N THR F 59 -38.11 -43.65 -5.62
CA THR F 59 -37.81 -43.64 -7.05
C THR F 59 -36.85 -42.50 -7.34
N HIS F 60 -37.31 -41.25 -7.31
CA HIS F 60 -36.42 -40.11 -7.49
C HIS F 60 -36.34 -39.21 -6.28
N ALA F 61 -37.48 -38.73 -5.78
CA ALA F 61 -37.45 -37.81 -4.66
C ALA F 61 -36.80 -38.45 -3.44
N GLY F 62 -37.11 -39.73 -3.18
CA GLY F 62 -36.51 -40.39 -2.04
C GLY F 62 -35.02 -40.62 -2.23
N THR F 63 -34.62 -40.98 -3.46
CA THR F 63 -33.21 -41.19 -3.77
C THR F 63 -32.40 -39.94 -3.46
N PHE F 64 -32.84 -38.79 -3.97
CA PHE F 64 -32.11 -37.55 -3.71
C PHE F 64 -32.19 -37.13 -2.25
N ALA F 65 -33.36 -37.31 -1.62
CA ALA F 65 -33.47 -36.98 -0.20
C ALA F 65 -32.51 -37.84 0.62
N ILE F 66 -32.46 -39.14 0.34
CA ILE F 66 -31.60 -40.03 1.11
C ILE F 66 -30.13 -39.62 0.95
N LYS F 67 -29.69 -39.40 -0.28
CA LYS F 67 -28.29 -39.02 -0.50
C LYS F 67 -27.97 -37.67 0.15
N GLN F 68 -28.91 -36.74 0.09
CA GLN F 68 -28.67 -35.46 0.75
C GLN F 68 -28.65 -35.61 2.26
N ILE F 69 -29.56 -36.42 2.82
CA ILE F 69 -29.61 -36.58 4.27
C ILE F 69 -28.31 -37.16 4.78
N LEU F 70 -27.84 -38.25 4.16
CA LEU F 70 -26.63 -38.91 4.62
C LEU F 70 -25.39 -38.04 4.42
N ALA F 71 -25.41 -37.16 3.42
CA ALA F 71 -24.27 -36.28 3.20
C ALA F 71 -24.15 -35.22 4.29
N GLU F 72 -25.28 -34.63 4.69
CA GLU F 72 -25.30 -33.51 5.64
C GLU F 72 -25.49 -33.94 7.09
N HIS F 73 -25.91 -35.18 7.34
CA HIS F 73 -26.06 -35.70 8.69
C HIS F 73 -25.68 -37.17 8.67
N PRO F 74 -24.38 -37.47 8.52
CA PRO F 74 -23.96 -38.86 8.28
C PRO F 74 -24.21 -39.80 9.45
N ASP F 75 -24.61 -39.30 10.61
CA ASP F 75 -24.88 -40.13 11.77
C ASP F 75 -26.36 -40.33 12.01
N ALA F 76 -27.21 -39.88 11.10
CA ALA F 76 -28.62 -40.19 11.18
C ALA F 76 -28.85 -41.61 10.70
N GLU F 77 -29.86 -42.26 11.28
CA GLU F 77 -30.23 -43.61 10.87
C GLU F 77 -31.40 -43.49 9.90
N VAL F 78 -31.12 -43.74 8.63
CA VAL F 78 -32.10 -43.63 7.57
C VAL F 78 -32.59 -45.02 7.23
N THR F 79 -33.91 -45.22 7.31
CA THR F 79 -34.56 -46.41 6.80
C THR F 79 -35.48 -45.96 5.67
N VAL F 80 -35.42 -46.65 4.54
CA VAL F 80 -36.29 -46.33 3.41
C VAL F 80 -37.06 -47.59 3.04
N TYR F 81 -38.34 -47.44 2.81
CA TYR F 81 -39.20 -48.53 2.37
C TYR F 81 -39.64 -48.25 0.95
N GLU F 82 -39.60 -49.28 0.11
CA GLU F 82 -40.04 -49.17 -1.27
C GLU F 82 -40.71 -50.47 -1.69
N ARG F 83 -41.91 -50.36 -2.27
CA ARG F 83 -42.64 -51.51 -2.74
C ARG F 83 -41.90 -52.28 -3.82
N ASN F 84 -41.29 -51.57 -4.78
CA ASN F 84 -40.63 -52.23 -5.90
C ASN F 84 -39.29 -52.82 -5.44
N ASP F 85 -38.60 -53.49 -6.36
CA ASP F 85 -37.25 -53.96 -6.10
C ASP F 85 -36.18 -53.12 -6.78
N VAL F 86 -36.55 -52.00 -7.40
CA VAL F 86 -35.60 -51.09 -8.02
C VAL F 86 -35.87 -49.67 -7.54
N ILE F 87 -34.90 -48.79 -7.74
CA ILE F 87 -35.06 -47.37 -7.52
C ILE F 87 -34.48 -46.63 -8.72
N SER F 88 -34.80 -45.33 -8.81
CA SER F 88 -34.23 -44.40 -9.78
C SER F 88 -34.57 -44.73 -11.24
N PHE F 89 -35.62 -45.50 -11.50
CA PHE F 89 -36.00 -45.76 -12.89
C PHE F 89 -36.55 -44.49 -13.52
N LEU F 90 -36.01 -44.11 -14.68
CA LEU F 90 -36.47 -42.91 -15.39
C LEU F 90 -37.60 -43.32 -16.33
N SER F 91 -38.84 -43.03 -15.92
CA SER F 91 -40.00 -43.34 -16.76
C SER F 91 -39.93 -42.68 -18.13
N CYS F 92 -39.18 -41.59 -18.27
CA CYS F 92 -39.05 -40.97 -19.58
C CYS F 92 -38.49 -41.93 -20.62
N GLY F 93 -37.77 -42.97 -20.17
CA GLY F 93 -37.16 -43.89 -21.11
C GLY F 93 -38.15 -44.83 -21.76
N ILE F 94 -39.35 -44.96 -21.20
CA ILE F 94 -40.30 -45.94 -21.71
C ILE F 94 -40.62 -45.65 -23.18
N ALA F 95 -41.13 -44.45 -23.45
CA ALA F 95 -41.47 -44.09 -24.83
C ALA F 95 -40.24 -44.18 -25.72
N LEU F 96 -39.07 -43.79 -25.18
CA LEU F 96 -37.84 -43.85 -25.96
C LEU F 96 -37.46 -45.28 -26.31
N TYR F 97 -37.58 -46.21 -25.35
CA TYR F 97 -37.30 -47.59 -25.69
C TYR F 97 -38.25 -48.08 -26.77
N LEU F 98 -39.56 -47.92 -26.54
CA LEU F 98 -40.55 -48.33 -27.53
C LEU F 98 -40.25 -47.74 -28.91
N GLY F 99 -39.76 -46.50 -28.94
CA GLY F 99 -39.42 -45.88 -30.20
C GLY F 99 -38.13 -46.32 -30.81
N GLY F 100 -37.51 -47.38 -30.29
CA GLY F 100 -36.22 -47.84 -30.78
C GLY F 100 -35.06 -46.91 -30.52
N LYS F 101 -35.11 -46.09 -29.47
CA LYS F 101 -34.07 -45.13 -29.20
C LYS F 101 -33.18 -45.50 -28.01
N VAL F 102 -33.48 -46.58 -27.30
CA VAL F 102 -32.72 -46.98 -26.12
C VAL F 102 -32.16 -48.36 -26.42
N ALA F 103 -30.84 -48.46 -26.51
CA ALA F 103 -30.20 -49.72 -26.84
C ALA F 103 -30.06 -50.64 -25.63
N ASP F 104 -29.90 -50.07 -24.44
CA ASP F 104 -29.60 -50.84 -23.23
C ASP F 104 -30.50 -50.35 -22.10
N PRO F 105 -31.63 -51.02 -21.85
CA PRO F 105 -32.58 -50.49 -20.85
C PRO F 105 -32.01 -50.39 -19.44
N GLN F 106 -30.86 -51.01 -19.15
CA GLN F 106 -30.26 -50.83 -17.84
C GLN F 106 -29.71 -49.42 -17.66
N GLY F 107 -29.47 -48.68 -18.75
CA GLY F 107 -29.04 -47.30 -18.63
C GLY F 107 -30.11 -46.35 -18.10
N LEU F 108 -31.36 -46.81 -17.97
CA LEU F 108 -32.45 -45.99 -17.47
C LEU F 108 -32.50 -45.93 -15.95
N PHE F 109 -31.57 -46.56 -15.25
CA PHE F 109 -31.42 -46.44 -13.82
C PHE F 109 -30.12 -45.70 -13.52
N TYR F 110 -30.16 -44.73 -12.60
CA TYR F 110 -28.94 -44.01 -12.25
C TYR F 110 -28.43 -44.33 -10.85
N SER F 111 -29.19 -45.05 -10.04
CA SER F 111 -28.75 -45.45 -8.71
C SER F 111 -29.16 -46.91 -8.49
N SER F 112 -29.09 -47.37 -7.24
CA SER F 112 -29.45 -48.73 -6.90
C SER F 112 -29.67 -48.83 -5.40
N PRO F 113 -30.47 -49.80 -4.94
CA PRO F 113 -30.49 -50.10 -3.50
C PRO F 113 -29.12 -50.34 -2.93
N GLU F 114 -28.28 -51.09 -3.66
CA GLU F 114 -26.93 -51.38 -3.19
C GLU F 114 -26.16 -50.09 -2.93
N GLU F 115 -26.36 -49.08 -3.78
CA GLU F 115 -25.62 -47.83 -3.62
C GLU F 115 -26.06 -47.09 -2.36
N LEU F 116 -27.38 -46.96 -2.14
CA LEU F 116 -27.83 -46.27 -0.93
C LEU F 116 -27.43 -47.03 0.32
N GLN F 117 -27.46 -48.36 0.25
CA GLN F 117 -26.95 -49.18 1.35
C GLN F 117 -25.49 -48.85 1.62
N LYS F 118 -24.66 -48.89 0.58
CA LYS F 118 -23.25 -48.56 0.73
C LYS F 118 -23.04 -47.18 1.33
N LEU F 119 -23.91 -46.22 1.02
CA LEU F 119 -23.79 -44.87 1.54
C LEU F 119 -24.22 -44.77 3.00
N GLY F 120 -24.76 -45.83 3.59
CA GLY F 120 -25.13 -45.82 5.00
C GLY F 120 -26.61 -45.99 5.30
N ALA F 121 -27.49 -46.11 4.30
CA ALA F 121 -28.92 -46.19 4.55
C ALA F 121 -29.35 -47.63 4.77
N ASN F 122 -30.40 -47.81 5.56
CA ASN F 122 -31.00 -49.13 5.79
C ASN F 122 -32.11 -49.31 4.77
N VAL F 123 -31.86 -50.12 3.74
CA VAL F 123 -32.72 -50.14 2.56
C VAL F 123 -33.61 -51.37 2.60
N GLN F 124 -34.92 -51.14 2.55
CA GLN F 124 -35.92 -52.21 2.65
C GLN F 124 -36.77 -52.20 1.39
N MET F 125 -36.23 -52.78 0.33
CA MET F 125 -37.00 -52.99 -0.89
C MET F 125 -38.05 -54.07 -0.67
N ASN F 126 -39.02 -54.13 -1.58
CA ASN F 126 -40.15 -55.05 -1.47
C ASN F 126 -40.89 -54.90 -0.15
N HIS F 127 -40.94 -53.69 0.40
CA HIS F 127 -41.66 -53.43 1.64
C HIS F 127 -42.77 -52.43 1.38
N ASN F 128 -43.98 -52.72 1.86
CA ASN F 128 -45.12 -51.85 1.70
C ASN F 128 -45.44 -51.21 3.04
N VAL F 129 -45.30 -49.89 3.11
CA VAL F 129 -45.75 -49.17 4.30
C VAL F 129 -47.27 -49.24 4.36
N LEU F 130 -47.79 -49.79 5.47
CA LEU F 130 -49.22 -49.96 5.67
C LEU F 130 -49.88 -48.83 6.46
N ALA F 131 -49.18 -48.23 7.42
CA ALA F 131 -49.78 -47.15 8.19
C ALA F 131 -48.69 -46.22 8.71
N ILE F 132 -49.07 -44.96 8.93
CA ILE F 132 -48.21 -43.97 9.57
C ILE F 132 -49.03 -43.34 10.70
N ASP F 133 -48.48 -43.37 11.91
CA ASP F 133 -49.14 -42.77 13.06
C ASP F 133 -48.32 -41.57 13.50
N PRO F 134 -48.71 -40.35 13.13
CA PRO F 134 -47.88 -39.19 13.47
C PRO F 134 -47.89 -38.85 14.95
N ASP F 135 -48.99 -39.16 15.66
CA ASP F 135 -49.03 -38.93 17.11
C ASP F 135 -48.02 -39.81 17.81
N GLN F 136 -48.06 -41.12 17.52
CA GLN F 136 -47.07 -42.03 18.07
C GLN F 136 -45.72 -41.90 17.40
N LYS F 137 -45.66 -41.28 16.22
CA LYS F 137 -44.45 -41.20 15.41
C LYS F 137 -43.92 -42.61 15.12
N THR F 138 -44.80 -43.39 14.51
CA THR F 138 -44.52 -44.77 14.16
C THR F 138 -44.96 -45.03 12.73
N VAL F 139 -44.30 -45.98 12.09
CA VAL F 139 -44.73 -46.50 10.81
C VAL F 139 -44.89 -48.01 10.92
N THR F 140 -45.92 -48.55 10.27
CA THR F 140 -46.15 -50.00 10.25
C THR F 140 -45.94 -50.52 8.83
N VAL F 141 -45.10 -51.54 8.69
CA VAL F 141 -44.62 -51.98 7.39
C VAL F 141 -44.79 -53.47 7.22
N GLU F 142 -45.05 -53.86 5.97
CA GLU F 142 -45.19 -55.24 5.54
C GLU F 142 -44.03 -55.61 4.62
N ASP F 143 -43.34 -56.69 4.95
CA ASP F 143 -42.39 -57.30 4.02
C ASP F 143 -43.17 -58.09 3.00
N LEU F 144 -43.07 -57.71 1.72
CA LEU F 144 -43.92 -58.30 0.69
C LEU F 144 -43.51 -59.71 0.31
N THR F 145 -42.31 -60.14 0.68
CA THR F 145 -41.89 -61.50 0.33
C THR F 145 -42.53 -62.53 1.24
N ASN F 146 -42.70 -62.21 2.53
CA ASN F 146 -43.24 -63.16 3.49
C ASN F 146 -44.43 -62.67 4.29
N HIS F 147 -44.91 -61.45 4.03
CA HIS F 147 -46.05 -60.82 4.70
C HIS F 147 -45.76 -60.37 6.12
N ALA F 148 -44.53 -60.55 6.60
CA ALA F 148 -44.24 -60.18 7.98
C ALA F 148 -44.43 -58.68 8.19
N GLN F 149 -45.04 -58.31 9.30
CA GLN F 149 -45.26 -56.90 9.63
C GLN F 149 -44.37 -56.50 10.80
N THR F 150 -43.93 -55.24 10.76
CA THR F 150 -43.11 -54.63 11.80
C THR F 150 -43.61 -53.21 12.03
N THR F 151 -43.35 -52.69 13.22
CA THR F 151 -43.71 -51.32 13.55
C THR F 151 -42.47 -50.62 14.08
N GLU F 152 -42.15 -49.45 13.53
CA GLU F 152 -40.91 -48.77 13.84
C GLU F 152 -41.18 -47.31 14.22
N SER F 153 -40.27 -46.78 15.04
CA SER F 153 -40.32 -45.38 15.43
C SER F 153 -39.50 -44.54 14.46
N TYR F 154 -39.93 -43.30 14.25
CA TYR F 154 -39.16 -42.32 13.51
C TYR F 154 -39.15 -41.01 14.26
N ASP F 155 -38.06 -40.28 14.12
CA ASP F 155 -38.02 -38.88 14.53
C ASP F 155 -38.47 -37.94 13.41
N LYS F 156 -38.06 -38.22 12.18
CA LYS F 156 -38.51 -37.46 11.01
C LYS F 156 -38.96 -38.44 9.94
N LEU F 157 -40.05 -38.11 9.25
CA LEU F 157 -40.53 -38.95 8.16
C LEU F 157 -40.54 -38.15 6.86
N VAL F 158 -40.07 -38.78 5.79
CA VAL F 158 -40.01 -38.17 4.46
C VAL F 158 -41.00 -38.90 3.57
N MET F 159 -42.03 -38.17 3.14
CA MET F 159 -43.10 -38.73 2.30
C MET F 159 -42.75 -38.55 0.83
N THR F 160 -42.05 -39.54 0.26
CA THR F 160 -41.70 -39.52 -1.16
C THR F 160 -42.38 -40.68 -1.86
N SER F 161 -43.68 -40.79 -1.66
CA SER F 161 -44.49 -41.90 -2.13
C SER F 161 -45.05 -41.65 -3.52
N GLY F 162 -44.75 -40.48 -4.09
CA GLY F 162 -45.01 -40.23 -5.49
C GLY F 162 -46.48 -40.32 -5.82
N SER F 163 -46.76 -40.89 -6.99
CA SER F 163 -48.08 -40.84 -7.56
C SER F 163 -48.40 -42.18 -8.18
N TRP F 164 -49.64 -42.33 -8.62
CA TRP F 164 -50.07 -43.51 -9.32
C TRP F 164 -50.99 -43.03 -10.44
N PRO F 165 -50.96 -43.68 -11.59
CA PRO F 165 -51.83 -43.26 -12.69
C PRO F 165 -53.29 -43.23 -12.24
N ILE F 166 -54.05 -42.33 -12.86
CA ILE F 166 -55.49 -42.24 -12.61
C ILE F 166 -56.20 -43.36 -13.39
N VAL F 167 -56.96 -44.18 -12.68
CA VAL F 167 -57.69 -45.31 -13.25
C VAL F 167 -59.16 -45.12 -12.93
N PRO F 168 -59.98 -44.72 -13.89
CA PRO F 168 -61.38 -44.44 -13.61
C PRO F 168 -62.20 -45.72 -13.51
N LYS F 169 -63.36 -45.59 -12.88
CA LYS F 169 -64.29 -46.71 -12.73
C LYS F 169 -65.08 -46.86 -14.02
N ILE F 170 -64.55 -47.70 -14.92
CA ILE F 170 -65.11 -47.91 -16.24
C ILE F 170 -65.30 -49.40 -16.43
N PRO F 171 -66.47 -49.86 -16.89
CA PRO F 171 -66.69 -51.29 -17.09
C PRO F 171 -65.75 -51.87 -18.14
N GLY F 172 -64.96 -52.85 -17.73
CA GLY F 172 -64.04 -53.54 -18.61
C GLY F 172 -62.59 -53.16 -18.40
N ILE F 173 -62.29 -52.30 -17.43
CA ILE F 173 -60.94 -51.77 -17.28
C ILE F 173 -59.96 -52.82 -16.78
N ASP F 174 -60.45 -53.95 -16.29
CA ASP F 174 -59.56 -55.01 -15.82
C ASP F 174 -58.99 -55.86 -16.94
N SER F 175 -59.35 -55.57 -18.18
CA SER F 175 -58.86 -56.38 -19.30
C SER F 175 -57.34 -56.40 -19.33
N ASP F 176 -56.77 -57.60 -19.51
CA ASP F 176 -55.32 -57.71 -19.70
C ASP F 176 -54.83 -56.94 -20.91
N ARG F 177 -55.73 -56.41 -21.72
CA ARG F 177 -55.39 -55.61 -22.88
C ARG F 177 -55.36 -54.12 -22.60
N VAL F 178 -55.67 -53.71 -21.38
CA VAL F 178 -55.52 -52.34 -20.92
C VAL F 178 -54.33 -52.29 -19.96
N LYS F 179 -53.30 -51.51 -20.30
CA LYS F 179 -52.05 -51.47 -19.57
C LYS F 179 -51.75 -50.07 -19.05
N LEU F 180 -51.07 -50.00 -17.91
CA LEU F 180 -50.53 -48.75 -17.38
C LEU F 180 -49.15 -48.48 -17.95
N CYS F 181 -48.67 -47.24 -17.75
CA CYS F 181 -47.36 -46.88 -18.28
C CYS F 181 -46.71 -45.91 -17.27
N LYS F 182 -46.19 -46.47 -16.18
CA LYS F 182 -45.56 -45.64 -15.17
C LYS F 182 -44.18 -46.15 -14.78
N ASN F 183 -44.09 -47.39 -14.27
CA ASN F 183 -42.84 -47.81 -13.66
C ASN F 183 -42.14 -48.89 -14.51
N TRP F 184 -41.07 -49.44 -13.93
CA TRP F 184 -40.26 -50.46 -14.61
C TRP F 184 -41.07 -51.72 -14.95
N ALA F 185 -41.96 -52.14 -14.04
CA ALA F 185 -42.79 -53.31 -14.32
C ALA F 185 -43.67 -53.06 -15.54
N HIS F 186 -44.38 -51.93 -15.55
CA HIS F 186 -45.20 -51.56 -16.71
C HIS F 186 -44.36 -51.52 -17.98
N ALA F 187 -43.13 -51.00 -17.88
CA ALA F 187 -42.29 -50.85 -19.06
C ALA F 187 -41.97 -52.21 -19.67
N GLN F 188 -41.57 -53.17 -18.82
CA GLN F 188 -41.27 -54.51 -19.33
C GLN F 188 -42.50 -55.14 -19.97
N ALA F 189 -43.68 -54.89 -19.42
CA ALA F 189 -44.90 -55.43 -20.02
C ALA F 189 -45.17 -54.81 -21.40
N LEU F 190 -45.00 -53.49 -21.53
CA LEU F 190 -45.20 -52.86 -22.83
C LEU F 190 -44.15 -53.32 -23.84
N ILE F 191 -42.90 -53.52 -23.39
CA ILE F 191 -41.86 -53.94 -24.31
C ILE F 191 -42.20 -55.30 -24.91
N GLU F 192 -42.80 -56.19 -24.11
CA GLU F 192 -43.12 -57.53 -24.59
C GLU F 192 -44.34 -57.52 -25.51
N ASP F 193 -45.42 -56.85 -25.10
CA ASP F 193 -46.64 -56.86 -25.90
C ASP F 193 -46.56 -55.97 -27.14
N ALA F 194 -45.53 -55.11 -27.25
CA ALA F 194 -45.41 -54.25 -28.42
C ALA F 194 -45.14 -55.03 -29.70
N LYS F 195 -44.82 -56.31 -29.61
CA LYS F 195 -44.43 -57.07 -30.78
C LYS F 195 -45.62 -57.70 -31.48
N GLU F 196 -46.62 -58.16 -30.73
CA GLU F 196 -47.81 -58.77 -31.30
C GLU F 196 -49.02 -57.86 -31.31
N ALA F 197 -48.88 -56.61 -30.85
CA ALA F 197 -49.98 -55.66 -30.80
C ALA F 197 -49.78 -54.66 -31.93
N LYS F 198 -50.46 -54.91 -33.05
CA LYS F 198 -50.33 -54.04 -34.21
C LYS F 198 -51.17 -52.77 -34.06
N ARG F 199 -52.37 -52.90 -33.49
CA ARG F 199 -53.27 -51.77 -33.28
C ARG F 199 -53.17 -51.35 -31.82
N ILE F 200 -52.82 -50.08 -31.58
CA ILE F 200 -52.62 -49.54 -30.25
C ILE F 200 -53.56 -48.36 -30.07
N THR F 201 -54.21 -48.29 -28.92
CA THR F 201 -55.00 -47.13 -28.57
C THR F 201 -54.40 -46.50 -27.31
N VAL F 202 -53.98 -45.24 -27.44
CA VAL F 202 -53.43 -44.48 -26.32
C VAL F 202 -54.57 -43.66 -25.74
N ILE F 203 -54.85 -43.85 -24.46
CA ILE F 203 -55.97 -43.16 -23.82
C ILE F 203 -55.38 -42.06 -22.95
N GLY F 204 -55.50 -40.83 -23.43
CA GLY F 204 -54.95 -39.66 -22.78
C GLY F 204 -53.93 -39.04 -23.70
N ALA F 205 -54.12 -37.77 -24.07
CA ALA F 205 -53.22 -37.08 -24.98
C ALA F 205 -52.40 -36.03 -24.24
N GLY F 206 -52.03 -36.31 -22.99
CA GLY F 206 -51.06 -35.51 -22.27
C GLY F 206 -49.65 -35.82 -22.72
N TYR F 207 -48.64 -35.46 -21.92
CA TYR F 207 -47.26 -35.73 -22.33
C TYR F 207 -47.02 -37.22 -22.58
N ILE F 208 -47.46 -38.07 -21.64
CA ILE F 208 -47.20 -39.51 -21.79
C ILE F 208 -47.83 -40.04 -23.06
N GLY F 209 -49.13 -39.80 -23.24
CA GLY F 209 -49.81 -40.30 -24.42
C GLY F 209 -49.24 -39.75 -25.71
N ALA F 210 -48.89 -38.46 -25.73
CA ALA F 210 -48.32 -37.87 -26.94
C ALA F 210 -47.04 -38.60 -27.34
N GLU F 211 -46.14 -38.82 -26.38
CA GLU F 211 -44.88 -39.50 -26.70
C GLU F 211 -45.10 -40.96 -27.11
N LEU F 212 -45.99 -41.66 -26.40
CA LEU F 212 -46.31 -43.04 -26.79
C LEU F 212 -46.82 -43.09 -28.22
N ALA F 213 -47.81 -42.25 -28.54
CA ALA F 213 -48.41 -42.28 -29.86
C ALA F 213 -47.36 -42.04 -30.94
N GLU F 214 -46.53 -41.02 -30.76
CA GLU F 214 -45.43 -40.78 -31.68
C GLU F 214 -44.51 -42.00 -31.78
N ALA F 215 -44.12 -42.58 -30.64
CA ALA F 215 -43.17 -43.68 -30.65
C ALA F 215 -43.74 -44.89 -31.38
N TYR F 216 -45.00 -45.23 -31.11
CA TYR F 216 -45.64 -46.37 -31.76
C TYR F 216 -45.89 -46.09 -33.24
N SER F 217 -46.24 -44.85 -33.59
CA SER F 217 -46.57 -44.58 -34.97
C SER F 217 -45.35 -44.65 -35.87
N THR F 218 -44.16 -44.46 -35.31
CA THR F 218 -42.94 -44.50 -36.12
C THR F 218 -42.26 -45.86 -36.07
N THR F 219 -42.87 -46.83 -35.42
CA THR F 219 -42.36 -48.19 -35.41
C THR F 219 -43.37 -49.17 -35.99
N GLY F 220 -44.26 -48.67 -36.86
CA GLY F 220 -45.12 -49.54 -37.64
C GLY F 220 -46.38 -50.03 -36.96
N HIS F 221 -46.96 -49.28 -36.04
CA HIS F 221 -48.24 -49.62 -35.44
C HIS F 221 -49.34 -48.71 -35.97
N ASP F 222 -50.58 -49.16 -35.82
CA ASP F 222 -51.77 -48.38 -36.13
C ASP F 222 -52.27 -47.77 -34.83
N VAL F 223 -52.06 -46.47 -34.67
CA VAL F 223 -52.26 -45.78 -33.41
C VAL F 223 -53.54 -44.96 -33.45
N THR F 224 -54.27 -44.99 -32.34
CA THR F 224 -55.42 -44.14 -32.11
C THR F 224 -55.18 -43.38 -30.81
N LEU F 225 -55.29 -42.06 -30.86
CA LEU F 225 -54.99 -41.23 -29.70
C LEU F 225 -56.28 -40.55 -29.25
N ILE F 226 -56.70 -40.88 -28.03
CA ILE F 226 -57.95 -40.40 -27.45
C ILE F 226 -57.64 -39.38 -26.37
N ASP F 227 -58.42 -38.30 -26.33
CA ASP F 227 -58.38 -37.41 -25.18
C ASP F 227 -59.77 -36.86 -24.94
N ALA F 228 -60.05 -36.58 -23.66
CA ALA F 228 -61.34 -36.00 -23.31
C ALA F 228 -61.44 -34.57 -23.78
N MET F 229 -60.31 -33.86 -23.87
CA MET F 229 -60.27 -32.48 -24.32
C MET F 229 -60.20 -32.42 -25.85
N ALA F 230 -60.48 -31.22 -26.37
CA ALA F 230 -60.57 -30.99 -27.81
C ALA F 230 -59.23 -30.91 -28.51
N ARG F 231 -58.14 -30.82 -27.76
CA ARG F 231 -56.80 -30.65 -28.32
C ARG F 231 -55.87 -31.64 -27.65
N VAL F 232 -54.76 -31.96 -28.32
CA VAL F 232 -53.71 -32.73 -27.64
C VAL F 232 -52.91 -31.78 -26.76
N MET F 233 -52.33 -32.34 -25.70
CA MET F 233 -51.53 -31.58 -24.76
C MET F 233 -52.13 -30.21 -24.45
N PRO F 234 -53.42 -30.14 -24.13
CA PRO F 234 -54.03 -28.82 -23.91
C PRO F 234 -53.48 -28.10 -22.69
N LYS F 235 -53.00 -28.83 -21.68
CA LYS F 235 -52.44 -28.20 -20.48
C LYS F 235 -51.15 -27.42 -20.75
N TYR F 236 -50.45 -27.73 -21.83
CA TYR F 236 -49.06 -27.28 -21.96
C TYR F 236 -48.83 -26.28 -23.08
N PHE F 237 -49.68 -26.24 -24.11
CA PHE F 237 -49.46 -25.37 -25.25
C PHE F 237 -50.79 -24.78 -25.71
N ASP F 238 -50.71 -23.61 -26.33
CA ASP F 238 -51.91 -23.01 -26.90
C ASP F 238 -52.22 -23.65 -28.26
N ALA F 239 -53.39 -23.27 -28.79
CA ALA F 239 -53.93 -23.93 -29.97
C ALA F 239 -53.03 -23.77 -31.19
N ASP F 240 -52.37 -22.61 -31.35
CA ASP F 240 -51.50 -22.42 -32.50
C ASP F 240 -50.42 -23.49 -32.56
N PHE F 241 -49.94 -23.94 -31.39
CA PHE F 241 -48.97 -25.03 -31.35
C PHE F 241 -49.63 -26.39 -31.57
N THR F 242 -50.69 -26.69 -30.81
CA THR F 242 -51.25 -28.03 -30.90
C THR F 242 -51.91 -28.27 -32.25
N ASP F 243 -52.38 -27.20 -32.92
CA ASP F 243 -52.83 -27.33 -34.29
C ASP F 243 -51.75 -27.93 -35.18
N VAL F 244 -50.51 -27.45 -35.03
CA VAL F 244 -49.41 -27.99 -35.81
C VAL F 244 -49.10 -29.42 -35.41
N ILE F 245 -49.14 -29.71 -34.12
CA ILE F 245 -48.82 -31.07 -33.66
C ILE F 245 -49.86 -32.06 -34.16
N GLU F 246 -51.14 -31.71 -34.04
CA GLU F 246 -52.20 -32.61 -34.52
C GLU F 246 -52.05 -32.88 -36.02
N GLN F 247 -51.68 -31.85 -36.80
CA GLN F 247 -51.46 -32.09 -38.22
C GLN F 247 -50.32 -33.09 -38.43
N ASP F 248 -49.25 -32.98 -37.63
CA ASP F 248 -48.18 -33.97 -37.67
C ASP F 248 -48.72 -35.37 -37.41
N TYR F 249 -49.51 -35.53 -36.36
CA TYR F 249 -50.06 -36.86 -36.05
C TYR F 249 -50.83 -37.41 -37.24
N ARG F 250 -51.68 -36.58 -37.86
CA ARG F 250 -52.41 -37.03 -39.04
C ARG F 250 -51.47 -37.36 -40.19
N ASP F 251 -50.48 -36.52 -40.43
CA ASP F 251 -49.54 -36.76 -41.52
C ASP F 251 -48.84 -38.11 -41.35
N HIS F 252 -48.67 -38.57 -40.11
CA HIS F 252 -48.03 -39.84 -39.82
C HIS F 252 -49.03 -40.97 -39.56
N GLY F 253 -50.29 -40.76 -39.92
CA GLY F 253 -51.26 -41.85 -39.87
C GLY F 253 -51.82 -42.16 -38.51
N VAL F 254 -51.63 -41.29 -37.54
CA VAL F 254 -52.25 -41.49 -36.23
C VAL F 254 -53.69 -40.99 -36.31
N GLN F 255 -54.63 -41.82 -35.86
CA GLN F 255 -56.02 -41.42 -35.81
C GLN F 255 -56.27 -40.66 -34.51
N LEU F 256 -56.72 -39.42 -34.63
CA LEU F 256 -57.02 -38.57 -33.48
C LEU F 256 -58.48 -38.72 -33.09
N ALA F 257 -58.73 -39.01 -31.82
CA ALA F 257 -60.08 -39.13 -31.28
C ALA F 257 -60.23 -38.14 -30.13
N LEU F 258 -60.25 -36.86 -30.46
CA LEU F 258 -60.25 -35.81 -29.45
C LEU F 258 -61.68 -35.42 -29.10
N GLY F 259 -61.86 -34.93 -27.87
CA GLY F 259 -63.19 -34.67 -27.38
C GLY F 259 -64.00 -35.91 -27.10
N GLU F 260 -63.35 -37.00 -26.68
CA GLU F 260 -64.04 -38.27 -26.44
C GLU F 260 -63.58 -38.87 -25.12
N THR F 261 -64.51 -39.53 -24.45
CA THR F 261 -64.26 -40.21 -23.19
C THR F 261 -64.67 -41.67 -23.33
N VAL F 262 -63.91 -42.56 -22.71
CA VAL F 262 -64.15 -43.99 -22.85
C VAL F 262 -65.32 -44.38 -21.95
N GLU F 263 -66.27 -45.12 -22.52
CA GLU F 263 -67.40 -45.62 -21.73
C GLU F 263 -67.17 -47.03 -21.24
N SER F 264 -66.65 -47.91 -22.09
CA SER F 264 -66.47 -49.29 -21.70
C SER F 264 -65.33 -49.90 -22.50
N PHE F 265 -64.70 -50.92 -21.91
CA PHE F 265 -63.81 -51.82 -22.62
C PHE F 265 -64.49 -53.19 -22.69
N THR F 266 -64.47 -53.81 -23.86
CA THR F 266 -65.08 -55.12 -24.06
C THR F 266 -64.11 -56.00 -24.84
N ASP F 267 -63.78 -57.16 -24.28
CA ASP F 267 -62.86 -58.08 -24.95
C ASP F 267 -63.60 -58.95 -25.95
N SER F 268 -62.95 -59.22 -27.07
CA SER F 268 -63.44 -60.17 -28.07
C SER F 268 -62.27 -61.08 -28.48
N ALA F 269 -62.55 -62.00 -29.41
CA ALA F 269 -61.49 -62.88 -29.88
C ALA F 269 -60.49 -62.15 -30.75
N THR F 270 -60.91 -61.08 -31.43
CA THR F 270 -60.06 -60.33 -32.33
C THR F 270 -59.44 -59.10 -31.68
N GLY F 271 -59.65 -58.90 -30.38
CA GLY F 271 -59.01 -57.82 -29.68
C GLY F 271 -59.98 -57.12 -28.75
N LEU F 272 -59.58 -55.93 -28.31
CA LEU F 272 -60.38 -55.12 -27.40
C LEU F 272 -61.21 -54.12 -28.16
N THR F 273 -62.40 -53.84 -27.64
CA THR F 273 -63.32 -52.87 -28.26
C THR F 273 -63.55 -51.76 -27.26
N ILE F 274 -63.12 -50.54 -27.62
CA ILE F 274 -63.23 -49.37 -26.78
C ILE F 274 -64.44 -48.58 -27.25
N LYS F 275 -65.39 -48.36 -26.35
CA LYS F 275 -66.59 -47.59 -26.64
C LYS F 275 -66.44 -46.20 -26.02
N THR F 276 -66.48 -45.17 -26.85
CA THR F 276 -66.50 -43.78 -26.40
C THR F 276 -67.87 -43.18 -26.67
N ASP F 277 -68.11 -42.03 -26.05
CA ASP F 277 -69.41 -41.38 -26.21
C ASP F 277 -69.66 -40.95 -27.65
N LYS F 278 -68.67 -41.11 -28.53
CA LYS F 278 -68.80 -40.65 -29.91
C LYS F 278 -68.42 -41.69 -30.95
N ASN F 279 -67.91 -42.85 -30.56
CA ASN F 279 -67.46 -43.81 -31.55
C ASN F 279 -66.99 -45.09 -30.88
N SER F 280 -66.56 -46.07 -31.68
CA SER F 280 -66.01 -47.31 -31.17
C SER F 280 -64.77 -47.67 -31.97
N TYR F 281 -63.77 -48.21 -31.29
CA TYR F 281 -62.49 -48.56 -31.90
C TYR F 281 -62.10 -49.97 -31.46
N GLU F 282 -61.49 -50.71 -32.37
CA GLU F 282 -60.99 -52.04 -32.09
C GLU F 282 -59.47 -51.98 -32.05
N THR F 283 -58.89 -52.34 -30.91
CA THR F 283 -57.45 -52.31 -30.74
C THR F 283 -56.96 -53.62 -30.15
N ASP F 284 -55.66 -53.88 -30.36
CA ASP F 284 -54.97 -54.99 -29.73
C ASP F 284 -54.45 -54.65 -28.35
N LEU F 285 -54.16 -53.36 -28.09
CA LEU F 285 -53.67 -52.93 -26.80
C LEU F 285 -54.14 -51.50 -26.53
N ALA F 286 -54.58 -51.26 -25.30
CA ALA F 286 -54.95 -49.93 -24.85
C ALA F 286 -54.02 -49.53 -23.71
N ILE F 287 -53.51 -48.29 -23.77
CA ILE F 287 -52.66 -47.76 -22.72
C ILE F 287 -53.38 -46.59 -22.07
N LEU F 288 -53.53 -46.67 -20.75
CA LEU F 288 -54.28 -45.68 -19.97
C LEU F 288 -53.29 -44.69 -19.39
N CYS F 289 -53.25 -43.47 -19.94
CA CYS F 289 -52.37 -42.45 -19.40
C CYS F 289 -53.13 -41.12 -19.32
N ILE F 290 -54.01 -41.01 -18.32
CA ILE F 290 -54.87 -39.83 -18.22
C ILE F 290 -54.55 -39.04 -16.96
N GLY F 291 -53.30 -39.06 -16.53
CA GLY F 291 -52.86 -38.23 -15.42
C GLY F 291 -52.43 -39.04 -14.20
N PHE F 292 -51.92 -38.30 -13.22
CA PHE F 292 -51.37 -38.82 -11.98
C PHE F 292 -52.25 -38.44 -10.80
N ARG F 293 -52.33 -39.33 -9.84
CA ARG F 293 -52.94 -39.05 -8.54
C ARG F 293 -51.87 -39.17 -7.46
N PRO F 294 -51.72 -38.16 -6.59
CA PRO F 294 -50.74 -38.28 -5.51
C PRO F 294 -51.04 -39.50 -4.66
N ASN F 295 -50.02 -40.31 -4.41
CA ASN F 295 -50.15 -41.56 -3.67
C ASN F 295 -49.98 -41.30 -2.17
N THR F 296 -50.96 -40.63 -1.60
CA THR F 296 -50.80 -40.08 -0.26
C THR F 296 -51.85 -40.58 0.73
N ASP F 297 -52.55 -41.67 0.43
CA ASP F 297 -53.63 -42.12 1.32
C ASP F 297 -53.13 -42.41 2.73
N LEU F 298 -51.86 -42.79 2.88
CA LEU F 298 -51.34 -43.05 4.23
C LEU F 298 -51.50 -41.85 5.15
N LEU F 299 -51.57 -40.62 4.61
CA LEU F 299 -51.65 -39.43 5.46
C LEU F 299 -52.94 -38.64 5.28
N LYS F 300 -53.90 -39.17 4.53
CA LYS F 300 -55.19 -38.50 4.40
C LYS F 300 -55.77 -38.25 5.79
N GLY F 301 -56.26 -37.03 6.00
CA GLY F 301 -56.75 -36.63 7.31
C GLY F 301 -55.69 -36.29 8.33
N LYS F 302 -54.40 -36.49 8.01
CA LYS F 302 -53.33 -36.27 8.98
C LYS F 302 -52.41 -35.10 8.67
N VAL F 303 -52.36 -34.62 7.42
CA VAL F 303 -51.65 -33.40 7.07
C VAL F 303 -52.43 -32.67 5.98
N ASP F 304 -52.26 -31.36 5.92
CA ASP F 304 -53.01 -30.54 4.97
C ASP F 304 -52.70 -30.96 3.54
N MET F 305 -53.73 -31.02 2.71
CA MET F 305 -53.62 -31.52 1.35
C MET F 305 -54.48 -30.68 0.42
N ALA F 306 -54.02 -30.54 -0.82
CA ALA F 306 -54.84 -29.97 -1.86
C ALA F 306 -56.02 -30.90 -2.11
N PRO F 307 -56.98 -30.48 -2.92
CA PRO F 307 -58.18 -31.31 -3.10
C PRO F 307 -57.89 -32.68 -3.70
N ASN F 308 -56.82 -32.82 -4.48
CA ASN F 308 -56.48 -34.09 -5.09
C ASN F 308 -55.60 -34.95 -4.20
N GLY F 309 -55.29 -34.50 -3.00
CA GLY F 309 -54.46 -35.28 -2.11
C GLY F 309 -53.01 -34.88 -2.10
N ALA F 310 -52.58 -33.96 -2.95
CA ALA F 310 -51.19 -33.51 -2.88
C ALA F 310 -50.93 -32.86 -1.53
N ILE F 311 -49.80 -33.21 -0.93
CA ILE F 311 -49.42 -32.67 0.37
C ILE F 311 -48.93 -31.24 0.22
N ILE F 312 -49.51 -30.33 1.00
CA ILE F 312 -49.07 -28.93 1.03
C ILE F 312 -47.83 -28.81 1.93
N THR F 313 -46.82 -28.08 1.45
CA THR F 313 -45.62 -27.87 2.25
C THR F 313 -45.34 -26.38 2.36
N ASP F 314 -44.56 -26.02 3.38
CA ASP F 314 -44.06 -24.66 3.49
C ASP F 314 -42.84 -24.53 2.58
N ASP F 315 -42.11 -23.43 2.70
CA ASP F 315 -40.96 -23.20 1.81
C ASP F 315 -39.77 -24.10 2.10
N TYR F 316 -39.83 -24.93 3.14
CA TYR F 316 -38.75 -25.86 3.44
C TYR F 316 -39.15 -27.30 3.20
N MET F 317 -40.29 -27.51 2.52
CA MET F 317 -40.82 -28.81 2.19
C MET F 317 -41.40 -29.54 3.40
N ARG F 318 -41.79 -28.79 4.43
CA ARG F 318 -42.45 -29.37 5.61
C ARG F 318 -43.97 -29.36 5.44
N SER F 319 -44.61 -30.46 5.79
CA SER F 319 -46.07 -30.51 5.80
C SER F 319 -46.60 -29.75 7.01
N SER F 320 -47.93 -29.76 7.15
CA SER F 320 -48.56 -29.19 8.34
C SER F 320 -48.05 -29.85 9.62
N ASN F 321 -47.60 -31.11 9.54
CA ASN F 321 -46.95 -31.76 10.66
C ASN F 321 -45.45 -31.52 10.57
N PRO F 322 -44.84 -30.83 11.54
CA PRO F 322 -43.46 -30.34 11.36
C PRO F 322 -42.41 -31.44 11.26
N ASP F 323 -42.75 -32.68 11.60
CA ASP F 323 -41.79 -33.78 11.51
C ASP F 323 -41.97 -34.62 10.25
N ILE F 324 -42.90 -34.24 9.38
CA ILE F 324 -43.14 -34.94 8.13
C ILE F 324 -42.82 -33.96 7.00
N PHE F 325 -41.93 -34.36 6.11
CA PHE F 325 -41.61 -33.64 4.88
C PHE F 325 -42.22 -34.37 3.70
N ALA F 326 -42.41 -33.65 2.60
CA ALA F 326 -42.86 -34.22 1.34
C ALA F 326 -42.02 -33.66 0.20
N ALA F 327 -41.75 -34.51 -0.79
CA ALA F 327 -40.98 -34.12 -1.96
C ALA F 327 -41.43 -35.01 -3.11
N GLY F 328 -41.50 -34.42 -4.31
CA GLY F 328 -41.85 -35.19 -5.48
C GLY F 328 -43.34 -35.25 -5.72
N ASP F 329 -43.77 -36.30 -6.41
CA ASP F 329 -45.16 -36.39 -6.85
C ASP F 329 -46.15 -36.53 -5.70
N SER F 330 -45.69 -36.79 -4.49
CA SER F 330 -46.60 -36.79 -3.35
C SER F 330 -46.97 -35.37 -2.94
N ALA F 331 -46.29 -34.36 -3.48
CA ALA F 331 -46.35 -33.01 -2.96
C ALA F 331 -46.86 -32.04 -4.01
N ALA F 332 -47.50 -30.97 -3.55
CA ALA F 332 -47.82 -29.88 -4.43
C ALA F 332 -46.57 -29.04 -4.67
N VAL F 333 -46.57 -28.28 -5.74
CA VAL F 333 -45.51 -27.34 -6.01
C VAL F 333 -46.03 -25.94 -5.66
N HIS F 334 -45.09 -25.04 -5.38
CA HIS F 334 -45.38 -23.61 -5.34
C HIS F 334 -45.22 -23.05 -6.75
N TYR F 335 -46.34 -22.69 -7.37
CA TYR F 335 -46.37 -22.30 -8.78
C TYR F 335 -46.19 -20.79 -8.88
N ASN F 336 -44.99 -20.35 -9.28
CA ASN F 336 -44.67 -18.93 -9.25
C ASN F 336 -45.59 -18.06 -10.09
N PRO F 337 -45.99 -18.44 -11.30
CA PRO F 337 -46.82 -17.53 -12.10
C PRO F 337 -48.08 -17.05 -11.39
N THR F 338 -48.70 -17.87 -10.58
CA THR F 338 -49.91 -17.49 -9.88
C THR F 338 -49.70 -17.36 -8.38
N HIS F 339 -48.52 -17.71 -7.89
CA HIS F 339 -48.25 -17.80 -6.46
C HIS F 339 -49.32 -18.61 -5.74
N GLN F 340 -49.54 -19.82 -6.23
CA GLN F 340 -50.48 -20.74 -5.59
C GLN F 340 -49.90 -22.15 -5.60
N ASN F 341 -50.46 -23.00 -4.77
CA ASN F 341 -50.15 -24.42 -4.81
C ASN F 341 -50.77 -25.03 -6.05
N ALA F 342 -50.04 -25.94 -6.68
CA ALA F 342 -50.52 -26.59 -7.87
C ALA F 342 -50.01 -28.02 -7.85
N TYR F 343 -50.58 -28.86 -8.70
CA TYR F 343 -50.12 -30.24 -8.86
C TYR F 343 -49.72 -30.42 -10.32
N ILE F 344 -48.42 -30.30 -10.59
CA ILE F 344 -47.86 -30.47 -11.93
C ILE F 344 -46.67 -31.40 -11.78
N PRO F 345 -46.90 -32.72 -11.71
CA PRO F 345 -45.83 -33.65 -11.36
C PRO F 345 -44.82 -33.79 -12.49
N LEU F 346 -43.56 -33.47 -12.16
CA LEU F 346 -42.45 -33.52 -13.09
C LEU F 346 -41.24 -34.01 -12.31
N ALA F 347 -40.40 -34.82 -12.96
CA ALA F 347 -39.17 -35.27 -12.31
C ALA F 347 -38.36 -34.11 -11.77
N THR F 348 -38.40 -32.96 -12.45
CA THR F 348 -37.58 -31.81 -12.02
C THR F 348 -37.92 -31.41 -10.58
N ASN F 349 -39.20 -31.53 -10.20
CA ASN F 349 -39.61 -31.21 -8.82
C ASN F 349 -39.08 -32.22 -7.83
N ALA F 350 -39.04 -33.48 -8.24
CA ALA F 350 -38.61 -34.56 -7.36
C ALA F 350 -37.15 -34.40 -6.97
N VAL F 351 -36.28 -34.13 -7.94
CA VAL F 351 -34.87 -34.04 -7.61
C VAL F 351 -34.60 -32.81 -6.75
N ARG F 352 -35.29 -31.69 -7.04
CA ARG F 352 -35.05 -30.47 -6.28
C ARG F 352 -35.59 -30.58 -4.86
N GLN F 353 -36.86 -30.99 -4.73
CA GLN F 353 -37.48 -31.09 -3.42
C GLN F 353 -36.79 -32.12 -2.55
N GLY F 354 -36.28 -33.20 -3.14
CA GLY F 354 -35.58 -34.20 -2.35
C GLY F 354 -34.31 -33.65 -1.77
N ILE F 355 -33.56 -32.88 -2.56
CA ILE F 355 -32.41 -32.17 -2.01
C ILE F 355 -32.84 -31.26 -0.88
N LEU F 356 -33.93 -30.51 -1.07
CA LEU F 356 -34.36 -29.56 -0.06
C LEU F 356 -34.74 -30.25 1.25
N VAL F 357 -35.47 -31.37 1.16
CA VAL F 357 -35.75 -32.15 2.37
C VAL F 357 -34.46 -32.39 3.13
N GLY F 358 -33.43 -32.85 2.43
CA GLY F 358 -32.17 -33.16 3.10
C GLY F 358 -31.53 -31.94 3.71
N LYS F 359 -31.60 -30.81 3.04
CA LYS F 359 -30.99 -29.61 3.62
C LYS F 359 -31.78 -29.08 4.80
N ASN F 360 -33.08 -29.39 4.88
CA ASN F 360 -33.95 -28.76 5.86
C ASN F 360 -34.43 -29.72 6.94
N LEU F 361 -33.82 -30.91 7.03
CA LEU F 361 -34.34 -31.95 7.92
C LEU F 361 -34.33 -31.51 9.37
N VAL F 362 -33.23 -30.92 9.82
CA VAL F 362 -33.09 -30.49 11.21
C VAL F 362 -33.67 -29.11 11.43
N LYS F 363 -33.32 -28.15 10.57
CA LYS F 363 -33.83 -26.80 10.70
C LYS F 363 -33.92 -26.16 9.32
N PRO F 364 -34.77 -25.15 9.15
CA PRO F 364 -34.87 -24.47 7.85
C PRO F 364 -33.55 -23.84 7.44
N THR F 365 -33.08 -24.21 6.25
CA THR F 365 -31.78 -23.76 5.75
C THR F 365 -31.83 -23.24 4.33
N VAL F 366 -32.57 -23.88 3.43
CA VAL F 366 -32.65 -23.45 2.04
C VAL F 366 -34.13 -23.38 1.64
N LYS F 367 -34.55 -22.21 1.19
CA LYS F 367 -35.93 -22.01 0.77
C LYS F 367 -36.15 -22.60 -0.63
N TYR F 368 -37.32 -23.20 -0.79
CA TYR F 368 -37.79 -23.66 -2.09
C TYR F 368 -38.12 -22.46 -2.98
N MET F 369 -37.59 -22.45 -4.20
CA MET F 369 -37.76 -21.32 -5.13
C MET F 369 -39.06 -21.36 -5.92
N GLY F 370 -39.90 -22.37 -5.72
CA GLY F 370 -41.07 -22.52 -6.56
C GLY F 370 -40.69 -23.07 -7.93
N THR F 371 -41.65 -23.02 -8.84
CA THR F 371 -41.39 -23.51 -10.18
C THR F 371 -42.27 -22.76 -11.17
N GLN F 372 -41.81 -22.79 -12.42
CA GLN F 372 -42.55 -22.37 -13.58
C GLN F 372 -43.16 -23.56 -14.30
N SER F 373 -42.90 -24.77 -13.80
CA SER F 373 -43.32 -26.00 -14.48
C SER F 373 -42.85 -26.00 -15.93
N SER F 374 -41.61 -25.59 -16.15
CA SER F 374 -41.05 -25.67 -17.50
C SER F 374 -41.08 -27.12 -17.97
N SER F 375 -41.46 -27.33 -19.22
CA SER F 375 -41.53 -28.70 -19.71
C SER F 375 -41.52 -28.71 -21.23
N GLY F 376 -41.20 -29.86 -21.80
CA GLY F 376 -41.31 -30.01 -23.23
C GLY F 376 -40.93 -31.40 -23.70
N LEU F 377 -40.90 -31.56 -25.01
CA LEU F 377 -40.64 -32.87 -25.58
C LEU F 377 -40.22 -32.70 -27.04
N ALA F 378 -39.87 -33.82 -27.64
CA ALA F 378 -39.56 -33.88 -29.06
C ALA F 378 -40.60 -34.78 -29.72
N LEU F 379 -41.23 -34.28 -30.79
CA LEU F 379 -42.22 -35.06 -31.54
C LEU F 379 -41.95 -34.90 -33.03
N TYR F 380 -41.73 -36.01 -33.72
CA TYR F 380 -41.55 -36.00 -35.17
C TYR F 380 -40.52 -34.94 -35.60
N ASP F 381 -39.38 -34.92 -34.93
CA ASP F 381 -38.27 -34.03 -35.23
C ASP F 381 -38.50 -32.58 -34.79
N ARG F 382 -39.67 -32.24 -34.27
CA ARG F 382 -39.91 -30.91 -33.71
C ARG F 382 -39.58 -30.88 -32.21
N THR F 383 -38.86 -29.84 -31.81
CA THR F 383 -38.69 -29.48 -30.41
C THR F 383 -39.84 -28.56 -29.99
N ILE F 384 -40.54 -28.93 -28.90
CA ILE F 384 -41.68 -28.16 -28.42
C ILE F 384 -41.53 -27.94 -26.91
N VAL F 385 -41.32 -26.69 -26.50
CA VAL F 385 -41.08 -26.39 -25.10
C VAL F 385 -41.95 -25.23 -24.64
N SER F 386 -42.21 -25.19 -23.32
CA SER F 386 -42.98 -24.11 -22.74
C SER F 386 -42.63 -23.97 -21.28
N THR F 387 -42.99 -22.82 -20.72
CA THR F 387 -42.85 -22.54 -19.29
C THR F 387 -43.95 -21.56 -18.91
N GLY F 388 -44.34 -21.60 -17.64
CA GLY F 388 -45.36 -20.68 -17.15
C GLY F 388 -46.73 -20.96 -17.75
N LEU F 389 -47.54 -19.92 -17.84
CA LEU F 389 -48.94 -20.05 -18.20
C LEU F 389 -49.15 -19.97 -19.71
N THR F 390 -49.99 -20.86 -20.24
CA THR F 390 -50.55 -20.61 -21.54
C THR F 390 -51.55 -19.47 -21.45
N LEU F 391 -51.86 -18.87 -22.60
CA LEU F 391 -52.95 -17.90 -22.62
C LEU F 391 -54.26 -18.55 -22.18
N ALA F 392 -54.56 -19.73 -22.74
CA ALA F 392 -55.80 -20.42 -22.38
C ALA F 392 -55.90 -20.63 -20.88
N ALA F 393 -54.82 -21.11 -20.26
CA ALA F 393 -54.88 -21.33 -18.82
C ALA F 393 -55.00 -20.03 -18.05
N ALA F 394 -54.27 -18.98 -18.48
CA ALA F 394 -54.32 -17.72 -17.75
C ALA F 394 -55.75 -17.17 -17.71
N LYS F 395 -56.43 -17.19 -18.87
CA LYS F 395 -57.79 -16.67 -18.94
C LYS F 395 -58.79 -17.60 -18.27
N GLN F 396 -58.56 -18.92 -18.34
CA GLN F 396 -59.39 -19.86 -17.63
C GLN F 396 -59.36 -19.62 -16.12
N GLN F 397 -58.27 -19.05 -15.62
CA GLN F 397 -58.14 -18.71 -14.20
C GLN F 397 -58.39 -17.24 -13.93
N GLY F 398 -58.91 -16.49 -14.89
CA GLY F 398 -59.29 -15.11 -14.67
C GLY F 398 -58.17 -14.11 -14.49
N LEU F 399 -56.99 -14.37 -15.04
CA LEU F 399 -55.90 -13.40 -14.94
C LEU F 399 -55.99 -12.38 -16.06
N ASN F 400 -55.47 -11.20 -15.79
CA ASN F 400 -55.28 -10.19 -16.83
C ASN F 400 -54.11 -10.64 -17.70
N ALA F 401 -54.38 -11.06 -18.93
CA ALA F 401 -53.38 -11.74 -19.73
C ALA F 401 -53.62 -11.48 -21.21
N GLU F 402 -52.53 -11.30 -21.95
CA GLU F 402 -52.56 -11.21 -23.40
C GLU F 402 -51.38 -12.00 -23.95
N GLN F 403 -51.36 -12.18 -25.26
CA GLN F 403 -50.39 -13.04 -25.90
C GLN F 403 -50.01 -12.50 -27.27
N VAL F 404 -48.75 -12.66 -27.63
CA VAL F 404 -48.32 -12.50 -29.01
C VAL F 404 -47.81 -13.85 -29.49
N ILE F 405 -48.04 -14.13 -30.77
CA ILE F 405 -47.51 -15.28 -31.47
C ILE F 405 -46.60 -14.75 -32.58
N VAL F 406 -45.37 -15.24 -32.64
CA VAL F 406 -44.38 -14.79 -33.62
C VAL F 406 -43.75 -16.00 -34.28
N GLU F 407 -43.71 -16.00 -35.61
CA GLU F 407 -42.95 -16.99 -36.36
C GLU F 407 -41.79 -16.28 -37.05
N ASP F 408 -40.58 -16.75 -36.80
CA ASP F 408 -39.40 -16.19 -37.43
C ASP F 408 -38.37 -17.30 -37.62
N ASN F 409 -37.56 -17.17 -38.66
CA ASN F 409 -36.41 -18.05 -38.77
C ASN F 409 -35.45 -17.75 -37.63
N TYR F 410 -34.92 -18.80 -37.00
CA TYR F 410 -34.16 -18.53 -35.78
C TYR F 410 -32.82 -17.86 -36.07
N ARG F 411 -32.28 -18.02 -37.29
CA ARG F 411 -31.06 -17.34 -37.69
C ARG F 411 -31.20 -16.85 -39.13
N PRO F 412 -30.25 -16.06 -39.62
CA PRO F 412 -30.46 -15.36 -40.91
C PRO F 412 -30.56 -16.30 -42.10
N GLU F 413 -31.35 -15.86 -43.09
CA GLU F 413 -31.54 -16.63 -44.31
C GLU F 413 -30.28 -16.71 -45.17
N PHE F 414 -29.29 -15.86 -44.93
CA PHE F 414 -28.09 -15.98 -45.73
C PHE F 414 -27.21 -17.16 -45.32
N MET F 415 -27.45 -17.75 -44.15
CA MET F 415 -26.73 -18.94 -43.72
C MET F 415 -27.06 -20.11 -44.63
N PRO F 416 -26.26 -21.18 -44.62
CA PRO F 416 -26.56 -22.33 -45.50
C PRO F 416 -27.92 -22.93 -45.24
N SER F 417 -28.49 -22.75 -44.04
CA SER F 417 -29.81 -23.24 -43.73
C SER F 417 -30.35 -22.44 -42.56
N THR F 418 -31.66 -22.55 -42.35
CA THR F 418 -32.32 -21.96 -41.20
C THR F 418 -33.61 -22.73 -40.97
N GLU F 419 -34.28 -22.44 -39.85
CA GLU F 419 -35.53 -23.10 -39.53
C GLU F 419 -36.47 -22.08 -38.91
N PRO F 420 -37.74 -22.11 -39.27
CA PRO F 420 -38.73 -21.28 -38.56
C PRO F 420 -38.83 -21.71 -37.11
N VAL F 421 -39.07 -20.73 -36.24
CA VAL F 421 -39.44 -21.01 -34.86
C VAL F 421 -40.74 -20.30 -34.58
N LEU F 422 -41.72 -21.06 -34.09
CA LEU F 422 -43.02 -20.51 -33.68
C LEU F 422 -42.96 -20.23 -32.19
N MET F 423 -43.33 -19.02 -31.80
CA MET F 423 -43.07 -18.54 -30.46
C MET F 423 -44.31 -17.88 -29.91
N SER F 424 -44.50 -18.02 -28.61
CA SER F 424 -45.62 -17.46 -27.89
C SER F 424 -45.09 -16.81 -26.62
N LEU F 425 -45.61 -15.62 -26.32
CA LEU F 425 -45.29 -14.94 -25.07
C LEU F 425 -46.60 -14.51 -24.44
N VAL F 426 -46.79 -14.87 -23.18
CA VAL F 426 -48.01 -14.58 -22.45
C VAL F 426 -47.66 -13.64 -21.32
N PHE F 427 -48.39 -12.54 -21.21
CA PHE F 427 -47.97 -11.46 -20.34
C PHE F 427 -49.16 -10.68 -19.82
N ASP F 428 -48.94 -10.03 -18.69
CA ASP F 428 -49.91 -9.09 -18.14
C ASP F 428 -49.83 -7.77 -18.91
N PRO F 429 -50.88 -7.37 -19.64
CA PRO F 429 -50.78 -6.17 -20.48
C PRO F 429 -50.67 -4.87 -19.69
N ASP F 430 -50.97 -4.88 -18.39
CA ASP F 430 -50.87 -3.68 -17.57
C ASP F 430 -49.55 -3.60 -16.81
N THR F 431 -49.20 -4.65 -16.07
CA THR F 431 -47.90 -4.67 -15.39
C THR F 431 -46.75 -4.99 -16.35
N HIS F 432 -47.04 -5.57 -17.51
CA HIS F 432 -46.03 -6.04 -18.45
C HIS F 432 -45.27 -7.26 -17.95
N ARG F 433 -45.68 -7.86 -16.82
CA ARG F 433 -45.00 -9.04 -16.30
C ARG F 433 -45.19 -10.23 -17.24
N ILE F 434 -44.10 -10.97 -17.48
CA ILE F 434 -44.20 -12.18 -18.29
C ILE F 434 -44.88 -13.27 -17.47
N LEU F 435 -45.89 -13.92 -18.07
CA LEU F 435 -46.61 -14.99 -17.39
C LEU F 435 -46.25 -16.38 -17.90
N GLY F 436 -45.73 -16.50 -19.11
CA GLY F 436 -45.39 -17.79 -19.68
C GLY F 436 -44.92 -17.58 -21.09
N GLY F 437 -44.52 -18.68 -21.72
CA GLY F 437 -44.04 -18.61 -23.10
C GLY F 437 -43.76 -20.00 -23.63
N ALA F 438 -43.60 -20.09 -24.94
CA ALA F 438 -43.42 -21.40 -25.55
C ALA F 438 -42.67 -21.23 -26.86
N LEU F 439 -41.93 -22.26 -27.26
CA LEU F 439 -41.25 -22.24 -28.55
C LEU F 439 -41.32 -23.59 -29.21
N MET F 440 -41.33 -23.58 -30.54
CA MET F 440 -41.46 -24.80 -31.32
C MET F 440 -40.67 -24.65 -32.62
N SER F 441 -39.83 -25.63 -32.92
CA SER F 441 -39.00 -25.51 -34.09
C SER F 441 -38.39 -26.87 -34.41
N LYS F 442 -38.00 -27.05 -35.67
CA LYS F 442 -37.13 -28.18 -35.97
C LYS F 442 -35.72 -27.97 -35.45
N TYR F 443 -35.31 -26.72 -35.23
CA TYR F 443 -34.07 -26.44 -34.51
C TYR F 443 -34.30 -26.59 -33.01
N ASP F 444 -33.30 -27.12 -32.30
CA ASP F 444 -33.48 -27.41 -30.88
C ASP F 444 -33.50 -26.14 -30.05
N VAL F 445 -34.70 -25.60 -29.80
CA VAL F 445 -34.89 -24.35 -29.07
C VAL F 445 -35.13 -24.61 -27.58
N SER F 446 -34.83 -25.82 -27.11
CA SER F 446 -35.27 -26.17 -25.75
C SER F 446 -34.66 -25.27 -24.70
N GLN F 447 -33.40 -24.86 -24.88
CA GLN F 447 -32.75 -24.04 -23.85
C GLN F 447 -33.45 -22.70 -23.66
N SER F 448 -34.12 -22.19 -24.70
CA SER F 448 -34.82 -20.91 -24.57
C SER F 448 -35.98 -20.98 -23.59
N ALA F 449 -36.60 -22.16 -23.39
CA ALA F 449 -37.62 -22.27 -22.35
C ALA F 449 -37.02 -22.03 -20.97
N ASN F 450 -35.76 -22.43 -20.76
CA ASN F 450 -35.11 -22.17 -19.48
C ASN F 450 -34.73 -20.71 -19.31
N THR F 451 -34.39 -20.03 -20.40
CA THR F 451 -34.22 -18.59 -20.30
C THR F 451 -35.51 -17.93 -19.85
N LEU F 452 -36.64 -18.30 -20.47
CA LEU F 452 -37.92 -17.74 -20.04
C LEU F 452 -38.22 -18.11 -18.59
N SER F 453 -37.89 -19.33 -18.18
CA SER F 453 -38.11 -19.70 -16.79
C SER F 453 -37.38 -18.73 -15.86
N VAL F 454 -36.11 -18.42 -16.18
CA VAL F 454 -35.35 -17.52 -15.31
C VAL F 454 -35.95 -16.12 -15.34
N CYS F 455 -36.36 -15.65 -16.52
CA CYS F 455 -37.12 -14.40 -16.60
C CYS F 455 -38.29 -14.38 -15.63
N ILE F 456 -39.13 -15.43 -15.68
CA ILE F 456 -40.32 -15.47 -14.82
C ILE F 456 -39.93 -15.59 -13.35
N GLN F 457 -38.93 -16.42 -13.05
CA GLN F 457 -38.44 -16.52 -11.68
C GLN F 457 -38.09 -15.15 -11.10
N ASN F 458 -37.49 -14.28 -11.92
CA ASN F 458 -37.09 -12.95 -11.49
C ASN F 458 -38.17 -11.90 -11.76
N GLU F 459 -39.39 -12.32 -12.08
CA GLU F 459 -40.51 -11.40 -12.31
C GLU F 459 -40.19 -10.35 -13.37
N ASN F 460 -39.43 -10.74 -14.37
CA ASN F 460 -39.10 -9.84 -15.46
C ASN F 460 -40.34 -9.53 -16.31
N THR F 461 -40.26 -8.42 -17.03
CA THR F 461 -41.34 -7.92 -17.88
C THR F 461 -40.99 -8.13 -19.34
N ILE F 462 -41.97 -7.88 -20.20
CA ILE F 462 -41.71 -7.95 -21.63
C ILE F 462 -40.66 -6.91 -22.03
N ASP F 463 -40.57 -5.80 -21.30
CA ASP F 463 -39.60 -4.75 -21.64
C ASP F 463 -38.18 -5.20 -21.31
N ASP F 464 -38.01 -5.85 -20.16
CA ASP F 464 -36.75 -6.52 -19.84
C ASP F 464 -36.29 -7.43 -20.96
N LEU F 465 -37.17 -8.36 -21.38
CA LEU F 465 -36.77 -9.38 -22.34
C LEU F 465 -36.59 -8.79 -23.73
N ALA F 466 -37.29 -7.71 -24.04
CA ALA F 466 -37.12 -7.08 -25.34
C ALA F 466 -35.70 -6.56 -25.54
N MET F 467 -35.01 -6.16 -24.46
CA MET F 467 -33.71 -5.53 -24.61
C MET F 467 -32.56 -6.18 -23.85
N VAL F 468 -32.82 -7.16 -22.98
CA VAL F 468 -31.73 -7.73 -22.20
C VAL F 468 -30.66 -8.27 -23.14
N ASP F 469 -29.40 -8.10 -22.73
CA ASP F 469 -28.26 -8.56 -23.52
C ASP F 469 -28.39 -10.04 -23.86
N MET F 470 -28.28 -10.36 -25.16
CA MET F 470 -28.17 -11.72 -25.64
C MET F 470 -27.22 -11.70 -26.83
N LEU F 471 -26.41 -12.75 -26.97
CA LEU F 471 -25.35 -12.71 -27.95
C LEU F 471 -25.90 -12.82 -29.37
N PHE F 472 -25.14 -12.28 -30.32
CA PHE F 472 -25.42 -12.41 -31.74
C PHE F 472 -24.24 -13.07 -32.44
N GLN F 473 -24.53 -14.15 -33.17
CA GLN F 473 -23.60 -14.67 -34.14
C GLN F 473 -24.49 -15.39 -35.13
N PRO F 474 -24.28 -15.21 -36.43
CA PRO F 474 -25.25 -15.71 -37.42
C PRO F 474 -25.39 -17.22 -37.42
N ASN F 475 -24.44 -17.96 -36.82
CA ASN F 475 -24.65 -19.40 -36.62
C ASN F 475 -25.79 -19.70 -35.67
N PHE F 476 -26.17 -18.72 -34.86
CA PHE F 476 -27.07 -18.95 -33.74
C PHE F 476 -28.35 -18.12 -33.78
N ASP F 477 -28.33 -16.93 -34.37
CA ASP F 477 -29.48 -16.05 -34.28
C ASP F 477 -29.23 -14.83 -35.16
N ARG F 478 -30.25 -13.98 -35.25
CA ARG F 478 -30.12 -12.66 -35.87
C ARG F 478 -29.53 -11.70 -34.86
N PRO F 479 -29.22 -10.47 -35.27
CA PRO F 479 -28.64 -9.51 -34.33
C PRO F 479 -29.42 -9.36 -33.03
N PHE F 480 -30.75 -9.28 -33.06
CA PHE F 480 -31.55 -9.53 -31.86
C PHE F 480 -31.88 -11.01 -31.80
N ASN F 481 -31.71 -11.61 -30.61
CA ASN F 481 -32.13 -13.00 -30.42
C ASN F 481 -33.65 -13.12 -30.61
N TYR F 482 -34.08 -14.27 -31.11
CA TYR F 482 -35.51 -14.47 -31.35
C TYR F 482 -36.34 -14.25 -30.07
N LEU F 483 -35.75 -14.42 -28.88
CA LEU F 483 -36.49 -14.11 -27.66
C LEU F 483 -36.62 -12.61 -27.45
N ASN F 484 -35.61 -11.82 -27.84
CA ASN F 484 -35.76 -10.37 -27.84
C ASN F 484 -36.87 -9.95 -28.80
N ILE F 485 -36.81 -10.50 -30.03
CA ILE F 485 -37.80 -10.21 -31.05
C ILE F 485 -39.20 -10.54 -30.55
N LEU F 486 -39.34 -11.69 -29.87
CA LEU F 486 -40.63 -12.08 -29.33
C LEU F 486 -41.16 -11.01 -28.37
N ALA F 487 -40.34 -10.58 -27.43
CA ALA F 487 -40.78 -9.58 -26.47
C ALA F 487 -41.01 -8.23 -27.14
N GLN F 488 -40.22 -7.89 -28.15
CA GLN F 488 -40.48 -6.64 -28.85
C GLN F 488 -41.85 -6.66 -29.53
N ALA F 489 -42.32 -7.86 -29.92
CA ALA F 489 -43.66 -7.96 -30.50
C ALA F 489 -44.72 -7.73 -29.45
N ALA F 490 -44.50 -8.25 -28.25
CA ALA F 490 -45.39 -7.96 -27.12
C ALA F 490 -45.44 -6.47 -26.83
N GLN F 491 -44.27 -5.80 -26.91
CA GLN F 491 -44.26 -4.35 -26.75
C GLN F 491 -45.12 -3.68 -27.80
N ALA F 492 -45.01 -4.11 -29.07
CA ALA F 492 -45.80 -3.47 -30.11
C ALA F 492 -47.29 -3.68 -29.89
N LYS F 493 -47.67 -4.84 -29.36
CA LYS F 493 -49.09 -5.10 -29.09
C LYS F 493 -49.61 -4.16 -28.02
N VAL F 494 -48.87 -4.01 -26.92
CA VAL F 494 -49.28 -3.10 -25.86
C VAL F 494 -49.29 -1.66 -26.36
N ALA F 495 -48.32 -1.29 -27.19
CA ALA F 495 -48.25 0.09 -27.68
C ALA F 495 -49.50 0.45 -28.47
N GLN F 496 -49.93 -0.42 -29.38
CA GLN F 496 -51.06 -0.12 -30.24
C GLN F 496 -52.33 0.10 -29.45
N SER F 497 -52.46 -0.51 -28.27
CA SER F 497 -53.66 -0.37 -27.45
C SER F 497 -53.63 0.92 -26.64
N SER G 50 22.12 63.01 9.06
CA SER G 50 22.37 61.63 9.45
C SER G 50 23.86 61.38 9.77
N MET G 51 24.14 60.25 10.39
CA MET G 51 25.47 59.97 10.93
C MET G 51 26.42 59.48 9.82
N LYS G 52 27.63 60.03 9.80
CA LYS G 52 28.64 59.70 8.80
C LYS G 52 29.66 58.74 9.40
N VAL G 53 29.79 57.55 8.81
CA VAL G 53 30.67 56.51 9.32
C VAL G 53 31.70 56.19 8.26
N THR G 54 32.96 56.21 8.66
CA THR G 54 34.08 55.82 7.80
C THR G 54 34.70 54.55 8.36
N VAL G 55 34.85 53.55 7.51
CA VAL G 55 35.41 52.26 7.86
C VAL G 55 36.73 52.09 7.14
N VAL G 56 37.81 51.91 7.90
CA VAL G 56 39.16 51.79 7.36
C VAL G 56 39.52 50.32 7.30
N GLY G 57 39.51 49.72 6.10
CA GLY G 57 39.90 48.33 5.93
C GLY G 57 38.69 47.43 5.88
N CYS G 58 38.70 46.43 4.98
CA CYS G 58 37.49 45.59 4.86
C CYS G 58 37.88 44.21 4.34
N THR G 59 38.26 43.33 5.27
CA THR G 59 38.36 41.90 4.96
C THR G 59 37.25 41.16 5.70
N HIS G 60 37.37 41.00 7.02
CA HIS G 60 36.32 40.37 7.80
C HIS G 60 35.67 41.31 8.80
N ALA G 61 36.48 41.93 9.67
CA ALA G 61 35.91 42.78 10.71
C ALA G 61 35.13 43.94 10.12
N GLY G 62 35.65 44.56 9.06
CA GLY G 62 34.93 45.66 8.44
C GLY G 62 33.67 45.18 7.73
N THR G 63 33.74 44.00 7.12
CA THR G 63 32.56 43.41 6.47
C THR G 63 31.42 43.24 7.47
N PHE G 64 31.70 42.63 8.62
CA PHE G 64 30.66 42.40 9.61
C PHE G 64 30.19 43.70 10.26
N ALA G 65 31.12 44.61 10.55
CA ALA G 65 30.70 45.90 11.08
C ALA G 65 29.78 46.64 10.12
N ILE G 66 30.12 46.62 8.83
CA ILE G 66 29.33 47.35 7.85
C ILE G 66 27.92 46.77 7.76
N LYS G 67 27.81 45.44 7.64
CA LYS G 67 26.47 44.83 7.56
C LYS G 67 25.68 45.09 8.84
N GLN G 68 26.35 45.05 9.99
CA GLN G 68 25.64 45.34 11.24
C GLN G 68 25.21 46.80 11.29
N ILE G 69 26.10 47.73 10.94
CA ILE G 69 25.77 49.15 11.00
C ILE G 69 24.55 49.46 10.13
N LEU G 70 24.55 48.94 8.89
CA LEU G 70 23.44 49.24 7.99
C LEU G 70 22.14 48.56 8.44
N ALA G 71 22.24 47.41 9.10
CA ALA G 71 21.03 46.78 9.63
C ALA G 71 20.45 47.57 10.80
N GLU G 72 21.31 48.03 11.71
CA GLU G 72 20.86 48.70 12.92
C GLU G 72 20.49 50.16 12.67
N HIS G 73 21.29 50.87 11.87
CA HIS G 73 21.10 52.30 11.65
C HIS G 73 21.11 52.54 10.15
N PRO G 74 20.01 52.19 9.47
CA PRO G 74 20.00 52.26 8.00
C PRO G 74 20.05 53.67 7.44
N ASP G 75 19.94 54.70 8.27
CA ASP G 75 20.05 56.08 7.82
C ASP G 75 21.45 56.64 8.03
N ALA G 76 22.40 55.80 8.42
CA ALA G 76 23.79 56.22 8.44
C ALA G 76 24.36 56.19 7.02
N GLU G 77 25.35 57.03 6.78
CA GLU G 77 26.07 57.07 5.52
C GLU G 77 27.43 56.44 5.77
N VAL G 78 27.59 55.21 5.29
CA VAL G 78 28.77 54.41 5.55
C VAL G 78 29.67 54.49 4.32
N THR G 79 30.91 54.92 4.52
CA THR G 79 31.93 54.88 3.50
C THR G 79 33.03 53.94 3.99
N VAL G 80 33.46 53.03 3.14
CA VAL G 80 34.53 52.10 3.49
C VAL G 80 35.64 52.18 2.46
N TYR G 81 36.87 52.14 2.93
CA TYR G 81 38.05 52.18 2.07
C TYR G 81 38.82 50.89 2.27
N GLU G 82 39.23 50.29 1.16
CA GLU G 82 40.03 49.07 1.20
C GLU G 82 41.07 49.13 0.09
N ARG G 83 42.33 48.87 0.46
CA ARG G 83 43.41 48.86 -0.53
C ARG G 83 43.20 47.83 -1.62
N ASN G 84 42.75 46.62 -1.27
CA ASN G 84 42.60 45.54 -2.23
C ASN G 84 41.38 45.78 -3.11
N ASP G 85 41.17 44.89 -4.08
CA ASP G 85 39.94 44.92 -4.88
C ASP G 85 38.95 43.84 -4.47
N VAL G 86 39.22 43.13 -3.38
CA VAL G 86 38.31 42.12 -2.85
C VAL G 86 38.10 42.34 -1.36
N ILE G 87 37.02 41.74 -0.83
CA ILE G 87 36.78 41.67 0.59
C ILE G 87 36.41 40.22 0.93
N SER G 88 36.47 39.90 2.22
CA SER G 88 36.00 38.65 2.81
C SER G 88 36.78 37.41 2.36
N PHE G 89 38.00 37.55 1.86
CA PHE G 89 38.81 36.38 1.54
C PHE G 89 39.21 35.64 2.82
N LEU G 90 38.96 34.34 2.87
CA LEU G 90 39.29 33.53 4.04
C LEU G 90 40.71 32.98 3.86
N SER G 91 41.67 33.55 4.58
CA SER G 91 43.06 33.12 4.44
C SER G 91 43.26 31.65 4.83
N CYS G 92 42.39 31.11 5.69
CA CYS G 92 42.49 29.68 5.98
C CYS G 92 42.45 28.83 4.72
N GLY G 93 41.85 29.34 3.65
CA GLY G 93 41.77 28.55 2.44
C GLY G 93 43.09 28.38 1.71
N ILE G 94 44.10 29.20 2.06
CA ILE G 94 45.36 29.14 1.32
C ILE G 94 46.00 27.77 1.48
N ALA G 95 46.26 27.35 2.73
CA ALA G 95 46.90 26.07 2.94
C ALA G 95 46.04 24.95 2.37
N LEU G 96 44.72 25.09 2.47
CA LEU G 96 43.81 24.08 1.94
C LEU G 96 43.92 23.97 0.42
N TYR G 97 43.99 25.10 -0.29
CA TYR G 97 44.16 25.03 -1.74
C TYR G 97 45.47 24.33 -2.07
N LEU G 98 46.59 24.84 -1.52
CA LEU G 98 47.88 24.20 -1.74
C LEU G 98 47.83 22.71 -1.45
N GLY G 99 47.07 22.32 -0.44
CA GLY G 99 46.97 20.90 -0.10
C GLY G 99 46.08 20.09 -1.00
N GLY G 100 45.58 20.67 -2.09
CA GLY G 100 44.65 19.99 -2.97
C GLY G 100 43.27 19.74 -2.39
N LYS G 101 42.79 20.61 -1.51
CA LYS G 101 41.50 20.40 -0.86
C LYS G 101 40.43 21.40 -1.25
N VAL G 102 40.73 22.36 -2.13
CA VAL G 102 39.78 23.38 -2.54
C VAL G 102 39.61 23.27 -4.04
N ALA G 103 38.41 22.90 -4.48
CA ALA G 103 38.15 22.76 -5.91
C ALA G 103 38.05 24.12 -6.59
N ASP G 104 37.36 25.07 -5.96
CA ASP G 104 37.07 26.37 -6.58
C ASP G 104 37.51 27.50 -5.66
N PRO G 105 38.59 28.21 -5.96
CA PRO G 105 39.07 29.26 -5.04
C PRO G 105 38.07 30.39 -4.84
N GLN G 106 37.06 30.51 -5.70
CA GLN G 106 36.05 31.54 -5.49
C GLN G 106 35.16 31.25 -4.30
N GLY G 107 35.07 29.98 -3.87
CA GLY G 107 34.37 29.66 -2.64
C GLY G 107 35.00 30.24 -1.39
N LEU G 108 36.23 30.75 -1.48
CA LEU G 108 36.91 31.32 -0.32
C LEU G 108 36.48 32.74 -0.01
N PHE G 109 35.55 33.31 -0.78
CA PHE G 109 34.98 34.62 -0.48
C PHE G 109 33.51 34.44 -0.14
N TYR G 110 33.03 35.12 0.90
CA TYR G 110 31.63 35.01 1.28
C TYR G 110 30.84 36.28 1.03
N SER G 111 31.50 37.38 0.69
CA SER G 111 30.82 38.64 0.39
C SER G 111 31.51 39.28 -0.81
N SER G 112 31.20 40.54 -1.09
CA SER G 112 31.80 41.23 -2.22
C SER G 112 31.58 42.72 -2.06
N PRO G 113 32.39 43.56 -2.71
CA PRO G 113 32.06 45.00 -2.79
C PRO G 113 30.66 45.22 -3.30
N GLU G 114 30.28 44.51 -4.36
CA GLU G 114 28.94 44.65 -4.93
C GLU G 114 27.87 44.45 -3.87
N GLU G 115 28.06 43.46 -2.99
CA GLU G 115 27.04 43.17 -1.99
C GLU G 115 26.91 44.29 -0.97
N LEU G 116 28.03 44.82 -0.46
CA LEU G 116 27.95 45.91 0.51
C LEU G 116 27.39 47.16 -0.15
N GLN G 117 27.79 47.43 -1.39
CA GLN G 117 27.20 48.54 -2.14
C GLN G 117 25.69 48.42 -2.21
N LYS G 118 25.21 47.25 -2.63
CA LYS G 118 23.77 47.01 -2.74
C LYS G 118 23.07 47.22 -1.40
N LEU G 119 23.75 46.91 -0.29
CA LEU G 119 23.14 47.06 1.03
C LEU G 119 23.07 48.51 1.50
N GLY G 120 23.69 49.43 0.79
CA GLY G 120 23.62 50.85 1.13
C GLY G 120 24.94 51.53 1.39
N ALA G 121 26.07 50.81 1.40
CA ALA G 121 27.35 51.41 1.74
C ALA G 121 28.02 52.03 0.52
N ASN G 122 28.81 53.07 0.77
CA ASN G 122 29.63 53.71 -0.27
C ASN G 122 30.99 53.02 -0.28
N VAL G 123 31.23 52.18 -1.28
CA VAL G 123 32.35 51.24 -1.25
C VAL G 123 33.48 51.75 -2.13
N GLN G 124 34.64 52.00 -1.53
CA GLN G 124 35.79 52.54 -2.24
C GLN G 124 36.94 51.55 -2.18
N MET G 125 36.88 50.53 -3.03
CA MET G 125 37.98 49.60 -3.22
C MET G 125 39.15 50.29 -3.91
N ASN G 126 40.32 49.68 -3.79
CA ASN G 126 41.56 50.25 -4.35
C ASN G 126 41.82 51.66 -3.83
N HIS G 127 41.46 51.92 -2.58
CA HIS G 127 41.74 53.19 -1.93
C HIS G 127 42.62 52.95 -0.72
N ASN G 128 43.65 53.79 -0.57
CA ASN G 128 44.56 53.70 0.56
C ASN G 128 44.34 54.91 1.46
N VAL G 129 43.90 54.65 2.68
CA VAL G 129 43.77 55.74 3.65
C VAL G 129 45.17 56.18 4.06
N LEU G 130 45.46 57.47 3.88
CA LEU G 130 46.79 58.03 4.11
C LEU G 130 46.94 58.69 5.48
N ALA G 131 45.87 59.26 6.02
CA ALA G 131 45.96 59.88 7.34
C ALA G 131 44.58 59.91 7.98
N ILE G 132 44.56 59.93 9.30
CA ILE G 132 43.34 60.14 10.07
C ILE G 132 43.61 61.26 11.06
N ASP G 133 42.76 62.28 11.05
CA ASP G 133 42.90 63.42 11.95
C ASP G 133 41.73 63.37 12.93
N PRO G 134 41.95 62.87 14.15
CA PRO G 134 40.81 62.72 15.07
C PRO G 134 40.32 64.04 15.63
N ASP G 135 41.18 65.07 15.69
CA ASP G 135 40.77 66.39 16.17
C ASP G 135 39.82 67.05 15.17
N GLN G 136 40.20 67.05 13.89
CA GLN G 136 39.33 67.53 12.84
C GLN G 136 38.22 66.54 12.50
N LYS G 137 38.41 65.27 12.84
CA LYS G 137 37.50 64.20 12.44
C LYS G 137 37.41 64.15 10.91
N THR G 138 38.57 63.96 10.30
CA THR G 138 38.68 63.80 8.85
C THR G 138 39.57 62.61 8.56
N VAL G 139 39.43 62.09 7.36
CA VAL G 139 40.33 61.09 6.82
C VAL G 139 40.82 61.58 5.47
N THR G 140 42.08 61.27 5.15
CA THR G 140 42.65 61.60 3.85
C THR G 140 42.99 60.33 3.09
N VAL G 141 42.48 60.23 1.87
CA VAL G 141 42.49 58.98 1.12
C VAL G 141 43.08 59.19 -0.27
N GLU G 142 43.73 58.15 -0.75
CA GLU G 142 44.30 58.07 -2.09
C GLU G 142 43.56 57.00 -2.88
N ASP G 143 43.07 57.38 -4.06
CA ASP G 143 42.62 56.42 -5.06
C ASP G 143 43.86 55.81 -5.72
N LEU G 144 44.08 54.51 -5.52
CA LEU G 144 45.30 53.86 -5.98
C LEU G 144 45.34 53.70 -7.49
N THR G 145 44.22 53.91 -8.18
CA THR G 145 44.20 53.75 -9.62
C THR G 145 44.73 54.98 -10.35
N ASN G 146 44.53 56.19 -9.79
CA ASN G 146 45.01 57.40 -10.42
C ASN G 146 45.77 58.34 -9.48
N HIS G 147 45.99 57.97 -8.23
CA HIS G 147 46.68 58.74 -7.21
C HIS G 147 45.87 59.92 -6.67
N ALA G 148 44.63 60.11 -7.11
CA ALA G 148 43.88 61.27 -6.65
C ALA G 148 43.63 61.17 -5.15
N GLN G 149 43.82 62.29 -4.45
CA GLN G 149 43.62 62.35 -3.01
C GLN G 149 42.39 63.16 -2.68
N THR G 150 41.67 62.73 -1.64
CA THR G 150 40.50 63.42 -1.14
C THR G 150 40.55 63.43 0.38
N THR G 151 39.84 64.38 0.97
CA THR G 151 39.75 64.47 2.42
C THR G 151 38.27 64.48 2.78
N GLU G 152 37.88 63.65 3.75
CA GLU G 152 36.48 63.43 4.06
C GLU G 152 36.24 63.55 5.55
N SER G 153 35.03 63.98 5.92
CA SER G 153 34.62 64.12 7.30
C SER G 153 33.90 62.87 7.78
N TYR G 154 34.09 62.52 9.05
CA TYR G 154 33.37 61.43 9.66
C TYR G 154 32.86 61.85 11.02
N ASP G 155 31.71 61.28 11.40
CA ASP G 155 31.22 61.35 12.77
C ASP G 155 31.75 60.20 13.62
N LYS G 156 31.83 59.01 13.04
CA LYS G 156 32.37 57.84 13.71
C LYS G 156 33.29 57.13 12.74
N LEU G 157 34.44 56.67 13.22
CA LEU G 157 35.40 55.94 12.41
C LEU G 157 35.58 54.53 12.96
N VAL G 158 35.58 53.55 12.05
CA VAL G 158 35.78 52.15 12.41
C VAL G 158 37.13 51.70 11.89
N MET G 159 38.03 51.36 12.81
CA MET G 159 39.39 50.97 12.47
C MET G 159 39.45 49.44 12.33
N THR G 160 39.21 48.95 11.12
CA THR G 160 39.29 47.52 10.84
C THR G 160 40.43 47.26 9.84
N SER G 161 41.57 47.87 10.12
CA SER G 161 42.75 47.82 9.27
C SER G 161 43.57 46.57 9.45
N GLY G 162 43.20 45.72 10.42
CA GLY G 162 43.78 44.41 10.54
C GLY G 162 45.27 44.43 10.81
N SER G 163 45.98 43.53 10.15
CA SER G 163 47.37 43.25 10.48
C SER G 163 48.14 43.01 9.22
N TRP G 164 49.45 42.94 9.37
CA TRP G 164 50.33 42.61 8.26
C TRP G 164 51.40 41.70 8.82
N PRO G 165 51.86 40.73 8.03
CA PRO G 165 52.87 39.79 8.55
C PRO G 165 54.09 40.55 9.05
N ILE G 166 54.76 39.96 10.03
CA ILE G 166 56.02 40.50 10.53
C ILE G 166 57.13 40.18 9.54
N VAL G 167 57.85 41.22 9.10
CA VAL G 167 58.95 41.07 8.16
C VAL G 167 60.18 41.68 8.80
N PRO G 168 61.15 40.88 9.24
CA PRO G 168 62.29 41.43 9.98
C PRO G 168 63.34 42.01 9.03
N LYS G 169 64.22 42.83 9.61
CA LYS G 169 65.32 43.46 8.88
C LYS G 169 66.45 42.45 8.72
N ILE G 170 66.41 41.70 7.62
CA ILE G 170 67.35 40.61 7.38
C ILE G 170 67.97 40.80 6.00
N PRO G 171 69.29 40.70 5.86
CA PRO G 171 69.91 40.85 4.53
C PRO G 171 69.37 39.83 3.54
N GLY G 172 68.84 40.33 2.44
CA GLY G 172 68.37 39.49 1.35
C GLY G 172 66.90 39.18 1.37
N ILE G 173 66.11 39.85 2.22
CA ILE G 173 64.70 39.49 2.37
C ILE G 173 63.84 39.99 1.22
N ASP G 174 64.36 40.88 0.38
CA ASP G 174 63.62 41.34 -0.78
C ASP G 174 63.65 40.35 -1.94
N SER G 175 64.28 39.19 -1.75
CA SER G 175 64.37 38.22 -2.82
C SER G 175 63.00 37.75 -3.26
N ASP G 176 62.79 37.67 -4.59
CA ASP G 176 61.55 37.15 -5.14
C ASP G 176 61.30 35.69 -4.76
N ARG G 177 62.28 35.03 -4.12
CA ARG G 177 62.11 33.68 -3.62
C ARG G 177 61.53 33.65 -2.20
N VAL G 178 61.42 34.79 -1.54
CA VAL G 178 60.79 34.90 -0.24
C VAL G 178 59.40 35.51 -0.44
N LYS G 179 58.37 34.76 -0.03
CA LYS G 179 56.98 35.15 -0.25
C LYS G 179 56.24 35.27 1.08
N LEU G 180 55.25 36.16 1.12
CA LEU G 180 54.30 36.24 2.23
C LEU G 180 53.11 35.31 1.99
N CYS G 181 52.29 35.12 3.03
CA CYS G 181 51.13 34.22 2.93
C CYS G 181 50.02 34.79 3.82
N LYS G 182 49.41 35.89 3.38
CA LYS G 182 48.31 36.50 4.12
C LYS G 182 47.05 36.65 3.28
N ASN G 183 47.09 37.35 2.14
CA ASN G 183 45.85 37.73 1.46
C ASN G 183 45.71 37.04 0.12
N TRP G 184 44.67 37.44 -0.62
CA TRP G 184 44.36 36.85 -1.92
C TRP G 184 45.52 37.00 -2.90
N ALA G 185 46.13 38.19 -2.97
CA ALA G 185 47.29 38.35 -3.85
C ALA G 185 48.37 37.33 -3.50
N HIS G 186 48.73 37.22 -2.21
CA HIS G 186 49.73 36.24 -1.82
C HIS G 186 49.33 34.84 -2.21
N ALA G 187 48.04 34.51 -2.05
CA ALA G 187 47.58 33.17 -2.36
C ALA G 187 47.81 32.81 -3.82
N GLN G 188 47.44 33.72 -4.73
CA GLN G 188 47.64 33.46 -6.15
C GLN G 188 49.11 33.30 -6.50
N ALA G 189 49.98 34.08 -5.87
CA ALA G 189 51.41 33.92 -6.10
C ALA G 189 51.89 32.54 -5.65
N LEU G 190 51.44 32.10 -4.46
CA LEU G 190 51.86 30.79 -3.98
C LEU G 190 51.33 29.67 -4.86
N ILE G 191 50.08 29.78 -5.32
CA ILE G 191 49.51 28.74 -6.17
C ILE G 191 50.36 28.57 -7.43
N GLU G 192 50.75 29.69 -8.05
CA GLU G 192 51.54 29.62 -9.29
C GLU G 192 52.93 29.07 -9.02
N ASP G 193 53.68 29.70 -8.12
CA ASP G 193 55.05 29.28 -7.84
C ASP G 193 55.14 27.89 -7.22
N ALA G 194 54.01 27.28 -6.84
CA ALA G 194 54.05 25.98 -6.18
C ALA G 194 54.45 24.86 -7.13
N LYS G 195 54.23 25.04 -8.44
CA LYS G 195 54.51 23.96 -9.37
C LYS G 195 56.02 23.72 -9.48
N GLU G 196 56.79 24.77 -9.74
CA GLU G 196 58.21 24.64 -9.99
C GLU G 196 59.07 24.74 -8.75
N ALA G 197 58.46 24.88 -7.57
CA ALA G 197 59.22 24.99 -6.32
C ALA G 197 59.17 23.63 -5.63
N LYS G 198 60.18 22.79 -5.93
CA LYS G 198 60.26 21.47 -5.32
C LYS G 198 60.65 21.57 -3.85
N ARG G 199 61.59 22.43 -3.52
CA ARG G 199 62.10 22.58 -2.16
C ARG G 199 61.50 23.83 -1.55
N ILE G 200 60.76 23.66 -0.45
CA ILE G 200 60.06 24.74 0.21
C ILE G 200 60.60 24.87 1.64
N THR G 201 60.93 26.09 2.03
CA THR G 201 61.28 26.35 3.41
C THR G 201 60.22 27.26 4.01
N VAL G 202 59.58 26.78 5.07
CA VAL G 202 58.56 27.53 5.79
C VAL G 202 59.24 28.18 6.99
N ILE G 203 59.17 29.49 7.09
CA ILE G 203 59.85 30.19 8.18
C ILE G 203 58.80 30.64 9.18
N GLY G 204 58.77 29.95 10.32
CA GLY G 204 57.79 30.17 11.35
C GLY G 204 56.93 28.92 11.50
N ALA G 205 56.92 28.30 12.68
CA ALA G 205 56.13 27.11 12.93
C ALA G 205 54.96 27.41 13.85
N GLY G 206 54.34 28.58 13.66
CA GLY G 206 53.04 28.87 14.25
C GLY G 206 51.95 28.16 13.45
N TYR G 207 50.70 28.60 13.58
CA TYR G 207 49.60 27.93 12.86
C TYR G 207 49.81 28.00 11.35
N ILE G 208 50.11 29.20 10.81
CA ILE G 208 50.28 29.31 9.37
C ILE G 208 51.34 28.34 8.88
N GLY G 209 52.53 28.41 9.47
CA GLY G 209 53.63 27.58 9.02
C GLY G 209 53.36 26.09 9.20
N ALA G 210 52.72 25.72 10.31
CA ALA G 210 52.39 24.31 10.51
C ALA G 210 51.47 23.80 9.40
N GLU G 211 50.42 24.58 9.08
CA GLU G 211 49.50 24.15 8.04
C GLU G 211 50.18 24.12 6.67
N LEU G 212 51.02 25.11 6.38
CA LEU G 212 51.70 25.12 5.09
C LEU G 212 52.61 23.92 4.94
N ALA G 213 53.42 23.64 5.97
CA ALA G 213 54.36 22.53 5.89
C ALA G 213 53.63 21.21 5.69
N GLU G 214 52.55 20.99 6.44
CA GLU G 214 51.74 19.79 6.22
C GLU G 214 51.20 19.76 4.80
N ALA G 215 50.63 20.87 4.33
CA ALA G 215 50.03 20.88 3.00
C ALA G 215 51.06 20.60 1.92
N TYR G 216 52.24 21.24 2.00
CA TYR G 216 53.28 21.03 0.99
C TYR G 216 53.87 19.63 1.09
N SER G 217 53.99 19.09 2.31
CA SER G 217 54.64 17.78 2.43
C SER G 217 53.75 16.67 1.89
N THR G 218 52.45 16.86 1.87
CA THR G 218 51.56 15.82 1.38
C THR G 218 51.25 15.96 -0.10
N THR G 219 51.93 16.86 -0.79
CA THR G 219 51.76 17.03 -2.23
C THR G 219 53.10 16.99 -2.94
N GLY G 220 54.04 16.20 -2.41
CA GLY G 220 55.29 15.93 -3.09
C GLY G 220 56.32 17.04 -3.11
N HIS G 221 56.40 17.84 -2.05
CA HIS G 221 57.46 18.82 -1.91
C HIS G 221 58.46 18.37 -0.84
N ASP G 222 59.65 18.94 -0.90
CA ASP G 222 60.68 18.73 0.12
C ASP G 222 60.64 19.94 1.04
N VAL G 223 60.12 19.75 2.25
CA VAL G 223 59.80 20.85 3.17
C VAL G 223 60.78 20.89 4.32
N THR G 224 61.18 22.09 4.68
CA THR G 224 61.97 22.39 5.86
C THR G 224 61.18 23.41 6.67
N LEU G 225 60.96 23.13 7.95
CA LEU G 225 60.15 23.97 8.82
C LEU G 225 61.04 24.58 9.89
N ILE G 226 61.16 25.91 9.89
CA ILE G 226 62.06 26.63 10.78
C ILE G 226 61.22 27.38 11.81
N ASP G 227 61.64 27.31 13.08
CA ASP G 227 61.09 28.19 14.10
C ASP G 227 62.21 28.60 15.05
N ALA G 228 62.11 29.84 15.53
CA ALA G 228 63.07 30.33 16.51
C ALA G 228 62.93 29.61 17.84
N MET G 229 61.73 29.12 18.13
CA MET G 229 61.49 28.41 19.38
C MET G 229 61.85 26.94 19.23
N ALA G 230 61.97 26.26 20.37
CA ALA G 230 62.42 24.88 20.41
C ALA G 230 61.36 23.88 20.00
N ARG G 231 60.10 24.30 19.88
CA ARG G 231 59.00 23.40 19.55
C ARG G 231 58.16 24.02 18.44
N VAL G 232 57.38 23.19 17.75
CA VAL G 232 56.39 23.73 16.84
C VAL G 232 55.17 24.19 17.63
N MET G 233 54.47 25.17 17.08
CA MET G 233 53.27 25.75 17.69
C MET G 233 53.41 25.89 19.19
N PRO G 234 54.51 26.46 19.68
CA PRO G 234 54.73 26.51 21.13
C PRO G 234 53.73 27.38 21.87
N LYS G 235 53.13 28.36 21.19
CA LYS G 235 52.16 29.24 21.83
C LYS G 235 50.85 28.54 22.14
N TYR G 236 50.54 27.43 21.48
CA TYR G 236 49.20 26.88 21.49
C TYR G 236 49.06 25.57 22.23
N PHE G 237 50.10 24.75 22.29
CA PHE G 237 50.03 23.44 22.91
C PHE G 237 51.26 23.18 23.76
N ASP G 238 51.09 22.34 24.80
CA ASP G 238 52.23 21.95 25.61
C ASP G 238 53.06 20.89 24.90
N ALA G 239 54.21 20.56 25.50
CA ALA G 239 55.19 19.72 24.83
C ALA G 239 54.67 18.31 24.57
N ASP G 240 53.83 17.76 25.45
CA ASP G 240 53.28 16.44 25.23
C ASP G 240 52.56 16.36 23.89
N PHE G 241 51.87 17.43 23.51
CA PHE G 241 51.22 17.48 22.20
C PHE G 241 52.22 17.71 21.08
N THR G 242 53.09 18.72 21.22
CA THR G 242 53.96 19.06 20.10
C THR G 242 54.99 17.98 19.86
N ASP G 243 55.39 17.25 20.90
CA ASP G 243 56.25 16.08 20.68
C ASP G 243 55.62 15.15 19.65
N VAL G 244 54.32 14.86 19.82
CA VAL G 244 53.64 13.97 18.88
C VAL G 244 53.57 14.61 17.49
N ILE G 245 53.27 15.90 17.42
CA ILE G 245 53.18 16.56 16.12
C ILE G 245 54.54 16.56 15.42
N GLU G 246 55.60 16.87 16.15
CA GLU G 246 56.93 16.86 15.54
C GLU G 246 57.27 15.48 14.99
N GLN G 247 56.94 14.41 15.73
CA GLN G 247 57.19 13.07 15.21
C GLN G 247 56.44 12.85 13.90
N ASP G 248 55.20 13.36 13.82
CA ASP G 248 54.45 13.30 12.58
C ASP G 248 55.17 13.97 11.43
N TYR G 249 55.67 15.18 11.64
CA TYR G 249 56.37 15.87 10.58
C TYR G 249 57.56 15.04 10.10
N ARG G 250 58.34 14.51 11.04
CA ARG G 250 59.47 13.66 10.67
C ARG G 250 58.99 12.42 9.91
N ASP G 251 57.93 11.77 10.40
CA ASP G 251 57.45 10.57 9.72
C ASP G 251 57.06 10.87 8.28
N HIS G 252 56.67 12.11 7.98
CA HIS G 252 56.29 12.51 6.63
C HIS G 252 57.39 13.25 5.88
N GLY G 253 58.63 13.17 6.37
CA GLY G 253 59.77 13.69 5.63
C GLY G 253 59.98 15.18 5.70
N VAL G 254 59.28 15.88 6.58
CA VAL G 254 59.55 17.30 6.79
C VAL G 254 60.80 17.40 7.66
N GLN G 255 61.73 18.25 7.25
CA GLN G 255 62.92 18.52 8.05
C GLN G 255 62.60 19.63 9.04
N LEU G 256 62.80 19.35 10.32
CA LEU G 256 62.55 20.32 11.37
C LEU G 256 63.83 21.07 11.73
N ALA G 257 63.77 22.39 11.71
CA ALA G 257 64.88 23.24 12.11
C ALA G 257 64.42 24.13 13.25
N LEU G 258 64.22 23.53 14.42
CA LEU G 258 63.70 24.26 15.58
C LEU G 258 64.84 24.90 16.35
N GLY G 259 64.54 26.01 17.01
CA GLY G 259 65.58 26.72 17.71
C GLY G 259 66.58 27.38 16.79
N GLU G 260 66.12 27.91 15.65
CA GLU G 260 66.97 28.54 14.67
C GLU G 260 66.31 29.81 14.15
N THR G 261 67.11 30.80 13.81
CA THR G 261 66.57 32.02 13.24
C THR G 261 67.41 32.44 12.04
N VAL G 262 66.74 32.95 11.00
CA VAL G 262 67.39 33.22 9.72
C VAL G 262 68.30 34.43 9.86
N GLU G 263 69.55 34.29 9.40
CA GLU G 263 70.48 35.40 9.41
C GLU G 263 70.50 36.16 8.10
N SER G 264 70.34 35.46 6.98
CA SER G 264 70.38 36.12 5.68
C SER G 264 69.76 35.19 4.64
N PHE G 265 69.27 35.80 3.57
CA PHE G 265 68.89 35.11 2.36
C PHE G 265 69.87 35.47 1.25
N THR G 266 70.33 34.47 0.50
CA THR G 266 71.29 34.69 -0.58
C THR G 266 70.82 33.96 -1.83
N ASP G 267 70.57 34.70 -2.89
CA ASP G 267 70.08 34.11 -4.13
C ASP G 267 71.24 33.59 -4.97
N SER G 268 71.10 32.37 -5.46
CA SER G 268 71.98 31.80 -6.47
C SER G 268 71.14 31.39 -7.68
N ALA G 269 71.81 30.91 -8.72
CA ALA G 269 71.08 30.44 -9.90
C ALA G 269 70.41 29.10 -9.65
N THR G 270 70.86 28.35 -8.66
CA THR G 270 70.25 27.08 -8.27
C THR G 270 69.15 27.23 -7.24
N GLY G 271 68.91 28.43 -6.75
CA GLY G 271 67.83 28.65 -5.82
C GLY G 271 68.19 29.73 -4.81
N LEU G 272 67.60 29.61 -3.63
CA LEU G 272 67.84 30.51 -2.52
C LEU G 272 68.56 29.76 -1.41
N THR G 273 69.48 30.45 -0.73
CA THR G 273 70.23 29.86 0.38
C THR G 273 69.90 30.62 1.65
N ILE G 274 69.35 29.90 2.63
CA ILE G 274 68.92 30.47 3.90
C ILE G 274 69.99 30.16 4.94
N LYS G 275 70.54 31.19 5.57
CA LYS G 275 71.54 31.01 6.61
C LYS G 275 70.91 31.29 7.98
N THR G 276 70.93 30.30 8.85
CA THR G 276 70.50 30.44 10.23
C THR G 276 71.71 30.42 11.15
N ASP G 277 71.48 30.75 12.41
CA ASP G 277 72.58 30.70 13.36
C ASP G 277 73.10 29.29 13.61
N LYS G 278 72.50 28.28 12.99
CA LYS G 278 72.92 26.91 13.26
C LYS G 278 73.05 26.04 12.01
N ASN G 279 72.78 26.56 10.82
CA ASN G 279 72.85 25.72 9.63
C ASN G 279 72.52 26.53 8.38
N SER G 280 72.62 25.89 7.21
CA SER G 280 72.25 26.51 5.96
C SER G 280 71.39 25.55 5.16
N TYR G 281 70.37 26.10 4.49
CA TYR G 281 69.42 25.32 3.73
C TYR G 281 69.32 25.88 2.32
N GLU G 282 69.17 24.98 1.36
CA GLU G 282 69.01 25.36 -0.05
C GLU G 282 67.57 25.08 -0.45
N THR G 283 66.86 26.12 -0.88
CA THR G 283 65.44 26.01 -1.15
C THR G 283 65.10 26.76 -2.43
N ASP G 284 63.98 26.35 -3.04
CA ASP G 284 63.43 27.03 -4.21
C ASP G 284 62.44 28.12 -3.84
N LEU G 285 61.77 27.98 -2.68
CA LEU G 285 60.84 29.01 -2.23
C LEU G 285 60.83 29.04 -0.71
N ALA G 286 60.91 30.25 -0.16
CA ALA G 286 60.82 30.48 1.28
C ALA G 286 59.55 31.27 1.56
N ILE G 287 58.81 30.85 2.60
CA ILE G 287 57.58 31.52 3.01
C ILE G 287 57.78 32.06 4.42
N LEU G 288 57.52 33.35 4.59
CA LEU G 288 57.77 34.05 5.84
C LEU G 288 56.45 34.13 6.60
N CYS G 289 56.30 33.31 7.65
CA CYS G 289 55.07 33.38 8.46
C CYS G 289 55.47 33.34 9.93
N ILE G 290 55.97 34.46 10.43
CA ILE G 290 56.48 34.53 11.80
C ILE G 290 55.61 35.45 12.65
N GLY G 291 54.33 35.55 12.34
CA GLY G 291 53.40 36.29 13.16
C GLY G 291 52.84 37.52 12.47
N PHE G 292 51.91 38.17 13.17
CA PHE G 292 51.20 39.36 12.70
C PHE G 292 51.60 40.57 13.53
N ARG G 293 51.56 41.72 12.89
CA ARG G 293 51.70 42.99 13.58
C ARG G 293 50.48 43.86 13.27
N PRO G 294 49.81 44.39 14.28
CA PRO G 294 48.63 45.24 14.02
C PRO G 294 49.00 46.35 13.06
N ASN G 295 48.15 46.58 12.07
CA ASN G 295 48.38 47.57 11.02
C ASN G 295 47.69 48.88 11.40
N THR G 296 48.25 49.51 12.42
CA THR G 296 47.58 50.61 13.10
C THR G 296 48.37 51.92 13.05
N ASP G 297 49.38 52.03 12.18
CA ASP G 297 50.22 53.22 12.19
C ASP G 297 49.43 54.51 12.00
N LEU G 298 48.31 54.47 11.28
CA LEU G 298 47.51 55.67 11.11
C LEU G 298 47.12 56.32 12.43
N LEU G 299 47.02 55.54 13.51
CA LEU G 299 46.59 56.09 14.80
C LEU G 299 47.67 56.02 15.89
N LYS G 300 48.91 55.70 15.54
CA LYS G 300 49.97 55.71 16.54
C LYS G 300 50.06 57.10 17.16
N GLY G 301 50.16 57.16 18.48
CA GLY G 301 50.15 58.42 19.19
C GLY G 301 48.80 59.08 19.33
N LYS G 302 47.74 58.50 18.74
CA LYS G 302 46.42 59.11 18.74
C LYS G 302 45.38 58.35 19.56
N VAL G 303 45.54 57.04 19.76
CA VAL G 303 44.73 56.29 20.70
C VAL G 303 45.62 55.33 21.47
N ASP G 304 45.14 54.90 22.64
CA ASP G 304 45.93 54.00 23.46
C ASP G 304 46.12 52.66 22.77
N MET G 305 47.35 52.17 22.80
CA MET G 305 47.73 50.93 22.16
C MET G 305 48.58 50.10 23.09
N ALA G 306 48.57 48.79 22.85
CA ALA G 306 49.48 47.87 23.52
C ALA G 306 50.87 48.06 22.93
N PRO G 307 51.88 47.46 23.56
CA PRO G 307 53.26 47.65 23.06
C PRO G 307 53.45 47.34 21.59
N ASN G 308 52.72 46.37 21.04
CA ASN G 308 52.87 46.01 19.64
C ASN G 308 52.00 46.85 18.73
N GLY G 309 51.26 47.80 19.27
CA GLY G 309 50.42 48.64 18.45
C GLY G 309 48.98 48.22 18.36
N ALA G 310 48.58 47.14 19.03
CA ALA G 310 47.17 46.78 19.02
C ALA G 310 46.37 47.84 19.77
N ILE G 311 45.23 48.21 19.19
CA ILE G 311 44.38 49.24 19.78
C ILE G 311 43.63 48.68 20.98
N ILE G 312 43.75 49.37 22.12
CA ILE G 312 43.01 49.01 23.33
C ILE G 312 41.57 49.50 23.21
N THR G 313 40.61 48.67 23.62
CA THR G 313 39.21 49.07 23.60
C THR G 313 38.55 48.83 24.94
N ASP G 314 37.45 49.52 25.18
CA ASP G 314 36.60 49.20 26.31
C ASP G 314 35.73 48.00 25.94
N ASP G 315 34.77 47.65 26.80
CA ASP G 315 33.89 46.51 26.55
C ASP G 315 32.90 46.74 25.42
N TYR G 316 32.90 47.91 24.79
CA TYR G 316 32.02 48.17 23.66
C TYR G 316 32.80 48.32 22.36
N MET G 317 34.09 48.00 22.40
CA MET G 317 34.98 48.09 21.25
C MET G 317 35.35 49.54 20.92
N ARG G 318 35.19 50.46 21.87
CA ARG G 318 35.60 51.85 21.69
C ARG G 318 37.05 52.05 22.13
N SER G 319 37.82 52.80 21.34
CA SER G 319 39.18 53.13 21.71
C SER G 319 39.20 54.23 22.78
N SER G 320 40.40 54.68 23.14
CA SER G 320 40.52 55.84 24.03
C SER G 320 39.88 57.09 23.43
N ASN G 321 39.71 57.17 22.11
CA ASN G 321 38.90 58.21 21.49
C ASN G 321 37.51 57.67 21.24
N PRO G 322 36.46 58.26 21.83
CA PRO G 322 35.14 57.61 21.82
C PRO G 322 34.44 57.60 20.48
N ASP G 323 34.95 58.29 19.46
CA ASP G 323 34.34 58.22 18.13
C ASP G 323 35.07 57.25 17.21
N ILE G 324 36.13 56.62 17.69
CA ILE G 324 36.90 55.65 16.91
C ILE G 324 36.70 54.28 17.55
N PHE G 325 36.18 53.33 16.78
CA PHE G 325 36.06 51.94 17.21
C PHE G 325 37.14 51.11 16.53
N ALA G 326 37.43 49.96 17.13
CA ALA G 326 38.36 49.00 16.54
C ALA G 326 37.75 47.60 16.66
N ALA G 327 38.03 46.76 15.66
CA ALA G 327 37.57 45.39 15.64
C ALA G 327 38.51 44.59 14.75
N GLY G 328 38.75 43.33 15.11
CA GLY G 328 39.62 42.49 14.32
C GLY G 328 41.08 42.63 14.71
N ASP G 329 41.96 42.27 13.77
CA ASP G 329 43.40 42.22 14.03
C ASP G 329 44.01 43.60 14.31
N SER G 330 43.28 44.68 14.10
CA SER G 330 43.79 45.97 14.54
C SER G 330 43.68 46.14 16.04
N ALA G 331 42.93 45.27 16.71
CA ALA G 331 42.53 45.50 18.09
C ALA G 331 43.08 44.41 18.99
N ALA G 332 43.27 44.75 20.26
CA ALA G 332 43.59 43.73 21.22
C ALA G 332 42.32 42.99 21.60
N VAL G 333 42.47 41.83 22.22
CA VAL G 333 41.32 41.13 22.77
C VAL G 333 41.39 41.27 24.29
N HIS G 334 40.23 41.11 24.92
CA HIS G 334 40.15 40.93 26.37
C HIS G 334 40.27 39.44 26.65
N TYR G 335 41.42 39.02 27.18
CA TYR G 335 41.75 37.62 27.38
C TYR G 335 41.24 37.16 28.74
N ASN G 336 40.17 36.36 28.75
CA ASN G 336 39.50 36.01 30.00
C ASN G 336 40.35 35.24 30.97
N PRO G 337 41.19 34.28 30.56
CA PRO G 337 41.95 33.52 31.55
C PRO G 337 42.84 34.38 32.45
N THR G 338 43.38 35.49 31.94
CA THR G 338 44.21 36.35 32.75
C THR G 338 43.56 37.69 33.07
N HIS G 339 42.39 37.97 32.50
CA HIS G 339 41.76 39.28 32.59
C HIS G 339 42.73 40.40 32.23
N GLN G 340 43.42 40.22 31.11
CA GLN G 340 44.31 41.23 30.58
C GLN G 340 44.09 41.38 29.08
N ASN G 341 44.59 42.49 28.53
CA ASN G 341 44.59 42.66 27.09
C ASN G 341 45.69 41.77 26.50
N ALA G 342 45.41 41.21 25.33
CA ALA G 342 46.38 40.38 24.64
C ALA G 342 46.20 40.60 23.15
N TYR G 343 47.16 40.08 22.39
CA TYR G 343 47.10 40.13 20.94
C TYR G 343 47.22 38.71 20.43
N ILE G 344 46.07 38.12 20.07
CA ILE G 344 45.97 36.75 19.58
C ILE G 344 45.06 36.83 18.37
N PRO G 345 45.57 37.22 17.20
CA PRO G 345 44.67 37.53 16.07
C PRO G 345 44.07 36.26 15.49
N LEU G 346 42.74 36.21 15.45
CA LEU G 346 41.97 35.07 14.96
C LEU G 346 40.74 35.62 14.28
N ALA G 347 40.33 34.99 13.18
CA ALA G 347 39.11 35.42 12.51
C ALA G 347 37.92 35.47 13.44
N THR G 348 37.87 34.59 14.45
CA THR G 348 36.74 34.57 15.37
C THR G 348 36.59 35.92 16.05
N ASN G 349 37.70 36.63 16.30
CA ASN G 349 37.63 37.95 16.94
C ASN G 349 37.08 38.98 15.99
N ALA G 350 37.40 38.86 14.70
CA ALA G 350 36.98 39.84 13.71
C ALA G 350 35.47 39.80 13.53
N VAL G 351 34.89 38.61 13.40
CA VAL G 351 33.45 38.55 13.14
C VAL G 351 32.67 39.03 14.36
N ARG G 352 33.17 38.74 15.56
CA ARG G 352 32.45 39.13 16.78
C ARG G 352 32.58 40.62 17.04
N GLN G 353 33.81 41.13 17.03
CA GLN G 353 34.05 42.55 17.31
C GLN G 353 33.39 43.44 16.27
N GLY G 354 33.33 42.99 15.01
CA GLY G 354 32.67 43.79 13.99
C GLY G 354 31.19 43.92 14.25
N ILE G 355 30.54 42.83 14.64
CA ILE G 355 29.14 42.91 15.05
C ILE G 355 28.98 43.86 16.22
N LEU G 356 29.88 43.79 17.19
CA LEU G 356 29.78 44.63 18.38
C LEU G 356 29.92 46.12 18.03
N VAL G 357 30.87 46.45 17.15
CA VAL G 357 30.96 47.84 16.68
C VAL G 357 29.60 48.32 16.18
N GLY G 358 28.97 47.53 15.31
CA GLY G 358 27.69 47.93 14.75
C GLY G 358 26.61 48.04 15.81
N LYS G 359 26.64 47.17 16.81
CA LYS G 359 25.64 47.25 17.86
C LYS G 359 25.89 48.44 18.78
N ASN G 360 27.13 48.92 18.86
CA ASN G 360 27.53 49.90 19.85
C ASN G 360 27.87 51.26 19.24
N LEU G 361 27.59 51.47 17.96
CA LEU G 361 28.06 52.67 17.26
C LEU G 361 27.53 53.94 17.90
N VAL G 362 26.25 53.95 18.28
CA VAL G 362 25.61 55.14 18.83
C VAL G 362 25.76 55.20 20.34
N LYS G 363 25.43 54.12 21.03
CA LYS G 363 25.57 54.07 22.49
C LYS G 363 25.90 52.66 22.91
N PRO G 364 26.56 52.49 24.06
CA PRO G 364 26.86 51.13 24.55
C PRO G 364 25.61 50.29 24.67
N THR G 365 25.58 49.18 23.94
CA THR G 365 24.41 48.29 23.94
C THR G 365 24.75 46.85 24.27
N VAL G 366 25.84 46.31 23.74
CA VAL G 366 26.21 44.91 23.97
C VAL G 366 27.66 44.84 24.39
N LYS G 367 27.91 44.25 25.56
CA LYS G 367 29.26 44.10 26.07
C LYS G 367 30.00 42.98 25.36
N TYR G 368 31.26 43.24 25.06
CA TYR G 368 32.21 42.23 24.61
C TYR G 368 32.46 41.21 25.71
N MET G 369 32.31 39.92 25.39
CA MET G 369 32.45 38.83 26.37
C MET G 369 33.90 38.40 26.59
N GLY G 370 34.87 39.03 25.94
CA GLY G 370 36.22 38.55 26.02
C GLY G 370 36.42 37.30 25.18
N THR G 371 37.56 36.64 25.38
CA THR G 371 37.81 35.43 24.62
C THR G 371 38.73 34.52 25.41
N GLN G 372 38.69 33.25 25.04
CA GLN G 372 39.60 32.21 25.49
C GLN G 372 40.66 31.92 24.44
N SER G 373 40.57 32.57 23.28
CA SER G 373 41.44 32.31 22.15
C SER G 373 41.41 30.84 21.79
N SER G 374 40.22 30.26 21.78
CA SER G 374 40.08 28.86 21.37
C SER G 374 40.55 28.73 19.93
N SER G 375 41.29 27.66 19.65
CA SER G 375 41.84 27.51 18.32
C SER G 375 42.29 26.08 18.10
N GLY G 376 42.46 25.73 16.84
CA GLY G 376 43.04 24.44 16.54
C GLY G 376 43.14 24.22 15.04
N LEU G 377 43.44 22.98 14.69
CA LEU G 377 43.68 22.67 13.29
C LEU G 377 43.67 21.16 13.10
N ALA G 378 43.77 20.75 11.86
CA ALA G 378 43.92 19.35 11.49
C ALA G 378 45.28 19.18 10.83
N LEU G 379 46.06 18.22 11.31
CA LEU G 379 47.38 17.92 10.73
C LEU G 379 47.53 16.41 10.58
N TYR G 380 47.76 15.94 9.35
CA TYR G 380 47.99 14.53 9.09
C TYR G 380 46.94 13.66 9.76
N ASP G 381 45.67 14.03 9.58
CA ASP G 381 44.52 13.28 10.08
C ASP G 381 44.30 13.41 11.60
N ARG G 382 45.14 14.14 12.32
CA ARG G 382 44.86 14.43 13.73
C ARG G 382 44.12 15.75 13.88
N THR G 383 43.09 15.74 14.73
CA THR G 383 42.48 16.96 15.22
C THR G 383 43.22 17.43 16.49
N ILE G 384 43.68 18.69 16.49
CA ILE G 384 44.43 19.24 17.63
C ILE G 384 43.82 20.59 18.00
N VAL G 385 43.22 20.68 19.20
CA VAL G 385 42.49 21.88 19.60
C VAL G 385 42.87 22.27 21.02
N SER G 386 42.73 23.57 21.33
CA SER G 386 43.04 24.05 22.67
C SER G 386 42.23 25.31 22.94
N THR G 387 42.13 25.65 24.23
CA THR G 387 41.54 26.91 24.64
C THR G 387 42.21 27.31 25.95
N GLY G 388 42.24 28.62 26.20
CA GLY G 388 42.85 29.15 27.41
C GLY G 388 44.35 28.90 27.44
N LEU G 389 44.87 28.79 28.66
CA LEU G 389 46.32 28.81 28.87
C LEU G 389 46.90 27.41 28.78
N THR G 390 48.04 27.30 28.08
CA THR G 390 48.86 26.11 28.28
C THR G 390 49.49 26.19 29.67
N LEU G 391 50.01 25.05 30.14
CA LEU G 391 50.79 25.11 31.38
C LEU G 391 52.03 25.98 31.17
N ALA G 392 52.75 25.75 30.08
CA ALA G 392 53.97 26.54 29.82
C ALA G 392 53.67 28.02 29.91
N ALA G 393 52.60 28.47 29.26
CA ALA G 393 52.28 29.90 29.26
C ALA G 393 51.85 30.37 30.65
N ALA G 394 51.09 29.56 31.37
CA ALA G 394 50.62 29.98 32.68
C ALA G 394 51.79 30.19 33.64
N LYS G 395 52.75 29.26 33.64
CA LYS G 395 53.91 29.40 34.52
C LYS G 395 54.87 30.47 34.02
N GLN G 396 54.94 30.68 32.69
CA GLN G 396 55.75 31.76 32.16
C GLN G 396 55.26 33.12 32.63
N GLN G 397 53.94 33.26 32.81
CA GLN G 397 53.35 34.49 33.34
C GLN G 397 53.16 34.46 34.85
N GLY G 398 53.75 33.50 35.54
CA GLY G 398 53.76 33.49 36.98
C GLY G 398 52.46 33.12 37.65
N LEU G 399 51.55 32.44 36.96
CA LEU G 399 50.29 32.07 37.58
C LEU G 399 50.45 30.82 38.43
N ASN G 400 49.58 30.70 39.43
CA ASN G 400 49.46 29.46 40.18
C ASN G 400 48.73 28.46 39.28
N ALA G 401 49.44 27.43 38.82
CA ALA G 401 48.90 26.59 37.77
C ALA G 401 49.48 25.19 37.86
N GLU G 402 48.63 24.18 37.62
CA GLU G 402 49.06 22.80 37.48
C GLU G 402 48.30 22.20 36.31
N GLN G 403 48.70 20.99 35.93
CA GLN G 403 48.18 20.33 34.75
C GLN G 403 48.07 18.83 34.98
N VAL G 404 47.03 18.21 34.41
CA VAL G 404 47.02 16.78 34.22
C VAL G 404 46.99 16.50 32.73
N ILE G 405 47.65 15.42 32.33
CA ILE G 405 47.60 14.88 30.98
C ILE G 405 46.93 13.52 31.09
N VAL G 406 45.92 13.27 30.25
CA VAL G 406 45.17 12.01 30.27
C VAL G 406 45.05 11.51 28.85
N GLU G 407 45.34 10.22 28.65
CA GLU G 407 45.15 9.56 27.37
C GLU G 407 44.14 8.43 27.57
N ASP G 408 43.02 8.52 26.86
CA ASP G 408 41.99 7.50 26.95
C ASP G 408 41.39 7.31 25.57
N ASN G 409 40.86 6.11 25.32
CA ASN G 409 40.03 5.93 24.14
C ASN G 409 38.75 6.73 24.31
N TYR G 410 38.34 7.45 23.26
CA TYR G 410 37.22 8.38 23.45
C TYR G 410 35.92 7.64 23.68
N ARG G 411 35.81 6.39 23.19
CA ARG G 411 34.62 5.58 23.44
C ARG G 411 35.03 4.13 23.70
N PRO G 412 34.10 3.26 24.12
CA PRO G 412 34.50 1.95 24.65
C PRO G 412 35.15 1.04 23.63
N GLU G 413 36.09 0.21 24.13
CA GLU G 413 36.79 -0.74 23.29
C GLU G 413 35.87 -1.79 22.69
N PHE G 414 34.69 -2.00 23.27
CA PHE G 414 33.82 -3.02 22.70
C PHE G 414 33.13 -2.57 21.41
N MET G 415 33.24 -1.29 21.04
CA MET G 415 32.70 -0.82 19.78
C MET G 415 33.55 -1.35 18.62
N PRO G 416 33.04 -1.29 17.39
CA PRO G 416 33.83 -1.79 16.25
C PRO G 416 35.17 -1.08 16.11
N SER G 417 35.27 0.17 16.55
CA SER G 417 36.53 0.90 16.56
C SER G 417 36.49 1.93 17.67
N THR G 418 37.67 2.43 18.04
CA THR G 418 37.81 3.56 18.93
C THR G 418 39.14 4.24 18.60
N GLU G 419 39.39 5.37 19.24
CA GLU G 419 40.60 6.14 18.98
C GLU G 419 41.08 6.72 20.31
N PRO G 420 42.37 6.70 20.58
CA PRO G 420 42.88 7.41 21.76
C PRO G 420 42.71 8.91 21.58
N VAL G 421 42.42 9.58 22.68
CA VAL G 421 42.42 11.04 22.72
C VAL G 421 43.41 11.46 23.81
N LEU G 422 44.36 12.31 23.46
CA LEU G 422 45.30 12.85 24.43
C LEU G 422 44.75 14.19 24.91
N MET G 423 44.73 14.37 26.22
CA MET G 423 44.01 15.49 26.81
C MET G 423 44.85 16.19 27.85
N SER G 424 44.64 17.49 27.98
CA SER G 424 45.34 18.33 28.92
C SER G 424 44.33 19.25 29.58
N LEU G 425 44.41 19.39 30.88
CA LEU G 425 43.61 20.36 31.61
C LEU G 425 44.55 21.15 32.51
N VAL G 426 44.47 22.48 32.43
CA VAL G 426 45.34 23.38 33.16
C VAL G 426 44.47 24.15 34.14
N PHE G 427 44.85 24.14 35.42
CA PHE G 427 43.96 24.65 36.44
C PHE G 427 44.75 25.28 37.56
N ASP G 428 44.08 26.17 38.29
CA ASP G 428 44.61 26.73 39.52
C ASP G 428 44.46 25.70 40.64
N PRO G 429 45.55 25.20 41.22
CA PRO G 429 45.43 24.09 42.19
C PRO G 429 44.78 24.50 43.50
N ASP G 430 44.69 25.79 43.80
CA ASP G 430 44.06 26.27 45.03
C ASP G 430 42.60 26.63 44.85
N THR G 431 42.29 27.45 43.84
CA THR G 431 40.90 27.80 43.57
C THR G 431 40.16 26.74 42.77
N HIS G 432 40.87 25.81 42.14
CA HIS G 432 40.32 24.79 41.25
C HIS G 432 39.78 25.37 39.95
N ARG G 433 40.02 26.65 39.68
CA ARG G 433 39.54 27.27 38.45
C ARG G 433 40.25 26.68 37.22
N ILE G 434 39.48 26.38 36.18
CA ILE G 434 40.07 25.92 34.93
C ILE G 434 40.72 27.09 34.22
N LEU G 435 41.98 26.91 33.81
CA LEU G 435 42.70 27.96 33.09
C LEU G 435 42.83 27.69 31.59
N GLY G 436 42.69 26.45 31.15
CA GLY G 436 42.82 26.11 29.75
C GLY G 436 42.79 24.61 29.60
N GLY G 437 42.80 24.16 28.34
CA GLY G 437 42.79 22.72 28.08
C GLY G 437 43.02 22.46 26.61
N ALA G 438 43.28 21.20 26.29
CA ALA G 438 43.58 20.86 24.91
C ALA G 438 43.22 19.40 24.69
N LEU G 439 42.86 19.06 23.45
CA LEU G 439 42.58 17.68 23.08
C LEU G 439 43.18 17.38 21.71
N MET G 440 43.60 16.13 21.53
CA MET G 440 44.23 15.70 20.30
C MET G 440 43.85 14.26 20.02
N SER G 441 43.33 14.00 18.82
CA SER G 441 42.86 12.66 18.50
C SER G 441 42.71 12.53 16.99
N LYS G 442 42.76 11.29 16.52
CA LYS G 442 42.31 11.03 15.16
C LYS G 442 40.80 11.12 15.04
N TYR G 443 40.07 10.95 16.14
CA TYR G 443 38.65 11.28 16.18
C TYR G 443 38.49 12.78 16.30
N ASP G 444 37.49 13.33 15.60
CA ASP G 444 37.32 14.79 15.59
C ASP G 444 36.78 15.31 16.91
N VAL G 445 37.67 15.71 17.82
CA VAL G 445 37.32 16.16 19.17
C VAL G 445 37.19 17.68 19.22
N SER G 446 37.10 18.33 18.05
CA SER G 446 37.21 19.78 18.03
C SER G 446 36.11 20.45 18.84
N GLN G 447 34.90 19.87 18.87
CA GLN G 447 33.81 20.53 19.61
C GLN G 447 34.08 20.58 21.11
N SER G 448 34.89 19.65 21.64
CA SER G 448 35.19 19.65 23.07
C SER G 448 36.01 20.87 23.49
N ALA G 449 36.80 21.45 22.57
CA ALA G 449 37.47 22.71 22.91
C ALA G 449 36.47 23.83 23.13
N ASN G 450 35.34 23.80 22.43
CA ASN G 450 34.31 24.79 22.68
C ASN G 450 33.57 24.55 23.99
N THR G 451 33.40 23.29 24.38
CA THR G 451 32.88 23.03 25.71
C THR G 451 33.80 23.63 26.77
N LEU G 452 35.10 23.35 26.68
CA LEU G 452 36.05 23.96 27.61
C LEU G 452 35.97 25.48 27.57
N SER G 453 35.80 26.05 26.38
CA SER G 453 35.72 27.51 26.31
C SER G 453 34.56 28.02 27.14
N VAL G 454 33.40 27.37 27.03
CA VAL G 454 32.24 27.81 27.79
C VAL G 454 32.46 27.60 29.29
N CYS G 455 33.10 26.48 29.65
CA CYS G 455 33.49 26.29 31.04
C CYS G 455 34.29 27.48 31.55
N ILE G 456 35.33 27.88 30.80
CA ILE G 456 36.20 28.97 31.22
C ILE G 456 35.45 30.30 31.22
N GLN G 457 34.63 30.53 30.19
CA GLN G 457 33.81 31.75 30.16
C GLN G 457 33.01 31.90 31.46
N ASN G 458 32.47 30.80 31.98
CA ASN G 458 31.67 30.84 33.19
C ASN G 458 32.49 30.59 34.45
N GLU G 459 33.83 30.69 34.36
CA GLU G 459 34.71 30.53 35.53
C GLU G 459 34.48 29.20 36.25
N ASN G 460 34.15 28.15 35.52
CA ASN G 460 33.94 26.85 36.14
C ASN G 460 35.26 26.27 36.64
N THR G 461 35.14 25.33 37.58
CA THR G 461 36.28 24.69 38.23
C THR G 461 36.43 23.27 37.71
N ILE G 462 37.54 22.65 38.10
CA ILE G 462 37.72 21.24 37.75
C ILE G 462 36.61 20.37 38.36
N ASP G 463 36.00 20.83 39.46
CA ASP G 463 34.97 20.02 40.12
C ASP G 463 33.62 20.11 39.39
N ASP G 464 33.31 21.30 38.86
CA ASP G 464 32.20 21.46 37.93
C ASP G 464 32.34 20.49 36.76
N LEU G 465 33.50 20.50 36.11
CA LEU G 465 33.66 19.72 34.88
C LEU G 465 33.72 18.23 35.16
N ALA G 466 34.26 17.84 36.31
CA ALA G 466 34.30 16.43 36.69
C ALA G 466 32.91 15.80 36.75
N MET G 467 31.88 16.58 37.09
CA MET G 467 30.56 16.01 37.33
C MET G 467 29.43 16.61 36.49
N VAL G 468 29.66 17.69 35.75
CA VAL G 468 28.55 18.30 35.00
C VAL G 468 27.95 17.26 34.06
N ASP G 469 26.61 17.30 33.93
CA ASP G 469 25.89 16.37 33.06
C ASP G 469 26.45 16.41 31.64
N MET G 470 26.76 15.24 31.10
CA MET G 470 27.12 15.09 29.70
C MET G 470 26.59 13.73 29.28
N LEU G 471 26.10 13.63 28.05
CA LEU G 471 25.39 12.43 27.64
C LEU G 471 26.34 11.24 27.49
N PHE G 472 25.78 10.04 27.64
CA PHE G 472 26.49 8.79 27.40
C PHE G 472 25.74 8.01 26.33
N GLN G 473 26.46 7.64 25.27
CA GLN G 473 25.97 6.63 24.38
C GLN G 473 27.26 6.07 23.79
N PRO G 474 27.41 4.74 23.75
CA PRO G 474 28.72 4.15 23.40
C PRO G 474 29.20 4.46 21.99
N ASN G 475 28.34 4.97 21.10
CA ASN G 475 28.83 5.51 19.83
C ASN G 475 29.69 6.74 20.00
N PHE G 476 29.55 7.43 21.13
CA PHE G 476 30.15 8.74 21.34
C PHE G 476 31.15 8.80 22.48
N ASP G 477 31.00 8.00 23.53
CA ASP G 477 31.84 8.12 24.71
C ASP G 477 31.56 6.96 25.65
N ARG G 478 32.33 6.90 26.74
CA ARG G 478 32.06 6.03 27.88
C ARG G 478 31.02 6.66 28.78
N PRO G 479 30.54 5.91 29.80
CA PRO G 479 29.51 6.47 30.68
C PRO G 479 29.82 7.86 31.22
N PHE G 480 31.05 8.14 31.67
CA PHE G 480 31.52 9.50 31.85
C PHE G 480 32.18 9.97 30.55
N ASN G 481 31.87 11.20 30.14
CA ASN G 481 32.51 11.77 28.96
C ASN G 481 34.00 11.97 29.22
N TYR G 482 34.81 11.86 28.17
CA TYR G 482 36.25 12.01 28.37
C TYR G 482 36.60 13.36 29.01
N LEU G 483 35.77 14.39 28.82
CA LEU G 483 36.02 15.66 29.53
C LEU G 483 35.75 15.54 31.02
N ASN G 484 34.70 14.78 31.41
CA ASN G 484 34.50 14.49 32.83
C ASN G 484 35.71 13.75 33.39
N ILE G 485 36.18 12.74 32.66
CA ILE G 485 37.30 11.92 33.11
C ILE G 485 38.55 12.78 33.27
N LEU G 486 38.80 13.65 32.30
CA LEU G 486 39.90 14.60 32.39
C LEU G 486 39.86 15.37 33.70
N ALA G 487 38.72 15.99 34.00
CA ALA G 487 38.60 16.78 35.22
C ALA G 487 38.71 15.91 36.46
N GLN G 488 38.19 14.68 36.40
CA GLN G 488 38.32 13.79 37.53
C GLN G 488 39.79 13.46 37.81
N ALA G 489 40.61 13.39 36.75
CA ALA G 489 42.05 13.22 36.93
C ALA G 489 42.67 14.43 37.62
N ALA G 490 42.22 15.63 37.25
CA ALA G 490 42.69 16.83 37.94
C ALA G 490 42.31 16.79 39.41
N GLN G 491 41.10 16.31 39.71
CA GLN G 491 40.68 16.14 41.08
C GLN G 491 41.63 15.20 41.83
N ALA G 492 41.94 14.04 41.22
CA ALA G 492 42.84 13.11 41.89
C ALA G 492 44.20 13.74 42.15
N LYS G 493 44.69 14.58 41.24
CA LYS G 493 46.00 15.20 41.44
C LYS G 493 45.97 16.16 42.62
N VAL G 494 44.92 16.96 42.73
CA VAL G 494 44.78 17.88 43.85
C VAL G 494 44.58 17.11 45.16
N ALA G 495 43.82 16.01 45.11
CA ALA G 495 43.57 15.23 46.33
C ALA G 495 44.86 14.64 46.89
N GLN G 496 45.71 14.10 46.02
CA GLN G 496 46.95 13.48 46.48
C GLN G 496 47.93 14.50 47.06
N SER G 497 47.75 15.79 46.77
CA SER G 497 48.58 16.83 47.37
C SER G 497 47.97 17.30 48.69
N SER H 50 33.43 -0.10 63.71
CA SER H 50 33.44 0.30 62.30
C SER H 50 32.05 0.64 61.80
N MET H 51 31.99 1.38 60.69
CA MET H 51 30.72 1.74 60.08
C MET H 51 30.23 0.61 59.19
N LYS H 52 28.99 0.16 59.43
CA LYS H 52 28.39 -0.91 58.65
C LYS H 52 27.55 -0.28 57.54
N VAL H 53 27.81 -0.68 56.30
CA VAL H 53 27.12 -0.13 55.13
C VAL H 53 26.54 -1.29 54.34
N THR H 54 25.25 -1.22 54.07
CA THR H 54 24.55 -2.20 53.26
C THR H 54 24.15 -1.57 51.93
N VAL H 55 24.46 -2.24 50.81
CA VAL H 55 24.14 -1.74 49.49
C VAL H 55 23.17 -2.69 48.82
N VAL H 56 21.99 -2.19 48.48
CA VAL H 56 20.92 -2.96 47.84
C VAL H 56 21.00 -2.73 46.34
N GLY H 57 21.41 -3.77 45.59
CA GLY H 57 21.47 -3.67 44.14
C GLY H 57 22.83 -3.21 43.65
N CYS H 58 23.36 -3.86 42.60
CA CYS H 58 24.70 -3.51 42.15
C CYS H 58 24.84 -3.77 40.65
N THR H 59 24.38 -2.83 39.84
CA THR H 59 24.73 -2.81 38.42
C THR H 59 25.71 -1.68 38.16
N HIS H 60 25.25 -0.41 38.16
CA HIS H 60 26.14 0.73 37.97
C HIS H 60 26.22 1.66 39.17
N ALA H 61 25.08 2.12 39.70
CA ALA H 61 25.13 3.05 40.82
C ALA H 61 25.73 2.39 42.07
N GLY H 62 25.37 1.14 42.32
CA GLY H 62 25.98 0.43 43.44
C GLY H 62 27.47 0.23 43.23
N THR H 63 27.87 -0.10 42.00
CA THR H 63 29.28 -0.31 41.71
C THR H 63 30.09 0.94 42.02
N PHE H 64 29.68 2.09 41.47
CA PHE H 64 30.40 3.32 41.72
C PHE H 64 30.36 3.71 43.20
N ALA H 65 29.20 3.55 43.83
CA ALA H 65 29.09 3.87 45.25
C ALA H 65 30.03 3.01 46.09
N ILE H 66 30.13 1.73 45.77
CA ILE H 66 30.99 0.83 46.55
C ILE H 66 32.45 1.24 46.41
N LYS H 67 32.93 1.41 45.17
CA LYS H 67 34.33 1.79 44.98
C LYS H 67 34.63 3.11 45.65
N GLN H 68 33.70 4.05 45.61
CA GLN H 68 33.93 5.34 46.26
C GLN H 68 33.94 5.19 47.78
N ILE H 69 32.97 4.47 48.33
CA ILE H 69 32.93 4.29 49.79
C ILE H 69 34.24 3.68 50.29
N LEU H 70 34.69 2.62 49.63
CA LEU H 70 35.90 1.94 50.08
C LEU H 70 37.14 2.81 49.94
N ALA H 71 37.21 3.63 48.88
CA ALA H 71 38.36 4.52 48.72
C ALA H 71 38.37 5.60 49.79
N GLU H 72 37.20 6.14 50.13
CA GLU H 72 37.09 7.24 51.08
C GLU H 72 37.01 6.79 52.54
N HIS H 73 36.58 5.56 52.80
CA HIS H 73 36.46 5.04 54.17
C HIS H 73 36.86 3.58 54.17
N PRO H 74 38.17 3.29 54.06
CA PRO H 74 38.61 1.91 53.83
C PRO H 74 38.31 0.96 54.97
N ASP H 75 37.96 1.48 56.15
CA ASP H 75 37.63 0.65 57.30
C ASP H 75 36.13 0.50 57.47
N ALA H 76 35.36 0.82 56.45
CA ALA H 76 33.92 0.58 56.48
C ALA H 76 33.65 -0.86 56.06
N GLU H 77 32.69 -1.48 56.73
CA GLU H 77 32.29 -2.85 56.43
C GLU H 77 31.12 -2.77 55.46
N VAL H 78 31.42 -2.99 54.18
CA VAL H 78 30.44 -2.83 53.11
C VAL H 78 29.93 -4.20 52.73
N THR H 79 28.61 -4.37 52.79
CA THR H 79 27.95 -5.57 52.31
C THR H 79 27.03 -5.17 51.15
N VAL H 80 27.11 -5.88 50.04
CA VAL H 80 26.28 -5.60 48.88
C VAL H 80 25.52 -6.85 48.49
N TYR H 81 24.22 -6.72 48.30
CA TYR H 81 23.38 -7.79 47.81
C TYR H 81 22.94 -7.47 46.40
N GLU H 82 23.00 -8.47 45.53
CA GLU H 82 22.55 -8.34 44.15
C GLU H 82 21.82 -9.61 43.75
N ARG H 83 20.59 -9.46 43.26
CA ARG H 83 19.82 -10.60 42.76
C ARG H 83 20.56 -11.39 41.70
N ASN H 84 21.19 -10.70 40.73
CA ASN H 84 21.80 -11.38 39.61
C ASN H 84 23.14 -12.00 40.04
N ASP H 85 23.78 -12.70 39.13
CA ASP H 85 25.13 -13.18 39.38
C ASP H 85 26.19 -12.35 38.68
N VAL H 86 25.83 -11.19 38.11
CA VAL H 86 26.79 -10.29 37.47
C VAL H 86 26.58 -8.87 37.99
N ILE H 87 27.56 -8.01 37.72
CA ILE H 87 27.46 -6.58 37.96
C ILE H 87 28.06 -5.85 36.76
N SER H 88 27.77 -4.55 36.68
CA SER H 88 28.35 -3.62 35.71
C SER H 88 27.98 -3.90 34.26
N PHE H 89 26.91 -4.66 33.98
CA PHE H 89 26.53 -4.91 32.58
C PHE H 89 26.01 -3.62 31.95
N LEU H 90 26.54 -3.29 30.77
CA LEU H 90 26.11 -2.07 30.06
C LEU H 90 25.00 -2.47 29.09
N SER H 91 23.76 -2.16 29.46
CA SER H 91 22.60 -2.50 28.61
C SER H 91 22.63 -1.79 27.26
N CYS H 92 23.36 -0.68 27.14
CA CYS H 92 23.51 -0.06 25.82
C CYS H 92 24.13 -1.03 24.82
N GLY H 93 24.83 -2.05 25.31
CA GLY H 93 25.41 -3.01 24.41
C GLY H 93 24.44 -3.97 23.78
N ILE H 94 23.19 -4.02 24.27
CA ILE H 94 22.25 -5.01 23.77
C ILE H 94 21.96 -4.76 22.30
N ALA H 95 21.50 -3.55 21.98
CA ALA H 95 21.16 -3.25 20.59
C ALA H 95 22.39 -3.35 19.71
N LEU H 96 23.56 -2.99 20.25
CA LEU H 96 24.81 -3.07 19.50
C LEU H 96 25.15 -4.51 19.15
N TYR H 97 25.05 -5.42 20.13
CA TYR H 97 25.27 -6.83 19.82
C TYR H 97 24.28 -7.29 18.75
N LEU H 98 22.99 -7.14 19.02
CA LEU H 98 21.98 -7.51 18.04
C LEU H 98 22.25 -6.88 16.67
N GLY H 99 22.74 -5.65 16.66
CA GLY H 99 23.07 -5.05 15.38
C GLY H 99 24.34 -5.56 14.74
N GLY H 100 24.98 -6.55 15.35
CA GLY H 100 26.22 -7.09 14.81
C GLY H 100 27.45 -6.24 15.04
N LYS H 101 27.45 -5.37 16.05
CA LYS H 101 28.55 -4.44 16.25
C LYS H 101 29.41 -4.78 17.47
N VAL H 102 29.10 -5.84 18.20
CA VAL H 102 29.87 -6.22 19.38
C VAL H 102 30.44 -7.62 19.14
N ALA H 103 31.77 -7.70 19.05
CA ALA H 103 32.42 -8.99 18.82
C ALA H 103 32.34 -9.88 20.05
N ASP H 104 32.70 -9.34 21.21
CA ASP H 104 32.81 -10.13 22.44
C ASP H 104 31.92 -9.55 23.53
N PRO H 105 30.81 -10.22 23.88
CA PRO H 105 29.89 -9.63 24.86
C PRO H 105 30.49 -9.45 26.25
N GLN H 106 31.62 -10.09 26.57
CA GLN H 106 32.24 -9.86 27.86
C GLN H 106 32.87 -8.48 27.95
N GLY H 107 33.10 -7.82 26.81
CA GLY H 107 33.54 -6.43 26.86
C GLY H 107 32.48 -5.50 27.42
N LEU H 108 31.23 -5.96 27.53
CA LEU H 108 30.12 -5.14 28.00
C LEU H 108 30.04 -5.07 29.52
N PHE H 109 30.97 -5.70 30.23
CA PHE H 109 31.10 -5.58 31.68
C PHE H 109 32.40 -4.85 31.97
N TYR H 110 32.36 -3.87 32.88
CA TYR H 110 33.57 -3.15 33.22
C TYR H 110 34.11 -3.48 34.60
N SER H 111 33.37 -4.25 35.41
CA SER H 111 33.81 -4.66 36.74
C SER H 111 33.32 -6.10 36.98
N SER H 112 33.38 -6.54 38.23
CA SER H 112 32.99 -7.91 38.57
C SER H 112 32.82 -8.01 40.08
N PRO H 113 32.05 -9.01 40.55
CA PRO H 113 32.02 -9.28 42.00
C PRO H 113 33.40 -9.53 42.57
N GLU H 114 34.21 -10.31 41.85
CA GLU H 114 35.58 -10.56 42.29
C GLU H 114 36.32 -9.27 42.55
N GLU H 115 36.17 -8.29 41.65
CA GLU H 115 36.90 -7.05 41.80
C GLU H 115 36.48 -6.28 43.05
N LEU H 116 35.18 -6.24 43.33
CA LEU H 116 34.75 -5.51 44.53
C LEU H 116 35.12 -6.27 45.79
N GLN H 117 35.03 -7.59 45.76
CA GLN H 117 35.52 -8.42 46.85
C GLN H 117 36.97 -8.09 47.16
N LYS H 118 37.83 -8.21 46.14
CA LYS H 118 39.23 -7.88 46.27
C LYS H 118 39.47 -6.46 46.77
N LEU H 119 38.51 -5.55 46.57
CA LEU H 119 38.64 -4.19 47.09
C LEU H 119 38.20 -4.05 48.53
N GLY H 120 37.64 -5.11 49.12
CA GLY H 120 37.22 -5.06 50.50
C GLY H 120 35.73 -5.20 50.75
N ALA H 121 34.90 -5.32 49.72
CA ALA H 121 33.47 -5.44 49.94
C ALA H 121 33.08 -6.88 50.18
N ASN H 122 32.01 -7.07 50.95
CA ASN H 122 31.43 -8.39 51.18
C ASN H 122 30.33 -8.59 50.14
N VAL H 123 30.63 -9.34 49.10
CA VAL H 123 29.80 -9.38 47.90
C VAL H 123 28.88 -10.59 47.98
N GLN H 124 27.57 -10.35 47.98
CA GLN H 124 26.56 -11.40 48.11
C GLN H 124 25.71 -11.44 46.84
N MET H 125 26.25 -12.03 45.78
CA MET H 125 25.52 -12.26 44.55
C MET H 125 24.45 -13.32 44.77
N ASN H 126 23.46 -13.33 43.87
CA ASN H 126 22.33 -14.26 43.96
C ASN H 126 21.61 -14.15 45.29
N HIS H 127 21.52 -12.94 45.83
CA HIS H 127 20.77 -12.66 47.05
C HIS H 127 19.69 -11.64 46.77
N ASN H 128 18.50 -11.89 47.31
CA ASN H 128 17.34 -11.01 47.15
C ASN H 128 17.03 -10.36 48.49
N VAL H 129 17.18 -9.05 48.57
CA VAL H 129 16.74 -8.34 49.77
C VAL H 129 15.22 -8.38 49.82
N LEU H 130 14.67 -8.93 50.91
CA LEU H 130 13.24 -9.11 51.09
C LEU H 130 12.58 -7.99 51.89
N ALA H 131 13.29 -7.38 52.83
CA ALA H 131 12.70 -6.31 53.62
C ALA H 131 13.80 -5.37 54.10
N ILE H 132 13.39 -4.15 54.41
CA ILE H 132 14.26 -3.15 55.02
C ILE H 132 13.49 -2.50 56.15
N ASP H 133 14.06 -2.51 57.36
CA ASP H 133 13.41 -1.88 58.50
C ASP H 133 14.23 -0.68 58.94
N PRO H 134 13.86 0.54 58.52
CA PRO H 134 14.67 1.71 58.91
C PRO H 134 14.62 2.02 60.40
N ASP H 135 13.53 1.64 61.09
CA ASP H 135 13.46 1.87 62.53
C ASP H 135 14.49 1.03 63.27
N GLN H 136 14.53 -0.28 62.97
CA GLN H 136 15.53 -1.16 63.57
C GLN H 136 16.87 -1.11 62.87
N LYS H 137 16.96 -0.46 61.71
CA LYS H 137 18.18 -0.41 60.91
C LYS H 137 18.65 -1.84 60.60
N THR H 138 17.77 -2.58 59.93
CA THR H 138 18.03 -3.95 59.56
C THR H 138 17.55 -4.18 58.14
N VAL H 139 18.12 -5.20 57.51
CA VAL H 139 17.63 -5.72 56.23
C VAL H 139 17.51 -7.23 56.37
N THR H 140 16.51 -7.80 55.70
CA THR H 140 16.31 -9.24 55.66
C THR H 140 16.54 -9.70 54.23
N VAL H 141 17.39 -10.71 54.07
CA VAL H 141 17.87 -11.11 52.74
C VAL H 141 17.72 -12.60 52.57
N GLU H 142 17.47 -13.01 51.33
CA GLU H 142 17.39 -14.41 50.92
C GLU H 142 18.53 -14.77 49.99
N ASP H 143 19.20 -15.87 50.29
CA ASP H 143 20.14 -16.49 49.36
C ASP H 143 19.34 -17.31 48.36
N LEU H 144 19.39 -16.91 47.09
CA LEU H 144 18.54 -17.53 46.09
C LEU H 144 18.96 -18.94 45.74
N THR H 145 20.18 -19.34 46.10
CA THR H 145 20.60 -20.70 45.77
C THR H 145 19.94 -21.73 46.70
N ASN H 146 19.77 -21.39 47.99
CA ASN H 146 19.25 -22.34 48.96
C ASN H 146 18.11 -21.79 49.80
N HIS H 147 17.58 -20.61 49.47
CA HIS H 147 16.46 -19.97 50.16
C HIS H 147 16.79 -19.52 51.57
N ALA H 148 18.01 -19.70 52.04
CA ALA H 148 18.32 -19.32 53.42
C ALA H 148 18.10 -17.82 53.61
N GLN H 149 17.42 -17.47 54.71
CA GLN H 149 17.18 -16.08 55.06
C GLN H 149 18.07 -15.70 56.25
N THR H 150 18.53 -14.45 56.23
CA THR H 150 19.32 -13.88 57.30
C THR H 150 18.84 -12.45 57.52
N THR H 151 19.12 -11.92 58.71
CA THR H 151 18.78 -10.54 59.04
C THR H 151 20.04 -9.88 59.57
N GLU H 152 20.39 -8.73 59.00
CA GLU H 152 21.64 -8.04 59.31
C GLU H 152 21.38 -6.59 59.68
N SER H 153 22.25 -6.03 60.51
CA SER H 153 22.18 -4.64 60.88
C SER H 153 23.01 -3.80 59.92
N TYR H 154 22.69 -2.52 59.87
CA TYR H 154 23.45 -1.55 59.08
C TYR H 154 23.43 -0.22 59.81
N ASP H 155 24.50 0.56 59.64
CA ASP H 155 24.49 1.95 60.04
C ASP H 155 24.01 2.87 58.93
N LYS H 156 24.38 2.58 57.68
CA LYS H 156 23.92 3.31 56.50
C LYS H 156 23.51 2.31 55.43
N LEU H 157 22.39 2.57 54.76
CA LEU H 157 21.95 1.74 53.65
C LEU H 157 21.98 2.56 52.36
N VAL H 158 22.47 1.95 51.29
CA VAL H 158 22.57 2.58 49.99
C VAL H 158 21.57 1.89 49.07
N MET H 159 20.56 2.62 48.63
CA MET H 159 19.48 2.08 47.81
C MET H 159 19.82 2.27 46.34
N THR H 160 20.51 1.30 45.76
CA THR H 160 20.85 1.36 44.36
C THR H 160 20.16 0.21 43.66
N SER H 161 18.84 0.10 43.86
CA SER H 161 18.06 -1.03 43.38
C SER H 161 17.51 -0.78 41.98
N GLY H 162 17.72 0.41 41.45
CA GLY H 162 17.53 0.63 40.04
C GLY H 162 16.07 0.59 39.64
N SER H 163 15.83 0.01 38.46
CA SER H 163 14.52 0.04 37.85
C SER H 163 14.20 -1.32 37.26
N TRP H 164 12.94 -1.46 36.85
CA TRP H 164 12.49 -2.63 36.11
C TRP H 164 11.59 -2.12 35.01
N PRO H 165 11.55 -2.81 33.87
CA PRO H 165 10.68 -2.36 32.77
C PRO H 165 9.22 -2.31 33.18
N ILE H 166 8.48 -1.39 32.55
CA ILE H 166 7.05 -1.27 32.78
C ILE H 166 6.32 -2.37 32.02
N VAL H 167 5.51 -3.15 32.73
CA VAL H 167 4.80 -4.29 32.16
C VAL H 167 3.30 -4.10 32.42
N PRO H 168 2.53 -3.72 31.40
CA PRO H 168 1.11 -3.46 31.62
C PRO H 168 0.31 -4.74 31.79
N LYS H 169 -0.84 -4.61 32.47
CA LYS H 169 -1.75 -5.74 32.65
C LYS H 169 -2.54 -5.93 31.36
N ILE H 170 -2.12 -6.90 30.55
CA ILE H 170 -2.66 -7.05 29.20
C ILE H 170 -2.81 -8.53 28.88
N PRO H 171 -3.92 -8.94 28.25
CA PRO H 171 -4.15 -10.37 28.00
C PRO H 171 -3.05 -11.00 27.17
N GLY H 172 -2.41 -12.02 27.73
CA GLY H 172 -1.40 -12.77 27.03
C GLY H 172 0.00 -12.20 27.11
N ILE H 173 0.22 -11.17 27.92
CA ILE H 173 1.55 -10.60 28.02
C ILE H 173 2.55 -11.62 28.55
N ASP H 174 2.06 -12.67 29.23
CA ASP H 174 2.93 -13.74 29.70
C ASP H 174 3.40 -14.67 28.57
N SER H 175 2.96 -14.46 27.33
CA SER H 175 3.44 -15.26 26.23
C SER H 175 4.97 -15.32 26.22
N ASP H 176 5.50 -16.47 25.78
CA ASP H 176 6.94 -16.62 25.62
C ASP H 176 7.48 -15.81 24.45
N ARG H 177 6.60 -15.34 23.57
CA ARG H 177 7.01 -14.52 22.44
C ARG H 177 7.08 -13.04 22.80
N VAL H 178 6.76 -12.67 24.03
CA VAL H 178 6.93 -11.32 24.53
C VAL H 178 8.15 -11.32 25.45
N LYS H 179 9.15 -10.49 25.11
CA LYS H 179 10.42 -10.50 25.83
C LYS H 179 10.76 -9.11 26.35
N LEU H 180 11.41 -9.07 27.51
CA LEU H 180 11.96 -7.85 28.07
C LEU H 180 13.36 -7.57 27.50
N CYS H 181 13.84 -6.34 27.71
CA CYS H 181 15.13 -5.96 27.17
C CYS H 181 15.77 -4.97 28.15
N LYS H 182 16.31 -5.50 29.24
CA LYS H 182 16.94 -4.66 30.25
C LYS H 182 18.31 -5.17 30.67
N ASN H 183 18.41 -6.42 31.14
CA ASN H 183 19.64 -6.88 31.77
C ASN H 183 20.34 -7.97 30.96
N TRP H 184 21.39 -8.53 31.54
CA TRP H 184 22.21 -9.52 30.82
C TRP H 184 21.43 -10.80 30.54
N ALA H 185 20.57 -11.23 31.47
CA ALA H 185 19.73 -12.38 31.18
C ALA H 185 18.87 -12.10 29.96
N HIS H 186 18.21 -10.93 29.94
CA HIS H 186 17.40 -10.56 28.80
C HIS H 186 18.20 -10.55 27.50
N ALA H 187 19.44 -10.03 27.54
CA ALA H 187 20.25 -9.95 26.32
C ALA H 187 20.53 -11.33 25.77
N GLN H 188 20.92 -12.27 26.63
CA GLN H 188 21.16 -13.63 26.16
C GLN H 188 19.93 -14.25 25.52
N ALA H 189 18.74 -14.00 26.09
CA ALA H 189 17.53 -14.53 25.48
C ALA H 189 17.28 -13.90 24.11
N LEU H 190 17.46 -12.58 23.97
CA LEU H 190 17.24 -11.96 22.67
C LEU H 190 18.24 -12.46 21.64
N ILE H 191 19.51 -12.60 22.05
CA ILE H 191 20.53 -13.09 21.12
C ILE H 191 20.11 -14.43 20.53
N GLU H 192 19.47 -15.29 21.34
CA GLU H 192 19.14 -16.64 20.87
C GLU H 192 17.86 -16.65 20.04
N ASP H 193 16.82 -15.93 20.47
CA ASP H 193 15.58 -15.87 19.69
C ASP H 193 15.77 -15.19 18.34
N ALA H 194 16.78 -14.31 18.20
CA ALA H 194 16.95 -13.57 16.96
C ALA H 194 17.13 -14.50 15.77
N LYS H 195 17.84 -15.62 15.98
CA LYS H 195 18.18 -16.51 14.89
C LYS H 195 16.94 -17.11 14.23
N GLU H 196 15.84 -17.22 14.97
CA GLU H 196 14.65 -17.88 14.48
C GLU H 196 13.51 -16.92 14.16
N ALA H 197 13.62 -15.65 14.54
CA ALA H 197 12.49 -14.72 14.49
C ALA H 197 12.72 -13.77 13.32
N LYS H 198 12.03 -14.02 12.20
CA LYS H 198 12.17 -13.15 11.06
C LYS H 198 11.42 -11.84 11.27
N ARG H 199 10.26 -11.90 11.92
CA ARG H 199 9.40 -10.75 12.13
C ARG H 199 9.51 -10.32 13.58
N ILE H 200 9.87 -9.06 13.81
CA ILE H 200 10.10 -8.50 15.13
C ILE H 200 9.17 -7.30 15.30
N THR H 201 8.42 -7.28 16.38
CA THR H 201 7.63 -6.11 16.72
C THR H 201 8.22 -5.49 17.98
N VAL H 202 8.62 -4.23 17.88
CA VAL H 202 9.14 -3.49 19.01
C VAL H 202 8.02 -2.63 19.56
N ILE H 203 7.71 -2.80 20.83
CA ILE H 203 6.59 -2.10 21.46
C ILE H 203 7.17 -1.01 22.33
N GLY H 204 7.03 0.24 21.89
CA GLY H 204 7.60 1.38 22.57
C GLY H 204 8.70 1.98 21.73
N ALA H 205 8.54 3.23 21.33
CA ALA H 205 9.51 3.91 20.47
C ALA H 205 10.25 5.01 21.23
N GLY H 206 10.62 4.72 22.47
CA GLY H 206 11.62 5.51 23.17
C GLY H 206 13.00 5.14 22.68
N TYR H 207 14.01 5.48 23.48
CA TYR H 207 15.38 5.19 23.06
C TYR H 207 15.61 3.70 22.83
N ILE H 208 15.15 2.86 23.77
CA ILE H 208 15.43 1.43 23.63
C ILE H 208 14.80 0.91 22.34
N GLY H 209 13.50 1.14 22.18
CA GLY H 209 12.81 0.65 20.99
C GLY H 209 13.40 1.20 19.70
N ALA H 210 13.71 2.50 19.67
CA ALA H 210 14.34 3.07 18.48
C ALA H 210 15.63 2.35 18.13
N GLU H 211 16.49 2.12 19.13
CA GLU H 211 17.77 1.48 18.85
C GLU H 211 17.58 0.02 18.43
N LEU H 212 16.63 -0.67 19.06
CA LEU H 212 16.34 -2.04 18.68
C LEU H 212 15.84 -2.12 17.24
N ALA H 213 14.87 -1.27 16.89
CA ALA H 213 14.28 -1.36 15.56
C ALA H 213 15.32 -1.12 14.49
N GLU H 214 16.21 -0.14 14.71
CA GLU H 214 17.32 0.08 13.80
C GLU H 214 18.27 -1.12 13.77
N ALA H 215 18.58 -1.70 14.93
CA ALA H 215 19.53 -2.80 14.93
C ALA H 215 18.95 -4.01 14.19
N TYR H 216 17.67 -4.31 14.41
CA TYR H 216 17.05 -5.44 13.74
C TYR H 216 16.85 -5.17 12.25
N SER H 217 16.55 -3.92 11.89
CA SER H 217 16.25 -3.64 10.49
C SER H 217 17.49 -3.79 9.63
N THR H 218 18.67 -3.51 10.17
CA THR H 218 19.86 -3.58 9.36
C THR H 218 20.47 -4.97 9.31
N THR H 219 19.99 -5.90 10.15
CA THR H 219 20.46 -7.27 10.13
C THR H 219 19.47 -8.23 9.48
N GLY H 220 18.48 -7.72 8.76
CA GLY H 220 17.64 -8.55 7.93
C GLY H 220 16.31 -9.00 8.50
N HIS H 221 15.79 -8.33 9.51
CA HIS H 221 14.48 -8.67 10.04
C HIS H 221 13.42 -7.74 9.50
N ASP H 222 12.17 -8.21 9.53
CA ASP H 222 11.02 -7.37 9.23
C ASP H 222 10.53 -6.79 10.55
N VAL H 223 10.68 -5.48 10.70
CA VAL H 223 10.48 -4.79 11.97
C VAL H 223 9.24 -3.92 11.87
N THR H 224 8.37 -4.04 12.86
CA THR H 224 7.31 -3.08 13.12
C THR H 224 7.61 -2.40 14.43
N LEU H 225 7.52 -1.07 14.45
CA LEU H 225 7.79 -0.27 15.64
C LEU H 225 6.50 0.41 16.08
N ILE H 226 6.05 0.12 17.30
CA ILE H 226 4.78 0.63 17.85
C ILE H 226 5.07 1.62 18.97
N ASP H 227 4.37 2.76 18.96
CA ASP H 227 4.34 3.62 20.13
C ASP H 227 2.93 4.13 20.37
N ALA H 228 2.58 4.28 21.65
CA ALA H 228 1.30 4.87 22.00
C ALA H 228 1.24 6.33 21.57
N MET H 229 2.37 7.02 21.53
CA MET H 229 2.44 8.42 21.15
C MET H 229 2.44 8.56 19.64
N ALA H 230 2.25 9.79 19.17
CA ALA H 230 2.08 10.07 17.74
C ALA H 230 3.40 10.14 16.99
N ARG H 231 4.53 10.17 17.67
CA ARG H 231 5.85 10.28 17.06
C ARG H 231 6.78 9.30 17.75
N VAL H 232 7.91 9.02 17.10
CA VAL H 232 8.95 8.25 17.79
C VAL H 232 9.71 9.21 18.69
N MET H 233 10.28 8.66 19.76
CA MET H 233 11.11 9.39 20.70
C MET H 233 10.52 10.76 21.04
N PRO H 234 9.21 10.83 21.31
CA PRO H 234 8.59 12.15 21.56
C PRO H 234 9.10 12.83 22.81
N LYS H 235 9.61 12.07 23.79
CA LYS H 235 10.17 12.67 25.00
C LYS H 235 11.41 13.51 24.71
N TYR H 236 12.17 13.17 23.66
CA TYR H 236 13.54 13.63 23.54
C TYR H 236 13.77 14.67 22.46
N PHE H 237 12.96 14.66 21.39
CA PHE H 237 13.15 15.58 20.28
C PHE H 237 11.81 16.14 19.85
N ASP H 238 11.87 17.31 19.21
CA ASP H 238 10.68 17.93 18.64
C ASP H 238 10.35 17.31 17.28
N ALA H 239 9.20 17.73 16.75
CA ALA H 239 8.66 17.10 15.55
C ALA H 239 9.57 17.27 14.34
N ASP H 240 10.25 18.42 14.22
CA ASP H 240 11.12 18.59 13.05
C ASP H 240 12.20 17.52 13.03
N PHE H 241 12.69 17.11 14.20
CA PHE H 241 13.67 16.04 14.25
C PHE H 241 13.02 14.68 14.01
N THR H 242 11.95 14.38 14.74
CA THR H 242 11.38 13.04 14.65
C THR H 242 10.72 12.78 13.30
N ASP H 243 10.33 13.83 12.57
CA ASP H 243 9.87 13.63 11.19
C ASP H 243 10.98 13.01 10.35
N VAL H 244 12.18 13.56 10.45
CA VAL H 244 13.32 13.02 9.70
C VAL H 244 13.59 11.59 10.11
N ILE H 245 13.58 11.33 11.41
CA ILE H 245 13.90 9.99 11.88
C ILE H 245 12.84 8.99 11.39
N GLU H 246 11.57 9.36 11.47
CA GLU H 246 10.53 8.47 10.97
C GLU H 246 10.71 8.21 9.48
N GLN H 247 11.05 9.24 8.70
CA GLN H 247 11.31 9.02 7.28
C GLN H 247 12.49 8.06 7.10
N ASP H 248 13.50 8.15 7.97
CA ASP H 248 14.60 7.20 7.95
C ASP H 248 14.10 5.78 8.14
N TYR H 249 13.25 5.55 9.14
CA TYR H 249 12.75 4.21 9.38
C TYR H 249 12.01 3.68 8.16
N ARG H 250 11.15 4.50 7.57
CA ARG H 250 10.42 4.07 6.36
C ARG H 250 11.38 3.78 5.22
N ASP H 251 12.36 4.67 5.01
CA ASP H 251 13.35 4.45 3.96
C ASP H 251 14.05 3.11 4.10
N HIS H 252 14.11 2.57 5.31
CA HIS H 252 14.81 1.33 5.57
C HIS H 252 13.87 0.17 5.75
N GLY H 253 12.59 0.35 5.43
CA GLY H 253 11.62 -0.72 5.44
C GLY H 253 11.02 -1.03 6.79
N VAL H 254 11.25 -0.21 7.80
CA VAL H 254 10.61 -0.44 9.08
C VAL H 254 9.19 0.10 9.01
N GLN H 255 8.23 -0.71 9.45
CA GLN H 255 6.83 -0.31 9.47
C GLN H 255 6.54 0.39 10.80
N LEU H 256 5.88 1.53 10.73
CA LEU H 256 5.62 2.36 11.89
C LEU H 256 4.15 2.26 12.27
N ALA H 257 3.89 1.99 13.55
CA ALA H 257 2.54 1.89 14.08
C ALA H 257 2.43 2.86 15.26
N LEU H 258 2.37 4.15 14.94
CA LEU H 258 2.38 5.19 15.94
C LEU H 258 0.96 5.59 16.31
N GLY H 259 0.79 5.99 17.58
CA GLY H 259 -0.54 6.27 18.07
C GLY H 259 -1.38 5.02 18.25
N GLU H 260 -0.78 3.93 18.71
CA GLU H 260 -1.46 2.67 18.91
C GLU H 260 -1.02 2.06 20.23
N THR H 261 -1.96 1.46 20.94
CA THR H 261 -1.69 0.79 22.20
C THR H 261 -2.13 -0.66 22.09
N VAL H 262 -1.30 -1.57 22.60
CA VAL H 262 -1.63 -2.98 22.47
C VAL H 262 -2.79 -3.33 23.39
N GLU H 263 -3.76 -4.07 22.87
CA GLU H 263 -4.88 -4.53 23.68
C GLU H 263 -4.73 -5.99 24.11
N SER H 264 -4.16 -6.83 23.28
CA SER H 264 -4.00 -8.23 23.65
C SER H 264 -2.88 -8.85 22.83
N PHE H 265 -2.19 -9.82 23.44
CA PHE H 265 -1.31 -10.74 22.74
C PHE H 265 -1.99 -12.10 22.68
N THR H 266 -1.98 -12.72 21.51
CA THR H 266 -2.64 -14.01 21.32
C THR H 266 -1.72 -14.94 20.55
N ASP H 267 -1.32 -16.03 21.16
CA ASP H 267 -0.46 -16.98 20.48
C ASP H 267 -1.22 -17.71 19.37
N SER H 268 -0.48 -18.08 18.33
CA SER H 268 -0.99 -18.78 17.18
C SER H 268 0.11 -19.66 16.61
N ALA H 269 -0.30 -20.68 15.84
CA ALA H 269 0.67 -21.60 15.25
C ALA H 269 1.72 -20.83 14.45
N THR H 270 1.29 -19.77 13.77
CA THR H 270 2.16 -19.00 12.88
C THR H 270 3.05 -18.00 13.62
N GLY H 271 2.76 -17.70 14.88
CA GLY H 271 3.55 -16.76 15.65
C GLY H 271 2.76 -16.10 16.77
N LEU H 272 2.86 -14.78 16.87
CA LEU H 272 2.15 -14.00 17.87
C LEU H 272 1.36 -12.89 17.19
N THR H 273 0.08 -12.81 17.50
CA THR H 273 -0.79 -11.78 16.95
C THR H 273 -0.95 -10.69 17.99
N ILE H 274 -0.56 -9.47 17.61
CA ILE H 274 -0.63 -8.29 18.47
C ILE H 274 -1.82 -7.47 18.01
N LYS H 275 -2.79 -7.28 18.89
CA LYS H 275 -3.96 -6.48 18.58
C LYS H 275 -3.85 -5.11 19.26
N THR H 276 -3.88 -4.06 18.45
CA THR H 276 -3.95 -2.68 18.94
C THR H 276 -5.33 -2.12 18.65
N ASP H 277 -5.64 -1.01 19.31
CA ASP H 277 -6.92 -0.36 19.07
C ASP H 277 -7.13 0.03 17.61
N LYS H 278 -6.11 -0.13 16.76
CA LYS H 278 -6.20 0.33 15.38
C LYS H 278 -5.79 -0.71 14.33
N ASN H 279 -5.31 -1.88 14.72
CA ASN H 279 -4.84 -2.83 13.72
C ASN H 279 -4.38 -4.12 14.38
N SER H 280 -3.96 -5.09 13.59
CA SER H 280 -3.40 -6.33 14.09
C SER H 280 -2.12 -6.63 13.33
N TYR H 281 -1.15 -7.20 14.03
CA TYR H 281 0.12 -7.53 13.42
C TYR H 281 0.50 -8.94 13.80
N GLU H 282 1.06 -9.67 12.85
CA GLU H 282 1.59 -11.01 13.08
C GLU H 282 3.11 -10.92 13.16
N THR H 283 3.67 -11.39 14.27
CA THR H 283 5.10 -11.27 14.51
C THR H 283 5.63 -12.56 15.10
N ASP H 284 6.94 -12.77 14.93
CA ASP H 284 7.59 -13.90 15.56
C ASP H 284 8.09 -13.59 16.96
N LEU H 285 8.39 -12.33 17.25
CA LEU H 285 8.86 -11.93 18.56
C LEU H 285 8.44 -10.48 18.82
N ALA H 286 7.99 -10.21 20.04
CA ALA H 286 7.62 -8.88 20.47
C ALA H 286 8.53 -8.49 21.63
N ILE H 287 9.01 -7.24 21.62
CA ILE H 287 9.87 -6.72 22.67
C ILE H 287 9.12 -5.59 23.35
N LEU H 288 9.04 -5.66 24.69
CA LEU H 288 8.31 -4.69 25.50
C LEU H 288 9.32 -3.69 26.06
N CYS H 289 9.34 -2.49 25.49
CA CYS H 289 10.23 -1.45 26.03
C CYS H 289 9.45 -0.14 26.05
N ILE H 290 8.60 0.01 27.06
CA ILE H 290 7.75 1.19 27.17
C ILE H 290 8.09 1.98 28.42
N GLY H 291 9.36 1.97 28.83
CA GLY H 291 9.81 2.77 29.95
C GLY H 291 10.18 1.92 31.16
N PHE H 292 10.65 2.63 32.19
CA PHE H 292 11.14 2.07 33.44
C PHE H 292 10.23 2.49 34.60
N ARG H 293 10.14 1.63 35.61
CA ARG H 293 9.58 2.11 36.88
C ARG H 293 10.60 1.88 38.00
N PRO H 294 10.75 2.84 38.91
CA PRO H 294 11.73 2.66 39.98
C PRO H 294 11.43 1.40 40.79
N ASN H 295 12.48 0.64 41.09
CA ASN H 295 12.36 -0.62 41.84
C ASN H 295 12.57 -0.35 43.33
N THR H 296 11.59 0.30 43.93
CA THR H 296 11.75 0.85 45.28
C THR H 296 10.71 0.34 46.27
N ASP H 297 9.98 -0.72 45.94
CA ASP H 297 8.90 -1.18 46.82
C ASP H 297 9.41 -1.52 48.23
N LEU H 298 10.66 -1.96 48.36
CA LEU H 298 11.22 -2.20 49.69
C LEU H 298 11.07 -1.01 50.62
N LEU H 299 10.98 0.21 50.08
CA LEU H 299 10.91 1.40 50.92
C LEU H 299 9.63 2.18 50.74
N LYS H 300 8.65 1.61 50.03
CA LYS H 300 7.37 2.29 49.86
C LYS H 300 6.76 2.57 51.23
N GLY H 301 6.37 3.82 51.46
CA GLY H 301 5.84 4.25 52.73
C GLY H 301 6.89 4.66 53.74
N LYS H 302 8.17 4.45 53.47
CA LYS H 302 9.22 4.67 54.45
C LYS H 302 10.16 5.82 54.12
N VAL H 303 10.20 6.28 52.86
CA VAL H 303 10.94 7.48 52.49
C VAL H 303 10.13 8.23 51.45
N ASP H 304 10.32 9.54 51.39
CA ASP H 304 9.59 10.37 50.44
C ASP H 304 9.89 9.94 49.01
N MET H 305 8.83 9.76 48.22
CA MET H 305 8.93 9.32 46.84
C MET H 305 8.13 10.23 45.92
N ALA H 306 8.60 10.31 44.68
CA ALA H 306 7.79 10.90 43.62
C ALA H 306 6.57 10.01 43.42
N PRO H 307 5.61 10.46 42.62
CA PRO H 307 4.39 9.64 42.43
C PRO H 307 4.65 8.28 41.81
N ASN H 308 5.71 8.12 41.01
CA ASN H 308 6.01 6.86 40.36
C ASN H 308 6.89 5.96 41.22
N GLY H 309 7.23 6.38 42.43
CA GLY H 309 8.06 5.59 43.29
C GLY H 309 9.52 6.00 43.34
N ALA H 310 9.96 6.97 42.53
CA ALA H 310 11.35 7.42 42.62
C ALA H 310 11.61 8.02 43.99
N ILE H 311 12.74 7.65 44.58
CA ILE H 311 13.14 8.20 45.88
C ILE H 311 13.62 9.62 45.71
N ILE H 312 13.06 10.54 46.49
CA ILE H 312 13.49 11.93 46.53
C ILE H 312 14.72 12.05 47.41
N THR H 313 15.71 12.81 46.96
CA THR H 313 16.93 13.00 47.74
C THR H 313 17.21 14.49 47.91
N ASP H 314 18.04 14.80 48.89
CA ASP H 314 18.57 16.15 49.04
C ASP H 314 19.75 16.30 48.10
N ASP H 315 20.47 17.41 48.21
CA ASP H 315 21.59 17.64 47.31
C ASP H 315 22.77 16.73 47.58
N TYR H 316 22.67 15.84 48.58
CA TYR H 316 23.76 14.92 48.90
C TYR H 316 23.37 13.47 48.64
N MET H 317 22.25 13.25 47.95
CA MET H 317 21.70 11.94 47.64
C MET H 317 21.12 11.22 48.86
N ARG H 318 20.75 11.95 49.91
CA ARG H 318 20.12 11.32 51.08
C ARG H 318 18.60 11.36 50.94
N SER H 319 17.95 10.24 51.27
CA SER H 319 16.49 10.21 51.29
C SER H 319 15.99 11.03 52.48
N SER H 320 14.66 11.04 52.64
CA SER H 320 14.06 11.66 53.82
C SER H 320 14.50 10.94 55.10
N ASN H 321 15.06 9.74 54.99
CA ASN H 321 15.66 9.06 56.12
C ASN H 321 17.17 9.28 56.06
N PRO H 322 17.75 10.03 56.99
CA PRO H 322 19.14 10.48 56.81
C PRO H 322 20.16 9.36 56.68
N ASP H 323 19.84 8.13 57.07
CA ASP H 323 20.80 7.04 56.97
C ASP H 323 20.60 6.18 55.73
N ILE H 324 19.67 6.55 54.85
CA ILE H 324 19.41 5.83 53.62
C ILE H 324 19.70 6.76 52.45
N PHE H 325 20.65 6.38 51.61
CA PHE H 325 20.98 7.10 50.40
C PHE H 325 20.38 6.38 49.20
N ALA H 326 20.16 7.13 48.12
CA ALA H 326 19.70 6.57 46.86
C ALA H 326 20.52 7.16 45.71
N ALA H 327 20.80 6.33 44.71
CA ALA H 327 21.56 6.72 43.54
C ALA H 327 21.13 5.85 42.38
N GLY H 328 21.12 6.43 41.18
CA GLY H 328 20.75 5.68 40.00
C GLY H 328 19.25 5.65 39.76
N ASP H 329 18.79 4.61 39.07
CA ASP H 329 17.38 4.53 38.65
C ASP H 329 16.41 4.36 39.82
N SER H 330 16.90 4.12 41.03
CA SER H 330 15.99 4.13 42.17
C SER H 330 15.59 5.54 42.56
N ALA H 331 16.31 6.55 42.08
CA ALA H 331 16.23 7.91 42.56
C ALA H 331 15.69 8.85 41.47
N ALA H 332 15.06 9.93 41.92
CA ALA H 332 14.77 11.05 41.05
C ALA H 332 16.04 11.84 40.80
N VAL H 333 16.04 12.60 39.73
CA VAL H 333 17.10 13.56 39.46
C VAL H 333 16.59 14.95 39.83
N HIS H 334 17.50 15.86 40.14
CA HIS H 334 17.19 17.29 40.20
C HIS H 334 17.37 17.86 38.80
N TYR H 335 16.25 18.22 38.17
CA TYR H 335 16.23 18.62 36.77
C TYR H 335 16.44 20.14 36.68
N ASN H 336 17.62 20.56 36.24
CA ASN H 336 17.97 21.98 36.31
C ASN H 336 17.06 22.89 35.48
N PRO H 337 16.64 22.53 34.26
CA PRO H 337 15.83 23.48 33.50
C PRO H 337 14.56 23.90 34.21
N THR H 338 13.95 23.03 35.02
CA THR H 338 12.71 23.37 35.70
C THR H 338 12.88 23.50 37.20
N HIS H 339 14.07 23.19 37.72
CA HIS H 339 14.32 23.16 39.16
C HIS H 339 13.24 22.35 39.88
N GLN H 340 12.97 21.15 39.35
CA GLN H 340 12.06 20.22 39.98
C GLN H 340 12.64 18.83 39.93
N ASN H 341 12.09 17.94 40.74
CA ASN H 341 12.43 16.52 40.64
C ASN H 341 11.83 15.93 39.40
N ALA H 342 12.59 15.06 38.74
CA ALA H 342 12.10 14.35 37.56
C ALA H 342 12.61 12.92 37.62
N TYR H 343 12.06 12.08 36.76
CA TYR H 343 12.51 10.71 36.62
C TYR H 343 12.88 10.50 35.15
N ILE H 344 14.18 10.51 34.87
CA ILE H 344 14.69 10.39 33.50
C ILE H 344 15.90 9.48 33.61
N PRO H 345 15.68 8.17 33.74
CA PRO H 345 16.77 7.26 34.11
C PRO H 345 17.80 7.14 32.99
N LEU H 346 19.04 7.40 33.34
CA LEU H 346 20.18 7.35 32.42
C LEU H 346 21.37 6.85 33.20
N ALA H 347 22.21 6.05 32.56
CA ALA H 347 23.44 5.58 33.20
C ALA H 347 24.28 6.74 33.71
N THR H 348 24.23 7.90 33.03
CA THR H 348 25.01 9.05 33.49
C THR H 348 24.64 9.44 34.91
N ASN H 349 23.36 9.29 35.29
CA ASN H 349 22.93 9.60 36.65
C ASN H 349 23.48 8.60 37.64
N ALA H 350 23.51 7.33 37.25
CA ALA H 350 23.93 6.28 38.18
C ALA H 350 25.41 6.44 38.55
N VAL H 351 26.25 6.76 37.57
CA VAL H 351 27.68 6.84 37.87
C VAL H 351 27.98 8.07 38.71
N ARG H 352 27.26 9.16 38.47
CA ARG H 352 27.50 10.38 39.25
C ARG H 352 26.93 10.25 40.65
N GLN H 353 25.66 9.84 40.76
CA GLN H 353 25.04 9.75 42.07
C GLN H 353 25.72 8.71 42.94
N GLY H 354 26.22 7.65 42.33
CA GLY H 354 26.96 6.65 43.08
C GLY H 354 28.24 7.20 43.69
N ILE H 355 28.97 8.01 42.91
CA ILE H 355 30.13 8.69 43.46
C ILE H 355 29.72 9.61 44.59
N LEU H 356 28.62 10.33 44.42
CA LEU H 356 28.20 11.29 45.45
C LEU H 356 27.83 10.57 46.74
N VAL H 357 27.15 9.43 46.66
CA VAL H 357 26.84 8.69 47.88
C VAL H 357 28.12 8.41 48.66
N GLY H 358 29.16 7.96 47.97
CA GLY H 358 30.42 7.65 48.64
C GLY H 358 31.08 8.88 49.25
N LYS H 359 30.96 10.03 48.58
CA LYS H 359 31.59 11.22 49.12
C LYS H 359 30.79 11.80 50.28
N ASN H 360 29.51 11.47 50.38
CA ASN H 360 28.62 12.08 51.37
C ASN H 360 28.15 11.10 52.43
N LEU H 361 28.69 9.88 52.47
CA LEU H 361 28.14 8.83 53.32
C LEU H 361 28.19 9.22 54.79
N VAL H 362 29.25 9.90 55.20
CA VAL H 362 29.44 10.29 56.61
C VAL H 362 28.85 11.65 56.89
N LYS H 363 29.17 12.64 56.05
CA LYS H 363 28.65 13.99 56.24
C LYS H 363 28.62 14.68 54.88
N PRO H 364 27.77 15.69 54.73
CA PRO H 364 27.65 16.36 53.42
C PRO H 364 28.96 16.98 52.99
N THR H 365 29.44 16.54 51.82
CA THR H 365 30.74 16.99 51.33
C THR H 365 30.66 17.58 49.94
N VAL H 366 30.01 16.88 48.99
CA VAL H 366 29.93 17.33 47.61
C VAL H 366 28.46 17.46 47.22
N LYS H 367 28.07 18.62 46.71
CA LYS H 367 26.70 18.84 46.27
C LYS H 367 26.47 18.23 44.89
N TYR H 368 25.29 17.66 44.72
CA TYR H 368 24.80 17.20 43.43
C TYR H 368 24.50 18.40 42.54
N MET H 369 25.05 18.39 41.32
CA MET H 369 24.89 19.53 40.41
C MET H 369 23.57 19.52 39.64
N GLY H 370 22.75 18.48 39.79
CA GLY H 370 21.56 18.35 38.97
C GLY H 370 21.90 17.80 37.60
N THR H 371 20.92 17.84 36.70
CA THR H 371 21.16 17.33 35.36
C THR H 371 20.28 18.08 34.38
N GLN H 372 20.74 18.09 33.13
CA GLN H 372 19.97 18.51 31.99
C GLN H 372 19.37 17.33 31.24
N SER H 373 19.63 16.11 31.72
CA SER H 373 19.26 14.89 31.02
C SER H 373 19.73 14.90 29.57
N SER H 374 20.99 15.31 29.36
CA SER H 374 21.55 15.23 28.03
C SER H 374 21.52 13.77 27.55
N SER H 375 21.14 13.56 26.30
CA SER H 375 21.07 12.20 25.80
C SER H 375 21.08 12.20 24.28
N GLY H 376 21.39 11.05 23.70
CA GLY H 376 21.36 10.94 22.25
C GLY H 376 21.67 9.52 21.81
N LEU H 377 21.68 9.36 20.49
CA LEU H 377 21.93 8.05 19.91
C LEU H 377 22.36 8.23 18.46
N ALA H 378 22.81 7.14 17.87
CA ALA H 378 23.08 7.10 16.44
C ALA H 378 22.07 6.17 15.79
N LEU H 379 21.38 6.65 14.76
CA LEU H 379 20.44 5.85 13.97
C LEU H 379 20.77 6.01 12.49
N TYR H 380 20.99 4.89 11.80
CA TYR H 380 21.31 4.89 10.36
C TYR H 380 22.33 5.98 10.00
N ASP H 381 23.48 5.95 10.67
CA ASP H 381 24.59 6.87 10.41
C ASP H 381 24.30 8.31 10.81
N ARG H 382 23.11 8.62 11.30
CA ARG H 382 22.78 9.95 11.80
C ARG H 382 23.07 10.04 13.30
N THR H 383 23.74 11.12 13.69
CA THR H 383 23.90 11.48 15.09
C THR H 383 22.75 12.41 15.49
N ILE H 384 22.07 12.07 16.60
CA ILE H 384 20.94 12.85 17.11
C ILE H 384 21.09 13.00 18.62
N VAL H 385 21.22 14.23 19.10
CA VAL H 385 21.49 14.51 20.51
C VAL H 385 20.65 15.69 20.96
N SER H 386 20.37 15.74 22.26
CA SER H 386 19.59 16.83 22.84
C SER H 386 19.94 16.96 24.31
N THR H 387 19.54 18.10 24.87
CA THR H 387 19.73 18.38 26.28
C THR H 387 18.61 19.32 26.71
N GLY H 388 18.21 19.23 27.98
CA GLY H 388 17.18 20.13 28.45
C GLY H 388 15.83 19.84 27.82
N LEU H 389 15.00 20.89 27.77
CA LEU H 389 13.60 20.77 27.37
C LEU H 389 13.43 20.88 25.87
N THR H 390 12.60 20.00 25.30
CA THR H 390 12.01 20.28 24.00
C THR H 390 11.01 21.43 24.12
N LEU H 391 10.70 22.04 22.99
CA LEU H 391 9.64 23.05 22.99
C LEU H 391 8.31 22.43 23.42
N ALA H 392 7.99 21.26 22.86
CA ALA H 392 6.73 20.59 23.20
C ALA H 392 6.64 20.34 24.70
N ALA H 393 7.71 19.83 25.32
CA ALA H 393 7.68 19.62 26.76
C ALA H 393 7.54 20.93 27.53
N ALA H 394 8.26 21.98 27.10
CA ALA H 394 8.20 23.24 27.83
C ALA H 394 6.78 23.80 27.84
N LYS H 395 6.14 23.84 26.67
CA LYS H 395 4.75 24.32 26.59
C LYS H 395 3.78 23.39 27.28
N GLN H 396 4.02 22.07 27.23
CA GLN H 396 3.16 21.12 27.93
C GLN H 396 3.21 21.36 29.44
N GLN H 397 4.30 21.92 29.94
CA GLN H 397 4.46 22.22 31.36
C GLN H 397 4.16 23.68 31.68
N GLY H 398 3.59 24.41 30.72
CA GLY H 398 3.22 25.80 30.97
C GLY H 398 4.37 26.77 31.09
N LEU H 399 5.54 26.45 30.57
CA LEU H 399 6.66 27.38 30.63
C LEU H 399 6.59 28.39 29.51
N ASN H 400 7.15 29.57 29.76
CA ASN H 400 7.29 30.59 28.73
C ASN H 400 8.47 30.19 27.85
N ALA H 401 8.19 29.84 26.60
CA ALA H 401 9.22 29.21 25.79
C ALA H 401 8.94 29.45 24.31
N GLU H 402 10.02 29.67 23.57
CA GLU H 402 10.01 29.69 22.12
C GLU H 402 11.21 28.89 21.63
N GLN H 403 11.24 28.69 20.32
CA GLN H 403 12.23 27.83 19.70
C GLN H 403 12.58 28.41 18.33
N VAL H 404 13.83 28.18 17.92
CA VAL H 404 14.25 28.36 16.54
C VAL H 404 14.76 27.01 16.04
N ILE H 405 14.51 26.74 14.76
CA ILE H 405 15.06 25.58 14.06
C ILE H 405 15.96 26.14 12.96
N VAL H 406 17.21 25.68 12.91
CA VAL H 406 18.18 26.14 11.93
C VAL H 406 18.81 24.93 11.27
N GLU H 407 18.91 24.96 9.94
CA GLU H 407 19.67 23.97 9.20
C GLU H 407 20.81 24.67 8.48
N ASP H 408 22.03 24.23 8.74
CA ASP H 408 23.20 24.79 8.08
C ASP H 408 24.19 23.65 7.87
N ASN H 409 25.04 23.79 6.86
CA ASN H 409 26.18 22.89 6.74
C ASN H 409 27.14 23.17 7.88
N TYR H 410 27.68 22.12 8.47
CA TYR H 410 28.45 22.35 9.70
C TYR H 410 29.78 23.02 9.40
N ARG H 411 30.35 22.82 8.20
CA ARG H 411 31.56 23.54 7.81
C ARG H 411 31.44 24.07 6.39
N PRO H 412 32.37 24.93 5.95
CA PRO H 412 32.21 25.61 4.65
C PRO H 412 32.12 24.66 3.46
N GLU H 413 31.30 25.07 2.48
CA GLU H 413 31.09 24.29 1.25
C GLU H 413 32.35 24.18 0.39
N PHE H 414 33.35 25.06 0.59
CA PHE H 414 34.56 24.95 -0.21
C PHE H 414 35.43 23.78 0.21
N MET H 415 35.17 23.22 1.40
CA MET H 415 35.86 22.03 1.84
C MET H 415 35.53 20.86 0.92
N PRO H 416 36.35 19.80 0.95
CA PRO H 416 36.07 18.63 0.09
C PRO H 416 34.71 18.01 0.34
N SER H 417 34.17 18.16 1.55
CA SER H 417 32.82 17.66 1.84
C SER H 417 32.28 18.44 3.02
N THR H 418 30.97 18.40 3.18
CA THR H 418 30.31 18.99 4.32
C THR H 418 28.98 18.25 4.52
N GLU H 419 28.29 18.54 5.62
CA GLU H 419 27.04 17.86 5.99
C GLU H 419 26.08 18.88 6.60
N PRO H 420 24.80 18.81 6.27
CA PRO H 420 23.81 19.62 6.98
C PRO H 420 23.74 19.20 8.44
N VAL H 421 23.53 20.18 9.32
CA VAL H 421 23.20 19.89 10.71
C VAL H 421 21.89 20.61 11.00
N LEU H 422 20.90 19.85 11.47
CA LEU H 422 19.63 20.40 11.88
C LEU H 422 19.70 20.71 13.37
N MET H 423 19.27 21.90 13.75
CA MET H 423 19.53 22.40 15.09
C MET H 423 18.27 23.05 15.65
N SER H 424 18.07 22.89 16.95
CA SER H 424 16.95 23.41 17.67
C SER H 424 17.50 24.10 18.90
N LEU H 425 17.01 25.30 19.19
CA LEU H 425 17.33 25.97 20.44
C LEU H 425 16.03 26.42 21.06
N VAL H 426 15.82 26.07 22.33
CA VAL H 426 14.59 26.35 23.04
C VAL H 426 14.93 27.28 24.19
N PHE H 427 14.21 28.40 24.30
CA PHE H 427 14.62 29.46 25.21
C PHE H 427 13.40 30.22 25.71
N ASP H 428 13.58 30.86 26.85
CA ASP H 428 12.62 31.78 27.43
C ASP H 428 12.73 33.12 26.71
N PRO H 429 11.69 33.54 25.98
CA PRO H 429 11.82 34.72 25.12
C PRO H 429 11.90 36.02 25.87
N ASP H 430 11.59 36.03 27.16
CA ASP H 430 11.66 37.22 27.99
C ASP H 430 12.98 37.32 28.75
N THR H 431 13.39 36.25 29.44
CA THR H 431 14.67 36.28 30.12
C THR H 431 15.84 35.90 29.22
N HIS H 432 15.58 35.33 28.04
CA HIS H 432 16.55 34.80 27.09
C HIS H 432 17.32 33.58 27.60
N ARG H 433 16.96 33.03 28.76
CA ARG H 433 17.64 31.84 29.26
C ARG H 433 17.43 30.65 28.33
N ILE H 434 18.51 29.89 28.09
CA ILE H 434 18.42 28.68 27.29
C ILE H 434 17.73 27.59 28.09
N LEU H 435 16.69 26.99 27.52
CA LEU H 435 15.97 25.91 28.18
C LEU H 435 16.33 24.51 27.68
N GLY H 436 16.76 24.39 26.43
CA GLY H 436 17.13 23.11 25.85
C GLY H 436 17.59 23.31 24.43
N GLY H 437 18.05 22.23 23.81
CA GLY H 437 18.51 22.31 22.43
C GLY H 437 18.85 20.92 21.93
N ALA H 438 19.00 20.82 20.61
CA ALA H 438 19.23 19.51 20.01
C ALA H 438 19.96 19.71 18.69
N LEU H 439 20.72 18.70 18.28
CA LEU H 439 21.39 18.76 16.99
C LEU H 439 21.31 17.39 16.32
N MET H 440 21.27 17.41 14.99
CA MET H 440 21.15 16.17 14.23
C MET H 440 21.94 16.31 12.95
N SER H 441 22.83 15.36 12.68
CA SER H 441 23.66 15.45 11.50
C SER H 441 24.27 14.09 11.23
N LYS H 442 24.65 13.87 9.97
CA LYS H 442 25.49 12.72 9.66
C LYS H 442 26.93 12.93 10.13
N TYR H 443 27.34 14.19 10.29
CA TYR H 443 28.56 14.49 11.02
C TYR H 443 28.30 14.34 12.51
N ASP H 444 29.29 13.80 13.25
CA ASP H 444 29.12 13.54 14.68
C ASP H 444 29.13 14.83 15.49
N VAL H 445 27.94 15.38 15.74
CA VAL H 445 27.75 16.61 16.50
C VAL H 445 27.48 16.32 17.96
N SER H 446 27.81 15.13 18.44
CA SER H 446 27.36 14.74 19.78
C SER H 446 27.96 15.65 20.84
N GLN H 447 29.23 16.04 20.69
CA GLN H 447 29.88 16.86 21.72
C GLN H 447 29.18 18.19 21.88
N SER H 448 28.52 18.70 20.83
CA SER H 448 27.83 19.98 20.95
C SER H 448 26.65 19.92 21.92
N ALA H 449 26.05 18.74 22.12
CA ALA H 449 25.02 18.66 23.16
C ALA H 449 25.63 18.87 24.55
N ASN H 450 26.87 18.45 24.77
CA ASN H 450 27.48 18.70 26.07
C ASN H 450 27.85 20.18 26.24
N THR H 451 28.24 20.85 25.16
CA THR H 451 28.40 22.30 25.25
C THR H 451 27.11 22.96 25.71
N LEU H 452 25.99 22.62 25.07
CA LEU H 452 24.71 23.15 25.51
C LEU H 452 24.39 22.76 26.95
N SER H 453 24.75 21.54 27.34
CA SER H 453 24.55 21.16 28.74
C SER H 453 25.28 22.12 29.67
N VAL H 454 26.53 22.46 29.36
CA VAL H 454 27.28 23.36 30.23
C VAL H 454 26.66 24.75 30.22
N CYS H 455 26.20 25.20 29.05
CA CYS H 455 25.48 26.46 28.98
C CYS H 455 24.30 26.49 29.93
N ILE H 456 23.49 25.43 29.92
CA ILE H 456 22.31 25.39 30.76
C ILE H 456 22.71 25.26 32.22
N GLN H 457 23.72 24.45 32.53
CA GLN H 457 24.20 24.35 33.89
C GLN H 457 24.56 25.72 34.46
N ASN H 458 25.15 26.58 33.63
CA ASN H 458 25.53 27.91 34.06
C ASN H 458 24.44 28.95 33.81
N GLU H 459 23.21 28.52 33.48
CA GLU H 459 22.08 29.43 33.26
C GLU H 459 22.37 30.46 32.17
N ASN H 460 23.14 30.10 31.16
CA ASN H 460 23.45 31.02 30.07
C ASN H 460 22.22 31.33 29.22
N THR H 461 22.29 32.47 28.54
CA THR H 461 21.24 32.99 27.69
C THR H 461 21.57 32.75 26.23
N ILE H 462 20.60 33.04 25.35
CA ILE H 462 20.88 32.96 23.93
C ILE H 462 21.94 34.00 23.52
N ASP H 463 22.02 35.11 24.27
CA ASP H 463 23.01 36.14 23.94
C ASP H 463 24.43 35.69 24.29
N ASP H 464 24.59 34.99 25.41
CA ASP H 464 25.87 34.36 25.72
C ASP H 464 26.29 33.42 24.59
N LEU H 465 25.41 32.49 24.22
CA LEU H 465 25.79 31.48 23.24
C LEU H 465 26.01 32.08 21.86
N ALA H 466 25.31 33.16 21.54
CA ALA H 466 25.48 33.79 20.24
C ALA H 466 26.90 34.31 20.03
N MET H 467 27.60 34.68 21.11
CA MET H 467 28.88 35.36 20.96
C MET H 467 30.04 34.72 21.71
N VAL H 468 29.80 33.72 22.57
CA VAL H 468 30.91 33.16 23.34
C VAL H 468 31.97 32.64 22.38
N ASP H 469 33.24 32.79 22.79
CA ASP H 469 34.38 32.34 21.99
C ASP H 469 34.23 30.86 21.65
N MET H 470 34.34 30.53 20.36
CA MET H 470 34.44 29.17 19.87
C MET H 470 35.38 29.18 18.69
N LEU H 471 36.18 28.13 18.55
CA LEU H 471 37.27 28.19 17.58
C LEU H 471 36.73 28.10 16.16
N PHE H 472 37.50 28.65 15.22
CA PHE H 472 37.22 28.50 13.80
C PHE H 472 38.40 27.86 13.10
N GLN H 473 38.15 26.76 12.40
CA GLN H 473 39.04 26.27 11.40
C GLN H 473 38.14 25.55 10.40
N PRO H 474 38.34 25.76 9.11
CA PRO H 474 37.37 25.22 8.12
C PRO H 474 37.25 23.71 8.14
N ASN H 475 38.21 22.99 8.72
CA ASN H 475 38.01 21.54 8.92
C ASN H 475 36.85 21.25 9.86
N PHE H 476 36.47 22.22 10.69
CA PHE H 476 35.55 21.98 11.80
C PHE H 476 34.26 22.79 11.74
N ASP H 477 34.29 23.99 11.16
CA ASP H 477 33.13 24.88 11.27
C ASP H 477 33.37 26.08 10.38
N ARG H 478 32.37 26.96 10.32
CA ARG H 478 32.50 28.29 9.72
C ARG H 478 33.10 29.24 10.73
N PRO H 479 33.42 30.48 10.32
CA PRO H 479 33.99 31.44 11.26
C PRO H 479 33.21 31.56 12.57
N PHE H 480 31.89 31.64 12.52
CA PHE H 480 31.06 31.40 13.70
C PHE H 480 30.72 29.92 13.77
N ASN H 481 30.89 29.31 14.94
CA ASN H 481 30.49 27.91 15.12
C ASN H 481 28.97 27.77 14.94
N TYR H 482 28.54 26.62 14.44
CA TYR H 482 27.10 26.43 14.20
C TYR H 482 26.28 26.66 15.47
N LEU H 483 26.82 26.38 16.66
CA LEU H 483 26.10 26.73 17.88
C LEU H 483 25.96 28.25 18.06
N ASN H 484 27.01 29.01 17.73
CA ASN H 484 26.87 30.48 17.70
C ASN H 484 25.76 30.88 16.74
N ILE H 485 25.77 30.30 15.55
CA ILE H 485 24.80 30.65 14.51
C ILE H 485 23.40 30.33 15.00
N LEU H 486 23.23 29.16 15.61
CA LEU H 486 21.93 28.78 16.17
C LEU H 486 21.43 29.86 17.11
N ALA H 487 22.26 30.29 18.05
CA ALA H 487 21.80 31.26 19.03
C ALA H 487 21.56 32.62 18.38
N GLN H 488 22.35 32.98 17.38
CA GLN H 488 22.08 34.25 16.69
C GLN H 488 20.71 34.24 16.03
N ALA H 489 20.22 33.06 15.63
CA ALA H 489 18.86 32.97 15.07
C ALA H 489 17.82 33.19 16.15
N ALA H 490 18.07 32.65 17.35
CA ALA H 490 17.19 32.96 18.47
C ALA H 490 17.16 34.47 18.69
N GLN H 491 18.33 35.12 18.63
CA GLN H 491 18.35 36.58 18.80
C GLN H 491 17.48 37.25 17.74
N ALA H 492 17.66 36.87 16.48
CA ALA H 492 16.87 37.49 15.42
C ALA H 492 15.38 37.26 15.66
N LYS H 493 15.02 36.07 16.14
CA LYS H 493 13.61 35.80 16.38
C LYS H 493 13.06 36.70 17.48
N VAL H 494 13.83 36.89 18.55
CA VAL H 494 13.36 37.73 19.66
C VAL H 494 13.34 39.20 19.26
N ALA H 495 14.21 39.62 18.35
CA ALA H 495 14.27 41.02 17.95
C ALA H 495 13.12 41.40 17.03
N GLN H 496 12.65 40.47 16.20
CA GLN H 496 11.54 40.76 15.31
C GLN H 496 10.25 41.01 16.08
N SER H 497 10.06 40.35 17.23
CA SER H 497 8.87 40.55 18.05
C SER H 497 8.87 41.88 18.78
N VAL H 498 10.01 42.57 18.84
CA VAL H 498 10.11 43.87 19.53
C VAL H 498 10.42 44.96 18.52
#